data_6CVM
#
_entry.id   6CVM
#
_cell.length_a   1
_cell.length_b   1
_cell.length_c   1
_cell.angle_alpha   90.00
_cell.angle_beta   90.00
_cell.angle_gamma   90.00
#
_symmetry.space_group_name_H-M   'P 1'
#
loop_
_entity.id
_entity.type
_entity.pdbx_description
1 polymer Beta-galactosidase
2 non-polymer '2-phenylethyl 1-thio-beta-D-galactopyranoside'
3 non-polymer 'MAGNESIUM ION'
4 non-polymer 'SODIUM ION'
5 water water
#
_entity_poly.entity_id   1
_entity_poly.type   'polypeptide(L)'
_entity_poly.pdbx_seq_one_letter_code
;MITDSLAVVLQRRDWENPGVTQLNRLAAHPPFASWRNSEEARTDRPSQQLRSLNGEWRFAWFPAPEAVPESWLECDLPEA
DTVVVPSNWQMHGYDAPIYTNVTYPITVNPPFVPTENPTGCYSLTFNVDESWLQEGQTRIIFDGVNSAFHLWCNGRWVGY
GQDSRLPSEFDLSAFLRAGENRLAVMVLRWSDGSYLEDQDMWRMSGIFRDVSLLHKPTTQISDFHVATRFNDDFSRAVLE
AEVQMCGELRDYLRVTVSLWQGETQVASGTAPFGGEIIDERGGYADRVTLRLNVENPKLWSAEIPNLYRAVVELHTADGT
LIEAEACDVGFRVVRIENGLLLLNGKPLLIRGVNRHEHHPLHGQVMDEQTMVQDILLMKQNNFNAVRCSHYPNHPLWYTL
CDRYGLYVVDEANIETHGMVPMNRLTDDPRWLPAMSERVTRMVQRDRNHPSVIIWSLGNESGHGANHDALYRWIKSVDPS
RPVQYEGGGADTTATDIICPMYARVDEDQPFPAVPKWSIKKWLSLPGETRPLILCEYAHAMGNSLGGFAKYWQAFRQYPR
LQGGFVWDWVDQSLIKYDENGNPWSAYGGDFGDTPNDRQFCMNGLVFADRTPHPALTEAKHQQQFFQFRLSGQTIEVTSE
YLFRHSDNELLHWMVALDGKPLASGEVPLDVAPQGKQLIELPELPQPESAGQLWLTVRVVQPNATAWSEAGHISAWQQWR
LAENLSVTLPAASHAIPHLTTSEMDFCIELGNKRWQFNRQSGFLSQMWIGDKKQLLTPLRDQFTRAPLDNDIGVSEATRI
DPNAWVERWKAAGHYQAEAALLQCTADTLADAVLITTAHAWQHQGKTLFISRKTYRIDGSGQMAITVDVVVASDTPHPAR
IGLNCQLAQVAERVNWLGLGPQENYPDRLTAACFDRWDLPLSDMYTPYVFPSENGLRCGTRELNYGPHQWRGDFQFNISR
YSQQQLMETSHRHLLHAEEGTWLNIDGFHMGIGGDDSWSPSVSAEFQLSAGRYHYQLVWCQ
;
_entity_poly.pdbx_strand_id   A,B,C,D
#
loop_
_chem_comp.id
_chem_comp.type
_chem_comp.name
_chem_comp.formula
MG non-polymer 'MAGNESIUM ION' 'Mg 2'
NA non-polymer 'SODIUM ION' 'Na 1'
PTQ D-saccharide '2-phenylethyl 1-thio-beta-D-galactopyranoside' 'C14 H20 O5 S'
#
# COMPACT_ATOMS: atom_id res chain seq x y z
N MET A 1 7.39 65.80 -6.05
CA MET A 1 7.09 64.37 -6.05
C MET A 1 5.62 64.09 -5.74
N ILE A 2 4.82 64.04 -6.80
CA ILE A 2 3.38 63.79 -6.64
C ILE A 2 3.14 62.34 -6.27
N THR A 3 3.87 61.42 -6.90
CA THR A 3 3.67 60.00 -6.67
C THR A 3 4.19 59.53 -5.31
N ASP A 4 4.97 60.35 -4.62
CA ASP A 4 5.39 60.02 -3.26
C ASP A 4 4.43 60.57 -2.21
N SER A 5 3.46 61.38 -2.60
CA SER A 5 2.59 62.04 -1.65
C SER A 5 1.60 61.07 -1.04
N LEU A 6 1.01 61.49 0.08
CA LEU A 6 0.02 60.65 0.75
C LEU A 6 -1.26 60.54 -0.06
N ALA A 7 -1.59 61.54 -0.86
CA ALA A 7 -2.82 61.48 -1.64
C ALA A 7 -2.74 60.44 -2.74
N VAL A 8 -1.53 60.16 -3.24
CA VAL A 8 -1.36 59.19 -4.31
C VAL A 8 -1.11 57.79 -3.75
N VAL A 9 -0.26 57.68 -2.73
CA VAL A 9 0.06 56.40 -2.13
C VAL A 9 -1.17 55.78 -1.48
N LEU A 10 -1.96 56.57 -0.78
CA LEU A 10 -3.10 56.01 -0.08
C LEU A 10 -4.33 55.87 -0.95
N GLN A 11 -4.32 56.35 -2.18
CA GLN A 11 -5.51 56.25 -3.00
C GLN A 11 -5.71 54.84 -3.51
N ARG A 12 -4.62 54.10 -3.72
CA ARG A 12 -4.72 52.72 -4.13
C ARG A 12 -5.36 51.83 -3.09
N ARG A 13 -5.11 52.14 -1.88
CA ARG A 13 -5.65 51.41 -0.72
C ARG A 13 -5.19 49.96 -0.73
N ASP A 14 -3.88 49.79 -0.59
CA ASP A 14 -3.26 48.48 -0.61
C ASP A 14 -3.65 47.62 0.57
N TRP A 15 -4.13 48.22 1.66
CA TRP A 15 -4.55 47.47 2.83
C TRP A 15 -5.96 46.94 2.72
N GLU A 16 -6.64 47.16 1.61
CA GLU A 16 -7.95 46.56 1.37
C GLU A 16 -7.93 45.70 0.12
N ASN A 17 -6.78 45.11 -0.19
CA ASN A 17 -6.57 44.36 -1.42
C ASN A 17 -5.74 43.14 -1.07
N PRO A 18 -6.36 41.95 -1.00
CA PRO A 18 -5.60 40.74 -0.67
C PRO A 18 -4.66 40.31 -1.78
N GLY A 19 -4.82 40.83 -2.99
CA GLY A 19 -3.86 40.57 -4.04
C GLY A 19 -2.56 41.31 -3.88
N VAL A 20 -2.53 42.36 -3.07
CA VAL A 20 -1.32 43.09 -2.78
C VAL A 20 -0.99 42.90 -1.31
N THR A 21 0.02 42.09 -1.03
CA THR A 21 0.47 41.90 0.33
C THR A 21 1.78 42.59 0.62
N GLN A 22 2.49 43.05 -0.41
CA GLN A 22 3.74 43.75 -0.26
C GLN A 22 4.02 44.51 -1.53
N LEU A 23 4.81 45.57 -1.41
CA LEU A 23 5.33 46.29 -2.57
C LEU A 23 6.80 46.57 -2.28
N ASN A 24 7.67 46.15 -3.19
CA ASN A 24 9.12 46.37 -3.15
C ASN A 24 9.79 45.74 -1.95
N ARG A 25 9.21 44.69 -1.40
CA ARG A 25 9.79 44.01 -0.26
C ARG A 25 10.75 42.92 -0.75
N LEU A 26 11.89 42.81 -0.08
CA LEU A 26 12.91 41.85 -0.49
C LEU A 26 12.50 40.44 -0.09
N ALA A 27 13.25 39.47 -0.60
CA ALA A 27 12.92 38.06 -0.39
C ALA A 27 13.23 37.63 1.04
N ALA A 28 12.48 36.65 1.52
CA ALA A 28 12.70 36.10 2.84
C ALA A 28 13.92 35.18 2.83
N HIS A 29 14.56 35.07 3.99
CA HIS A 29 15.84 34.39 4.12
C HIS A 29 16.09 34.15 5.60
N PRO A 30 17.04 33.27 5.94
CA PRO A 30 17.47 33.14 7.34
C PRO A 30 18.11 34.42 7.84
N PRO A 31 18.21 34.61 9.17
CA PRO A 31 18.76 35.86 9.69
C PRO A 31 20.23 36.05 9.34
N PHE A 32 20.54 37.21 8.79
CA PHE A 32 21.87 37.57 8.35
C PHE A 32 22.45 38.64 9.27
N ALA A 33 23.76 38.58 9.45
CA ALA A 33 24.48 39.66 10.11
C ALA A 33 25.55 40.28 9.24
N SER A 34 25.96 39.59 8.18
CA SER A 34 26.98 40.05 7.21
C SER A 34 28.30 40.37 7.91
N TRP A 35 28.86 39.36 8.55
CA TRP A 35 30.19 39.49 9.11
C TRP A 35 31.20 39.59 7.98
N ARG A 36 32.17 40.47 8.16
CA ARG A 36 33.27 40.58 7.21
C ARG A 36 34.53 39.93 7.76
N ASN A 37 34.40 39.18 8.84
CA ASN A 37 35.47 38.43 9.46
C ASN A 37 34.90 37.08 9.87
N SER A 38 35.55 36.00 9.45
CA SER A 38 34.97 34.70 9.67
C SER A 38 35.13 34.21 11.10
N GLU A 39 36.17 34.67 11.80
CA GLU A 39 36.30 34.34 13.21
C GLU A 39 35.26 35.07 14.04
N GLU A 40 34.90 36.28 13.64
CA GLU A 40 33.83 37.00 14.30
C GLU A 40 32.47 36.35 14.03
N ALA A 41 32.31 35.74 12.85
CA ALA A 41 31.09 35.01 12.55
C ALA A 41 30.99 33.72 13.34
N ARG A 42 32.13 33.07 13.60
CA ARG A 42 32.13 31.81 14.31
C ARG A 42 31.76 31.99 15.77
N THR A 43 32.34 32.98 16.43
CA THR A 43 32.11 33.21 17.84
C THR A 43 30.87 34.06 18.10
N ASP A 44 30.13 34.39 17.04
CA ASP A 44 28.83 35.07 17.11
C ASP A 44 28.94 36.45 17.75
N ARG A 45 30.06 37.12 17.55
CA ARG A 45 30.22 38.47 18.04
C ARG A 45 29.36 39.40 17.20
N PRO A 46 28.90 40.52 17.77
CA PRO A 46 27.98 41.39 17.02
C PRO A 46 28.65 42.07 15.84
N SER A 47 27.95 42.05 14.71
CA SER A 47 28.47 42.57 13.46
C SER A 47 28.34 44.08 13.42
N GLN A 48 29.36 44.74 12.86
CA GLN A 48 29.28 46.17 12.66
C GLN A 48 28.45 46.56 11.45
N GLN A 49 28.05 45.59 10.64
CA GLN A 49 27.22 45.81 9.48
C GLN A 49 25.74 45.66 9.78
N LEU A 50 25.41 45.20 10.97
CA LEU A 50 24.03 45.13 11.43
C LEU A 50 23.85 46.18 12.51
N ARG A 51 23.03 47.17 12.24
CA ARG A 51 22.86 48.34 13.09
C ARG A 51 21.42 48.40 13.57
N SER A 52 21.22 48.38 14.88
CA SER A 52 19.88 48.47 15.44
C SER A 52 19.36 49.89 15.41
N LEU A 53 18.11 50.05 15.02
CA LEU A 53 17.43 51.33 15.06
C LEU A 53 16.42 51.41 16.17
N ASN A 54 16.47 50.49 17.12
CA ASN A 54 15.60 50.55 18.27
C ASN A 54 15.98 51.72 19.17
N GLY A 55 14.99 52.25 19.85
CA GLY A 55 15.23 53.40 20.70
C GLY A 55 14.11 54.39 20.57
N GLU A 56 14.42 55.68 20.67
CA GLU A 56 13.38 56.69 20.68
C GLU A 56 13.06 57.16 19.27
N TRP A 57 11.78 57.07 18.93
CA TRP A 57 11.19 57.43 17.66
C TRP A 57 10.16 58.50 17.93
N ARG A 58 9.76 59.21 16.89
CA ARG A 58 8.68 60.16 17.02
C ARG A 58 7.39 59.49 16.59
N PHE A 59 6.30 59.78 17.30
CA PHE A 59 5.05 59.09 17.06
C PHE A 59 3.89 60.06 17.07
N ALA A 60 2.98 59.91 16.13
CA ALA A 60 1.73 60.64 16.13
C ALA A 60 0.60 59.68 15.80
N TRP A 61 -0.49 59.78 16.54
CA TRP A 61 -1.64 58.93 16.35
C TRP A 61 -2.69 59.67 15.52
N PHE A 62 -3.35 58.93 14.64
CA PHE A 62 -4.40 59.49 13.79
C PHE A 62 -5.55 58.51 13.72
N PRO A 63 -6.79 59.00 13.65
CA PRO A 63 -7.94 58.08 13.61
C PRO A 63 -8.12 57.40 12.27
N ALA A 64 -7.50 57.90 11.21
CA ALA A 64 -7.70 57.37 9.87
C ALA A 64 -6.46 57.71 9.05
N PRO A 65 -6.18 56.94 7.99
CA PRO A 65 -5.03 57.30 7.14
C PRO A 65 -5.22 58.60 6.40
N GLU A 66 -6.46 58.99 6.13
CA GLU A 66 -6.74 60.23 5.42
C GLU A 66 -6.50 61.46 6.28
N ALA A 67 -6.42 61.29 7.59
CA ALA A 67 -6.21 62.41 8.49
C ALA A 67 -4.76 62.78 8.66
N VAL A 68 -3.84 62.03 8.06
CA VAL A 68 -2.42 62.34 8.20
C VAL A 68 -2.07 63.49 7.26
N PRO A 69 -1.43 64.56 7.75
CA PRO A 69 -1.11 65.67 6.87
C PRO A 69 0.10 65.38 5.99
N GLU A 70 0.12 66.05 4.85
CA GLU A 70 1.19 65.89 3.86
C GLU A 70 2.55 66.34 4.38
N SER A 71 2.57 67.23 5.36
CA SER A 71 3.82 67.74 5.90
C SER A 71 4.58 66.70 6.70
N TRP A 72 3.91 65.62 7.12
CA TRP A 72 4.55 64.57 7.90
C TRP A 72 5.64 63.84 7.10
N LEU A 73 5.51 63.81 5.77
CA LEU A 73 6.52 63.18 4.95
C LEU A 73 7.84 63.91 4.93
N GLU A 74 7.86 65.20 5.26
CA GLU A 74 9.08 65.98 5.21
C GLU A 74 9.68 66.25 6.57
N CYS A 75 8.89 66.67 7.53
CA CYS A 75 9.41 67.01 8.84
C CYS A 75 8.47 66.46 9.91
N ASP A 76 8.99 66.41 11.13
CA ASP A 76 8.19 65.93 12.25
C ASP A 76 7.05 66.87 12.55
N LEU A 77 5.92 66.28 12.94
CA LEU A 77 4.78 67.06 13.38
C LEU A 77 5.09 67.75 14.70
N PRO A 78 4.45 68.88 15.00
CA PRO A 78 4.65 69.49 16.32
C PRO A 78 4.02 68.68 17.44
N GLU A 79 2.91 67.99 17.18
CA GLU A 79 2.22 67.22 18.20
C GLU A 79 2.79 65.81 18.39
N ALA A 80 3.91 65.50 17.74
CA ALA A 80 4.48 64.17 17.82
C ALA A 80 5.16 63.94 19.16
N ASP A 81 4.83 62.82 19.79
CA ASP A 81 5.45 62.41 21.03
C ASP A 81 6.69 61.58 20.74
N THR A 82 7.45 61.27 21.76
CA THR A 82 8.65 60.44 21.63
C THR A 82 8.39 59.11 22.32
N VAL A 83 8.30 58.04 21.53
CA VAL A 83 8.04 56.71 22.06
C VAL A 83 9.26 55.84 21.85
N VAL A 84 9.33 54.78 22.63
CA VAL A 84 10.37 53.77 22.47
C VAL A 84 9.87 52.73 21.48
N VAL A 85 10.69 52.42 20.48
CA VAL A 85 10.43 51.34 19.54
C VAL A 85 11.42 50.23 19.82
N PRO A 86 10.97 48.97 19.96
CA PRO A 86 9.64 48.41 19.75
C PRO A 86 8.61 48.66 20.85
N SER A 87 7.37 48.89 20.43
CA SER A 87 6.24 49.03 21.34
C SER A 87 4.96 48.82 20.58
N ASN A 88 3.91 48.50 21.33
CA ASN A 88 2.53 48.64 20.86
C ASN A 88 2.01 49.98 21.34
N TRP A 89 1.29 50.69 20.48
CA TRP A 89 0.87 52.02 20.90
C TRP A 89 -0.32 52.00 21.84
N GLN A 90 -1.05 50.89 21.92
CA GLN A 90 -2.12 50.78 22.89
C GLN A 90 -1.59 50.69 24.32
N MET A 91 -0.34 50.27 24.50
CA MET A 91 0.30 50.24 25.80
C MET A 91 0.84 51.59 26.22
N HIS A 92 0.70 52.61 25.39
CA HIS A 92 1.09 53.96 25.72
C HIS A 92 -0.09 54.90 25.74
N GLY A 93 -1.30 54.37 25.73
CA GLY A 93 -2.49 55.17 25.88
C GLY A 93 -2.86 56.01 24.67
N TYR A 94 -2.91 55.41 23.50
CA TYR A 94 -3.37 56.12 22.31
C TYR A 94 -4.73 55.67 21.81
N ASP A 95 -5.02 54.37 21.88
CA ASP A 95 -6.38 53.89 21.84
C ASP A 95 -6.43 52.61 22.68
N ALA A 96 -7.53 51.89 22.59
CA ALA A 96 -7.60 50.81 23.55
C ALA A 96 -7.19 49.50 22.90
N PRO A 97 -6.53 48.62 23.65
CA PRO A 97 -6.39 47.24 23.18
C PRO A 97 -7.73 46.54 23.24
N ILE A 98 -7.96 45.64 22.30
CA ILE A 98 -9.20 44.91 22.19
C ILE A 98 -8.89 43.45 22.44
N TYR A 99 -9.60 42.83 23.36
CA TYR A 99 -9.54 41.39 23.50
C TYR A 99 -10.81 40.77 22.98
N THR A 100 -10.67 39.93 21.96
CA THR A 100 -11.76 39.15 21.44
C THR A 100 -11.22 37.79 21.01
N ASN A 101 -12.03 36.75 21.19
CA ASN A 101 -11.60 35.39 20.87
C ASN A 101 -11.96 35.06 19.43
N VAL A 102 -13.24 34.98 19.13
CA VAL A 102 -13.70 34.46 17.85
C VAL A 102 -14.17 35.58 16.95
N THR A 103 -15.02 36.45 17.48
CA THR A 103 -15.57 37.55 16.70
C THR A 103 -14.47 38.50 16.29
N TYR A 104 -14.45 38.87 15.01
CA TYR A 104 -13.51 39.86 14.54
C TYR A 104 -13.77 41.19 15.23
N PRO A 105 -12.71 41.95 15.55
CA PRO A 105 -12.91 43.26 16.15
C PRO A 105 -13.36 44.34 15.18
N ILE A 106 -13.52 44.00 13.91
CA ILE A 106 -14.07 44.89 12.90
C ILE A 106 -15.30 44.22 12.29
N THR A 107 -15.99 44.98 11.45
CA THR A 107 -17.11 44.41 10.70
C THR A 107 -16.58 43.43 9.67
N VAL A 108 -17.17 42.25 9.62
CA VAL A 108 -16.72 41.19 8.72
C VAL A 108 -17.25 41.52 7.33
N ASN A 109 -16.39 42.13 6.51
CA ASN A 109 -16.72 42.43 5.12
C ASN A 109 -15.44 42.36 4.31
N PRO A 110 -14.91 41.16 4.07
CA PRO A 110 -13.60 41.06 3.44
C PRO A 110 -13.67 41.43 1.97
N PRO A 111 -12.65 42.13 1.45
CA PRO A 111 -11.43 42.52 2.15
C PRO A 111 -11.44 43.90 2.76
N PHE A 112 -12.61 44.46 3.05
CA PHE A 112 -12.69 45.85 3.46
C PHE A 112 -12.56 45.99 4.96
N VAL A 113 -11.90 47.05 5.39
CA VAL A 113 -11.68 47.33 6.80
C VAL A 113 -12.47 48.62 7.09
N PRO A 114 -12.71 49.01 8.35
CA PRO A 114 -13.40 50.27 8.59
C PRO A 114 -12.60 51.46 8.13
N THR A 115 -13.32 52.51 7.72
CA THR A 115 -12.67 53.77 7.39
C THR A 115 -12.07 54.41 8.62
N GLU A 116 -12.63 54.16 9.79
CA GLU A 116 -12.04 54.55 11.07
C GLU A 116 -10.93 53.55 11.43
N ASN A 117 -9.83 53.67 10.71
CA ASN A 117 -8.70 52.76 10.81
C ASN A 117 -7.58 53.48 11.53
N PRO A 118 -7.33 53.19 12.81
CA PRO A 118 -6.35 53.95 13.60
C PRO A 118 -4.95 53.81 13.06
N THR A 119 -4.26 54.94 12.96
CA THR A 119 -3.05 55.06 12.17
C THR A 119 -1.94 55.59 13.05
N GLY A 120 -0.84 54.86 13.11
CA GLY A 120 0.31 55.31 13.86
C GLY A 120 1.41 55.77 12.93
N CYS A 121 1.81 57.02 13.07
CA CYS A 121 2.83 57.61 12.21
C CYS A 121 4.13 57.67 12.98
N TYR A 122 5.06 56.79 12.64
CA TYR A 122 6.36 56.71 13.26
C TYR A 122 7.37 57.45 12.39
N SER A 123 8.35 58.06 13.03
CA SER A 123 9.44 58.65 12.27
C SER A 123 10.72 58.61 13.09
N LEU A 124 11.82 58.42 12.38
CA LEU A 124 13.13 58.32 13.00
C LEU A 124 14.11 59.12 12.16
N THR A 125 14.91 59.95 12.83
CA THR A 125 16.00 60.66 12.21
C THR A 125 17.30 60.00 12.63
N PHE A 126 18.16 59.68 11.67
CA PHE A 126 19.32 58.86 11.95
C PHE A 126 20.41 59.18 10.94
N ASN A 127 21.64 58.92 11.34
CA ASN A 127 22.82 59.20 10.52
C ASN A 127 23.36 57.90 9.94
N VAL A 128 23.67 57.93 8.65
CA VAL A 128 24.35 56.83 7.99
C VAL A 128 25.75 57.31 7.64
N ASP A 129 26.76 56.54 8.03
CA ASP A 129 28.12 56.87 7.63
C ASP A 129 28.30 56.66 6.14
N GLU A 130 29.23 57.42 5.56
CA GLU A 130 29.37 57.45 4.11
C GLU A 130 29.96 56.16 3.56
N SER A 131 30.59 55.35 4.42
CA SER A 131 31.16 54.08 3.97
C SER A 131 30.07 53.09 3.57
N TRP A 132 28.87 53.24 4.12
CA TRP A 132 27.78 52.36 3.71
C TRP A 132 27.23 52.76 2.35
N LEU A 133 27.44 54.01 1.96
CA LEU A 133 26.81 54.49 0.73
C LEU A 133 27.74 54.39 -0.46
N GLN A 134 29.04 54.21 -0.22
CA GLN A 134 29.99 54.14 -1.31
C GLN A 134 29.87 52.82 -2.07
N GLU A 135 29.65 51.72 -1.35
CA GLU A 135 29.47 50.45 -2.02
C GLU A 135 28.48 49.60 -1.24
N GLY A 136 27.92 48.62 -1.92
CA GLY A 136 27.09 47.65 -1.26
C GLY A 136 25.64 48.04 -1.20
N GLN A 137 24.89 47.19 -0.49
CA GLN A 137 23.45 47.31 -0.36
C GLN A 137 23.12 47.59 1.09
N THR A 138 22.27 48.57 1.33
CA THR A 138 21.77 48.86 2.67
C THR A 138 20.28 48.58 2.69
N ARG A 139 19.87 47.65 3.53
CA ARG A 139 18.47 47.34 3.68
C ARG A 139 18.01 47.68 5.09
N ILE A 140 16.72 47.94 5.23
CA ILE A 140 16.08 48.11 6.52
C ILE A 140 15.24 46.87 6.79
N ILE A 141 15.27 46.40 8.03
CA ILE A 141 14.57 45.20 8.43
C ILE A 141 13.59 45.57 9.53
N PHE A 142 12.31 45.39 9.26
CA PHE A 142 11.26 45.52 10.25
C PHE A 142 10.88 44.11 10.67
N ASP A 143 11.31 43.68 11.87
CA ASP A 143 11.03 42.31 12.30
C ASP A 143 9.56 42.05 12.59
N GLY A 144 8.77 43.08 12.87
CA GLY A 144 7.34 42.88 12.96
C GLY A 144 6.57 44.18 13.08
N VAL A 145 5.58 44.38 12.23
CA VAL A 145 4.78 45.61 12.23
C VAL A 145 3.32 45.21 12.11
N ASN A 146 2.53 45.57 13.10
CA ASN A 146 1.12 45.18 13.18
C ASN A 146 0.29 46.43 12.91
N SER A 147 -0.47 46.45 11.81
CA SER A 147 -0.76 45.33 10.92
C SER A 147 -0.16 45.47 9.54
N ALA A 148 -0.30 46.65 8.95
CA ALA A 148 0.23 46.95 7.63
C ALA A 148 0.90 48.31 7.70
N PHE A 149 1.83 48.56 6.78
CA PHE A 149 2.56 49.81 6.84
C PHE A 149 3.06 50.22 5.47
N HIS A 150 3.06 51.52 5.23
CA HIS A 150 3.81 52.15 4.16
C HIS A 150 5.07 52.76 4.73
N LEU A 151 6.12 52.78 3.91
CA LEU A 151 7.44 53.23 4.33
C LEU A 151 7.92 54.34 3.40
N TRP A 152 8.39 55.43 3.99
CA TRP A 152 9.04 56.51 3.27
C TRP A 152 10.44 56.69 3.81
N CYS A 153 11.39 57.00 2.93
CA CYS A 153 12.73 57.36 3.34
C CYS A 153 13.08 58.66 2.64
N ASN A 154 13.30 59.71 3.44
CA ASN A 154 13.62 61.06 2.97
C ASN A 154 12.54 61.59 2.05
N GLY A 155 11.29 61.34 2.40
CA GLY A 155 10.15 61.80 1.63
C GLY A 155 9.79 60.97 0.43
N ARG A 156 10.60 59.98 0.08
CA ARG A 156 10.34 59.14 -1.09
C ARG A 156 9.73 57.82 -0.65
N TRP A 157 8.69 57.40 -1.33
CA TRP A 157 8.00 56.17 -0.98
C TRP A 157 8.85 54.95 -1.30
N VAL A 158 9.08 54.11 -0.30
CA VAL A 158 9.90 52.93 -0.44
C VAL A 158 9.06 51.71 -0.75
N GLY A 159 8.08 51.41 0.09
CA GLY A 159 7.34 50.18 -0.11
C GLY A 159 6.21 50.02 0.88
N TYR A 160 5.68 48.80 0.89
CA TYR A 160 4.49 48.44 1.63
C TYR A 160 4.67 47.02 2.16
N GLY A 161 4.10 46.73 3.32
CA GLY A 161 4.19 45.41 3.89
C GLY A 161 2.95 45.03 4.67
N GLN A 162 2.73 43.72 4.77
CA GLN A 162 1.72 43.10 5.64
C GLN A 162 2.37 41.92 6.33
N ASP A 163 1.55 41.05 6.93
CA ASP A 163 1.98 39.90 7.74
C ASP A 163 2.79 40.35 8.95
N SER A 164 2.08 40.77 9.99
CA SER A 164 2.64 41.39 11.19
C SER A 164 3.73 40.58 11.87
N ARG A 165 3.76 39.27 11.67
CA ARG A 165 4.63 38.45 12.49
C ARG A 165 5.89 37.97 11.79
N LEU A 166 6.12 38.36 10.55
CA LEU A 166 7.34 38.00 9.86
C LEU A 166 8.10 39.26 9.45
N PRO A 167 9.42 39.18 9.28
CA PRO A 167 10.18 40.39 8.96
C PRO A 167 9.94 40.88 7.54
N SER A 168 9.88 42.20 7.41
CA SER A 168 9.76 42.90 6.14
C SER A 168 11.05 43.66 5.86
N GLU A 169 11.66 43.42 4.72
CA GLU A 169 12.93 44.02 4.37
C GLU A 169 12.80 44.84 3.11
N PHE A 170 13.43 46.01 3.10
CA PHE A 170 13.35 46.94 1.99
C PHE A 170 14.73 47.47 1.69
N ASP A 171 15.08 47.52 0.41
CA ASP A 171 16.36 48.08 -0.01
C ASP A 171 16.29 49.59 0.05
N LEU A 172 17.17 50.21 0.83
CA LEU A 172 17.19 51.65 0.99
C LEU A 172 18.37 52.32 0.33
N SER A 173 19.19 51.58 -0.41
CA SER A 173 20.46 52.12 -0.87
C SER A 173 20.30 53.19 -1.95
N ALA A 174 19.17 53.22 -2.64
CA ALA A 174 18.86 54.31 -3.56
C ALA A 174 18.10 55.45 -2.91
N PHE A 175 17.89 55.39 -1.61
CA PHE A 175 17.10 56.38 -0.89
C PHE A 175 17.90 57.13 0.15
N LEU A 176 18.94 56.54 0.69
CA LEU A 176 19.71 57.17 1.75
C LEU A 176 20.68 58.19 1.17
N ARG A 177 20.93 59.23 1.94
CA ARG A 177 21.94 60.22 1.62
C ARG A 177 22.95 60.25 2.74
N ALA A 178 24.09 60.90 2.48
CA ALA A 178 25.12 61.00 3.49
C ALA A 178 24.71 61.97 4.58
N GLY A 179 25.02 61.63 5.81
CA GLY A 179 24.63 62.45 6.94
C GLY A 179 23.24 62.08 7.43
N GLU A 180 22.35 63.07 7.46
CA GLU A 180 21.09 62.95 8.19
C GLU A 180 19.97 62.45 7.27
N ASN A 181 19.25 61.44 7.76
CA ASN A 181 18.20 60.75 7.02
C ASN A 181 16.95 60.71 7.87
N ARG A 182 15.79 60.76 7.24
CA ARG A 182 14.53 60.63 7.94
C ARG A 182 13.73 59.49 7.35
N LEU A 183 13.06 58.75 8.22
CA LEU A 183 12.44 57.48 7.91
C LEU A 183 11.02 57.52 8.44
N ALA A 184 10.03 57.62 7.58
CA ALA A 184 8.65 57.78 8.00
C ALA A 184 7.87 56.50 7.75
N VAL A 185 7.28 55.94 8.81
CA VAL A 185 6.55 54.69 8.73
C VAL A 185 5.11 54.96 9.14
N MET A 186 4.16 54.63 8.28
CA MET A 186 2.76 54.85 8.59
C MET A 186 2.10 53.50 8.82
N VAL A 187 1.81 53.18 10.07
CA VAL A 187 1.32 51.87 10.46
C VAL A 187 -0.20 51.92 10.61
N LEU A 188 -0.88 50.98 9.98
CA LEU A 188 -2.32 50.88 10.06
C LEU A 188 -2.75 49.78 11.01
N ARG A 189 -3.84 50.00 11.72
CA ARG A 189 -4.29 48.98 12.64
C ARG A 189 -4.99 47.83 11.93
N TRP A 190 -5.83 48.13 10.95
CA TRP A 190 -6.57 47.09 10.27
C TRP A 190 -6.17 47.04 8.81
N SER A 191 -6.11 45.83 8.26
CA SER A 191 -5.85 45.65 6.85
C SER A 191 -6.58 44.41 6.40
N ASP A 192 -6.47 44.10 5.11
CA ASP A 192 -6.93 42.82 4.59
C ASP A 192 -6.24 41.64 5.29
N GLY A 193 -4.99 41.82 5.71
CA GLY A 193 -4.30 40.80 6.48
C GLY A 193 -4.87 40.55 7.84
N SER A 194 -5.68 41.47 8.38
CA SER A 194 -6.32 41.26 9.67
C SER A 194 -7.38 40.17 9.62
N TYR A 195 -7.92 39.87 8.43
CA TYR A 195 -8.83 38.75 8.31
C TYR A 195 -8.13 37.41 8.48
N LEU A 196 -6.83 37.35 8.27
CA LEU A 196 -6.06 36.14 8.47
C LEU A 196 -5.39 36.10 9.83
N GLU A 197 -5.67 37.05 10.71
CA GLU A 197 -4.97 37.19 11.98
C GLU A 197 -5.96 37.27 13.12
N ASP A 198 -6.88 36.31 13.17
CA ASP A 198 -7.94 36.29 14.16
C ASP A 198 -7.60 35.39 15.34
N GLN A 199 -6.34 35.41 15.78
CA GLN A 199 -5.94 34.64 16.95
C GLN A 199 -6.59 35.17 18.21
N ASP A 200 -6.78 34.27 19.15
CA ASP A 200 -7.36 34.56 20.46
C ASP A 200 -6.33 35.26 21.33
N MET A 201 -6.25 36.58 21.18
CA MET A 201 -5.27 37.36 21.93
C MET A 201 -5.72 38.82 21.92
N TRP A 202 -4.97 39.65 22.62
CA TRP A 202 -5.19 41.08 22.59
C TRP A 202 -4.85 41.63 21.21
N ARG A 203 -5.72 42.44 20.66
CA ARG A 203 -5.42 43.00 19.37
C ARG A 203 -4.78 44.34 19.61
N MET A 204 -3.49 44.38 19.35
CA MET A 204 -2.65 45.56 19.48
C MET A 204 -2.05 45.88 18.13
N SER A 205 -1.24 46.92 18.08
CA SER A 205 -0.71 47.39 16.81
C SER A 205 0.50 48.27 17.07
N GLY A 206 1.32 48.42 16.04
CA GLY A 206 2.49 49.25 16.12
C GLY A 206 3.70 48.51 15.61
N ILE A 207 4.86 49.12 15.80
CA ILE A 207 6.13 48.49 15.45
C ILE A 207 6.57 47.76 16.71
N PHE A 208 6.22 46.48 16.80
CA PHE A 208 6.33 45.76 18.06
C PHE A 208 7.54 44.83 18.11
N ARG A 209 8.32 44.74 17.05
CA ARG A 209 9.59 44.03 17.08
C ARG A 209 10.68 44.96 16.58
N ASP A 210 11.90 44.44 16.53
CA ASP A 210 13.09 45.26 16.32
C ASP A 210 13.16 45.81 14.89
N VAL A 211 13.80 46.96 14.78
CA VAL A 211 14.08 47.59 13.49
C VAL A 211 15.58 47.71 13.36
N SER A 212 16.12 47.29 12.22
CA SER A 212 17.57 47.33 12.06
C SER A 212 17.94 47.65 10.62
N LEU A 213 19.17 48.09 10.45
CA LEU A 213 19.77 48.30 9.14
C LEU A 213 20.88 47.27 8.91
N LEU A 214 20.94 46.74 7.70
CA LEU A 214 21.94 45.73 7.35
C LEU A 214 22.70 46.18 6.12
N HIS A 215 24.00 46.18 6.21
CA HIS A 215 24.77 46.52 5.06
C HIS A 215 25.42 45.26 4.56
N LYS A 216 25.18 44.94 3.34
CA LYS A 216 25.65 43.80 2.60
C LYS A 216 26.54 44.25 1.45
N PRO A 217 27.52 43.47 1.04
CA PRO A 217 28.29 43.81 -0.16
C PRO A 217 27.46 43.59 -1.42
N THR A 218 28.03 44.01 -2.55
CA THR A 218 27.30 43.91 -3.82
C THR A 218 27.13 42.46 -4.25
N THR A 219 28.21 41.69 -4.26
CA THR A 219 28.09 40.25 -4.36
C THR A 219 27.97 39.67 -2.97
N GLN A 220 26.93 38.90 -2.73
CA GLN A 220 26.54 38.61 -1.36
C GLN A 220 25.92 37.24 -1.29
N ILE A 221 25.88 36.69 -0.08
CA ILE A 221 25.13 35.47 0.18
C ILE A 221 23.66 35.85 0.34
N SER A 222 22.81 35.33 -0.54
CA SER A 222 21.41 35.70 -0.51
C SER A 222 20.55 34.72 0.27
N ASP A 223 20.99 33.48 0.43
CA ASP A 223 20.24 32.42 1.09
C ASP A 223 21.20 31.28 1.36
N PHE A 224 20.96 30.55 2.44
CA PHE A 224 21.67 29.31 2.64
C PHE A 224 20.82 28.34 3.43
N HIS A 225 20.86 27.07 3.05
CA HIS A 225 20.10 26.00 3.66
C HIS A 225 21.07 24.98 4.22
N VAL A 226 20.77 24.44 5.39
CA VAL A 226 21.52 23.30 5.89
C VAL A 226 20.56 22.13 6.05
N ALA A 227 21.04 20.94 5.72
CA ALA A 227 20.27 19.73 5.86
C ALA A 227 21.21 18.63 6.31
N THR A 228 20.75 17.81 7.25
CA THR A 228 21.56 16.73 7.79
C THR A 228 20.92 15.40 7.40
N ARG A 229 21.75 14.48 6.93
CA ARG A 229 21.31 13.17 6.48
C ARG A 229 22.15 12.12 7.18
N PHE A 230 21.53 11.02 7.59
CA PHE A 230 22.17 10.08 8.49
C PHE A 230 22.17 8.69 7.89
N ASN A 231 22.98 7.81 8.48
CA ASN A 231 22.89 6.39 8.21
C ASN A 231 21.89 5.76 9.18
N ASP A 232 21.88 4.43 9.28
CA ASP A 232 20.83 3.76 10.05
C ASP A 232 21.02 3.90 11.56
N ASP A 233 22.26 3.97 12.04
CA ASP A 233 22.51 4.04 13.47
C ASP A 233 23.05 5.39 13.92
N PHE A 234 22.97 6.41 13.06
CA PHE A 234 23.32 7.80 13.36
C PHE A 234 24.78 7.95 13.75
N SER A 235 25.65 7.12 13.16
CA SER A 235 27.07 7.21 13.41
C SER A 235 27.81 7.98 12.32
N ARG A 236 27.16 8.23 11.20
CA ARG A 236 27.76 9.00 10.11
C ARG A 236 26.71 9.96 9.59
N ALA A 237 27.04 11.24 9.54
CA ALA A 237 26.13 12.24 9.05
C ALA A 237 26.75 12.99 7.89
N VAL A 238 25.89 13.43 6.98
CA VAL A 238 26.29 14.29 5.88
C VAL A 238 25.57 15.61 6.03
N LEU A 239 26.31 16.68 6.28
CA LEU A 239 25.75 18.01 6.32
C LEU A 239 25.74 18.55 4.90
N GLU A 240 24.56 18.68 4.32
CA GLU A 240 24.41 19.19 2.97
C GLU A 240 24.05 20.66 3.06
N ALA A 241 24.97 21.52 2.65
CA ALA A 241 24.77 22.97 2.71
C ALA A 241 24.57 23.51 1.31
N GLU A 242 23.48 24.23 1.11
CA GLU A 242 23.11 24.81 -0.17
C GLU A 242 23.18 26.31 -0.04
N VAL A 243 24.12 26.96 -0.71
CA VAL A 243 24.34 28.39 -0.58
C VAL A 243 23.97 29.05 -1.89
N GLN A 244 23.22 30.14 -1.81
CA GLN A 244 22.81 30.92 -2.97
C GLN A 244 23.45 32.29 -2.89
N MET A 245 23.92 32.80 -4.02
CA MET A 245 24.44 34.15 -4.07
C MET A 245 23.56 35.01 -4.97
N CYS A 246 23.65 36.32 -4.78
CA CYS A 246 23.17 37.26 -5.78
C CYS A 246 24.22 38.32 -5.98
N GLY A 247 24.12 39.02 -7.09
CA GLY A 247 25.20 39.85 -7.57
C GLY A 247 25.80 39.24 -8.83
N GLU A 248 26.88 39.83 -9.29
CA GLU A 248 27.46 39.42 -10.56
C GLU A 248 28.40 38.25 -10.34
N LEU A 249 28.21 37.19 -11.12
CA LEU A 249 29.00 35.99 -10.99
C LEU A 249 30.41 36.19 -11.53
N ARG A 250 31.38 35.68 -10.78
CA ARG A 250 32.76 35.66 -11.20
C ARG A 250 33.32 34.27 -11.01
N ASP A 251 34.27 33.90 -11.84
CA ASP A 251 34.83 32.56 -11.74
C ASP A 251 35.80 32.41 -10.60
N TYR A 252 36.28 33.50 -10.00
CA TYR A 252 37.12 33.38 -8.83
C TYR A 252 36.35 33.30 -7.52
N LEU A 253 35.03 33.40 -7.55
CA LEU A 253 34.24 33.32 -6.33
C LEU A 253 34.22 31.90 -5.79
N ARG A 254 34.42 31.77 -4.49
CA ARG A 254 34.38 30.48 -3.83
C ARG A 254 33.45 30.57 -2.63
N VAL A 255 32.97 29.43 -2.18
CA VAL A 255 32.20 29.31 -0.95
C VAL A 255 32.86 28.26 -0.09
N THR A 256 33.21 28.62 1.13
CA THR A 256 33.69 27.67 2.12
C THR A 256 32.64 27.52 3.21
N VAL A 257 32.24 26.29 3.48
CA VAL A 257 31.40 25.98 4.63
C VAL A 257 32.25 25.20 5.62
N SER A 258 32.38 25.74 6.81
CA SER A 258 33.16 25.12 7.87
C SER A 258 32.24 24.80 9.03
N LEU A 259 32.48 23.67 9.69
CA LEU A 259 31.64 23.21 10.78
C LEU A 259 32.51 23.09 12.03
N TRP A 260 32.03 23.66 13.13
CA TRP A 260 32.83 23.83 14.33
C TRP A 260 32.09 23.26 15.53
N GLN A 261 32.76 22.44 16.32
CA GLN A 261 32.26 22.01 17.62
C GLN A 261 33.02 22.80 18.66
N GLY A 262 32.45 23.93 19.05
CA GLY A 262 33.14 24.82 19.96
C GLY A 262 34.33 25.48 19.30
N GLU A 263 35.53 25.09 19.69
CA GLU A 263 36.73 25.68 19.15
C GLU A 263 37.40 24.83 18.08
N THR A 264 37.12 23.53 18.05
CA THR A 264 37.73 22.65 17.06
C THR A 264 36.86 22.58 15.82
N GLN A 265 37.52 22.44 14.68
CA GLN A 265 36.84 22.39 13.40
C GLN A 265 36.62 20.94 13.02
N VAL A 266 35.37 20.59 12.77
CA VAL A 266 34.98 19.21 12.53
C VAL A 266 35.03 18.86 11.06
N ALA A 267 34.48 19.72 10.22
CA ALA A 267 34.44 19.47 8.80
C ALA A 267 34.59 20.78 8.06
N SER A 268 34.95 20.67 6.79
CA SER A 268 35.14 21.84 5.94
C SER A 268 35.02 21.41 4.49
N GLY A 269 34.54 22.32 3.68
CA GLY A 269 34.46 22.08 2.25
C GLY A 269 34.53 23.41 1.54
N THR A 270 34.97 23.36 0.29
CA THR A 270 35.01 24.55 -0.53
C THR A 270 34.64 24.17 -1.96
N ALA A 271 34.07 25.13 -2.68
CA ALA A 271 33.56 24.87 -4.02
C ALA A 271 33.42 26.18 -4.77
N PRO A 272 33.62 26.18 -6.07
CA PRO A 272 33.18 27.31 -6.89
C PRO A 272 31.69 27.19 -7.19
N PHE A 273 31.12 28.28 -7.69
CA PHE A 273 29.71 28.27 -7.99
C PHE A 273 29.39 27.44 -9.23
N GLY A 274 28.15 27.03 -9.32
CA GLY A 274 27.69 26.12 -10.34
C GLY A 274 27.17 24.85 -9.74
N GLY A 275 25.85 24.69 -9.76
CA GLY A 275 25.23 23.50 -9.23
C GLY A 275 25.23 22.38 -10.25
N GLU A 276 24.61 21.28 -9.85
CA GLU A 276 24.48 20.16 -10.75
C GLU A 276 23.38 20.43 -11.78
N ILE A 277 23.43 19.68 -12.87
CA ILE A 277 22.38 19.74 -13.88
C ILE A 277 21.09 19.21 -13.28
N ILE A 278 20.03 19.99 -13.36
CA ILE A 278 18.74 19.56 -12.82
C ILE A 278 17.67 19.38 -13.89
N ASP A 279 17.81 19.99 -15.05
CA ASP A 279 16.85 19.81 -16.13
C ASP A 279 17.55 20.09 -17.45
N GLU A 280 16.74 20.27 -18.50
CA GLU A 280 17.26 20.39 -19.86
C GLU A 280 18.04 21.67 -20.09
N ARG A 281 17.78 22.72 -19.32
CA ARG A 281 18.42 24.00 -19.50
C ARG A 281 19.69 24.16 -18.68
N GLY A 282 20.05 23.18 -17.86
CA GLY A 282 21.27 23.22 -17.09
C GLY A 282 21.00 23.26 -15.60
N GLY A 283 21.90 23.91 -14.87
CA GLY A 283 21.76 24.02 -13.44
C GLY A 283 21.80 25.45 -12.96
N TYR A 284 21.83 25.64 -11.65
CA TYR A 284 21.96 26.98 -11.09
C TYR A 284 23.41 27.40 -11.11
N ALA A 285 23.72 28.44 -11.89
CA ALA A 285 25.08 28.96 -11.91
C ALA A 285 25.41 29.75 -10.65
N ASP A 286 24.40 30.22 -9.93
CA ASP A 286 24.59 31.04 -8.75
C ASP A 286 24.34 30.28 -7.45
N ARG A 287 24.46 28.96 -7.47
CA ARG A 287 24.27 28.16 -6.27
C ARG A 287 25.38 27.13 -6.15
N VAL A 288 25.68 26.75 -4.92
CA VAL A 288 26.57 25.64 -4.61
C VAL A 288 25.86 24.69 -3.67
N THR A 289 26.29 23.44 -3.71
CA THR A 289 25.91 22.46 -2.71
C THR A 289 27.19 21.86 -2.16
N LEU A 290 27.39 21.98 -0.87
CA LEU A 290 28.55 21.42 -0.20
C LEU A 290 28.09 20.30 0.72
N ARG A 291 28.77 19.17 0.65
CA ARG A 291 28.43 18.01 1.47
C ARG A 291 29.61 17.73 2.38
N LEU A 292 29.39 17.88 3.68
CA LEU A 292 30.42 17.67 4.68
C LEU A 292 30.14 16.39 5.42
N ASN A 293 31.12 15.52 5.50
CA ASN A 293 30.98 14.26 6.22
C ASN A 293 31.36 14.47 7.67
N VAL A 294 30.48 14.08 8.57
CA VAL A 294 30.72 14.18 10.00
C VAL A 294 30.66 12.78 10.57
N GLU A 295 31.73 12.35 11.20
CA GLU A 295 31.81 11.03 11.79
C GLU A 295 31.44 11.12 13.26
N ASN A 296 30.51 10.26 13.69
CA ASN A 296 29.91 10.22 15.01
C ASN A 296 29.46 11.59 15.49
N PRO A 297 28.46 12.19 14.87
CA PRO A 297 28.05 13.53 15.29
C PRO A 297 27.34 13.48 16.62
N LYS A 298 27.48 14.55 17.38
CA LYS A 298 26.74 14.69 18.62
C LYS A 298 25.34 15.15 18.26
N LEU A 299 24.34 14.31 18.55
CA LEU A 299 23.00 14.56 18.05
C LEU A 299 22.27 15.57 18.92
N TRP A 300 21.44 16.38 18.29
CA TRP A 300 20.65 17.37 19.00
C TRP A 300 19.37 16.73 19.50
N SER A 301 19.00 17.02 20.73
CA SER A 301 17.68 16.71 21.23
C SER A 301 17.33 17.74 22.30
N ALA A 302 16.10 17.69 22.79
CA ALA A 302 15.76 18.57 23.89
C ALA A 302 16.39 18.11 25.19
N GLU A 303 16.73 16.84 25.29
CA GLU A 303 17.45 16.33 26.45
C GLU A 303 18.89 16.80 26.45
N ILE A 304 19.58 16.63 25.32
CA ILE A 304 20.98 17.06 25.18
C ILE A 304 21.07 17.96 23.96
N PRO A 305 21.03 19.27 24.13
CA PRO A 305 21.04 20.16 22.95
C PRO A 305 22.44 20.40 22.39
N ASN A 306 23.01 19.37 21.77
CA ASN A 306 24.32 19.46 21.14
C ASN A 306 24.23 20.32 19.88
N LEU A 307 25.01 21.38 19.83
CA LEU A 307 25.01 22.26 18.68
C LEU A 307 26.39 22.36 18.07
N TYR A 308 26.41 22.48 16.76
CA TYR A 308 27.57 22.82 15.98
C TYR A 308 27.41 24.22 15.45
N ARG A 309 28.48 24.79 14.94
CA ARG A 309 28.47 26.14 14.40
C ARG A 309 28.95 26.05 12.95
N ALA A 310 28.04 26.29 12.02
CA ALA A 310 28.39 26.29 10.61
C ALA A 310 28.69 27.71 10.18
N VAL A 311 29.82 27.91 9.53
CA VAL A 311 30.23 29.22 9.05
C VAL A 311 30.33 29.15 7.54
N VAL A 312 29.61 30.02 6.85
CA VAL A 312 29.57 30.04 5.40
C VAL A 312 30.34 31.27 4.96
N GLU A 313 31.48 31.07 4.31
CA GLU A 313 32.33 32.16 3.85
C GLU A 313 32.17 32.31 2.34
N LEU A 314 31.82 33.51 1.90
CA LEU A 314 31.94 33.88 0.50
C LEU A 314 33.27 34.58 0.31
N HIS A 315 34.14 34.01 -0.51
CA HIS A 315 35.48 34.56 -0.64
C HIS A 315 35.98 34.31 -2.05
N THR A 316 37.08 34.99 -2.39
CA THR A 316 37.67 34.82 -3.70
C THR A 316 38.63 33.64 -3.69
N ALA A 317 39.16 33.33 -4.87
CA ALA A 317 40.01 32.16 -5.02
C ALA A 317 41.37 32.37 -4.38
N ASP A 318 41.88 33.60 -4.34
CA ASP A 318 43.13 33.84 -3.64
C ASP A 318 42.91 33.83 -2.14
N GLY A 319 41.76 34.33 -1.68
CA GLY A 319 41.38 34.09 -0.30
C GLY A 319 40.86 35.28 0.49
N THR A 320 40.63 36.42 -0.14
CA THR A 320 40.06 37.54 0.61
C THR A 320 38.57 37.31 0.83
N LEU A 321 38.13 37.57 2.05
CA LEU A 321 36.75 37.30 2.44
C LEU A 321 35.84 38.42 1.98
N ILE A 322 34.74 38.06 1.34
CA ILE A 322 33.73 39.05 0.97
C ILE A 322 32.68 39.17 2.06
N GLU A 323 32.19 38.05 2.56
CA GLU A 323 31.10 38.03 3.52
C GLU A 323 31.10 36.68 4.21
N ALA A 324 30.82 36.67 5.50
CA ALA A 324 30.60 35.43 6.24
C ALA A 324 29.21 35.43 6.84
N GLU A 325 28.56 34.28 6.81
CA GLU A 325 27.33 34.06 7.54
C GLU A 325 27.50 32.83 8.42
N ALA A 326 26.60 32.69 9.39
CA ALA A 326 26.75 31.60 10.34
C ALA A 326 25.38 31.19 10.87
N CYS A 327 25.26 29.92 11.24
CA CYS A 327 24.08 29.44 11.92
C CYS A 327 24.47 28.29 12.84
N ASP A 328 23.70 28.12 13.89
CA ASP A 328 23.85 26.94 14.74
C ASP A 328 23.21 25.74 14.06
N VAL A 329 23.89 24.62 14.11
CA VAL A 329 23.45 23.39 13.46
C VAL A 329 23.28 22.32 14.51
N GLY A 330 22.10 21.71 14.54
CA GLY A 330 21.86 20.52 15.33
C GLY A 330 21.62 19.34 14.41
N PHE A 331 22.33 18.26 14.68
CA PHE A 331 22.15 17.03 13.94
C PHE A 331 20.92 16.35 14.52
N ARG A 332 19.84 16.34 13.77
CA ARG A 332 18.67 15.61 14.20
C ARG A 332 17.84 15.28 12.99
N VAL A 333 17.11 14.19 13.08
CA VAL A 333 16.19 13.73 12.05
C VAL A 333 14.83 13.57 12.72
N VAL A 334 13.82 14.14 12.10
CA VAL A 334 12.45 14.02 12.55
C VAL A 334 11.71 13.35 11.42
N ARG A 335 11.11 12.20 11.70
CA ARG A 335 10.33 11.54 10.67
C ARG A 335 9.22 10.73 11.31
N ILE A 336 8.21 10.44 10.51
CA ILE A 336 7.11 9.60 10.91
C ILE A 336 7.25 8.28 10.17
N GLU A 337 7.58 7.22 10.87
CA GLU A 337 7.51 5.90 10.28
C GLU A 337 6.58 5.05 11.13
N ASN A 338 5.79 4.23 10.43
CA ASN A 338 4.88 3.24 11.01
C ASN A 338 3.89 3.89 11.97
N GLY A 339 3.51 5.13 11.72
CA GLY A 339 2.57 5.81 12.56
C GLY A 339 3.14 6.43 13.82
N LEU A 340 4.45 6.57 13.94
CA LEU A 340 5.06 7.16 15.11
C LEU A 340 5.99 8.29 14.71
N LEU A 341 5.86 9.43 15.38
CA LEU A 341 6.81 10.52 15.22
C LEU A 341 8.11 10.16 15.92
N LEU A 342 9.20 10.06 15.16
CA LEU A 342 10.48 9.67 15.70
C LEU A 342 11.45 10.83 15.66
N LEU A 343 12.20 11.00 16.74
CA LEU A 343 13.36 11.87 16.76
C LEU A 343 14.59 11.02 16.97
N ASN A 344 15.48 11.02 15.99
CA ASN A 344 16.73 10.25 16.00
C ASN A 344 16.48 8.76 16.23
N GLY A 345 15.41 8.25 15.61
CA GLY A 345 15.06 6.87 15.74
C GLY A 345 14.25 6.50 16.96
N LYS A 346 13.96 7.44 17.84
CA LYS A 346 13.24 7.15 19.06
C LYS A 346 11.89 7.86 19.06
N PRO A 347 10.84 7.20 19.53
CA PRO A 347 9.52 7.84 19.54
C PRO A 347 9.40 8.92 20.60
N LEU A 348 9.03 10.11 20.19
CA LEU A 348 8.88 11.22 21.10
C LEU A 348 7.65 11.09 21.96
N LEU A 349 7.73 11.64 23.15
CA LEU A 349 6.56 11.93 23.98
C LEU A 349 6.59 13.43 24.25
N ILE A 350 5.69 14.15 23.59
CA ILE A 350 5.69 15.60 23.61
C ILE A 350 5.11 16.08 24.93
N ARG A 351 5.94 16.71 25.74
CA ARG A 351 5.53 17.38 26.97
C ARG A 351 5.45 18.86 26.65
N GLY A 352 4.39 19.26 25.96
CA GLY A 352 4.35 20.55 25.32
C GLY A 352 3.44 21.55 26.00
N VAL A 353 3.64 22.80 25.63
CA VAL A 353 2.79 23.90 26.08
C VAL A 353 2.68 24.91 24.95
N ASN A 354 1.49 25.45 24.78
CA ASN A 354 1.28 26.60 23.90
C ASN A 354 1.75 27.86 24.59
N ARG A 355 2.38 28.74 23.83
CA ARG A 355 2.90 29.99 24.39
C ARG A 355 2.62 31.14 23.44
N HIS A 356 1.86 32.11 23.91
CA HIS A 356 1.78 33.39 23.26
C HIS A 356 2.92 34.29 23.69
N GLU A 357 3.31 35.19 22.80
CA GLU A 357 4.22 36.28 23.15
C GLU A 357 3.44 37.36 23.86
N HIS A 358 3.59 37.42 25.18
CA HIS A 358 2.81 38.35 25.97
C HIS A 358 3.65 38.86 27.13
N HIS A 359 3.60 40.16 27.35
CA HIS A 359 4.18 40.78 28.52
C HIS A 359 3.09 41.70 29.09
N PRO A 360 2.85 41.68 30.40
CA PRO A 360 1.73 42.45 30.94
C PRO A 360 1.92 43.95 30.89
N LEU A 361 3.15 44.44 30.84
CA LEU A 361 3.41 45.87 30.74
C LEU A 361 3.63 46.33 29.31
N HIS A 362 4.29 45.52 28.50
CA HIS A 362 4.69 45.95 27.16
C HIS A 362 3.85 45.30 26.06
N GLY A 363 2.81 44.57 26.43
CA GLY A 363 1.95 43.95 25.45
C GLY A 363 2.63 42.81 24.73
N GLN A 364 2.78 42.92 23.42
CA GLN A 364 3.32 41.86 22.60
C GLN A 364 4.76 42.09 22.21
N VAL A 365 5.49 42.88 22.99
CA VAL A 365 6.90 43.14 22.76
C VAL A 365 7.70 42.24 23.68
N MET A 366 8.54 41.41 23.10
CA MET A 366 9.31 40.42 23.86
C MET A 366 10.79 40.78 23.85
N ASP A 367 11.39 40.74 25.02
CA ASP A 367 12.84 40.87 25.16
C ASP A 367 13.45 39.53 25.55
N GLU A 368 14.77 39.50 25.61
CA GLU A 368 15.48 38.26 25.84
C GLU A 368 15.28 37.75 27.27
N GLN A 369 15.20 38.66 28.23
CA GLN A 369 15.12 38.25 29.64
C GLN A 369 13.82 37.56 29.96
N THR A 370 12.72 37.97 29.33
CA THR A 370 11.47 37.28 29.54
C THR A 370 11.44 35.94 28.82
N MET A 371 12.12 35.85 27.66
CA MET A 371 12.20 34.57 26.96
C MET A 371 13.02 33.55 27.72
N VAL A 372 14.14 33.99 28.30
CA VAL A 372 14.96 33.08 29.09
C VAL A 372 14.23 32.67 30.35
N GLN A 373 13.47 33.59 30.93
CA GLN A 373 12.66 33.28 32.12
C GLN A 373 11.58 32.25 31.79
N ASP A 374 10.99 32.32 30.60
CA ASP A 374 9.99 31.33 30.23
C ASP A 374 10.61 29.97 29.99
N ILE A 375 11.77 29.91 29.33
CA ILE A 375 12.37 28.63 28.97
C ILE A 375 12.88 27.91 30.21
N LEU A 376 13.42 28.65 31.18
CA LEU A 376 13.86 28.00 32.40
C LEU A 376 12.68 27.44 33.19
N LEU A 377 11.60 28.20 33.30
CA LEU A 377 10.41 27.70 34.00
C LEU A 377 9.77 26.53 33.29
N MET A 378 9.83 26.48 31.96
CA MET A 378 9.30 25.34 31.24
C MET A 378 10.11 24.08 31.49
N LYS A 379 11.43 24.18 31.42
CA LYS A 379 12.24 22.99 31.60
C LYS A 379 12.29 22.54 33.04
N GLN A 380 12.18 23.47 33.99
CA GLN A 380 12.10 23.10 35.39
C GLN A 380 10.78 22.45 35.76
N ASN A 381 9.79 22.52 34.89
CA ASN A 381 8.50 21.90 35.10
C ASN A 381 8.24 20.79 34.10
N ASN A 382 9.32 20.22 33.57
CA ASN A 382 9.33 19.01 32.74
C ASN A 382 8.60 19.19 31.42
N PHE A 383 8.61 20.39 30.87
CA PHE A 383 8.17 20.58 29.50
C PHE A 383 9.36 20.43 28.57
N ASN A 384 9.15 19.79 27.42
CA ASN A 384 10.19 19.71 26.42
C ASN A 384 9.80 20.29 25.07
N ALA A 385 8.61 20.87 24.94
CA ALA A 385 8.16 21.32 23.64
C ALA A 385 7.31 22.57 23.80
N VAL A 386 7.37 23.44 22.80
CA VAL A 386 6.61 24.68 22.78
C VAL A 386 5.95 24.81 21.42
N ARG A 387 4.68 25.15 21.40
CA ARG A 387 3.99 25.48 20.16
C ARG A 387 3.85 26.98 20.06
N CYS A 388 4.31 27.54 18.95
CA CYS A 388 4.30 28.99 18.72
C CYS A 388 2.89 29.38 18.33
N SER A 389 2.05 29.64 19.31
CA SER A 389 0.63 29.85 19.06
C SER A 389 0.32 31.33 18.94
N HIS A 390 -0.25 31.76 17.81
CA HIS A 390 -0.33 30.98 16.58
C HIS A 390 0.24 31.83 15.47
N TYR A 391 1.55 31.93 15.42
CA TYR A 391 2.29 32.85 14.57
C TYR A 391 3.78 32.59 14.76
N PRO A 392 4.64 32.96 13.81
CA PRO A 392 6.07 32.83 14.04
C PRO A 392 6.54 33.76 15.13
N ASN A 393 7.41 33.26 15.98
CA ASN A 393 7.86 34.11 17.07
C ASN A 393 8.99 35.04 16.63
N HIS A 394 9.41 35.83 17.60
CA HIS A 394 10.63 36.61 17.53
C HIS A 394 11.80 35.69 17.22
N PRO A 395 12.75 36.12 16.39
CA PRO A 395 13.81 35.20 15.92
C PRO A 395 14.75 34.72 17.00
N LEU A 396 14.88 35.44 18.11
CA LEU A 396 15.73 35.00 19.20
C LEU A 396 15.16 33.81 19.94
N TRP A 397 13.84 33.61 19.86
CA TRP A 397 13.19 32.50 20.54
C TRP A 397 13.67 31.16 20.02
N TYR A 398 13.87 31.05 18.71
CA TYR A 398 14.32 29.79 18.14
C TYR A 398 15.77 29.51 18.48
N THR A 399 16.58 30.55 18.60
CA THR A 399 17.96 30.40 19.01
C THR A 399 18.05 29.88 20.44
N LEU A 400 17.22 30.41 21.32
CA LEU A 400 17.24 29.97 22.70
C LEU A 400 16.67 28.57 22.86
N CYS A 401 15.72 28.18 22.01
CA CYS A 401 15.24 26.81 22.06
C CYS A 401 16.25 25.84 21.47
N ASP A 402 17.08 26.28 20.53
CA ASP A 402 18.23 25.49 20.09
C ASP A 402 19.18 25.25 21.24
N ARG A 403 19.42 26.28 22.04
CA ARG A 403 20.48 26.29 23.02
C ARG A 403 20.11 25.51 24.27
N TYR A 404 18.93 25.74 24.80
CA TYR A 404 18.51 25.07 26.03
C TYR A 404 17.86 23.72 25.76
N GLY A 405 17.21 23.57 24.62
CA GLY A 405 16.65 22.32 24.21
C GLY A 405 15.16 22.29 24.47
N LEU A 406 14.39 22.64 23.44
CA LEU A 406 12.95 22.53 23.43
C LEU A 406 12.56 22.26 22.00
N TYR A 407 11.63 21.35 21.80
CA TYR A 407 11.09 21.16 20.47
C TYR A 407 10.12 22.29 20.17
N VAL A 408 10.13 22.76 18.94
CA VAL A 408 9.32 23.90 18.56
C VAL A 408 8.42 23.49 17.41
N VAL A 409 7.14 23.77 17.55
CA VAL A 409 6.20 23.73 16.43
C VAL A 409 6.05 25.14 15.93
N ASP A 410 6.53 25.39 14.72
CA ASP A 410 6.49 26.73 14.14
C ASP A 410 5.22 26.85 13.31
N GLU A 411 4.45 27.90 13.55
CA GLU A 411 3.09 27.97 13.06
C GLU A 411 2.90 29.22 12.22
N ALA A 412 2.29 29.06 11.05
CA ALA A 412 2.05 30.18 10.16
C ALA A 412 0.99 31.10 10.74
N ASN A 413 1.09 32.38 10.38
CA ASN A 413 0.21 33.43 10.91
C ASN A 413 -1.09 33.45 10.12
N ILE A 414 -1.87 32.38 10.23
CA ILE A 414 -3.12 32.26 9.52
C ILE A 414 -4.17 31.77 10.52
N GLU A 415 -5.14 32.62 10.82
CA GLU A 415 -6.31 32.17 11.58
C GLU A 415 -7.52 32.98 11.16
N THR A 416 -8.57 32.30 10.74
CA THR A 416 -9.77 32.98 10.32
C THR A 416 -10.91 32.33 11.05
N HIS A 417 -10.81 32.34 12.37
CA HIS A 417 -11.79 31.74 13.24
C HIS A 417 -13.15 32.37 13.14
N GLY A 418 -13.19 33.68 13.00
CA GLY A 418 -14.41 34.44 12.93
C GLY A 418 -15.26 34.31 11.68
N MET A 419 -14.74 33.72 10.62
CA MET A 419 -15.47 33.63 9.37
C MET A 419 -16.59 32.62 9.49
N VAL A 420 -17.67 32.85 8.75
CA VAL A 420 -18.76 31.90 8.69
C VAL A 420 -18.96 31.47 7.24
N PRO A 421 -18.66 30.22 6.88
CA PRO A 421 -18.05 29.16 7.68
C PRO A 421 -16.57 29.43 7.84
N MET A 422 -15.87 28.62 8.64
CA MET A 422 -14.52 28.95 9.05
C MET A 422 -13.54 28.90 7.89
N ASN A 423 -13.87 28.21 6.80
CA ASN A 423 -12.99 28.13 5.65
C ASN A 423 -13.43 29.04 4.50
N ARG A 424 -14.15 30.12 4.79
CA ARG A 424 -14.64 30.99 3.71
C ARG A 424 -13.49 31.64 2.95
N LEU A 425 -12.44 32.03 3.65
CA LEU A 425 -11.28 32.60 2.96
C LEU A 425 -10.31 31.52 2.51
N THR A 426 -10.15 30.45 3.28
CA THR A 426 -9.14 29.46 2.95
C THR A 426 -9.59 28.46 1.91
N ASP A 427 -10.84 28.51 1.46
CA ASP A 427 -11.26 27.72 0.33
C ASP A 427 -11.44 28.59 -0.90
N ASP A 428 -11.05 29.85 -0.82
CA ASP A 428 -11.15 30.81 -1.91
C ASP A 428 -9.78 30.96 -2.53
N PRO A 429 -9.61 30.72 -3.83
CA PRO A 429 -8.28 30.89 -4.44
C PRO A 429 -7.85 32.33 -4.59
N ARG A 430 -8.75 33.29 -4.43
CA ARG A 430 -8.34 34.69 -4.41
C ARG A 430 -7.53 35.04 -3.16
N TRP A 431 -7.63 34.22 -2.12
CA TRP A 431 -6.86 34.40 -0.91
C TRP A 431 -5.65 33.48 -0.84
N LEU A 432 -5.48 32.60 -1.82
CA LEU A 432 -4.29 31.77 -1.88
C LEU A 432 -2.97 32.54 -2.00
N PRO A 433 -2.84 33.65 -2.75
CA PRO A 433 -1.59 34.41 -2.66
C PRO A 433 -1.31 35.00 -1.29
N ALA A 434 -2.32 35.46 -0.57
CA ALA A 434 -2.08 36.03 0.75
C ALA A 434 -1.73 34.94 1.75
N MET A 435 -2.37 33.79 1.64
CA MET A 435 -2.05 32.69 2.55
C MET A 435 -0.69 32.09 2.25
N SER A 436 -0.28 32.06 0.98
CA SER A 436 0.98 31.42 0.65
C SER A 436 2.17 32.21 1.14
N GLU A 437 2.05 33.52 1.13
CA GLU A 437 3.12 34.37 1.60
C GLU A 437 3.37 34.12 3.08
N ARG A 438 2.30 33.93 3.83
CA ARG A 438 2.42 33.70 5.25
C ARG A 438 3.05 32.36 5.58
N VAL A 439 2.92 31.39 4.69
CA VAL A 439 3.53 30.09 4.90
C VAL A 439 4.94 30.04 4.35
N THR A 440 5.14 30.50 3.10
CA THR A 440 6.43 30.36 2.44
C THR A 440 7.50 31.23 3.08
N ARG A 441 7.13 32.40 3.60
CA ARG A 441 8.12 33.24 4.24
C ARG A 441 8.45 32.79 5.65
N MET A 442 7.57 32.04 6.30
CA MET A 442 7.91 31.42 7.57
C MET A 442 8.95 30.32 7.36
N VAL A 443 8.73 29.46 6.38
CA VAL A 443 9.64 28.35 6.12
C VAL A 443 11.00 28.87 5.66
N GLN A 444 11.00 29.91 4.84
CA GLN A 444 12.27 30.48 4.40
C GLN A 444 13.03 31.17 5.52
N ARG A 445 12.34 31.67 6.53
CA ARG A 445 13.06 32.29 7.63
C ARG A 445 13.62 31.26 8.59
N ASP A 446 12.88 30.18 8.87
CA ASP A 446 13.12 29.37 10.05
C ASP A 446 13.54 27.93 9.76
N ARG A 447 13.85 27.58 8.51
CA ARG A 447 14.12 26.19 8.18
C ARG A 447 15.47 25.68 8.68
N ASN A 448 16.37 26.55 9.12
CA ASN A 448 17.66 26.07 9.57
C ASN A 448 17.72 25.80 11.07
N HIS A 449 16.69 26.14 11.82
CA HIS A 449 16.73 25.93 13.26
C HIS A 449 16.51 24.47 13.60
N PRO A 450 17.39 23.85 14.38
CA PRO A 450 17.16 22.46 14.78
C PRO A 450 16.01 22.29 15.75
N SER A 451 15.63 23.31 16.51
CA SER A 451 14.54 23.15 17.46
C SER A 451 13.20 23.08 16.78
N VAL A 452 13.06 23.67 15.59
CA VAL A 452 11.81 23.54 14.84
C VAL A 452 11.75 22.13 14.28
N ILE A 453 10.82 21.33 14.77
CA ILE A 453 10.67 19.96 14.30
C ILE A 453 9.40 19.75 13.51
N ILE A 454 8.39 20.60 13.65
CA ILE A 454 7.10 20.42 13.00
C ILE A 454 6.67 21.77 12.46
N TRP A 455 6.22 21.81 11.21
CA TRP A 455 5.57 22.98 10.68
C TRP A 455 4.08 22.90 10.93
N SER A 456 3.47 24.04 11.20
CA SER A 456 2.03 24.11 11.36
C SER A 456 1.46 25.11 10.36
N LEU A 457 0.35 24.75 9.72
CA LEU A 457 -0.24 25.59 8.69
C LEU A 457 -1.10 26.70 9.24
N GLY A 458 -1.16 26.88 10.55
CA GLY A 458 -2.00 27.86 11.15
C GLY A 458 -2.97 27.21 12.10
N ASN A 459 -3.96 27.98 12.51
CA ASN A 459 -4.91 27.55 13.51
C ASN A 459 -6.29 27.94 13.06
N GLU A 460 -7.26 27.04 13.21
CA GLU A 460 -8.69 27.35 13.21
C GLU A 460 -9.15 28.10 11.97
N SER A 461 -8.81 27.58 10.81
CA SER A 461 -9.15 28.21 9.55
C SER A 461 -10.00 27.32 8.68
N GLY A 462 -10.70 26.35 9.27
CA GLY A 462 -11.44 25.38 8.52
C GLY A 462 -10.51 24.49 7.74
N HIS A 463 -11.05 23.87 6.70
CA HIS A 463 -10.22 23.13 5.77
C HIS A 463 -10.63 23.49 4.36
N GLY A 464 -9.78 24.24 3.68
CA GLY A 464 -9.99 24.58 2.29
C GLY A 464 -8.89 24.00 1.44
N ALA A 465 -9.04 24.22 0.14
CA ALA A 465 -8.04 23.74 -0.80
C ALA A 465 -6.73 24.49 -0.71
N ASN A 466 -6.73 25.69 -0.14
CA ASN A 466 -5.48 26.41 0.03
C ASN A 466 -4.60 25.75 1.08
N HIS A 467 -5.20 25.06 2.05
CA HIS A 467 -4.38 24.33 3.02
C HIS A 467 -3.70 23.13 2.39
N ASP A 468 -4.41 22.41 1.52
CA ASP A 468 -3.82 21.25 0.86
C ASP A 468 -2.68 21.65 -0.06
N ALA A 469 -2.82 22.78 -0.74
CA ALA A 469 -1.75 23.28 -1.60
C ALA A 469 -0.54 23.70 -0.78
N LEU A 470 -0.77 24.37 0.33
CA LEU A 470 0.36 24.82 1.14
C LEU A 470 0.97 23.70 1.94
N TYR A 471 0.20 22.67 2.30
CA TYR A 471 0.75 21.45 2.84
C TYR A 471 1.76 20.84 1.88
N ARG A 472 1.37 20.69 0.62
CA ARG A 472 2.22 20.02 -0.34
C ARG A 472 3.42 20.89 -0.73
N TRP A 473 3.27 22.21 -0.65
CA TRP A 473 4.41 23.09 -0.88
C TRP A 473 5.50 22.86 0.15
N ILE A 474 5.13 22.72 1.42
CA ILE A 474 6.13 22.56 2.47
C ILE A 474 6.82 21.20 2.36
N LYS A 475 6.04 20.16 2.05
CA LYS A 475 6.60 18.82 1.88
C LYS A 475 7.57 18.76 0.71
N SER A 476 7.42 19.67 -0.26
CA SER A 476 8.35 19.72 -1.38
C SER A 476 9.64 20.45 -1.01
N VAL A 477 9.53 21.64 -0.40
CA VAL A 477 10.74 22.41 -0.10
C VAL A 477 11.47 21.92 1.14
N ASP A 478 10.78 21.29 2.08
CA ASP A 478 11.40 20.86 3.33
C ASP A 478 10.82 19.51 3.70
N PRO A 479 11.37 18.43 3.16
CA PRO A 479 10.90 17.09 3.54
C PRO A 479 11.32 16.67 4.93
N SER A 480 12.21 17.41 5.59
CA SER A 480 12.79 16.98 6.84
C SER A 480 11.87 17.22 8.04
N ARG A 481 10.74 17.88 7.88
CA ARG A 481 9.86 18.15 9.00
C ARG A 481 8.43 17.78 8.65
N PRO A 482 7.71 17.15 9.58
CA PRO A 482 6.28 16.93 9.37
C PRO A 482 5.50 18.22 9.39
N VAL A 483 4.34 18.19 8.75
CA VAL A 483 3.42 19.31 8.72
C VAL A 483 2.16 18.90 9.43
N GLN A 484 1.70 19.71 10.36
CA GLN A 484 0.43 19.44 11.02
C GLN A 484 -0.52 20.60 10.78
N TYR A 485 -1.81 20.31 10.85
CA TYR A 485 -2.84 21.33 10.75
C TYR A 485 -4.11 20.79 11.37
N GLU A 486 -4.74 21.59 12.22
CA GLU A 486 -5.90 21.15 12.99
C GLU A 486 -7.22 21.35 12.26
N GLY A 487 -7.37 22.39 11.46
CA GLY A 487 -8.69 22.79 11.02
C GLY A 487 -9.35 21.77 10.11
N GLY A 488 -10.68 21.76 10.15
CA GLY A 488 -11.43 20.80 9.38
C GLY A 488 -11.57 19.44 10.01
N GLY A 489 -11.35 19.32 11.31
CA GLY A 489 -11.57 18.07 11.99
C GLY A 489 -10.33 17.29 12.35
N ALA A 490 -9.15 17.88 12.23
CA ALA A 490 -7.85 17.43 12.75
C ALA A 490 -7.29 16.21 12.08
N ASP A 491 -7.95 15.62 11.10
CA ASP A 491 -7.41 14.45 10.44
C ASP A 491 -7.56 14.56 8.94
N THR A 492 -7.47 15.77 8.40
CA THR A 492 -7.63 15.99 6.98
C THR A 492 -6.37 15.54 6.23
N THR A 493 -6.39 15.73 4.92
CA THR A 493 -5.24 15.40 4.10
C THR A 493 -4.13 16.44 4.21
N ALA A 494 -4.37 17.55 4.90
CA ALA A 494 -3.37 18.59 5.07
C ALA A 494 -2.58 18.46 6.36
N THR A 495 -2.57 17.28 6.98
CA THR A 495 -1.81 17.08 8.20
C THR A 495 -1.15 15.71 8.19
N ASP A 496 0.08 15.65 8.69
CA ASP A 496 0.77 14.39 8.89
C ASP A 496 0.46 13.76 10.22
N ILE A 497 -0.09 14.55 11.14
CA ILE A 497 -0.33 14.17 12.51
C ILE A 497 -1.78 14.50 12.81
N ILE A 498 -2.51 13.56 13.38
CA ILE A 498 -3.82 13.88 13.91
C ILE A 498 -3.62 14.81 15.09
N CYS A 499 -4.12 16.02 14.99
CA CYS A 499 -3.87 17.01 16.03
C CYS A 499 -5.16 17.65 16.51
N PRO A 500 -5.96 16.96 17.31
CA PRO A 500 -7.22 17.56 17.78
C PRO A 500 -6.99 18.60 18.86
N MET A 501 -7.98 19.48 18.96
CA MET A 501 -8.05 20.48 20.02
C MET A 501 -9.06 20.01 21.04
N TYR A 502 -8.58 19.77 22.27
CA TYR A 502 -9.40 19.51 23.45
C TYR A 502 -10.25 18.26 23.30
N ALA A 503 -9.77 17.28 22.54
CA ALA A 503 -10.42 15.99 22.52
C ALA A 503 -10.19 15.30 23.85
N ARG A 504 -11.20 14.62 24.33
CA ARG A 504 -11.12 14.03 25.65
C ARG A 504 -10.51 12.64 25.58
N VAL A 505 -10.20 12.09 26.74
CA VAL A 505 -9.51 10.80 26.77
C VAL A 505 -10.49 9.68 26.43
N ASP A 506 -11.65 9.66 27.06
CA ASP A 506 -12.59 8.58 26.92
C ASP A 506 -13.94 8.97 26.36
N GLU A 507 -14.26 10.25 26.29
CA GLU A 507 -15.59 10.72 25.91
C GLU A 507 -15.59 11.27 24.50
N ASP A 508 -16.50 10.78 23.68
CA ASP A 508 -16.66 11.32 22.34
C ASP A 508 -17.49 12.59 22.39
N GLN A 509 -17.25 13.46 21.42
CA GLN A 509 -18.00 14.70 21.25
C GLN A 509 -18.44 14.75 19.79
N PRO A 510 -19.58 14.18 19.47
CA PRO A 510 -19.97 14.03 18.06
C PRO A 510 -20.60 15.29 17.49
N PHE A 511 -19.76 16.29 17.24
CA PHE A 511 -20.23 17.48 16.56
C PHE A 511 -20.46 17.16 15.09
N PRO A 512 -21.46 17.78 14.46
CA PRO A 512 -21.69 17.53 13.02
C PRO A 512 -20.56 18.06 12.16
N ALA A 513 -20.02 17.16 11.32
CA ALA A 513 -19.02 17.33 10.28
C ALA A 513 -17.61 17.59 10.79
N VAL A 514 -17.45 17.89 12.07
CA VAL A 514 -16.14 17.95 12.71
C VAL A 514 -16.22 17.33 14.11
N PRO A 515 -16.42 16.02 14.23
CA PRO A 515 -16.55 15.44 15.57
C PRO A 515 -15.21 15.37 16.27
N LYS A 516 -15.23 15.60 17.56
CA LYS A 516 -14.05 15.38 18.39
C LYS A 516 -14.24 14.01 19.03
N TRP A 517 -13.61 13.00 18.46
CA TRP A 517 -13.65 11.70 19.07
C TRP A 517 -12.77 11.71 20.32
N SER A 518 -12.95 10.70 21.16
CA SER A 518 -11.96 10.49 22.19
C SER A 518 -10.65 10.05 21.54
N ILE A 519 -9.53 10.41 22.17
CA ILE A 519 -8.24 10.21 21.53
C ILE A 519 -7.89 8.74 21.43
N LYS A 520 -8.44 7.91 22.31
CA LYS A 520 -8.24 6.48 22.19
C LYS A 520 -9.04 5.92 21.02
N LYS A 521 -10.26 6.40 20.84
CA LYS A 521 -11.07 5.96 19.69
C LYS A 521 -10.50 6.47 18.39
N TRP A 522 -9.94 7.68 18.38
CA TRP A 522 -9.55 8.35 17.15
C TRP A 522 -8.44 7.59 16.44
N LEU A 523 -7.54 6.99 17.21
CA LEU A 523 -6.44 6.23 16.64
C LEU A 523 -6.91 4.99 15.92
N SER A 524 -8.01 4.41 16.37
CA SER A 524 -8.46 3.13 15.88
C SER A 524 -9.56 3.24 14.83
N LEU A 525 -9.80 4.44 14.31
CA LEU A 525 -10.79 4.59 13.26
C LEU A 525 -10.31 3.89 12.00
N PRO A 526 -11.23 3.36 11.19
CA PRO A 526 -10.85 2.58 10.01
C PRO A 526 -10.01 3.37 9.01
N GLY A 527 -8.88 2.80 8.65
CA GLY A 527 -7.96 3.42 7.72
C GLY A 527 -7.05 4.46 8.30
N GLU A 528 -7.04 4.64 9.62
CA GLU A 528 -6.29 5.71 10.26
C GLU A 528 -4.97 5.17 10.79
N THR A 529 -3.86 5.77 10.36
CA THR A 529 -2.54 5.29 10.72
C THR A 529 -1.61 6.33 11.35
N ARG A 530 -1.97 7.59 11.33
CA ARG A 530 -1.08 8.67 11.76
C ARG A 530 -0.95 8.72 13.28
N PRO A 531 0.13 9.31 13.80
CA PRO A 531 0.20 9.56 15.24
C PRO A 531 -0.74 10.68 15.64
N LEU A 532 -1.04 10.72 16.93
CA LEU A 532 -1.93 11.73 17.47
C LEU A 532 -1.18 12.54 18.51
N ILE A 533 -1.07 13.84 18.28
CA ILE A 533 -0.48 14.77 19.22
C ILE A 533 -1.46 15.92 19.34
N LEU A 534 -2.04 16.09 20.53
CA LEU A 534 -3.00 17.15 20.81
C LEU A 534 -2.39 18.52 20.65
N CYS A 535 -2.82 19.32 19.69
CA CYS A 535 -2.18 20.62 19.57
C CYS A 535 -2.64 21.58 20.65
N GLU A 536 -3.82 21.37 21.22
CA GLU A 536 -4.25 22.09 22.42
C GLU A 536 -5.04 21.11 23.28
N TYR A 537 -4.72 21.02 24.56
CA TYR A 537 -5.51 20.22 25.48
C TYR A 537 -5.31 20.79 26.86
N ALA A 538 -6.20 20.39 27.78
CA ALA A 538 -6.16 20.73 29.20
C ALA A 538 -6.15 22.24 29.40
N HIS A 539 -7.27 22.85 29.04
CA HIS A 539 -7.44 24.29 29.05
C HIS A 539 -7.31 24.87 30.46
N ALA A 540 -6.25 25.62 30.71
CA ALA A 540 -5.83 26.00 32.05
C ALA A 540 -6.42 27.34 32.49
N MET A 541 -7.73 27.50 32.38
CA MET A 541 -8.37 28.78 32.65
C MET A 541 -8.67 28.88 34.13
N GLY A 542 -7.83 29.60 34.86
CA GLY A 542 -8.06 29.80 36.28
C GLY A 542 -7.72 28.55 37.05
N ASN A 543 -8.67 28.11 37.88
CA ASN A 543 -8.52 26.92 38.70
C ASN A 543 -8.94 25.74 37.85
N SER A 544 -7.97 25.07 37.23
CA SER A 544 -8.27 24.13 36.16
C SER A 544 -7.24 23.01 36.19
N LEU A 545 -7.11 22.28 35.07
CA LEU A 545 -6.33 21.04 34.92
C LEU A 545 -6.82 19.92 35.82
N GLY A 546 -8.13 19.84 36.07
CA GLY A 546 -8.68 18.63 36.63
C GLY A 546 -8.71 17.55 35.58
N GLY A 547 -8.33 16.34 35.97
CA GLY A 547 -8.26 15.25 35.03
C GLY A 547 -7.06 15.28 34.12
N PHE A 548 -6.00 15.99 34.51
CA PHE A 548 -4.80 16.03 33.71
C PHE A 548 -4.05 14.72 33.76
N ALA A 549 -4.21 13.96 34.85
CA ALA A 549 -3.57 12.68 34.98
C ALA A 549 -4.16 11.64 34.04
N LYS A 550 -5.42 11.81 33.63
CA LYS A 550 -6.02 10.89 32.69
C LYS A 550 -5.40 10.99 31.31
N TYR A 551 -4.99 12.18 30.89
CA TYR A 551 -4.25 12.32 29.65
C TYR A 551 -2.91 11.62 29.72
N TRP A 552 -2.18 11.83 30.80
CA TRP A 552 -0.84 11.29 30.90
C TRP A 552 -0.82 9.81 31.21
N GLN A 553 -1.90 9.26 31.74
CA GLN A 553 -2.02 7.81 31.77
C GLN A 553 -2.20 7.28 30.36
N ALA A 554 -3.00 7.96 29.54
CA ALA A 554 -3.23 7.50 28.18
C ALA A 554 -2.03 7.72 27.28
N PHE A 555 -1.28 8.81 27.51
CA PHE A 555 -0.09 9.07 26.70
C PHE A 555 0.96 8.00 26.92
N ARG A 556 1.11 7.54 28.14
CA ARG A 556 2.11 6.53 28.43
C ARG A 556 1.64 5.15 28.01
N GLN A 557 0.34 4.90 28.02
CA GLN A 557 -0.14 3.58 27.62
C GLN A 557 -0.16 3.41 26.11
N TYR A 558 -0.53 4.44 25.35
CA TYR A 558 -0.68 4.10 23.94
C TYR A 558 0.50 4.64 23.16
N PRO A 559 1.13 3.83 22.30
CA PRO A 559 2.30 4.32 21.56
C PRO A 559 2.00 5.43 20.58
N ARG A 560 0.87 5.39 19.88
CA ARG A 560 0.57 6.42 18.90
C ARG A 560 -0.04 7.68 19.51
N LEU A 561 -0.31 7.70 20.80
CA LEU A 561 -0.61 8.96 21.50
C LEU A 561 0.71 9.51 22.01
N GLN A 562 1.22 10.53 21.35
CA GLN A 562 2.55 11.03 21.69
C GLN A 562 2.53 12.36 22.40
N GLY A 563 1.50 12.61 23.19
CA GLY A 563 1.51 13.77 24.04
C GLY A 563 0.73 14.92 23.49
N GLY A 564 1.10 16.13 23.86
CA GLY A 564 0.31 17.26 23.44
C GLY A 564 0.86 18.54 24.01
N PHE A 565 0.15 19.63 23.70
CA PHE A 565 0.52 20.96 24.10
C PHE A 565 -0.58 21.54 24.97
N VAL A 566 -0.25 21.83 26.23
CA VAL A 566 -1.20 22.42 27.15
C VAL A 566 -1.55 23.84 26.70
N TRP A 567 -2.82 24.19 26.76
CA TRP A 567 -3.25 25.57 26.56
C TRP A 567 -3.45 26.25 27.91
N ASP A 568 -2.66 27.27 28.22
CA ASP A 568 -1.42 27.65 27.55
C ASP A 568 -0.45 28.08 28.63
N TRP A 569 0.62 28.77 28.27
CA TRP A 569 1.70 29.00 29.22
C TRP A 569 1.40 30.14 30.17
N VAL A 570 1.09 31.32 29.66
CA VAL A 570 1.03 32.53 30.47
C VAL A 570 -0.32 33.21 30.26
N ASP A 571 -0.87 33.76 31.35
CA ASP A 571 -2.06 34.60 31.26
C ASP A 571 -1.80 35.83 30.41
N GLN A 572 -2.76 36.16 29.56
CA GLN A 572 -2.70 37.41 28.79
C GLN A 572 -3.41 38.54 29.51
N SER A 573 -3.05 38.79 30.75
CA SER A 573 -3.61 39.91 31.46
C SER A 573 -2.71 41.13 31.29
N LEU A 574 -3.33 42.30 31.27
CA LEU A 574 -2.63 43.56 31.15
C LEU A 574 -2.70 44.31 32.48
N ILE A 575 -1.84 45.30 32.62
CA ILE A 575 -1.75 46.08 33.85
C ILE A 575 -2.47 47.40 33.66
N LYS A 576 -3.39 47.71 34.55
CA LYS A 576 -3.98 49.03 34.68
C LYS A 576 -3.65 49.59 36.06
N TYR A 577 -3.96 50.86 36.26
CA TYR A 577 -3.72 51.55 37.52
C TYR A 577 -5.02 52.18 37.97
N ASP A 578 -5.37 52.02 39.24
CA ASP A 578 -6.75 52.35 39.63
C ASP A 578 -6.96 53.84 39.91
N GLU A 579 -6.47 54.34 41.04
CA GLU A 579 -6.38 55.78 41.26
C GLU A 579 -5.15 56.20 42.06
N ASN A 580 -4.56 55.31 42.85
CA ASN A 580 -3.40 55.61 43.67
C ASN A 580 -2.11 55.20 42.97
N GLY A 581 -2.19 54.82 41.70
CA GLY A 581 -1.05 54.25 41.02
C GLY A 581 -0.78 52.80 41.34
N ASN A 582 -1.70 52.14 42.03
CA ASN A 582 -1.54 50.73 42.32
C ASN A 582 -1.86 49.89 41.10
N PRO A 583 -0.95 49.04 40.64
CA PRO A 583 -1.23 48.22 39.46
C PRO A 583 -2.19 47.10 39.78
N TRP A 584 -3.01 46.74 38.80
CA TRP A 584 -3.88 45.59 38.91
C TRP A 584 -4.04 44.92 37.55
N SER A 585 -4.30 43.62 37.58
CA SER A 585 -4.36 42.81 36.38
C SER A 585 -5.71 42.96 35.71
N ALA A 586 -5.72 43.35 34.45
CA ALA A 586 -6.92 43.59 33.69
C ALA A 586 -7.12 42.50 32.64
N TYR A 587 -8.37 42.18 32.38
CA TYR A 587 -8.72 41.26 31.31
C TYR A 587 -9.66 41.96 30.35
N GLY A 588 -10.26 41.18 29.45
CA GLY A 588 -11.05 41.74 28.37
C GLY A 588 -12.29 42.44 28.89
N GLY A 589 -12.50 43.66 28.41
CA GLY A 589 -13.55 44.51 28.91
C GLY A 589 -13.06 45.67 29.74
N ASP A 590 -11.86 45.58 30.29
CA ASP A 590 -11.37 46.58 31.21
C ASP A 590 -10.79 47.80 30.53
N PHE A 591 -10.74 47.81 29.20
CA PHE A 591 -10.22 48.93 28.46
C PHE A 591 -11.30 49.63 27.65
N GLY A 592 -12.57 49.32 27.90
CA GLY A 592 -13.64 49.86 27.11
C GLY A 592 -13.91 49.14 25.83
N ASP A 593 -13.15 48.09 25.55
CA ASP A 593 -13.34 47.31 24.35
C ASP A 593 -14.64 46.54 24.42
N THR A 594 -15.34 46.48 23.31
CA THR A 594 -16.68 45.97 23.28
C THR A 594 -16.98 45.65 21.83
N PRO A 595 -17.50 44.46 21.55
CA PRO A 595 -17.64 43.34 22.48
C PRO A 595 -16.30 42.67 22.71
N ASN A 596 -16.21 41.94 23.78
CA ASN A 596 -14.97 41.36 24.22
C ASN A 596 -15.25 40.01 24.83
N ASP A 597 -14.22 39.25 25.13
CA ASP A 597 -14.47 37.95 25.69
C ASP A 597 -13.94 37.83 27.09
N ARG A 598 -13.99 38.92 27.82
CA ARG A 598 -13.78 38.91 29.27
C ARG A 598 -12.57 38.12 29.67
N GLN A 599 -12.73 37.13 30.52
CA GLN A 599 -11.56 36.52 31.11
C GLN A 599 -11.00 35.32 30.37
N PHE A 600 -11.48 35.04 29.16
CA PHE A 600 -10.90 33.97 28.37
C PHE A 600 -9.50 34.29 27.85
N CYS A 601 -9.00 35.49 28.10
CA CYS A 601 -7.61 35.79 27.79
C CYS A 601 -6.64 35.18 28.79
N MET A 602 -7.10 34.78 29.96
CA MET A 602 -6.21 34.31 31.00
C MET A 602 -6.35 32.80 31.14
N ASN A 603 -5.48 32.07 30.45
CA ASN A 603 -5.53 30.61 30.45
C ASN A 603 -4.20 30.01 30.85
N GLY A 604 -3.36 30.76 31.52
CA GLY A 604 -1.99 30.35 31.68
C GLY A 604 -1.75 29.42 32.84
N LEU A 605 -0.66 28.68 32.74
CA LEU A 605 -0.12 27.95 33.87
C LEU A 605 0.68 28.85 34.79
N VAL A 606 1.10 30.01 34.32
CA VAL A 606 1.75 31.00 35.17
C VAL A 606 0.97 32.30 35.01
N PHE A 607 1.09 33.15 36.02
CA PHE A 607 0.57 34.50 35.93
C PHE A 607 1.40 35.31 34.94
N ALA A 608 0.89 36.49 34.59
CA ALA A 608 1.54 37.33 33.59
C ALA A 608 2.91 37.82 34.02
N ASP A 609 3.17 37.92 35.33
CA ASP A 609 4.51 38.19 35.82
C ASP A 609 5.32 36.92 36.07
N ARG A 610 4.88 35.79 35.51
CA ARG A 610 5.58 34.50 35.50
C ARG A 610 5.72 33.91 36.89
N THR A 611 4.80 34.16 37.74
CA THR A 611 4.74 33.35 38.94
C THR A 611 3.72 32.23 38.76
N PRO A 612 3.96 31.04 39.31
CA PRO A 612 3.15 29.87 38.95
C PRO A 612 1.76 29.84 39.55
N HIS A 613 0.83 29.31 38.76
CA HIS A 613 -0.41 28.79 39.29
C HIS A 613 -0.14 27.45 39.96
N PRO A 614 -1.05 27.00 40.84
CA PRO A 614 -0.87 25.66 41.43
C PRO A 614 -1.02 24.52 40.44
N ALA A 615 -1.65 24.74 39.29
CA ALA A 615 -1.76 23.69 38.29
C ALA A 615 -0.44 23.37 37.63
N LEU A 616 0.57 24.23 37.74
CA LEU A 616 1.85 23.97 37.13
C LEU A 616 2.57 22.80 37.82
N THR A 617 2.35 22.63 39.12
CA THR A 617 2.93 21.51 39.83
C THR A 617 2.30 20.19 39.40
N GLU A 618 1.01 20.21 39.10
CA GLU A 618 0.36 19.02 38.56
C GLU A 618 0.91 18.67 37.20
N ALA A 619 1.21 19.68 36.38
CA ALA A 619 1.82 19.43 35.08
C ALA A 619 3.23 18.90 35.23
N LYS A 620 3.98 19.40 36.21
CA LYS A 620 5.34 18.93 36.43
C LYS A 620 5.37 17.47 36.85
N HIS A 621 4.44 17.06 37.70
CA HIS A 621 4.44 15.71 38.21
C HIS A 621 3.98 14.71 37.15
N GLN A 622 2.98 15.07 36.36
CA GLN A 622 2.50 14.13 35.35
C GLN A 622 3.45 14.02 34.18
N GLN A 623 4.29 15.02 33.95
CA GLN A 623 5.23 15.02 32.85
C GLN A 623 6.62 14.61 33.25
N GLN A 624 6.80 14.07 34.44
CA GLN A 624 8.13 13.81 34.94
C GLN A 624 8.77 12.65 34.19
N PHE A 625 10.08 12.70 34.06
CA PHE A 625 10.81 11.79 33.20
C PHE A 625 11.20 10.50 33.88
N PHE A 626 10.86 10.32 35.14
CA PHE A 626 11.08 9.08 35.86
C PHE A 626 9.76 8.57 36.36
N GLN A 627 9.47 7.32 36.09
CA GLN A 627 8.28 6.68 36.61
C GLN A 627 8.68 5.67 37.67
N PHE A 628 7.84 5.50 38.66
CA PHE A 628 8.18 4.74 39.84
C PHE A 628 7.14 3.66 40.06
N ARG A 629 7.60 2.50 40.50
CA ARG A 629 6.70 1.44 40.87
C ARG A 629 7.22 0.78 42.13
N LEU A 630 6.33 0.55 43.09
CA LEU A 630 6.68 -0.05 44.36
C LEU A 630 6.18 -1.48 44.40
N SER A 631 7.03 -2.41 44.82
CA SER A 631 6.63 -3.79 45.04
C SER A 631 7.36 -4.28 46.28
N GLY A 632 6.69 -4.22 47.42
CA GLY A 632 7.28 -4.62 48.68
C GLY A 632 8.32 -3.64 49.17
N GLN A 633 9.57 -4.09 49.24
CA GLN A 633 10.69 -3.25 49.63
C GLN A 633 11.42 -2.67 48.43
N THR A 634 10.99 -2.98 47.23
CA THR A 634 11.73 -2.68 46.02
C THR A 634 11.04 -1.56 45.26
N ILE A 635 11.81 -0.55 44.87
CA ILE A 635 11.36 0.52 43.98
C ILE A 635 12.04 0.32 42.65
N GLU A 636 11.27 0.15 41.58
CA GLU A 636 11.87 0.22 40.27
C GLU A 636 11.68 1.62 39.72
N VAL A 637 12.72 2.16 39.11
CA VAL A 637 12.72 3.49 38.55
C VAL A 637 12.87 3.33 37.04
N THR A 638 11.86 3.70 36.30
CA THR A 638 11.89 3.63 34.85
C THR A 638 12.22 5.01 34.30
N SER A 639 13.26 5.09 33.50
CA SER A 639 13.60 6.34 32.84
C SER A 639 12.72 6.53 31.61
N GLU A 640 12.24 7.75 31.41
CA GLU A 640 11.56 8.10 30.17
C GLU A 640 12.40 9.02 29.31
N TYR A 641 13.67 9.20 29.63
CA TYR A 641 14.56 9.87 28.72
C TYR A 641 14.84 8.97 27.53
N LEU A 642 14.96 9.58 26.37
CA LEU A 642 15.23 8.80 25.17
C LEU A 642 16.71 8.71 24.87
N PHE A 643 17.51 9.67 25.32
CA PHE A 643 18.86 9.78 24.81
C PHE A 643 19.92 9.84 25.90
N ARG A 644 19.60 10.41 27.05
CA ARG A 644 20.60 10.62 28.09
C ARG A 644 20.51 9.58 29.19
N HIS A 645 21.67 9.30 29.76
CA HIS A 645 21.78 8.48 30.94
C HIS A 645 21.49 9.41 32.12
N SER A 646 21.08 8.86 33.24
CA SER A 646 20.80 9.66 34.42
C SER A 646 22.10 9.91 35.17
N ASP A 647 22.88 10.86 34.67
CA ASP A 647 24.18 11.15 35.24
C ASP A 647 24.19 12.33 36.18
N ASN A 648 23.05 12.97 36.40
CA ASN A 648 22.92 14.10 37.32
C ASN A 648 21.70 13.89 38.20
N GLU A 649 21.56 12.69 38.75
CA GLU A 649 20.34 12.32 39.46
C GLU A 649 20.68 11.42 40.63
N LEU A 650 20.10 11.70 41.79
CA LEU A 650 20.11 10.77 42.91
C LEU A 650 18.71 10.65 43.47
N LEU A 651 18.36 9.46 43.90
CA LEU A 651 17.05 9.21 44.47
C LEU A 651 17.13 9.37 45.97
N HIS A 652 16.35 10.30 46.51
CA HIS A 652 16.21 10.48 47.94
C HIS A 652 14.88 9.92 48.37
N TRP A 653 14.90 9.02 49.35
CA TRP A 653 13.67 8.44 49.86
C TRP A 653 13.50 8.77 51.33
N MET A 654 12.25 8.81 51.78
CA MET A 654 11.90 9.06 53.17
C MET A 654 10.72 8.19 53.55
N VAL A 655 10.70 7.77 54.80
CA VAL A 655 9.54 7.10 55.38
C VAL A 655 9.09 7.93 56.58
N ALA A 656 7.81 8.26 56.61
CA ALA A 656 7.25 9.08 57.67
C ALA A 656 5.97 8.46 58.20
N LEU A 657 5.71 8.67 59.48
CA LEU A 657 4.50 8.20 60.14
C LEU A 657 3.71 9.42 60.59
N ASP A 658 2.63 9.72 59.86
CA ASP A 658 1.78 10.89 60.08
C ASP A 658 2.59 12.18 60.10
N GLY A 659 3.48 12.32 59.14
CA GLY A 659 4.25 13.52 58.98
C GLY A 659 5.59 13.52 59.69
N LYS A 660 5.78 12.69 60.70
CA LYS A 660 7.09 12.78 61.33
C LYS A 660 8.03 11.73 60.78
N PRO A 661 9.26 12.09 60.43
CA PRO A 661 10.11 11.17 59.67
C PRO A 661 10.72 10.09 60.53
N LEU A 662 10.87 8.92 59.96
CA LEU A 662 11.43 7.77 60.63
C LEU A 662 12.72 7.29 60.02
N ALA A 663 12.79 7.24 58.70
CA ALA A 663 13.99 6.75 58.02
C ALA A 663 14.14 7.51 56.71
N SER A 664 15.37 7.59 56.23
CA SER A 664 15.66 8.27 54.99
C SER A 664 16.92 7.69 54.38
N GLY A 665 17.24 8.12 53.17
CA GLY A 665 18.41 7.63 52.49
C GLY A 665 18.52 8.26 51.11
N GLU A 666 19.70 8.11 50.54
CA GLU A 666 19.98 8.59 49.19
C GLU A 666 20.64 7.49 48.39
N VAL A 667 20.15 7.27 47.17
CA VAL A 667 20.71 6.29 46.24
C VAL A 667 21.01 7.03 44.95
N PRO A 668 22.21 6.88 44.39
CA PRO A 668 22.46 7.46 43.06
C PRO A 668 21.74 6.66 41.99
N LEU A 669 21.14 7.39 41.05
CA LEU A 669 20.48 6.75 39.92
C LEU A 669 21.47 6.53 38.80
N ASP A 670 21.53 5.30 38.32
CA ASP A 670 22.29 4.97 37.12
C ASP A 670 21.34 4.16 36.26
N VAL A 671 20.53 4.85 35.47
CA VAL A 671 19.52 4.19 34.66
C VAL A 671 19.71 4.62 33.21
N ALA A 672 19.65 3.64 32.31
CA ALA A 672 19.83 3.86 30.89
C ALA A 672 18.62 4.60 30.32
N PRO A 673 18.74 5.19 29.13
CA PRO A 673 17.55 5.69 28.44
C PRO A 673 16.56 4.58 28.19
N GLN A 674 15.32 4.81 28.63
CA GLN A 674 14.22 3.86 28.65
C GLN A 674 14.52 2.61 29.45
N GLY A 675 15.46 2.67 30.40
CA GLY A 675 15.84 1.53 31.19
C GLY A 675 15.15 1.51 32.53
N LYS A 676 15.56 0.55 33.35
CA LYS A 676 15.01 0.40 34.70
C LYS A 676 16.15 0.27 35.69
N GLN A 677 15.85 0.57 36.95
CA GLN A 677 16.78 0.36 38.04
C GLN A 677 16.00 -0.02 39.27
N LEU A 678 16.33 -1.18 39.83
CA LEU A 678 15.69 -1.64 41.07
C LEU A 678 16.42 -1.03 42.25
N ILE A 679 15.68 -0.37 43.14
CA ILE A 679 16.22 0.19 44.35
C ILE A 679 15.68 -0.64 45.50
N GLU A 680 16.55 -1.41 46.14
CA GLU A 680 16.16 -2.15 47.33
C GLU A 680 16.23 -1.22 48.53
N LEU A 681 15.11 -1.02 49.19
CA LEU A 681 15.13 -0.24 50.39
C LEU A 681 15.65 -1.10 51.54
N PRO A 682 16.19 -0.47 52.59
CA PRO A 682 16.53 -1.23 53.80
C PRO A 682 15.31 -1.73 54.53
N GLU A 683 15.53 -2.42 55.65
CA GLU A 683 14.42 -2.88 56.46
C GLU A 683 13.74 -1.66 57.08
N LEU A 684 12.58 -1.32 56.54
CA LEU A 684 11.88 -0.12 56.92
C LEU A 684 11.37 -0.24 58.35
N PRO A 685 11.27 0.87 59.09
CA PRO A 685 10.84 0.78 60.49
C PRO A 685 9.38 0.40 60.57
N GLN A 686 9.04 -0.38 61.60
CA GLN A 686 7.70 -0.90 61.82
C GLN A 686 7.22 -0.39 63.17
N PRO A 687 6.75 0.85 63.25
CA PRO A 687 6.32 1.38 64.53
C PRO A 687 4.96 0.85 64.93
N GLU A 688 4.85 0.47 66.20
CA GLU A 688 3.57 0.01 66.74
C GLU A 688 2.65 1.17 67.09
N SER A 689 3.13 2.40 66.98
CA SER A 689 2.26 3.57 67.10
C SER A 689 1.25 3.58 65.97
N ALA A 690 0.07 4.14 66.25
CA ALA A 690 -0.98 4.16 65.27
C ALA A 690 -0.71 5.20 64.20
N GLY A 691 -1.21 4.94 63.00
CA GLY A 691 -1.08 5.91 61.93
C GLY A 691 -0.66 5.29 60.62
N GLN A 692 -0.85 6.03 59.54
CA GLN A 692 -0.45 5.56 58.22
C GLN A 692 1.02 5.88 57.99
N LEU A 693 1.74 4.90 57.46
CA LEU A 693 3.15 5.04 57.13
C LEU A 693 3.26 5.36 55.65
N TRP A 694 4.04 6.39 55.32
CA TRP A 694 4.14 6.89 53.96
C TRP A 694 5.57 6.82 53.46
N LEU A 695 5.76 6.33 52.25
CA LEU A 695 7.05 6.33 51.58
C LEU A 695 7.05 7.40 50.50
N THR A 696 8.02 8.30 50.55
CA THR A 696 8.16 9.36 49.56
C THR A 696 9.52 9.24 48.90
N VAL A 697 9.57 9.23 47.58
CA VAL A 697 10.85 9.29 46.88
C VAL A 697 10.92 10.58 46.08
N ARG A 698 12.13 11.08 45.90
CA ARG A 698 12.39 12.26 45.10
C ARG A 698 13.61 12.02 44.25
N VAL A 699 13.59 12.53 43.03
CA VAL A 699 14.77 12.56 42.20
C VAL A 699 15.33 13.97 42.26
N VAL A 700 16.54 14.09 42.77
CA VAL A 700 17.20 15.37 42.98
C VAL A 700 18.36 15.47 42.00
N GLN A 701 18.51 16.63 41.38
CA GLN A 701 19.67 16.89 40.54
C GLN A 701 20.73 17.58 41.38
N PRO A 702 21.84 16.92 41.70
CA PRO A 702 22.83 17.53 42.60
C PRO A 702 23.57 18.69 41.95
N ASN A 703 23.83 18.63 40.66
CA ASN A 703 24.60 19.64 39.98
C ASN A 703 23.68 20.61 39.26
N ALA A 704 24.09 21.86 39.18
CA ALA A 704 23.37 22.83 38.37
C ALA A 704 23.52 22.50 36.90
N THR A 705 22.50 22.85 36.13
CA THR A 705 22.54 22.72 34.69
C THR A 705 22.45 24.12 34.11
N ALA A 706 22.30 24.19 32.78
CA ALA A 706 22.05 25.46 32.14
C ALA A 706 20.68 26.03 32.51
N TRP A 707 19.75 25.17 32.91
CA TRP A 707 18.38 25.59 33.15
C TRP A 707 17.89 25.33 34.55
N SER A 708 18.71 24.79 35.44
CA SER A 708 18.25 24.50 36.79
C SER A 708 19.36 24.72 37.78
N GLU A 709 18.96 24.97 39.02
CA GLU A 709 19.90 25.14 40.11
C GLU A 709 20.33 23.79 40.65
N ALA A 710 21.30 23.82 41.55
CA ALA A 710 21.69 22.61 42.27
C ALA A 710 20.58 22.23 43.24
N GLY A 711 20.33 20.94 43.37
CA GLY A 711 19.27 20.48 44.23
C GLY A 711 17.89 20.59 43.65
N HIS A 712 17.78 20.71 42.33
CA HIS A 712 16.49 20.76 41.66
C HIS A 712 15.80 19.42 41.75
N ILE A 713 14.55 19.43 42.16
CA ILE A 713 13.74 18.21 42.24
C ILE A 713 13.03 18.05 40.91
N SER A 714 13.27 16.94 40.24
CA SER A 714 12.70 16.73 38.92
C SER A 714 11.56 15.71 38.89
N ALA A 715 11.46 14.84 39.88
CA ALA A 715 10.42 13.83 39.90
C ALA A 715 10.21 13.39 41.33
N TRP A 716 8.99 12.97 41.63
CA TRP A 716 8.68 12.44 42.95
C TRP A 716 7.50 11.50 42.85
N GLN A 717 7.27 10.75 43.91
CA GLN A 717 6.16 9.82 44.02
C GLN A 717 6.01 9.45 45.48
N GLN A 718 4.78 9.23 45.91
CA GLN A 718 4.51 8.85 47.28
C GLN A 718 3.64 7.60 47.29
N TRP A 719 3.84 6.75 48.30
CA TRP A 719 3.04 5.54 48.47
C TRP A 719 2.66 5.38 49.93
N ARG A 720 1.55 4.70 50.17
CA ARG A 720 1.21 4.23 51.51
C ARG A 720 1.86 2.88 51.79
N LEU A 721 2.57 2.82 52.89
CA LEU A 721 3.04 1.57 53.45
C LEU A 721 2.02 1.06 54.46
N ALA A 722 2.42 0.16 55.36
CA ALA A 722 1.53 -0.45 56.34
C ALA A 722 0.88 0.59 57.26
N GLU A 723 -0.36 0.29 57.66
CA GLU A 723 -1.11 1.14 58.57
C GLU A 723 -1.41 0.39 59.85
N ASN A 724 -1.34 1.08 60.98
CA ASN A 724 -1.79 0.55 62.26
C ASN A 724 -3.03 1.33 62.66
N LEU A 725 -4.16 0.65 62.70
CA LEU A 725 -5.39 1.28 63.15
C LEU A 725 -5.35 1.50 64.65
N SER A 726 -5.91 2.61 65.09
CA SER A 726 -5.86 2.99 66.50
C SER A 726 -6.99 2.28 67.25
N VAL A 727 -6.63 1.36 68.13
CA VAL A 727 -7.59 0.66 68.96
C VAL A 727 -7.57 1.18 70.40
N THR A 728 -6.94 2.33 70.63
CA THR A 728 -6.82 2.86 71.99
C THR A 728 -8.12 3.54 72.39
N LEU A 729 -8.61 3.20 73.57
CA LEU A 729 -9.77 3.85 74.14
C LEU A 729 -9.44 5.29 74.49
N PRO A 730 -10.40 6.20 74.42
CA PRO A 730 -10.15 7.57 74.89
C PRO A 730 -10.01 7.59 76.39
N ALA A 731 -9.21 8.55 76.87
CA ALA A 731 -8.97 8.71 78.30
C ALA A 731 -10.24 9.18 78.99
N ALA A 732 -10.76 8.34 79.89
CA ALA A 732 -12.03 8.64 80.56
C ALA A 732 -11.85 9.75 81.56
N SER A 733 -12.11 10.99 81.15
CA SER A 733 -12.08 12.11 82.07
C SER A 733 -13.27 12.02 83.03
N HIS A 734 -13.13 12.69 84.17
CA HIS A 734 -14.15 12.65 85.19
C HIS A 734 -15.12 13.81 85.11
N ALA A 735 -14.78 14.86 84.38
CA ALA A 735 -15.70 15.96 84.21
C ALA A 735 -16.82 15.59 83.25
N ILE A 736 -17.91 16.33 83.34
CA ILE A 736 -19.10 16.11 82.51
C ILE A 736 -19.56 17.47 82.01
N PRO A 737 -19.82 17.63 80.72
CA PRO A 737 -20.38 18.89 80.24
C PRO A 737 -21.82 19.04 80.69
N HIS A 738 -22.18 20.28 81.02
CA HIS A 738 -23.47 20.58 81.60
C HIS A 738 -24.38 21.20 80.56
N LEU A 739 -25.53 20.59 80.33
CA LEU A 739 -26.50 21.09 79.37
C LEU A 739 -27.49 22.02 80.05
N THR A 740 -27.68 23.20 79.49
CA THR A 740 -28.66 24.16 79.95
C THR A 740 -29.56 24.52 78.77
N THR A 741 -30.86 24.36 78.96
CA THR A 741 -31.83 24.55 77.88
C THR A 741 -32.72 25.74 78.21
N SER A 742 -32.58 26.81 77.44
CA SER A 742 -33.57 27.84 77.43
C SER A 742 -34.46 27.63 76.21
N GLU A 743 -35.34 28.56 75.93
CA GLU A 743 -36.17 28.48 74.75
C GLU A 743 -35.51 29.09 73.53
N MET A 744 -34.46 29.90 73.72
CA MET A 744 -33.65 30.41 72.62
C MET A 744 -32.54 29.46 72.23
N ASP A 745 -31.89 28.81 73.19
CA ASP A 745 -30.68 28.08 72.86
C ASP A 745 -30.49 26.86 73.74
N PHE A 746 -29.62 25.97 73.30
CA PHE A 746 -28.98 25.00 74.17
C PHE A 746 -27.60 25.53 74.51
N CYS A 747 -27.25 25.52 75.79
CA CYS A 747 -25.96 25.98 76.23
C CYS A 747 -25.24 24.84 76.93
N ILE A 748 -24.04 24.53 76.48
CA ILE A 748 -23.25 23.44 77.03
C ILE A 748 -21.95 24.05 77.50
N GLU A 749 -21.65 23.90 78.79
CA GLU A 749 -20.41 24.41 79.32
C GLU A 749 -19.60 23.28 79.93
N LEU A 750 -18.28 23.39 79.80
CA LEU A 750 -17.34 22.40 80.33
C LEU A 750 -16.03 23.14 80.59
N GLY A 751 -15.75 23.41 81.85
CA GLY A 751 -14.58 24.21 82.17
C GLY A 751 -14.80 25.64 81.71
N ASN A 752 -13.79 26.20 81.06
CA ASN A 752 -13.94 27.52 80.46
C ASN A 752 -14.61 27.49 79.10
N LYS A 753 -14.73 26.31 78.48
CA LYS A 753 -15.33 26.22 77.16
C LYS A 753 -16.84 26.24 77.24
N ARG A 754 -17.47 26.79 76.22
CA ARG A 754 -18.91 26.89 76.19
C ARG A 754 -19.40 26.86 74.75
N TRP A 755 -20.46 26.10 74.50
CA TRP A 755 -21.04 25.95 73.18
C TRP A 755 -22.48 26.40 73.21
N GLN A 756 -22.92 27.11 72.19
CA GLN A 756 -24.30 27.58 72.11
C GLN A 756 -24.91 27.16 70.80
N PHE A 757 -26.07 26.53 70.86
CA PHE A 757 -26.81 26.08 69.70
C PHE A 757 -28.11 26.85 69.63
N ASN A 758 -28.29 27.66 68.60
CA ASN A 758 -29.54 28.39 68.42
C ASN A 758 -30.67 27.42 68.10
N ARG A 759 -31.71 27.41 68.91
CA ARG A 759 -32.80 26.46 68.72
C ARG A 759 -33.76 26.85 67.61
N GLN A 760 -33.68 28.06 67.09
CA GLN A 760 -34.53 28.42 65.97
C GLN A 760 -33.86 28.17 64.63
N SER A 761 -32.55 28.33 64.54
CA SER A 761 -31.84 27.99 63.32
C SER A 761 -31.34 26.57 63.33
N GLY A 762 -31.04 26.02 64.50
CA GLY A 762 -30.56 24.67 64.60
C GLY A 762 -29.06 24.52 64.48
N PHE A 763 -28.32 25.61 64.35
CA PHE A 763 -26.89 25.51 64.15
C PHE A 763 -26.15 25.93 65.41
N LEU A 764 -24.92 25.46 65.54
CA LEU A 764 -24.03 25.97 66.56
C LEU A 764 -23.70 27.41 66.26
N SER A 765 -24.18 28.31 67.09
CA SER A 765 -24.12 29.73 66.78
C SER A 765 -22.92 30.42 67.41
N GLN A 766 -22.43 29.93 68.54
CA GLN A 766 -21.31 30.60 69.19
C GLN A 766 -20.57 29.59 70.05
N MET A 767 -19.25 29.74 70.13
CA MET A 767 -18.42 28.95 70.99
C MET A 767 -17.52 29.90 71.77
N TRP A 768 -17.29 29.60 73.04
CA TRP A 768 -16.49 30.44 73.93
C TRP A 768 -15.28 29.68 74.44
N ILE A 769 -14.16 30.38 74.53
CA ILE A 769 -13.00 29.92 75.27
C ILE A 769 -12.71 31.01 76.29
N GLY A 770 -13.03 30.74 77.55
CA GLY A 770 -13.04 31.80 78.53
C GLY A 770 -14.19 32.73 78.27
N ASP A 771 -13.89 33.97 77.89
CA ASP A 771 -14.92 34.92 77.49
C ASP A 771 -14.75 35.40 76.07
N LYS A 772 -13.87 34.79 75.29
CA LYS A 772 -13.67 35.16 73.89
C LYS A 772 -14.63 34.37 73.03
N LYS A 773 -15.50 35.08 72.31
CA LYS A 773 -16.30 34.46 71.27
C LYS A 773 -15.39 33.98 70.15
N GLN A 774 -15.63 32.76 69.67
CA GLN A 774 -14.77 32.17 68.67
C GLN A 774 -15.35 32.26 67.27
N LEU A 775 -16.61 32.62 67.13
CA LEU A 775 -17.28 32.61 65.84
C LEU A 775 -17.87 33.98 65.55
N LEU A 776 -17.93 34.31 64.27
CA LEU A 776 -18.65 35.48 63.79
C LEU A 776 -19.91 35.11 63.03
N THR A 777 -20.00 33.88 62.54
CA THR A 777 -21.08 33.36 61.73
C THR A 777 -21.25 31.94 62.23
N PRO A 778 -22.48 31.44 62.35
CA PRO A 778 -22.69 30.08 62.83
C PRO A 778 -22.13 29.02 61.88
N LEU A 779 -21.86 27.86 62.44
CA LEU A 779 -21.39 26.70 61.69
C LEU A 779 -22.55 26.10 60.92
N ARG A 780 -22.59 26.34 59.62
CA ARG A 780 -23.72 25.96 58.79
C ARG A 780 -23.25 25.04 57.66
N ASP A 781 -24.18 24.25 57.15
CA ASP A 781 -23.92 23.44 55.97
C ASP A 781 -23.74 24.33 54.74
N GLN A 782 -22.86 23.89 53.85
CA GLN A 782 -22.63 24.60 52.62
C GLN A 782 -22.64 23.60 51.48
N PHE A 783 -23.42 23.89 50.44
CA PHE A 783 -23.52 22.99 49.32
C PHE A 783 -23.05 23.61 48.02
N THR A 784 -22.53 24.83 48.07
CA THR A 784 -22.13 25.56 46.88
C THR A 784 -20.68 25.99 47.00
N ARG A 785 -20.12 26.40 45.88
CA ARG A 785 -18.83 27.06 45.85
C ARG A 785 -18.95 28.28 44.95
N ALA A 786 -18.05 29.22 45.18
CA ALA A 786 -17.90 30.33 44.24
C ALA A 786 -17.44 29.74 42.92
N PRO A 787 -18.17 29.96 41.83
CA PRO A 787 -17.97 29.14 40.63
C PRO A 787 -16.66 29.43 39.92
N LEU A 788 -16.03 28.36 39.48
CA LEU A 788 -14.78 28.44 38.75
C LEU A 788 -15.07 28.92 37.33
N ASP A 789 -14.00 29.19 36.59
CA ASP A 789 -14.16 29.47 35.16
C ASP A 789 -14.68 28.27 34.41
N ASN A 790 -14.33 27.06 34.85
CA ASN A 790 -14.89 25.87 34.23
C ASN A 790 -16.35 25.67 34.58
N ASP A 791 -16.78 26.15 35.75
CA ASP A 791 -18.19 26.08 36.11
C ASP A 791 -19.01 27.07 35.28
N ILE A 792 -18.42 28.19 34.91
CA ILE A 792 -19.18 29.23 34.21
C ILE A 792 -19.24 28.95 32.73
N GLY A 793 -18.11 28.62 32.12
CA GLY A 793 -18.13 28.37 30.69
C GLY A 793 -18.25 29.65 29.91
N VAL A 794 -19.02 29.61 28.84
CA VAL A 794 -19.28 30.77 28.01
C VAL A 794 -20.59 31.45 28.39
N SER A 795 -21.11 31.18 29.57
CA SER A 795 -22.37 31.77 29.98
C SER A 795 -22.14 33.16 30.55
N GLU A 796 -22.97 34.11 30.16
CA GLU A 796 -23.03 35.40 30.82
C GLU A 796 -24.49 35.79 30.98
N ALA A 797 -24.72 37.02 31.44
CA ALA A 797 -26.08 37.46 31.75
C ALA A 797 -26.92 37.66 30.50
N THR A 798 -26.29 37.95 29.37
CA THR A 798 -27.06 38.12 28.14
C THR A 798 -27.36 36.77 27.49
N ARG A 799 -26.34 35.92 27.33
CA ARG A 799 -26.51 34.59 26.78
C ARG A 799 -26.29 33.57 27.89
N ILE A 800 -27.38 33.00 28.39
CA ILE A 800 -27.29 31.89 29.32
C ILE A 800 -26.92 30.63 28.56
N ASP A 801 -25.86 29.96 29.01
CA ASP A 801 -25.57 28.61 28.55
C ASP A 801 -26.21 27.66 29.56
N PRO A 802 -27.33 27.02 29.23
CA PRO A 802 -28.04 26.22 30.24
C PRO A 802 -27.36 24.93 30.62
N ASN A 803 -26.33 24.50 29.88
CA ASN A 803 -25.62 23.29 30.24
C ASN A 803 -24.50 23.51 31.22
N ALA A 804 -24.04 24.76 31.39
CA ALA A 804 -22.97 25.06 32.31
C ALA A 804 -23.40 24.78 33.74
N TRP A 805 -22.41 24.41 34.57
CA TRP A 805 -22.71 24.00 35.94
C TRP A 805 -23.24 25.15 36.77
N VAL A 806 -22.79 26.37 36.53
CA VAL A 806 -23.28 27.48 37.35
C VAL A 806 -24.71 27.81 36.98
N GLU A 807 -25.13 27.56 35.74
CA GLU A 807 -26.49 27.86 35.36
C GLU A 807 -27.44 26.77 35.80
N ARG A 808 -26.96 25.54 35.93
CA ARG A 808 -27.78 24.49 36.49
C ARG A 808 -27.93 24.66 38.00
N TRP A 809 -26.87 25.10 38.67
CA TRP A 809 -26.93 25.36 40.10
C TRP A 809 -27.82 26.55 40.42
N LYS A 810 -27.79 27.58 39.59
CA LYS A 810 -28.65 28.74 39.82
C LYS A 810 -30.10 28.43 39.52
N ALA A 811 -30.36 27.69 38.44
CA ALA A 811 -31.74 27.35 38.11
C ALA A 811 -32.34 26.38 39.11
N ALA A 812 -31.53 25.51 39.69
CA ALA A 812 -32.02 24.65 40.75
C ALA A 812 -32.11 25.35 42.09
N GLY A 813 -31.56 26.55 42.19
CA GLY A 813 -31.66 27.29 43.42
C GLY A 813 -30.71 26.85 44.51
N HIS A 814 -29.52 26.35 44.15
CA HIS A 814 -28.57 25.96 45.17
C HIS A 814 -27.98 27.17 45.88
N TYR A 815 -27.81 28.28 45.18
CA TYR A 815 -27.24 29.46 45.81
C TYR A 815 -28.24 30.23 46.65
N GLN A 816 -29.53 29.93 46.55
CA GLN A 816 -30.54 30.64 47.31
C GLN A 816 -31.50 29.69 48.02
N ALA A 817 -31.11 28.45 48.24
CA ALA A 817 -31.92 27.54 49.04
C ALA A 817 -31.73 27.88 50.51
N GLU A 818 -32.84 27.94 51.23
CA GLU A 818 -32.82 28.31 52.64
C GLU A 818 -32.97 27.06 53.50
N ALA A 819 -32.21 27.02 54.58
CA ALA A 819 -32.30 25.91 55.51
C ALA A 819 -33.54 26.07 56.37
N ALA A 820 -34.25 24.97 56.58
CA ALA A 820 -35.41 24.93 57.45
C ALA A 820 -35.15 23.85 58.49
N LEU A 821 -35.21 24.23 59.76
CA LEU A 821 -34.98 23.28 60.84
C LEU A 821 -36.14 22.29 60.92
N LEU A 822 -35.83 21.01 60.78
CA LEU A 822 -36.84 19.98 60.91
C LEU A 822 -37.03 19.54 62.36
N GLN A 823 -35.93 19.25 63.05
CA GLN A 823 -36.01 18.92 64.45
C GLN A 823 -34.67 19.23 65.11
N CYS A 824 -34.72 19.43 66.42
CA CYS A 824 -33.54 19.67 67.22
C CYS A 824 -33.77 19.10 68.60
N THR A 825 -32.89 18.18 69.01
CA THR A 825 -32.98 17.57 70.33
C THR A 825 -31.64 17.69 71.03
N ALA A 826 -31.68 17.77 72.35
CA ALA A 826 -30.47 17.78 73.16
C ALA A 826 -30.65 16.84 74.32
N ASP A 827 -29.66 16.02 74.57
CA ASP A 827 -29.75 14.96 75.57
C ASP A 827 -28.42 14.84 76.29
N THR A 828 -28.49 14.54 77.57
CA THR A 828 -27.30 14.30 78.38
C THR A 828 -27.09 12.81 78.50
N LEU A 829 -25.89 12.36 78.16
CA LEU A 829 -25.53 10.96 78.28
C LEU A 829 -24.80 10.74 79.59
N ALA A 830 -24.22 9.54 79.75
CA ALA A 830 -23.45 9.26 80.95
C ALA A 830 -22.12 10.00 80.95
N ASP A 831 -21.59 10.31 79.77
CA ASP A 831 -20.30 10.98 79.70
C ASP A 831 -20.26 12.09 78.67
N ALA A 832 -21.37 12.45 78.05
CA ALA A 832 -21.35 13.43 76.97
C ALA A 832 -22.71 14.10 76.88
N VAL A 833 -22.75 15.16 76.10
CA VAL A 833 -24.00 15.82 75.71
C VAL A 833 -24.19 15.57 74.23
N LEU A 834 -25.40 15.16 73.85
CA LEU A 834 -25.70 14.78 72.48
C LEU A 834 -26.73 15.75 71.93
N ILE A 835 -26.35 16.49 70.89
CA ILE A 835 -27.25 17.40 70.21
C ILE A 835 -27.48 16.84 68.82
N THR A 836 -28.74 16.72 68.44
CA THR A 836 -29.14 16.10 67.17
C THR A 836 -30.04 17.07 66.43
N THR A 837 -29.66 17.42 65.21
CA THR A 837 -30.45 18.35 64.41
C THR A 837 -30.76 17.75 63.05
N ALA A 838 -31.71 18.37 62.36
CA ALA A 838 -32.06 17.98 61.01
C ALA A 838 -32.55 19.21 60.27
N HIS A 839 -31.99 19.46 59.10
CA HIS A 839 -32.37 20.60 58.29
C HIS A 839 -32.76 20.14 56.90
N ALA A 840 -33.58 20.94 56.25
CA ALA A 840 -33.93 20.72 54.86
C ALA A 840 -33.68 21.99 54.08
N TRP A 841 -33.10 21.84 52.89
CA TRP A 841 -32.89 22.95 51.99
C TRP A 841 -33.93 22.88 50.88
N GLN A 842 -34.79 23.87 50.84
CA GLN A 842 -35.92 23.85 49.94
C GLN A 842 -35.85 25.06 49.02
N HIS A 843 -36.24 24.85 47.77
CA HIS A 843 -36.33 25.92 46.80
C HIS A 843 -37.62 25.72 46.03
N GLN A 844 -38.58 26.62 46.26
CA GLN A 844 -39.89 26.63 45.60
C GLN A 844 -40.64 25.31 45.85
N GLY A 845 -40.65 24.89 47.11
CA GLY A 845 -41.35 23.70 47.51
C GLY A 845 -40.63 22.40 47.26
N LYS A 846 -39.51 22.41 46.57
CA LYS A 846 -38.76 21.22 46.25
C LYS A 846 -37.58 21.11 47.21
N THR A 847 -37.51 20.02 47.95
CA THR A 847 -36.42 19.82 48.90
C THR A 847 -35.17 19.38 48.16
N LEU A 848 -34.13 20.20 48.22
CA LEU A 848 -32.90 19.89 47.52
C LEU A 848 -32.02 18.95 48.34
N PHE A 849 -31.78 19.31 49.59
CA PHE A 849 -30.86 18.58 50.44
C PHE A 849 -31.52 18.39 51.79
N ILE A 850 -31.19 17.29 52.45
CA ILE A 850 -31.52 17.08 53.85
C ILE A 850 -30.24 16.73 54.58
N SER A 851 -29.93 17.48 55.62
CA SER A 851 -28.76 17.24 56.43
C SER A 851 -29.18 16.88 57.85
N ARG A 852 -28.66 15.77 58.36
CA ARG A 852 -28.92 15.33 59.71
C ARG A 852 -27.61 15.29 60.46
N LYS A 853 -27.50 16.04 61.53
CA LYS A 853 -26.25 16.14 62.24
C LYS A 853 -26.37 15.61 63.65
N THR A 854 -25.22 15.32 64.22
CA THR A 854 -25.09 14.84 65.58
C THR A 854 -23.87 15.50 66.18
N TYR A 855 -24.07 16.23 67.27
CA TYR A 855 -22.99 16.91 67.98
C TYR A 855 -22.81 16.19 69.30
N ARG A 856 -21.59 15.74 69.55
CA ARG A 856 -21.30 15.00 70.78
C ARG A 856 -20.15 15.69 71.49
N ILE A 857 -20.45 16.45 72.54
CA ILE A 857 -19.43 17.09 73.35
C ILE A 857 -19.17 16.20 74.55
N ASP A 858 -17.96 15.67 74.66
CA ASP A 858 -17.63 14.78 75.76
C ASP A 858 -16.90 15.54 76.85
N GLY A 859 -16.41 14.80 77.85
CA GLY A 859 -15.76 15.42 79.00
C GLY A 859 -14.37 15.94 78.72
N SER A 860 -13.77 15.56 77.61
CA SER A 860 -12.45 16.05 77.24
C SER A 860 -12.51 17.37 76.49
N GLY A 861 -13.69 17.92 76.27
CA GLY A 861 -13.83 19.15 75.52
C GLY A 861 -13.93 18.99 74.03
N GLN A 862 -13.79 17.78 73.51
CA GLN A 862 -13.89 17.55 72.08
C GLN A 862 -15.34 17.54 71.66
N MET A 863 -15.62 18.10 70.49
CA MET A 863 -16.95 18.06 69.90
C MET A 863 -16.88 17.23 68.63
N ALA A 864 -17.47 16.04 68.68
CA ALA A 864 -17.52 15.17 67.51
C ALA A 864 -18.78 15.47 66.73
N ILE A 865 -18.62 15.85 65.47
CA ILE A 865 -19.73 16.15 64.58
C ILE A 865 -19.81 15.04 63.56
N THR A 866 -20.97 14.42 63.42
CA THR A 866 -21.23 13.50 62.32
C THR A 866 -22.34 14.09 61.49
N VAL A 867 -22.17 14.10 60.18
CA VAL A 867 -23.11 14.73 59.26
C VAL A 867 -23.57 13.68 58.26
N ASP A 868 -24.87 13.56 58.09
CA ASP A 868 -25.46 12.69 57.08
C ASP A 868 -26.30 13.55 56.15
N VAL A 869 -25.95 13.56 54.87
CA VAL A 869 -26.60 14.42 53.89
C VAL A 869 -27.26 13.54 52.84
N VAL A 870 -28.52 13.83 52.55
CA VAL A 870 -29.23 13.21 51.44
C VAL A 870 -29.47 14.27 50.38
N VAL A 871 -29.12 13.95 49.13
CA VAL A 871 -29.27 14.86 48.01
C VAL A 871 -30.34 14.30 47.10
N ALA A 872 -31.27 15.15 46.67
CA ALA A 872 -32.29 14.75 45.72
C ALA A 872 -31.65 14.37 44.38
N SER A 873 -32.10 13.26 43.81
CA SER A 873 -31.41 12.73 42.65
C SER A 873 -31.66 13.54 41.39
N ASP A 874 -32.75 14.31 41.34
CA ASP A 874 -33.05 15.10 40.16
C ASP A 874 -32.46 16.50 40.19
N THR A 875 -31.98 16.95 41.32
CA THR A 875 -31.27 18.23 41.29
C THR A 875 -29.88 17.98 40.72
N PRO A 876 -29.26 18.98 40.09
CA PRO A 876 -27.86 18.82 39.68
C PRO A 876 -26.97 18.60 40.88
N HIS A 877 -25.89 17.87 40.65
CA HIS A 877 -25.09 17.41 41.76
C HIS A 877 -24.36 18.58 42.41
N PRO A 878 -24.33 18.63 43.74
CA PRO A 878 -23.79 19.82 44.41
C PRO A 878 -22.29 19.93 44.25
N ALA A 879 -21.81 21.16 44.31
CA ALA A 879 -20.39 21.43 44.18
C ALA A 879 -19.60 20.94 45.37
N ARG A 880 -20.19 20.94 46.54
CA ARG A 880 -19.51 20.45 47.72
C ARG A 880 -20.57 20.01 48.71
N ILE A 881 -20.14 19.25 49.70
CA ILE A 881 -20.95 18.90 50.84
C ILE A 881 -20.08 19.09 52.06
N GLY A 882 -20.36 20.14 52.81
CA GLY A 882 -19.50 20.44 53.94
C GLY A 882 -20.07 21.52 54.80
N LEU A 883 -19.22 22.03 55.67
CA LEU A 883 -19.58 23.02 56.66
C LEU A 883 -18.83 24.30 56.40
N ASN A 884 -19.41 25.44 56.77
CA ASN A 884 -18.62 26.64 56.85
C ASN A 884 -18.94 27.43 58.10
N CYS A 885 -17.97 28.23 58.51
CA CYS A 885 -18.11 29.16 59.60
C CYS A 885 -17.11 30.27 59.40
N GLN A 886 -17.39 31.42 59.99
CA GLN A 886 -16.44 32.51 60.02
C GLN A 886 -15.87 32.56 61.43
N LEU A 887 -14.61 32.21 61.56
CA LEU A 887 -13.95 32.27 62.86
C LEU A 887 -13.66 33.73 63.20
N ALA A 888 -13.60 34.02 64.49
CA ALA A 888 -13.21 35.36 64.91
C ALA A 888 -11.70 35.53 64.93
N GLN A 889 -10.96 34.44 65.07
CA GLN A 889 -9.51 34.46 65.07
C GLN A 889 -8.96 34.81 63.70
N VAL A 890 -7.91 35.62 63.66
CA VAL A 890 -7.06 35.76 62.49
C VAL A 890 -5.67 35.36 62.96
N ALA A 891 -5.29 34.12 62.70
CA ALA A 891 -3.95 33.65 63.02
C ALA A 891 -3.05 33.81 61.81
N GLU A 892 -1.75 33.70 62.04
CA GLU A 892 -0.84 34.03 60.95
C GLU A 892 -0.44 32.79 60.15
N ARG A 893 -0.48 31.60 60.76
CA ARG A 893 -0.04 30.40 60.06
C ARG A 893 -1.06 29.29 60.17
N VAL A 894 -1.16 28.51 59.09
CA VAL A 894 -2.06 27.37 59.00
C VAL A 894 -1.22 26.12 58.98
N ASN A 895 -1.55 25.17 59.84
CA ASN A 895 -0.80 23.94 59.99
C ASN A 895 -1.74 22.77 59.72
N TRP A 896 -1.37 21.88 58.80
CA TRP A 896 -2.28 20.76 58.57
C TRP A 896 -1.50 19.51 58.21
N LEU A 897 -2.09 18.38 58.54
CA LEU A 897 -1.60 17.07 58.15
C LEU A 897 -2.48 16.57 57.01
N GLY A 898 -1.96 16.62 55.80
CA GLY A 898 -2.77 16.26 54.65
C GLY A 898 -1.98 16.47 53.39
N LEU A 899 -2.69 16.53 52.28
CA LEU A 899 -2.02 16.70 51.01
C LEU A 899 -1.68 18.17 50.79
N GLY A 900 -0.49 18.41 50.29
CA GLY A 900 -0.05 19.76 50.07
C GLY A 900 1.34 19.82 49.47
N PRO A 901 2.04 20.94 49.68
CA PRO A 901 1.65 22.21 50.27
C PRO A 901 0.63 23.00 49.46
N GLN A 902 0.73 22.94 48.14
CA GLN A 902 -0.15 23.69 47.24
C GLN A 902 -1.59 23.22 47.20
N GLU A 903 -2.48 24.10 46.74
CA GLU A 903 -3.89 23.79 46.65
C GLU A 903 -4.11 22.64 45.71
N ASN A 904 -5.06 21.77 46.06
CA ASN A 904 -5.36 20.60 45.26
C ASN A 904 -6.82 20.23 45.43
N TYR A 905 -7.34 19.59 44.41
CA TYR A 905 -8.74 19.27 44.24
C TYR A 905 -8.85 17.78 43.97
N PRO A 906 -10.03 17.17 44.11
CA PRO A 906 -10.14 15.71 43.93
C PRO A 906 -9.71 15.19 42.57
N ASP A 907 -9.84 15.96 41.51
CA ASP A 907 -9.28 15.54 40.24
C ASP A 907 -7.98 16.26 39.89
N ARG A 908 -7.36 16.95 40.84
CA ARG A 908 -6.05 17.54 40.62
C ARG A 908 -5.19 17.38 41.89
N LEU A 909 -5.06 16.16 42.40
CA LEU A 909 -4.30 15.97 43.62
C LEU A 909 -3.13 15.00 43.47
N THR A 910 -2.77 14.58 42.27
CA THR A 910 -1.70 13.58 42.15
C THR A 910 -0.34 14.17 42.47
N ALA A 911 -0.16 15.47 42.28
CA ALA A 911 1.11 16.11 42.55
C ALA A 911 1.30 16.44 44.01
N ALA A 912 0.23 16.49 44.80
CA ALA A 912 0.36 16.83 46.20
C ALA A 912 0.89 15.65 46.99
N CYS A 913 1.62 15.94 48.05
CA CYS A 913 2.17 14.91 48.91
C CYS A 913 1.53 15.00 50.29
N PHE A 914 1.30 13.85 50.89
CA PHE A 914 0.80 13.80 52.26
C PHE A 914 1.96 14.06 53.20
N ASP A 915 1.86 15.11 54.00
CA ASP A 915 2.90 15.44 54.97
C ASP A 915 2.28 16.42 55.97
N ARG A 916 3.08 16.82 56.95
CA ARG A 916 2.76 17.93 57.82
C ARG A 916 3.18 19.22 57.14
N TRP A 917 2.23 20.08 56.82
CA TRP A 917 2.52 21.31 56.10
C TRP A 917 2.21 22.50 56.98
N ASP A 918 3.00 23.56 56.82
CA ASP A 918 2.81 24.77 57.62
C ASP A 918 3.08 25.96 56.72
N LEU A 919 2.05 26.75 56.46
CA LEU A 919 2.13 27.89 55.58
C LEU A 919 1.52 29.11 56.25
N PRO A 920 1.93 30.31 55.86
CA PRO A 920 1.17 31.49 56.27
C PRO A 920 -0.19 31.51 55.60
N LEU A 921 -1.10 32.27 56.21
CA LEU A 921 -2.50 32.30 55.76
C LEU A 921 -2.63 32.90 54.36
N SER A 922 -1.72 33.77 53.97
CA SER A 922 -1.74 34.30 52.61
C SER A 922 -1.37 33.26 51.56
N ASP A 923 -0.64 32.22 51.93
CA ASP A 923 -0.36 31.14 50.98
C ASP A 923 -1.53 30.18 50.82
N MET A 924 -2.53 30.26 51.68
CA MET A 924 -3.69 29.41 51.57
C MET A 924 -4.74 29.99 50.63
N TYR A 925 -4.47 31.16 50.07
CA TYR A 925 -5.32 31.80 49.08
C TYR A 925 -4.57 31.90 47.76
N THR A 926 -5.18 31.41 46.70
CA THR A 926 -4.58 31.52 45.39
C THR A 926 -5.16 32.73 44.69
N PRO A 927 -4.38 33.74 44.38
CA PRO A 927 -4.96 34.98 43.83
C PRO A 927 -5.21 34.88 42.34
N TYR A 928 -6.23 34.13 41.96
CA TYR A 928 -6.69 34.13 40.58
C TYR A 928 -7.27 35.49 40.26
N VAL A 929 -6.99 35.99 39.05
CA VAL A 929 -7.39 37.33 38.67
C VAL A 929 -8.91 37.44 38.61
N PHE A 930 -9.56 36.43 38.05
CA PHE A 930 -10.99 36.29 38.22
C PHE A 930 -11.23 35.47 39.48
N PRO A 931 -11.81 36.03 40.53
CA PRO A 931 -11.90 35.31 41.80
C PRO A 931 -12.90 34.16 41.74
N SER A 932 -12.56 33.07 42.41
CA SER A 932 -13.39 31.88 42.45
C SER A 932 -13.01 31.08 43.68
N GLU A 933 -13.62 29.91 43.81
CA GLU A 933 -13.17 28.89 44.75
C GLU A 933 -11.70 28.58 44.54
N ASN A 934 -10.94 28.60 45.61
CA ASN A 934 -9.53 28.35 45.53
C ASN A 934 -8.99 27.96 46.87
N GLY A 935 -7.78 27.42 46.90
CA GLY A 935 -7.09 27.14 48.14
C GLY A 935 -7.48 25.86 48.84
N LEU A 936 -8.23 24.98 48.17
CA LEU A 936 -8.65 23.74 48.82
C LEU A 936 -7.47 22.81 49.00
N ARG A 937 -7.43 22.15 50.15
CA ARG A 937 -6.46 21.10 50.40
C ARG A 937 -7.22 19.83 50.71
N CYS A 938 -6.98 18.78 49.93
CA CYS A 938 -7.70 17.54 50.09
C CYS A 938 -6.92 16.59 50.99
N GLY A 939 -7.58 15.49 51.35
CA GLY A 939 -6.94 14.40 52.06
C GLY A 939 -6.43 14.76 53.44
N THR A 940 -7.06 15.72 54.10
CA THR A 940 -6.53 16.29 55.33
C THR A 940 -7.05 15.50 56.52
N ARG A 941 -6.14 15.09 57.39
CA ARG A 941 -6.53 14.36 58.58
C ARG A 941 -6.52 15.22 59.84
N GLU A 942 -5.85 16.36 59.81
CA GLU A 942 -5.73 17.24 60.95
C GLU A 942 -5.48 18.65 60.45
N LEU A 943 -6.16 19.62 61.04
CA LEU A 943 -6.01 21.03 60.68
C LEU A 943 -5.85 21.85 61.95
N ASN A 944 -4.80 22.66 62.01
CA ASN A 944 -4.51 23.51 63.15
C ASN A 944 -4.54 24.96 62.72
N TYR A 945 -5.36 25.76 63.39
CA TYR A 945 -5.43 27.19 63.07
C TYR A 945 -5.73 27.94 64.36
N GLY A 946 -4.75 28.67 64.87
CA GLY A 946 -4.87 29.34 66.13
C GLY A 946 -4.99 28.35 67.27
N PRO A 947 -6.01 28.52 68.12
CA PRO A 947 -6.24 27.55 69.18
C PRO A 947 -6.98 26.31 68.73
N HIS A 948 -7.57 26.33 67.54
CA HIS A 948 -8.48 25.28 67.12
C HIS A 948 -7.77 24.12 66.47
N GLN A 949 -8.36 22.95 66.58
CA GLN A 949 -7.89 21.77 65.87
C GLN A 949 -9.08 20.98 65.37
N TRP A 950 -9.05 20.64 64.09
CA TRP A 950 -10.08 19.81 63.48
C TRP A 950 -9.44 18.51 63.03
N ARG A 951 -10.15 17.40 63.23
CA ARG A 951 -9.66 16.10 62.83
C ARG A 951 -10.75 15.33 62.12
N GLY A 952 -10.33 14.43 61.24
CA GLY A 952 -11.23 13.62 60.46
C GLY A 952 -10.57 13.17 59.18
N ASP A 953 -11.32 13.14 58.09
CA ASP A 953 -10.72 13.06 56.76
C ASP A 953 -11.58 13.95 55.87
N PHE A 954 -11.04 15.11 55.55
CA PHE A 954 -11.85 16.17 55.00
C PHE A 954 -11.02 16.98 54.02
N GLN A 955 -11.70 17.86 53.32
CA GLN A 955 -11.09 18.89 52.51
C GLN A 955 -11.37 20.22 53.16
N PHE A 956 -10.43 21.14 53.08
CA PHE A 956 -10.66 22.44 53.66
C PHE A 956 -10.09 23.51 52.75
N ASN A 957 -10.66 24.71 52.85
CA ASN A 957 -9.90 25.89 52.51
C ASN A 957 -10.16 26.95 53.57
N ILE A 958 -9.22 27.87 53.69
CA ILE A 958 -9.24 28.82 54.77
C ILE A 958 -8.69 30.14 54.25
N SER A 959 -9.47 31.20 54.39
CA SER A 959 -9.12 32.47 53.77
C SER A 959 -9.85 33.59 54.48
N ARG A 960 -9.55 34.80 54.06
CA ARG A 960 -10.21 35.99 54.57
C ARG A 960 -11.41 36.38 53.72
N TYR A 961 -11.74 35.63 52.68
CA TYR A 961 -12.79 35.98 51.75
C TYR A 961 -13.88 34.93 51.80
N SER A 962 -15.12 35.37 51.94
CA SER A 962 -16.23 34.44 51.90
C SER A 962 -16.45 33.94 50.48
N GLN A 963 -17.17 32.82 50.38
CA GLN A 963 -17.57 32.32 49.07
C GLN A 963 -18.54 33.26 48.39
N GLN A 964 -19.33 33.99 49.16
CA GLN A 964 -20.24 34.98 48.59
C GLN A 964 -19.47 36.14 47.98
N GLN A 965 -18.41 36.60 48.65
CA GLN A 965 -17.63 37.70 48.11
C GLN A 965 -16.86 37.28 46.88
N LEU A 966 -16.30 36.06 46.88
CA LEU A 966 -15.58 35.56 45.72
C LEU A 966 -16.50 35.37 44.51
N MET A 967 -17.78 35.10 44.76
CA MET A 967 -18.72 34.92 43.67
C MET A 967 -19.10 36.25 43.02
N GLU A 968 -19.23 37.30 43.81
CA GLU A 968 -19.79 38.56 43.33
C GLU A 968 -18.73 39.57 42.91
N THR A 969 -17.45 39.24 42.99
CA THR A 969 -16.37 40.15 42.69
C THR A 969 -15.70 39.75 41.40
N SER A 970 -15.50 40.70 40.51
CA SER A 970 -15.01 40.39 39.17
C SER A 970 -13.49 40.37 39.05
N HIS A 971 -12.79 41.08 39.92
CA HIS A 971 -11.34 41.18 39.86
C HIS A 971 -10.76 40.93 41.24
N ARG A 972 -9.55 40.40 41.29
CA ARG A 972 -8.94 40.09 42.57
C ARG A 972 -8.51 41.34 43.33
N HIS A 973 -8.31 42.46 42.66
CA HIS A 973 -7.89 43.66 43.37
C HIS A 973 -9.06 44.33 44.08
N LEU A 974 -10.28 43.94 43.76
CA LEU A 974 -11.47 44.47 44.42
C LEU A 974 -11.89 43.64 45.62
N LEU A 975 -11.16 42.59 45.95
CA LEU A 975 -11.44 41.80 47.13
C LEU A 975 -10.90 42.52 48.37
N HIS A 976 -11.72 42.59 49.40
CA HIS A 976 -11.30 43.10 50.69
C HIS A 976 -11.38 41.99 51.71
N ALA A 977 -10.37 41.92 52.58
CA ALA A 977 -10.34 40.90 53.62
C ALA A 977 -11.44 41.16 54.62
N GLU A 978 -12.23 40.13 54.90
CA GLU A 978 -13.33 40.30 55.84
C GLU A 978 -12.81 40.16 57.25
N GLU A 979 -13.69 40.47 58.21
CA GLU A 979 -13.33 40.32 59.61
C GLU A 979 -13.21 38.84 59.94
N GLY A 980 -12.14 38.47 60.62
CA GLY A 980 -12.04 37.08 60.96
C GLY A 980 -11.60 36.23 59.77
N THR A 981 -11.85 34.93 59.90
CA THR A 981 -11.34 33.97 58.94
C THR A 981 -12.46 33.02 58.53
N TRP A 982 -12.68 32.91 57.22
CA TRP A 982 -13.66 31.98 56.69
C TRP A 982 -13.05 30.60 56.55
N LEU A 983 -13.66 29.62 57.18
CA LEU A 983 -13.26 28.24 57.08
C LEU A 983 -14.35 27.44 56.40
N ASN A 984 -14.00 26.72 55.35
CA ASN A 984 -14.88 25.72 54.77
C ASN A 984 -14.25 24.37 55.06
N ILE A 985 -15.01 23.45 55.64
CA ILE A 985 -14.55 22.08 55.79
C ILE A 985 -15.53 21.19 55.05
N ASP A 986 -15.04 20.49 54.04
CA ASP A 986 -15.88 19.66 53.19
C ASP A 986 -15.57 18.20 53.47
N GLY A 987 -16.63 17.41 53.65
CA GLY A 987 -16.45 15.98 53.53
C GLY A 987 -16.22 15.57 52.10
N PHE A 988 -16.84 16.27 51.16
CA PHE A 988 -16.88 15.87 49.76
C PHE A 988 -16.83 17.12 48.90
N HIS A 989 -16.10 17.06 47.80
CA HIS A 989 -15.96 18.22 46.94
C HIS A 989 -15.94 17.74 45.49
N MET A 990 -16.63 18.45 44.63
CA MET A 990 -16.68 18.12 43.21
C MET A 990 -15.33 18.42 42.55
N GLY A 991 -15.01 17.64 41.52
CA GLY A 991 -13.86 17.95 40.70
C GLY A 991 -14.02 19.26 39.95
N ILE A 992 -12.90 19.76 39.45
CA ILE A 992 -12.87 21.08 38.83
C ILE A 992 -12.95 21.03 37.30
N GLY A 993 -12.67 19.89 36.69
CA GLY A 993 -12.71 19.80 35.26
C GLY A 993 -11.55 20.53 34.61
N GLY A 994 -11.70 20.74 33.31
CA GLY A 994 -10.67 21.45 32.60
C GLY A 994 -10.18 20.78 31.33
N ASP A 995 -10.94 19.81 30.82
CA ASP A 995 -10.73 19.37 29.45
C ASP A 995 -10.96 20.52 28.49
N ASP A 996 -12.02 21.29 28.72
CA ASP A 996 -12.18 22.60 28.12
C ASP A 996 -12.96 23.47 29.09
N SER A 997 -13.08 24.74 28.76
CA SER A 997 -13.75 25.69 29.64
C SER A 997 -14.98 26.28 28.98
N TRP A 998 -15.61 25.54 28.09
CA TRP A 998 -16.83 26.02 27.45
C TRP A 998 -17.87 24.92 27.30
N SER A 999 -17.64 23.77 27.89
CA SER A 999 -18.61 22.70 28.02
C SER A 999 -18.34 22.05 29.36
N PRO A 1000 -19.32 21.34 29.93
CA PRO A 1000 -19.07 20.63 31.19
C PRO A 1000 -18.03 19.54 31.01
N SER A 1001 -16.97 19.63 31.80
CA SER A 1001 -15.82 18.76 31.63
C SER A 1001 -15.43 18.02 32.91
N VAL A 1002 -16.26 18.05 33.94
CA VAL A 1002 -16.00 17.24 35.12
C VAL A 1002 -16.51 15.83 34.84
N SER A 1003 -15.61 14.86 34.90
CA SER A 1003 -15.97 13.49 34.62
C SER A 1003 -16.83 12.93 35.75
N ALA A 1004 -17.52 11.82 35.43
CA ALA A 1004 -18.58 11.32 36.29
C ALA A 1004 -18.07 10.79 37.62
N GLU A 1005 -16.83 10.34 37.67
CA GLU A 1005 -16.29 9.84 38.93
C GLU A 1005 -15.87 10.94 39.89
N PHE A 1006 -15.93 12.21 39.48
CA PHE A 1006 -15.64 13.32 40.36
C PHE A 1006 -16.86 14.20 40.60
N GLN A 1007 -18.03 13.78 40.16
CA GLN A 1007 -19.25 14.47 40.48
C GLN A 1007 -19.84 13.87 41.75
N LEU A 1008 -20.54 14.68 42.52
CA LEU A 1008 -21.10 14.22 43.78
C LEU A 1008 -22.49 13.66 43.51
N SER A 1009 -22.51 12.42 43.03
CA SER A 1009 -23.72 11.82 42.51
C SER A 1009 -24.24 10.65 43.34
N ALA A 1010 -23.66 10.39 44.51
CA ALA A 1010 -24.01 9.19 45.25
C ALA A 1010 -25.36 9.28 45.94
N GLY A 1011 -25.90 10.47 46.14
CA GLY A 1011 -27.18 10.64 46.76
C GLY A 1011 -27.20 10.69 48.27
N ARG A 1012 -26.33 9.94 48.92
CA ARG A 1012 -26.20 9.95 50.38
C ARG A 1012 -24.74 10.09 50.74
N TYR A 1013 -24.45 10.95 51.70
CA TYR A 1013 -23.09 11.26 52.06
C TYR A 1013 -22.95 11.32 53.56
N HIS A 1014 -21.83 10.86 54.06
CA HIS A 1014 -21.54 10.83 55.48
C HIS A 1014 -20.11 11.29 55.70
N TYR A 1015 -19.91 12.14 56.70
CA TYR A 1015 -18.57 12.48 57.12
C TYR A 1015 -18.58 12.84 58.58
N GLN A 1016 -17.41 12.80 59.19
CA GLN A 1016 -17.24 13.00 60.62
C GLN A 1016 -16.12 13.98 60.87
N LEU A 1017 -16.33 14.87 61.84
CA LEU A 1017 -15.31 15.80 62.28
C LEU A 1017 -15.19 15.76 63.78
N VAL A 1018 -14.02 16.12 64.28
CA VAL A 1018 -13.81 16.38 65.69
C VAL A 1018 -13.24 17.78 65.80
N TRP A 1019 -13.98 18.67 66.47
CA TRP A 1019 -13.50 20.01 66.79
C TRP A 1019 -12.94 19.95 68.20
N CYS A 1020 -11.74 20.47 68.42
CA CYS A 1020 -11.23 20.53 69.77
C CYS A 1020 -10.31 21.73 69.93
N GLN A 1021 -9.75 21.87 71.12
CA GLN A 1021 -8.71 22.84 71.42
C GLN A 1021 -7.60 22.19 72.21
N MET B 1 8.45 -64.87 11.89
CA MET B 1 8.08 -63.49 11.65
C MET B 1 7.14 -63.35 10.44
N ILE B 2 5.84 -63.42 10.72
CA ILE B 2 4.84 -63.32 9.67
C ILE B 2 4.74 -61.88 9.18
N THR B 3 4.80 -60.92 10.10
CA THR B 3 4.65 -59.52 9.72
C THR B 3 5.88 -58.95 9.02
N ASP B 4 7.00 -59.64 9.03
CA ASP B 4 8.15 -59.23 8.25
C ASP B 4 8.16 -59.83 6.85
N SER B 5 7.25 -60.74 6.55
CA SER B 5 7.29 -61.47 5.29
C SER B 5 6.83 -60.58 4.14
N LEU B 6 7.15 -61.00 2.93
CA LEU B 6 6.76 -60.26 1.75
C LEU B 6 5.25 -60.30 1.53
N ALA B 7 4.59 -61.37 1.97
CA ALA B 7 3.15 -61.46 1.76
C ALA B 7 2.39 -60.46 2.62
N VAL B 8 2.95 -60.08 3.76
CA VAL B 8 2.29 -59.13 4.64
C VAL B 8 2.69 -57.69 4.33
N VAL B 9 3.98 -57.47 4.10
CA VAL B 9 4.48 -56.13 3.81
C VAL B 9 3.92 -55.61 2.50
N LEU B 10 3.84 -56.47 1.48
CA LEU B 10 3.38 -56.00 0.18
C LEU B 10 1.88 -56.01 0.03
N GLN B 11 1.14 -56.53 1.01
CA GLN B 11 -0.31 -56.59 0.86
C GLN B 11 -0.93 -55.22 1.07
N ARG B 12 -0.31 -54.40 1.89
CA ARG B 12 -0.80 -53.04 2.10
C ARG B 12 -0.70 -52.18 0.86
N ARG B 13 0.30 -52.42 0.11
CA ARG B 13 0.57 -51.72 -1.16
C ARG B 13 0.76 -50.22 -0.91
N ASP B 14 1.82 -49.92 -0.17
CA ASP B 14 2.14 -48.54 0.20
C ASP B 14 2.52 -47.68 -1.00
N TRP B 15 2.92 -48.29 -2.10
CA TRP B 15 3.29 -47.55 -3.29
C TRP B 15 2.10 -47.17 -4.15
N GLU B 16 0.89 -47.50 -3.74
CA GLU B 16 -0.32 -47.05 -4.41
C GLU B 16 -1.20 -46.24 -3.48
N ASN B 17 -0.59 -45.53 -2.54
CA ASN B 17 -1.31 -44.82 -1.48
C ASN B 17 -0.58 -43.50 -1.26
N PRO B 18 -1.12 -42.40 -1.77
CA PRO B 18 -0.46 -41.10 -1.56
C PRO B 18 -0.52 -40.61 -0.13
N GLY B 19 -1.37 -41.19 0.71
CA GLY B 19 -1.35 -40.88 2.12
C GLY B 19 -0.18 -41.48 2.87
N VAL B 20 0.48 -42.48 2.30
CA VAL B 20 1.66 -43.08 2.91
C VAL B 20 2.82 -42.79 1.99
N THR B 21 3.69 -41.87 2.40
CA THR B 21 4.90 -41.59 1.64
C THR B 21 6.14 -42.13 2.30
N GLN B 22 6.05 -42.54 3.56
CA GLN B 22 7.17 -43.11 4.28
C GLN B 22 6.63 -43.89 5.46
N LEU B 23 7.42 -44.86 5.92
CA LEU B 23 7.14 -45.56 7.16
C LEU B 23 8.46 -45.68 7.91
N ASN B 24 8.49 -45.20 9.15
CA ASN B 24 9.63 -45.27 10.07
C ASN B 24 10.85 -44.53 9.55
N ARG B 25 10.66 -43.52 8.72
CA ARG B 25 11.77 -42.74 8.21
C ARG B 25 12.07 -41.59 9.15
N LEU B 26 13.35 -41.33 9.39
CA LEU B 26 13.76 -40.29 10.32
C LEU B 26 13.55 -38.91 9.70
N ALA B 27 13.69 -37.88 10.53
CA ALA B 27 13.44 -36.52 10.10
C ALA B 27 14.56 -36.00 9.21
N ALA B 28 14.19 -35.09 8.32
CA ALA B 28 15.15 -34.46 7.43
C ALA B 28 15.98 -33.42 8.19
N HIS B 29 17.19 -33.21 7.72
CA HIS B 29 18.18 -32.39 8.43
C HIS B 29 19.30 -32.07 7.45
N PRO B 30 20.15 -31.08 7.76
CA PRO B 30 21.37 -30.86 6.97
C PRO B 30 22.30 -32.05 7.06
N PRO B 31 23.25 -32.17 6.12
CA PRO B 31 24.14 -33.35 6.11
C PRO B 31 25.04 -33.39 7.34
N PHE B 32 25.04 -34.53 8.01
CA PHE B 32 25.80 -34.78 9.22
C PHE B 32 26.94 -35.73 8.94
N ALA B 33 28.04 -35.55 9.65
CA ALA B 33 29.12 -36.51 9.65
C ALA B 33 29.43 -37.04 11.03
N SER B 34 28.99 -36.37 12.08
CA SER B 34 29.17 -36.75 13.49
C SER B 34 30.66 -36.91 13.82
N TRP B 35 31.39 -35.82 13.66
CA TRP B 35 32.78 -35.80 14.10
C TRP B 35 32.83 -35.84 15.62
N ARG B 36 33.76 -36.60 16.15
CA ARG B 36 33.99 -36.63 17.58
C ARG B 36 35.22 -35.83 17.96
N ASN B 37 35.75 -35.06 17.02
CA ASN B 37 36.89 -34.18 17.21
C ASN B 37 36.57 -32.89 16.48
N SER B 38 36.68 -31.77 17.18
CA SER B 38 36.25 -30.51 16.58
C SER B 38 37.26 -29.96 15.58
N GLU B 39 38.53 -30.29 15.73
CA GLU B 39 39.52 -29.88 14.74
C GLU B 39 39.34 -30.68 13.45
N GLU B 40 38.93 -31.94 13.58
CA GLU B 40 38.62 -32.74 12.41
C GLU B 40 37.35 -32.25 11.72
N ALA B 41 36.42 -31.70 12.49
CA ALA B 41 35.22 -31.12 11.88
C ALA B 41 35.53 -29.81 11.18
N ARG B 42 36.48 -29.05 11.70
CA ARG B 42 36.81 -27.75 11.11
C ARG B 42 37.49 -27.92 9.76
N THR B 43 38.46 -28.81 9.67
CA THR B 43 39.22 -29.02 8.45
C THR B 43 38.54 -29.99 7.49
N ASP B 44 37.33 -30.44 7.83
CA ASP B 44 36.46 -31.23 6.96
C ASP B 44 37.10 -32.56 6.59
N ARG B 45 37.90 -33.12 7.50
CA ARG B 45 38.47 -34.43 7.28
C ARG B 45 37.37 -35.49 7.40
N PRO B 46 37.50 -36.62 6.71
CA PRO B 46 36.41 -37.61 6.72
C PRO B 46 36.23 -38.25 8.08
N SER B 47 34.97 -38.35 8.48
CA SER B 47 34.61 -38.86 9.78
C SER B 47 34.63 -40.37 9.80
N GLN B 48 35.11 -40.95 10.90
CA GLN B 48 35.07 -42.39 11.06
C GLN B 48 33.70 -42.90 11.45
N GLN B 49 32.78 -42.01 11.77
CA GLN B 49 31.42 -42.38 12.14
C GLN B 49 30.48 -42.35 10.95
N LEU B 50 30.95 -41.89 9.80
CA LEU B 50 30.21 -41.94 8.56
C LEU B 50 30.87 -42.97 7.66
N ARG B 51 30.18 -44.05 7.38
CA ARG B 51 30.72 -45.18 6.66
C ARG B 51 29.95 -45.38 5.36
N SER B 52 30.65 -45.34 4.24
CA SER B 52 30.01 -45.53 2.95
C SER B 52 29.75 -47.01 2.70
N LEU B 53 28.56 -47.30 2.18
CA LEU B 53 28.20 -48.66 1.77
C LEU B 53 28.17 -48.80 0.26
N ASN B 54 28.73 -47.83 -0.46
CA ASN B 54 28.82 -47.94 -1.91
C ASN B 54 29.81 -49.03 -2.28
N GLY B 55 29.56 -49.64 -3.44
CA GLY B 55 30.40 -50.72 -3.87
C GLY B 55 29.58 -51.82 -4.47
N GLU B 56 30.00 -53.07 -4.29
CA GLU B 56 29.33 -54.18 -4.94
C GLU B 56 28.23 -54.73 -4.06
N TRP B 57 27.03 -54.78 -4.62
CA TRP B 57 25.81 -55.25 -4.02
C TRP B 57 25.30 -56.41 -4.85
N ARG B 58 24.41 -57.20 -4.29
CA ARG B 58 23.77 -58.25 -5.07
C ARG B 58 22.46 -57.74 -5.60
N PHE B 59 22.12 -58.11 -6.83
CA PHE B 59 20.95 -57.56 -7.48
C PHE B 59 20.18 -58.66 -8.20
N ALA B 60 18.86 -58.63 -8.07
CA ALA B 60 17.99 -59.48 -8.86
C ALA B 60 16.84 -58.65 -9.38
N TRP B 61 16.50 -58.85 -10.64
CA TRP B 61 15.41 -58.12 -11.28
C TRP B 61 14.17 -58.99 -11.30
N PHE B 62 13.02 -58.36 -11.08
CA PHE B 62 11.74 -59.05 -11.10
C PHE B 62 10.72 -58.20 -11.82
N PRO B 63 9.79 -58.82 -12.55
CA PRO B 63 8.80 -58.03 -13.28
C PRO B 63 7.72 -57.43 -12.41
N ALA B 64 7.55 -57.89 -11.19
CA ALA B 64 6.48 -57.44 -10.32
C ALA B 64 6.92 -57.67 -8.88
N PRO B 65 6.38 -56.92 -7.92
CA PRO B 65 6.73 -57.19 -6.51
C PRO B 65 6.24 -58.54 -6.02
N GLU B 66 5.16 -59.07 -6.60
CA GLU B 66 4.63 -60.35 -6.19
C GLU B 66 5.49 -61.51 -6.65
N ALA B 67 6.38 -61.30 -7.60
CA ALA B 67 7.24 -62.35 -8.11
C ALA B 67 8.49 -62.56 -7.28
N VAL B 68 8.72 -61.74 -6.27
CA VAL B 68 9.90 -61.89 -5.43
C VAL B 68 9.68 -63.04 -4.46
N PRO B 69 10.59 -64.01 -4.37
CA PRO B 69 10.39 -65.13 -3.46
C PRO B 69 10.69 -64.75 -2.02
N GLU B 70 10.04 -65.46 -1.10
CA GLU B 70 10.19 -65.21 0.34
C GLU B 70 11.59 -65.52 0.84
N SER B 71 12.34 -66.35 0.13
CA SER B 71 13.69 -66.71 0.56
C SER B 71 14.68 -65.56 0.39
N TRP B 72 14.33 -64.55 -0.40
CA TRP B 72 15.21 -63.40 -0.61
C TRP B 72 15.44 -62.61 0.66
N LEU B 73 14.49 -62.64 1.60
CA LEU B 73 14.64 -61.93 2.86
C LEU B 73 15.70 -62.53 3.76
N GLU B 74 16.06 -63.79 3.55
CA GLU B 74 17.03 -64.45 4.42
C GLU B 74 18.40 -64.59 3.78
N CYS B 75 18.46 -65.07 2.55
CA CYS B 75 19.74 -65.29 1.90
C CYS B 75 19.66 -64.80 0.47
N ASP B 76 20.84 -64.65 -0.14
CA ASP B 76 20.92 -64.21 -1.52
C ASP B 76 20.34 -65.26 -2.46
N LEU B 77 19.68 -64.79 -3.50
CA LEU B 77 19.18 -65.65 -4.55
C LEU B 77 20.36 -66.25 -5.33
N PRO B 78 20.17 -67.43 -5.92
CA PRO B 78 21.24 -67.96 -6.77
C PRO B 78 21.40 -67.20 -8.07
N GLU B 79 20.33 -66.62 -8.61
CA GLU B 79 20.39 -65.88 -9.86
C GLU B 79 20.79 -64.43 -9.69
N ALA B 80 21.19 -64.03 -8.48
CA ALA B 80 21.52 -62.64 -8.23
C ALA B 80 22.88 -62.30 -8.82
N ASP B 81 22.94 -61.20 -9.55
CA ASP B 81 24.16 -60.67 -10.11
C ASP B 81 24.82 -59.72 -9.12
N THR B 82 26.03 -59.30 -9.42
CA THR B 82 26.76 -58.36 -8.58
C THR B 82 26.87 -57.03 -9.32
N VAL B 83 26.19 -56.01 -8.82
CA VAL B 83 26.19 -54.71 -9.45
C VAL B 83 26.90 -53.72 -8.53
N VAL B 84 27.34 -52.62 -9.11
CA VAL B 84 27.92 -51.53 -8.36
C VAL B 84 26.79 -50.58 -7.96
N VAL B 85 26.74 -50.22 -6.69
CA VAL B 85 25.82 -49.22 -6.17
C VAL B 85 26.63 -47.99 -5.80
N PRO B 86 26.26 -46.78 -6.24
CA PRO B 86 25.05 -46.37 -6.96
C PRO B 86 25.01 -46.68 -8.45
N SER B 87 23.83 -47.06 -8.93
CA SER B 87 23.59 -47.27 -10.35
C SER B 87 22.10 -47.23 -10.61
N ASN B 88 21.76 -47.00 -11.87
CA ASN B 88 20.44 -47.29 -12.39
C ASN B 88 20.48 -48.66 -13.05
N TRP B 89 19.45 -49.47 -12.84
CA TRP B 89 19.55 -50.83 -13.37
C TRP B 89 19.26 -50.89 -14.86
N GLN B 90 18.64 -49.86 -15.43
CA GLN B 90 18.45 -49.82 -16.88
C GLN B 90 19.76 -49.61 -17.62
N MET B 91 20.78 -49.07 -16.96
CA MET B 91 22.10 -48.92 -17.54
C MET B 91 22.92 -50.19 -17.46
N HIS B 92 22.38 -51.25 -16.88
CA HIS B 92 23.03 -52.55 -16.83
C HIS B 92 22.25 -53.60 -17.57
N GLY B 93 21.28 -53.20 -18.38
CA GLY B 93 20.55 -54.10 -19.22
C GLY B 93 19.59 -55.03 -18.52
N TYR B 94 18.72 -54.48 -17.67
CA TYR B 94 17.68 -55.29 -17.04
C TYR B 94 16.28 -54.99 -17.55
N ASP B 95 15.97 -53.73 -17.84
CA ASP B 95 14.87 -53.39 -18.72
C ASP B 95 15.25 -52.10 -19.43
N ALA B 96 14.27 -51.50 -20.10
CA ALA B 96 14.73 -50.39 -20.91
C ALA B 96 14.49 -49.06 -20.21
N PRO B 97 15.38 -48.10 -20.38
CA PRO B 97 15.04 -46.73 -19.99
C PRO B 97 14.00 -46.17 -20.94
N ILE B 98 13.13 -45.34 -20.39
CA ILE B 98 12.04 -44.74 -21.14
C ILE B 98 12.29 -43.24 -21.19
N TYR B 99 12.28 -42.68 -22.38
CA TYR B 99 12.27 -41.23 -22.50
C TYR B 99 10.90 -40.77 -22.94
N THR B 100 10.27 -39.95 -22.11
CA THR B 100 9.02 -39.30 -22.45
C THR B 100 9.02 -37.92 -21.82
N ASN B 101 8.41 -36.97 -22.53
CA ASN B 101 8.39 -35.58 -22.05
C ASN B 101 7.16 -35.35 -21.20
N VAL B 102 5.98 -35.41 -21.81
CA VAL B 102 4.76 -34.99 -21.15
C VAL B 102 3.93 -36.18 -20.72
N THR B 103 3.72 -37.12 -21.64
CA THR B 103 2.92 -38.29 -21.37
C THR B 103 3.59 -39.15 -20.30
N TYR B 104 2.81 -39.55 -19.30
CA TYR B 104 3.31 -40.45 -18.29
C TYR B 104 3.70 -41.78 -18.94
N PRO B 105 4.78 -42.41 -18.47
CA PRO B 105 5.17 -43.72 -19.00
C PRO B 105 4.30 -44.87 -18.52
N ILE B 106 3.32 -44.60 -17.66
CA ILE B 106 2.35 -45.58 -17.22
C ILE B 106 0.96 -45.07 -17.58
N THR B 107 -0.03 -45.92 -17.36
CA THR B 107 -1.42 -45.50 -17.53
C THR B 107 -1.79 -44.52 -16.44
N VAL B 108 -2.39 -43.39 -16.83
CA VAL B 108 -2.74 -42.34 -15.89
C VAL B 108 -4.01 -42.78 -15.16
N ASN B 109 -3.83 -43.32 -13.97
CA ASN B 109 -4.95 -43.70 -13.10
C ASN B 109 -4.51 -43.54 -11.65
N PRO B 110 -4.38 -42.30 -11.18
CA PRO B 110 -3.81 -42.09 -9.86
C PRO B 110 -4.78 -42.51 -8.77
N PRO B 111 -4.27 -43.12 -7.69
CA PRO B 111 -2.86 -43.36 -7.42
C PRO B 111 -2.32 -44.71 -7.83
N PHE B 112 -2.97 -45.37 -8.79
CA PHE B 112 -2.62 -46.76 -9.10
C PHE B 112 -1.54 -46.81 -10.16
N VAL B 113 -0.65 -47.78 -10.01
CA VAL B 113 0.45 -48.00 -10.94
C VAL B 113 0.19 -49.33 -11.62
N PRO B 114 0.86 -49.70 -12.72
CA PRO B 114 0.62 -51.02 -13.30
C PRO B 114 1.05 -52.15 -12.38
N THR B 115 0.35 -53.27 -12.51
CA THR B 115 0.75 -54.47 -11.79
C THR B 115 2.07 -55.00 -12.30
N GLU B 116 2.38 -54.76 -13.57
CA GLU B 116 3.69 -55.04 -14.15
C GLU B 116 4.66 -53.91 -13.74
N ASN B 117 5.04 -53.95 -12.48
CA ASN B 117 5.86 -52.92 -11.86
C ASN B 117 7.26 -53.49 -11.64
N PRO B 118 8.24 -53.14 -12.48
CA PRO B 118 9.57 -53.76 -12.42
C PRO B 118 10.27 -53.49 -11.09
N THR B 119 10.83 -54.56 -10.55
CA THR B 119 11.25 -54.57 -9.15
C THR B 119 12.72 -54.95 -9.07
N GLY B 120 13.50 -54.11 -8.44
CA GLY B 120 14.90 -54.42 -8.25
C GLY B 120 15.19 -54.79 -6.82
N CYS B 121 15.70 -55.99 -6.61
CA CYS B 121 15.98 -56.50 -5.27
C CYS B 121 17.48 -56.40 -5.01
N TYR B 122 17.86 -55.44 -4.20
CA TYR B 122 19.23 -55.21 -3.82
C TYR B 122 19.51 -55.87 -2.49
N SER B 123 20.72 -56.35 -2.31
CA SER B 123 21.12 -56.87 -1.02
C SER B 123 22.61 -56.65 -0.81
N LEU B 124 22.97 -56.37 0.44
CA LEU B 124 24.35 -56.11 0.82
C LEU B 124 24.63 -56.84 2.12
N THR B 125 25.75 -57.57 2.15
CA THR B 125 26.25 -58.19 3.36
C THR B 125 27.44 -57.38 3.85
N PHE B 126 27.42 -57.01 5.13
CA PHE B 126 28.40 -56.06 5.64
C PHE B 126 28.60 -56.30 7.12
N ASN B 127 29.76 -55.90 7.61
CA ASN B 127 30.15 -56.08 9.01
C ASN B 127 30.05 -54.77 9.75
N VAL B 128 29.45 -54.81 10.93
CA VAL B 128 29.42 -53.68 11.84
C VAL B 128 30.31 -54.02 13.02
N ASP B 129 31.24 -53.13 13.35
CA ASP B 129 32.04 -53.35 14.55
C ASP B 129 31.19 -53.17 15.80
N GLU B 130 31.60 -53.84 16.86
CA GLU B 130 30.77 -53.92 18.05
C GLU B 130 30.73 -52.60 18.81
N SER B 131 31.67 -51.70 18.54
CA SER B 131 31.68 -50.40 19.20
C SER B 131 30.50 -49.54 18.76
N TRP B 132 29.97 -49.79 17.56
CA TRP B 132 28.78 -49.04 17.14
C TRP B 132 27.54 -49.55 17.83
N LEU B 133 27.56 -50.78 18.32
CA LEU B 133 26.35 -51.38 18.86
C LEU B 133 26.27 -51.21 20.37
N GLN B 134 27.39 -50.91 21.01
CA GLN B 134 27.39 -50.77 22.47
C GLN B 134 26.68 -49.50 22.90
N GLU B 135 26.86 -48.41 22.18
CA GLU B 135 26.15 -47.18 22.53
C GLU B 135 25.84 -46.40 21.26
N GLY B 136 24.86 -45.53 21.37
CA GLY B 136 24.56 -44.61 20.31
C GLY B 136 23.54 -45.14 19.33
N GLN B 137 23.35 -44.36 18.28
CA GLN B 137 22.36 -44.62 17.25
C GLN B 137 23.08 -44.87 15.94
N THR B 138 22.69 -45.93 15.24
CA THR B 138 23.21 -46.21 13.92
C THR B 138 22.08 -46.10 12.91
N ARG B 139 22.22 -45.17 11.98
CA ARG B 139 21.22 -45.01 10.94
C ARG B 139 21.82 -45.34 9.58
N ILE B 140 20.95 -45.73 8.66
CA ILE B 140 21.33 -45.91 7.27
C ILE B 140 20.75 -44.75 6.46
N ILE B 141 21.52 -44.24 5.53
CA ILE B 141 21.12 -43.10 4.73
C ILE B 141 21.13 -43.53 3.27
N PHE B 142 19.97 -43.50 2.65
CA PHE B 142 19.84 -43.69 1.20
C PHE B 142 19.68 -42.31 0.58
N ASP B 143 20.73 -41.80 -0.06
CA ASP B 143 20.66 -40.46 -0.62
C ASP B 143 19.72 -40.33 -1.81
N GLY B 144 19.39 -41.43 -2.49
CA GLY B 144 18.35 -41.37 -3.49
C GLY B 144 17.99 -42.74 -4.02
N VAL B 145 16.71 -43.08 -4.01
CA VAL B 145 16.22 -44.37 -4.49
C VAL B 145 15.00 -44.14 -5.35
N ASN B 146 15.08 -44.53 -6.60
CA ASN B 146 14.03 -44.30 -7.59
C ASN B 146 13.36 -45.63 -7.87
N SER B 147 12.08 -45.77 -7.53
CA SER B 147 11.18 -44.73 -7.08
C SER B 147 10.74 -44.85 -5.63
N ALA B 148 10.37 -46.06 -5.23
CA ALA B 148 9.96 -46.35 -3.88
C ALA B 148 10.64 -47.64 -3.44
N PHE B 149 10.78 -47.81 -2.14
CA PHE B 149 11.49 -48.98 -1.66
C PHE B 149 11.03 -49.39 -0.27
N HIS B 150 11.01 -50.70 -0.04
CA HIS B 150 10.95 -51.27 1.28
C HIS B 150 12.33 -51.73 1.69
N LEU B 151 12.61 -51.67 2.98
CA LEU B 151 13.91 -51.97 3.54
C LEU B 151 13.79 -53.06 4.60
N TRP B 152 14.63 -54.08 4.49
CA TRP B 152 14.77 -55.11 5.50
C TRP B 152 16.20 -55.12 6.01
N CYS B 153 16.38 -55.36 7.30
CA CYS B 153 17.69 -55.58 7.88
C CYS B 153 17.64 -56.85 8.69
N ASN B 154 18.44 -57.84 8.27
CA ASN B 154 18.51 -59.17 8.88
C ASN B 154 17.15 -59.85 8.90
N GLY B 155 16.40 -59.71 7.80
CA GLY B 155 15.11 -60.32 7.68
C GLY B 155 13.96 -59.58 8.33
N ARG B 156 14.24 -58.51 9.08
CA ARG B 156 13.21 -57.76 9.76
C ARG B 156 12.90 -56.49 8.98
N TRP B 157 11.62 -56.20 8.81
CA TRP B 157 11.20 -55.04 8.05
C TRP B 157 11.51 -53.76 8.80
N VAL B 158 12.24 -52.86 8.16
CA VAL B 158 12.65 -51.61 8.76
C VAL B 158 11.69 -50.48 8.40
N GLY B 159 11.46 -50.26 7.11
CA GLY B 159 10.65 -49.12 6.74
C GLY B 159 10.42 -49.03 5.25
N TYR B 160 9.90 -47.89 4.85
CA TYR B 160 9.44 -47.61 3.50
C TYR B 160 9.77 -46.18 3.16
N GLY B 161 10.06 -45.90 1.90
CA GLY B 161 10.38 -44.55 1.47
C GLY B 161 9.90 -44.27 0.06
N GLN B 162 9.65 -42.99 -0.21
CA GLN B 162 9.40 -42.46 -1.54
C GLN B 162 10.22 -41.18 -1.69
N ASP B 163 9.89 -40.37 -2.71
CA ASP B 163 10.62 -39.16 -3.10
C ASP B 163 12.06 -39.49 -3.47
N SER B 164 12.24 -39.93 -4.72
CA SER B 164 13.50 -40.45 -5.23
C SER B 164 14.68 -39.49 -5.08
N ARG B 165 14.44 -38.19 -4.96
CA ARG B 165 15.55 -37.26 -5.05
C ARG B 165 16.00 -36.69 -3.72
N LEU B 166 15.41 -37.10 -2.62
CA LEU B 166 15.85 -36.65 -1.31
C LEU B 166 16.29 -37.83 -0.46
N PRO B 167 17.17 -37.62 0.51
CA PRO B 167 17.65 -38.75 1.31
C PRO B 167 16.60 -39.33 2.25
N SER B 168 16.62 -40.64 2.35
CA SER B 168 15.77 -41.39 3.27
C SER B 168 16.64 -42.03 4.34
N GLU B 169 16.33 -41.77 5.60
CA GLU B 169 17.14 -42.26 6.70
C GLU B 169 16.31 -43.13 7.63
N PHE B 170 16.91 -44.22 8.08
CA PHE B 170 16.21 -45.21 8.90
C PHE B 170 17.12 -45.60 10.05
N ASP B 171 16.56 -45.66 11.24
CA ASP B 171 17.31 -46.09 12.42
C ASP B 171 17.45 -47.61 12.39
N LEU B 172 18.69 -48.09 12.39
CA LEU B 172 18.95 -49.52 12.33
C LEU B 172 19.49 -50.09 13.63
N SER B 173 19.55 -49.30 14.69
CA SER B 173 20.27 -49.72 15.89
C SER B 173 19.55 -50.85 16.64
N ALA B 174 18.26 -51.03 16.44
CA ALA B 174 17.54 -52.17 16.99
C ALA B 174 17.51 -53.35 16.03
N PHE B 175 18.19 -53.27 14.90
CA PHE B 175 18.16 -54.30 13.88
C PHE B 175 19.51 -54.94 13.64
N LEU B 176 20.59 -54.21 13.87
CA LEU B 176 21.92 -54.72 13.60
C LEU B 176 22.37 -55.66 14.70
N ARG B 177 23.18 -56.63 14.32
CA ARG B 177 23.83 -57.54 15.24
C ARG B 177 25.34 -57.42 15.06
N ALA B 178 26.08 -57.95 16.01
CA ALA B 178 27.52 -57.90 15.92
C ALA B 178 28.02 -58.87 14.85
N GLY B 179 29.01 -58.45 14.11
CA GLY B 179 29.53 -59.27 13.03
C GLY B 179 28.77 -59.04 11.73
N GLU B 180 28.22 -60.10 11.17
CA GLU B 180 27.72 -60.08 9.81
C GLU B 180 26.23 -59.73 9.75
N ASN B 181 25.90 -58.78 8.88
CA ASN B 181 24.55 -58.24 8.74
C ASN B 181 24.16 -58.29 7.28
N ARG B 182 22.88 -58.49 7.02
CA ARG B 182 22.36 -58.47 5.66
C ARG B 182 21.26 -57.43 5.55
N LEU B 183 21.24 -56.73 4.43
CA LEU B 183 20.44 -55.55 4.21
C LEU B 183 19.72 -55.72 2.89
N ALA B 184 18.42 -55.95 2.92
CA ALA B 184 17.67 -56.23 1.70
C ALA B 184 16.78 -55.05 1.34
N VAL B 185 16.96 -54.53 0.13
CA VAL B 185 16.23 -53.35 -0.34
C VAL B 185 15.44 -53.75 -1.57
N MET B 186 14.14 -53.56 -1.54
CA MET B 186 13.29 -53.91 -2.66
C MET B 186 12.81 -52.62 -3.32
N VAL B 187 13.36 -52.30 -4.48
CA VAL B 187 13.12 -51.03 -5.14
C VAL B 187 12.07 -51.21 -6.23
N LEU B 188 11.05 -50.37 -6.23
CA LEU B 188 10.00 -50.44 -7.23
C LEU B 188 10.19 -49.34 -8.26
N ARG B 189 9.83 -49.65 -9.51
CA ARG B 189 9.99 -48.64 -10.55
C ARG B 189 8.88 -47.60 -10.50
N TRP B 190 7.64 -48.02 -10.29
CA TRP B 190 6.53 -47.09 -10.28
C TRP B 190 5.89 -47.06 -8.91
N SER B 191 5.45 -45.88 -8.50
CA SER B 191 4.72 -45.72 -7.27
C SER B 191 3.75 -44.57 -7.45
N ASP B 192 2.97 -44.30 -6.40
CA ASP B 192 2.15 -43.09 -6.36
C ASP B 192 3.00 -41.83 -6.48
N GLY B 193 4.24 -41.86 -6.00
CA GLY B 193 5.15 -40.76 -6.17
C GLY B 193 5.58 -40.51 -7.59
N SER B 194 5.41 -41.49 -8.48
CA SER B 194 5.73 -41.29 -9.88
C SER B 194 4.79 -40.32 -10.57
N TYR B 195 3.59 -40.12 -10.03
CA TYR B 195 2.70 -39.11 -10.58
C TYR B 195 3.20 -37.70 -10.30
N LEU B 196 4.05 -37.52 -9.30
CA LEU B 196 4.63 -36.22 -9.00
C LEU B 196 6.02 -36.06 -9.60
N GLU B 197 6.47 -37.00 -10.41
CA GLU B 197 7.83 -37.02 -10.92
C GLU B 197 7.83 -37.16 -12.43
N ASP B 198 7.07 -36.30 -13.10
CA ASP B 198 6.91 -36.36 -14.54
C ASP B 198 7.83 -35.37 -15.25
N GLN B 199 9.07 -35.25 -14.78
CA GLN B 199 10.05 -34.39 -15.43
C GLN B 199 10.43 -34.94 -16.80
N ASP B 200 10.81 -34.03 -17.68
CA ASP B 200 11.24 -34.33 -19.04
C ASP B 200 12.65 -34.90 -18.99
N MET B 201 12.76 -36.20 -18.78
CA MET B 201 14.06 -36.85 -18.70
C MET B 201 13.86 -38.34 -18.92
N TRP B 202 14.97 -39.07 -18.94
CA TRP B 202 14.93 -40.52 -18.99
C TRP B 202 14.35 -41.07 -17.71
N ARG B 203 13.42 -42.00 -17.82
CA ARG B 203 12.87 -42.57 -16.62
C ARG B 203 13.65 -43.82 -16.33
N MET B 204 14.47 -43.74 -15.30
CA MET B 204 15.31 -44.81 -14.82
C MET B 204 14.91 -45.12 -13.38
N SER B 205 15.60 -46.08 -12.78
CA SER B 205 15.23 -46.54 -11.46
C SER B 205 16.40 -47.27 -10.84
N GLY B 206 16.37 -47.37 -9.52
CA GLY B 206 17.38 -48.07 -8.79
C GLY B 206 17.90 -47.24 -7.65
N ILE B 207 18.96 -47.72 -7.01
CA ILE B 207 19.63 -46.97 -5.96
C ILE B 207 20.70 -46.15 -6.66
N PHE B 208 20.37 -44.92 -6.99
CA PHE B 208 21.19 -44.15 -7.91
C PHE B 208 22.04 -43.09 -7.20
N ARG B 209 21.93 -42.97 -5.89
CA ARG B 209 22.84 -42.13 -5.12
C ARG B 209 23.43 -42.96 -4.00
N ASP B 210 24.27 -42.31 -3.19
CA ASP B 210 25.11 -43.01 -2.23
C ASP B 210 24.31 -43.61 -1.09
N VAL B 211 24.83 -44.70 -0.53
CA VAL B 211 24.27 -45.34 0.64
C VAL B 211 25.33 -45.31 1.73
N SER B 212 24.96 -44.88 2.93
CA SER B 212 25.95 -44.78 3.98
C SER B 212 25.34 -45.11 5.33
N LEU B 213 26.20 -45.43 6.28
CA LEU B 213 25.84 -45.61 7.68
C LEU B 213 26.41 -44.50 8.52
N LEU B 214 25.63 -44.00 9.46
CA LEU B 214 26.05 -42.92 10.33
C LEU B 214 25.87 -43.32 11.78
N HIS B 215 26.90 -43.19 12.56
CA HIS B 215 26.79 -43.49 13.94
C HIS B 215 26.82 -42.19 14.70
N LYS B 216 25.82 -41.95 15.46
CA LYS B 216 25.57 -40.78 16.28
C LYS B 216 25.55 -41.19 17.75
N PRO B 217 25.95 -40.33 18.67
CA PRO B 217 25.78 -40.64 20.09
C PRO B 217 24.32 -40.55 20.51
N THR B 218 24.06 -40.95 21.75
CA THR B 218 22.68 -40.97 22.25
C THR B 218 22.12 -39.56 22.40
N THR B 219 22.85 -38.69 23.09
CA THR B 219 22.56 -37.27 23.04
C THR B 219 23.32 -36.67 21.86
N GLN B 220 22.59 -35.98 20.98
CA GLN B 220 23.15 -35.70 19.68
C GLN B 220 22.59 -34.38 19.17
N ILE B 221 23.28 -33.80 18.20
CA ILE B 221 22.76 -32.65 17.47
C ILE B 221 21.79 -33.18 16.41
N SER B 222 20.53 -32.79 16.52
CA SER B 222 19.53 -33.29 15.59
C SER B 222 19.28 -32.37 14.41
N ASP B 223 19.59 -31.09 14.54
CA ASP B 223 19.34 -30.10 13.50
C ASP B 223 20.11 -28.85 13.87
N PHE B 224 20.56 -28.11 12.87
CA PHE B 224 21.10 -26.79 13.13
C PHE B 224 20.87 -25.90 11.93
N HIS B 225 20.52 -24.64 12.21
CA HIS B 225 20.24 -23.64 11.21
C HIS B 225 21.22 -22.51 11.37
N VAL B 226 21.70 -21.94 10.27
CA VAL B 226 22.47 -20.71 10.32
C VAL B 226 21.73 -19.64 9.54
N ALA B 227 21.75 -18.43 10.05
CA ALA B 227 21.14 -17.30 9.39
C ALA B 227 22.03 -16.10 9.62
N THR B 228 22.20 -15.29 8.59
CA THR B 228 23.05 -14.11 8.66
C THR B 228 22.18 -12.88 8.49
N ARG B 229 22.41 -11.89 9.35
CA ARG B 229 21.65 -10.65 9.36
C ARG B 229 22.63 -9.50 9.33
N PHE B 230 22.31 -8.45 8.58
CA PHE B 230 23.28 -7.41 8.26
C PHE B 230 22.75 -6.05 8.67
N ASN B 231 23.65 -5.07 8.71
CA ASN B 231 23.26 -3.67 8.80
C ASN B 231 23.08 -3.12 7.38
N ASP B 232 22.99 -1.80 7.25
CA ASP B 232 22.63 -1.21 5.97
C ASP B 232 23.76 -1.27 4.95
N ASP B 233 25.01 -1.19 5.39
CA ASP B 233 26.13 -1.18 4.46
C ASP B 233 26.97 -2.44 4.52
N PHE B 234 26.47 -3.50 5.17
CA PHE B 234 27.06 -4.83 5.21
C PHE B 234 28.44 -4.82 5.87
N SER B 235 28.63 -3.94 6.85
CA SER B 235 29.87 -3.87 7.57
C SER B 235 29.80 -4.59 8.91
N ARG B 236 28.61 -4.95 9.36
CA ARG B 236 28.44 -5.69 10.61
C ARG B 236 27.41 -6.77 10.36
N ALA B 237 27.76 -8.01 10.66
CA ALA B 237 26.85 -9.12 10.48
C ALA B 237 26.65 -9.86 11.79
N VAL B 238 25.46 -10.42 11.95
CA VAL B 238 25.14 -11.27 13.08
C VAL B 238 24.83 -12.65 12.55
N LEU B 239 25.66 -13.62 12.88
CA LEU B 239 25.40 -15.01 12.53
C LEU B 239 24.53 -15.60 13.63
N GLU B 240 23.27 -15.87 13.31
CA GLU B 240 22.34 -16.44 14.26
C GLU B 240 22.28 -17.94 14.02
N ALA B 241 22.80 -18.73 14.96
CA ALA B 241 22.83 -20.16 14.84
C ALA B 241 21.84 -20.79 15.79
N GLU B 242 20.96 -21.63 15.27
CA GLU B 242 19.90 -22.28 16.03
C GLU B 242 20.20 -23.77 16.02
N VAL B 243 20.55 -24.33 17.18
CA VAL B 243 20.94 -25.72 17.27
C VAL B 243 19.88 -26.48 18.06
N GLN B 244 19.48 -27.64 17.55
CA GLN B 244 18.51 -28.49 18.21
C GLN B 244 19.18 -29.79 18.61
N MET B 245 18.85 -30.29 19.78
CA MET B 245 19.35 -31.59 20.21
C MET B 245 18.20 -32.55 20.36
N CYS B 246 18.52 -33.84 20.32
CA CYS B 246 17.60 -34.86 20.80
C CYS B 246 18.39 -35.81 21.69
N GLY B 247 17.67 -36.56 22.49
CA GLY B 247 18.24 -37.29 23.59
C GLY B 247 17.82 -36.67 24.91
N GLU B 248 18.40 -37.18 25.98
CA GLU B 248 17.97 -36.75 27.31
C GLU B 248 18.71 -35.48 27.71
N LEU B 249 17.95 -34.48 28.13
CA LEU B 249 18.51 -33.19 28.50
C LEU B 249 19.24 -33.27 29.82
N ARG B 250 20.41 -32.64 29.87
CA ARG B 250 21.18 -32.50 31.09
C ARG B 250 21.58 -31.04 31.23
N ASP B 251 21.73 -30.61 32.48
CA ASP B 251 22.07 -29.22 32.72
C ASP B 251 23.53 -28.92 32.46
N TYR B 252 24.39 -29.93 32.36
CA TYR B 252 25.77 -29.70 32.02
C TYR B 252 26.03 -29.64 30.52
N LEU B 253 25.02 -29.87 29.69
CA LEU B 253 25.21 -29.83 28.24
C LEU B 253 25.39 -28.40 27.76
N ARG B 254 26.37 -28.19 26.90
CA ARG B 254 26.64 -26.90 26.32
C ARG B 254 26.72 -27.04 24.81
N VAL B 255 26.54 -25.93 24.12
CA VAL B 255 26.75 -25.86 22.68
C VAL B 255 27.68 -24.70 22.41
N THR B 256 28.77 -24.97 21.71
CA THR B 256 29.67 -23.95 21.24
C THR B 256 29.58 -23.86 19.73
N VAL B 257 29.32 -22.67 19.21
CA VAL B 257 29.39 -22.41 17.79
C VAL B 257 30.59 -21.51 17.55
N SER B 258 31.53 -21.99 16.75
CA SER B 258 32.73 -21.25 16.42
C SER B 258 32.75 -20.97 14.93
N LEU B 259 33.24 -19.81 14.54
CA LEU B 259 33.27 -19.39 13.15
C LEU B 259 34.72 -19.13 12.75
N TRP B 260 35.13 -19.72 11.63
CA TRP B 260 36.53 -19.76 11.23
C TRP B 260 36.69 -19.22 9.82
N GLN B 261 37.62 -18.30 9.63
CA GLN B 261 38.04 -17.87 8.29
C GLN B 261 39.38 -18.54 8.01
N GLY B 262 39.31 -19.72 7.39
CA GLY B 262 40.51 -20.49 7.19
C GLY B 262 41.04 -21.06 8.49
N GLU B 263 42.17 -20.52 8.94
CA GLU B 263 42.79 -21.01 10.17
C GLU B 263 42.52 -20.13 11.37
N THR B 264 42.15 -18.88 11.17
CA THR B 264 41.88 -17.98 12.28
C THR B 264 40.41 -18.04 12.66
N GLN B 265 40.16 -17.88 13.96
CA GLN B 265 38.81 -17.95 14.49
C GLN B 265 38.25 -16.54 14.58
N VAL B 266 37.10 -16.34 13.94
CA VAL B 266 36.52 -15.01 13.81
C VAL B 266 35.57 -14.72 14.96
N ALA B 267 34.69 -15.66 15.28
CA ALA B 267 33.72 -15.46 16.33
C ALA B 267 33.49 -16.78 17.04
N SER B 268 32.93 -16.68 18.24
CA SER B 268 32.64 -17.85 19.05
C SER B 268 31.57 -17.49 20.05
N GLY B 269 30.77 -18.48 20.40
CA GLY B 269 29.76 -18.30 21.43
C GLY B 269 29.49 -19.64 22.06
N THR B 270 29.01 -19.60 23.29
CA THR B 270 28.63 -20.82 24.00
C THR B 270 27.40 -20.54 24.82
N ALA B 271 26.60 -21.57 25.04
CA ALA B 271 25.32 -21.41 25.72
C ALA B 271 24.86 -22.75 26.26
N PRO B 272 24.16 -22.78 27.38
CA PRO B 272 23.42 -23.99 27.76
C PRO B 272 22.09 -24.03 27.02
N PHE B 273 21.46 -25.20 27.08
CA PHE B 273 20.18 -25.33 26.39
C PHE B 273 19.07 -24.60 27.10
N GLY B 274 18.02 -24.33 26.33
CA GLY B 274 16.92 -23.51 26.79
C GLY B 274 16.78 -22.27 25.94
N GLY B 275 15.76 -22.25 25.09
CA GLY B 275 15.50 -21.11 24.25
C GLY B 275 14.73 -20.03 24.98
N GLU B 276 14.41 -18.98 24.24
CA GLU B 276 13.61 -17.91 24.79
C GLU B 276 12.14 -18.34 24.87
N ILE B 277 11.40 -17.63 25.71
CA ILE B 277 9.96 -17.85 25.80
C ILE B 277 9.32 -17.42 24.49
N ILE B 278 8.54 -18.31 23.90
CA ILE B 278 7.88 -17.99 22.64
C ILE B 278 6.36 -17.96 22.74
N ASP B 279 5.78 -18.61 23.75
CA ASP B 279 4.33 -18.57 23.94
C ASP B 279 4.03 -18.83 25.41
N GLU B 280 2.76 -19.13 25.69
CA GLU B 280 2.29 -19.24 27.07
C GLU B 280 2.86 -20.45 27.80
N ARG B 281 3.27 -21.48 27.08
CA ARG B 281 3.78 -22.70 27.68
C ARG B 281 5.28 -22.70 27.89
N GLY B 282 5.99 -21.66 27.45
CA GLY B 282 7.41 -21.54 27.67
C GLY B 282 8.17 -21.55 26.35
N GLY B 283 9.39 -22.07 26.40
CA GLY B 283 10.22 -22.15 25.22
C GLY B 283 10.70 -23.54 24.94
N TYR B 284 11.60 -23.68 23.97
CA TYR B 284 12.19 -24.98 23.68
C TYR B 284 13.32 -25.25 24.66
N ALA B 285 13.16 -26.27 25.48
CA ALA B 285 14.23 -26.65 26.40
C ALA B 285 15.37 -27.35 25.68
N ASP B 286 15.13 -27.90 24.50
CA ASP B 286 16.12 -28.65 23.75
C ASP B 286 16.69 -27.87 22.58
N ARG B 287 16.63 -26.54 22.61
CA ARG B 287 17.18 -25.72 21.55
C ARG B 287 17.99 -24.58 22.14
N VAL B 288 18.98 -24.13 21.37
CA VAL B 288 19.74 -22.93 21.68
C VAL B 288 19.70 -22.01 20.47
N THR B 289 19.87 -20.72 20.73
CA THR B 289 20.14 -19.75 19.69
C THR B 289 21.39 -19.00 20.07
N LEU B 290 22.39 -19.05 19.22
CA LEU B 290 23.64 -18.35 19.44
C LEU B 290 23.78 -17.26 18.40
N ARG B 291 24.13 -16.07 18.85
CA ARG B 291 24.28 -14.92 17.97
C ARG B 291 25.74 -14.48 18.02
N LEU B 292 26.42 -14.60 16.89
CA LEU B 292 27.83 -14.25 16.79
C LEU B 292 27.96 -12.97 16.00
N ASN B 293 28.66 -12.00 16.54
CA ASN B 293 28.90 -10.74 15.86
C ASN B 293 30.14 -10.85 15.01
N VAL B 294 30.02 -10.53 13.73
CA VAL B 294 31.14 -10.55 12.80
C VAL B 294 31.32 -9.14 12.27
N GLU B 295 32.49 -8.57 12.48
CA GLU B 295 32.80 -7.23 12.02
C GLU B 295 33.48 -7.31 10.67
N ASN B 296 32.96 -6.54 9.72
CA ASN B 296 33.36 -6.50 8.31
C ASN B 296 33.47 -7.89 7.71
N PRO B 297 32.38 -8.63 7.55
CA PRO B 297 32.48 -9.98 7.02
C PRO B 297 32.80 -9.95 5.54
N LYS B 298 33.50 -10.97 5.10
CA LYS B 298 33.76 -11.14 3.68
C LYS B 298 32.52 -11.75 3.07
N LEU B 299 31.86 -11.01 2.17
CA LEU B 299 30.56 -11.41 1.68
C LEU B 299 30.67 -12.45 0.59
N TRP B 300 29.72 -13.37 0.57
CA TRP B 300 29.69 -14.42 -0.44
C TRP B 300 28.97 -13.90 -1.68
N SER B 301 29.52 -14.18 -2.84
CA SER B 301 28.82 -13.98 -4.09
C SER B 301 29.35 -14.99 -5.09
N ALA B 302 28.73 -15.05 -6.26
CA ALA B 302 29.28 -15.93 -7.30
C ALA B 302 30.55 -15.36 -7.88
N GLU B 303 30.74 -14.04 -7.79
CA GLU B 303 31.99 -13.43 -8.24
C GLU B 303 33.12 -13.75 -7.27
N ILE B 304 32.89 -13.56 -5.97
CA ILE B 304 33.90 -13.83 -4.95
C ILE B 304 33.28 -14.78 -3.93
N PRO B 305 33.49 -16.06 -4.03
CA PRO B 305 32.82 -16.99 -3.09
C PRO B 305 33.54 -17.11 -1.75
N ASN B 306 33.46 -16.05 -0.96
CA ASN B 306 34.06 -16.03 0.38
C ASN B 306 33.27 -16.94 1.30
N LEU B 307 33.93 -17.92 1.90
CA LEU B 307 33.28 -18.84 2.81
C LEU B 307 33.93 -18.81 4.17
N TYR B 308 33.11 -18.98 5.19
CA TYR B 308 33.52 -19.23 6.55
C TYR B 308 33.20 -20.67 6.90
N ARG B 309 33.74 -21.13 8.00
CA ARG B 309 33.52 -22.49 8.45
C ARG B 309 32.94 -22.42 9.85
N ALA B 310 31.67 -22.77 9.99
CA ALA B 310 31.02 -22.80 11.29
C ALA B 310 31.12 -24.20 11.87
N VAL B 311 31.57 -24.30 13.11
CA VAL B 311 31.71 -25.59 13.78
C VAL B 311 30.80 -25.56 14.99
N VAL B 312 29.90 -26.53 15.08
CA VAL B 312 28.94 -26.61 16.17
C VAL B 312 29.36 -27.77 17.05
N GLU B 313 29.77 -27.47 18.27
CA GLU B 313 30.23 -28.48 19.21
C GLU B 313 29.15 -28.71 20.26
N LEU B 314 28.74 -29.95 20.42
CA LEU B 314 27.94 -30.36 21.57
C LEU B 314 28.90 -30.93 22.60
N HIS B 315 28.96 -30.31 23.77
CA HIS B 315 29.95 -30.73 24.76
C HIS B 315 29.39 -30.48 26.14
N THR B 316 30.07 -31.04 27.14
CA THR B 316 29.65 -30.86 28.51
C THR B 316 30.26 -29.60 29.09
N ALA B 317 29.86 -29.28 30.32
CA ALA B 317 30.30 -28.04 30.94
C ALA B 317 31.77 -28.07 31.34
N ASP B 318 32.29 -29.25 31.69
CA ASP B 318 33.72 -29.33 31.97
C ASP B 318 34.53 -29.29 30.67
N GLY B 319 34.00 -29.87 29.61
CA GLY B 319 34.59 -29.64 28.31
C GLY B 319 34.81 -30.83 27.41
N THR B 320 34.36 -32.01 27.77
CA THR B 320 34.53 -33.15 26.89
C THR B 320 33.52 -33.08 25.75
N LEU B 321 34.00 -33.33 24.54
CA LEU B 321 33.19 -33.19 23.34
C LEU B 321 32.33 -34.42 23.15
N ILE B 322 31.04 -34.21 22.91
CA ILE B 322 30.14 -35.29 22.57
C ILE B 322 30.06 -35.49 21.07
N GLU B 323 29.90 -34.40 20.33
CA GLU B 323 29.69 -34.45 18.89
C GLU B 323 30.00 -33.08 18.32
N ALA B 324 30.62 -33.05 17.15
CA ALA B 324 30.81 -31.83 16.40
C ALA B 324 30.15 -31.95 15.04
N GLU B 325 29.52 -30.87 14.60
CA GLU B 325 29.04 -30.74 13.24
C GLU B 325 29.61 -29.48 12.63
N ALA B 326 29.55 -29.40 11.31
CA ALA B 326 30.15 -28.26 10.64
C ALA B 326 29.42 -27.97 9.34
N CYS B 327 29.45 -26.71 8.93
CA CYS B 327 28.94 -26.33 7.63
C CYS B 327 29.71 -25.11 7.14
N ASP B 328 29.80 -24.97 5.83
CA ASP B 328 30.33 -23.76 5.24
C ASP B 328 29.29 -22.67 5.29
N VAL B 329 29.73 -21.46 5.64
CA VAL B 329 28.84 -20.33 5.81
C VAL B 329 29.27 -19.23 4.86
N GLY B 330 28.34 -18.74 4.06
CA GLY B 330 28.55 -17.57 3.25
C GLY B 330 27.65 -16.45 3.75
N PHE B 331 28.25 -15.30 3.97
CA PHE B 331 27.50 -14.12 4.37
C PHE B 331 26.89 -13.54 3.10
N ARG B 332 25.59 -13.67 2.97
CA ARG B 332 24.90 -13.06 1.87
C ARG B 332 23.45 -12.85 2.23
N VAL B 333 22.85 -11.84 1.65
CA VAL B 333 21.44 -11.53 1.83
C VAL B 333 20.83 -11.47 0.43
N VAL B 334 19.73 -12.18 0.27
CA VAL B 334 18.97 -12.18 -0.96
C VAL B 334 17.61 -11.62 -0.61
N ARG B 335 17.22 -10.54 -1.27
CA ARG B 335 15.90 -10.00 -1.00
C ARG B 335 15.39 -9.29 -2.24
N ILE B 336 14.08 -9.13 -2.29
CA ILE B 336 13.42 -8.39 -3.35
C ILE B 336 12.91 -7.10 -2.73
N GLU B 337 13.51 -5.98 -3.11
CA GLU B 337 12.93 -4.69 -2.75
C GLU B 337 12.69 -3.91 -4.02
N ASN B 338 11.56 -3.22 -4.04
CA ASN B 338 11.15 -2.30 -5.10
C ASN B 338 11.09 -3.00 -6.46
N GLY B 339 10.76 -4.29 -6.45
CA GLY B 339 10.67 -5.03 -7.69
C GLY B 339 11.98 -5.55 -8.25
N LEU B 340 13.06 -5.54 -7.48
CA LEU B 340 14.34 -6.03 -7.96
C LEU B 340 14.90 -7.06 -7.02
N LEU B 341 15.35 -8.18 -7.56
CA LEU B 341 16.08 -9.17 -6.78
C LEU B 341 17.47 -8.65 -6.48
N LEU B 342 17.80 -8.47 -5.21
CA LEU B 342 19.08 -7.93 -4.81
C LEU B 342 19.91 -9.00 -4.11
N LEU B 343 21.18 -9.04 -4.43
CA LEU B 343 22.16 -9.79 -3.66
C LEU B 343 23.14 -8.80 -3.07
N ASN B 344 23.18 -8.75 -1.74
CA ASN B 344 24.05 -7.86 -0.97
C ASN B 344 23.85 -6.40 -1.35
N GLY B 345 22.60 -6.02 -1.60
CA GLY B 345 22.26 -4.67 -1.98
C GLY B 345 22.41 -4.34 -3.44
N LYS B 346 22.85 -5.28 -4.27
CA LYS B 346 23.07 -5.02 -5.67
C LYS B 346 22.13 -5.86 -6.52
N PRO B 347 21.57 -5.30 -7.59
CA PRO B 347 20.64 -6.07 -8.42
C PRO B 347 21.36 -7.11 -9.27
N LEU B 348 20.92 -8.36 -9.14
CA LEU B 348 21.52 -9.44 -9.89
C LEU B 348 21.13 -9.39 -11.36
N LEU B 349 22.02 -9.89 -12.20
CA LEU B 349 21.70 -10.27 -13.56
C LEU B 349 22.05 -11.75 -13.68
N ILE B 350 21.02 -12.58 -13.74
CA ILE B 350 21.18 -14.03 -13.71
C ILE B 350 21.65 -14.51 -15.07
N ARG B 351 22.87 -15.03 -15.12
CA ARG B 351 23.42 -15.68 -16.30
C ARG B 351 23.30 -17.18 -16.05
N GLY B 352 22.10 -17.70 -16.19
CA GLY B 352 21.79 -19.01 -15.69
C GLY B 352 21.64 -20.08 -16.75
N VAL B 353 21.68 -21.32 -16.29
CA VAL B 353 21.45 -22.47 -17.14
C VAL B 353 20.74 -23.53 -16.31
N ASN B 354 19.79 -24.21 -16.93
CA ASN B 354 19.18 -25.39 -16.37
C ASN B 354 20.11 -26.59 -16.53
N ARG B 355 20.18 -27.43 -15.51
CA ARG B 355 21.06 -28.57 -15.55
C ARG B 355 20.36 -29.78 -14.97
N HIS B 356 20.19 -30.81 -15.79
CA HIS B 356 19.84 -32.13 -15.29
C HIS B 356 21.07 -32.89 -14.84
N GLU B 357 20.89 -33.77 -13.88
CA GLU B 357 21.91 -34.74 -13.51
C GLU B 357 21.89 -35.87 -14.53
N HIS B 358 22.86 -35.87 -15.43
CA HIS B 358 22.89 -36.85 -16.49
C HIS B 358 24.32 -37.21 -16.82
N HIS B 359 24.57 -38.51 -16.97
CA HIS B 359 25.81 -39.02 -17.46
C HIS B 359 25.46 -40.01 -18.56
N PRO B 360 26.13 -39.98 -19.72
CA PRO B 360 25.71 -40.84 -20.83
C PRO B 360 25.97 -42.32 -20.62
N LEU B 361 26.92 -42.68 -19.76
CA LEU B 361 27.21 -44.07 -19.46
C LEU B 361 26.49 -44.56 -18.21
N HIS B 362 26.37 -43.73 -17.19
CA HIS B 362 25.85 -44.15 -15.91
C HIS B 362 24.45 -43.64 -15.64
N GLY B 363 23.82 -43.01 -16.62
CA GLY B 363 22.47 -42.52 -16.44
C GLY B 363 22.40 -41.33 -15.50
N GLN B 364 21.68 -41.49 -14.40
CA GLN B 364 21.45 -40.40 -13.48
C GLN B 364 22.31 -40.49 -12.23
N VAL B 365 23.44 -41.17 -12.32
CA VAL B 365 24.39 -41.30 -11.23
C VAL B 365 25.50 -40.29 -11.45
N MET B 366 25.68 -39.39 -10.49
CA MET B 366 26.64 -38.31 -10.60
C MET B 366 27.79 -38.52 -9.63
N ASP B 367 29.01 -38.36 -10.12
CA ASP B 367 30.20 -38.34 -9.30
C ASP B 367 30.77 -36.94 -9.25
N GLU B 368 31.80 -36.77 -8.43
CA GLU B 368 32.37 -35.44 -8.21
C GLU B 368 33.08 -34.91 -9.44
N GLN B 369 33.74 -35.78 -10.20
CA GLN B 369 34.54 -35.33 -11.33
C GLN B 369 33.69 -34.76 -12.44
N THR B 370 32.50 -35.31 -12.66
CA THR B 370 31.62 -34.74 -13.66
C THR B 370 30.99 -33.44 -13.17
N MET B 371 30.75 -33.33 -11.87
CA MET B 371 30.22 -32.09 -11.32
C MET B 371 31.23 -30.96 -11.41
N VAL B 372 32.50 -31.24 -11.11
CA VAL B 372 33.53 -30.23 -11.21
C VAL B 372 33.75 -29.85 -12.66
N GLN B 373 33.66 -30.83 -13.57
CA GLN B 373 33.78 -30.55 -14.99
C GLN B 373 32.66 -29.64 -15.48
N ASP B 374 31.44 -29.83 -14.97
CA ASP B 374 30.34 -28.96 -15.36
C ASP B 374 30.52 -27.55 -14.83
N ILE B 375 30.95 -27.40 -13.58
CA ILE B 375 31.05 -26.08 -12.96
C ILE B 375 32.16 -25.26 -13.60
N LEU B 376 33.27 -25.90 -13.97
CA LEU B 376 34.32 -25.17 -14.64
C LEU B 376 33.89 -24.70 -16.02
N LEU B 377 33.22 -25.57 -16.78
CA LEU B 377 32.72 -25.17 -18.10
C LEU B 377 31.65 -24.09 -18.02
N MET B 378 30.85 -24.09 -16.96
CA MET B 378 29.85 -23.04 -16.80
C MET B 378 30.49 -21.70 -16.52
N LYS B 379 31.46 -21.66 -15.61
CA LYS B 379 32.06 -20.39 -15.26
C LYS B 379 33.00 -19.89 -16.34
N GLN B 380 33.61 -20.78 -17.11
CA GLN B 380 34.43 -20.36 -18.24
C GLN B 380 33.60 -19.84 -19.40
N ASN B 381 32.29 -20.05 -19.38
CA ASN B 381 31.39 -19.55 -20.40
C ASN B 381 30.43 -18.52 -19.84
N ASN B 382 30.85 -17.86 -18.76
CA ASN B 382 30.20 -16.69 -18.18
C ASN B 382 28.81 -16.99 -17.64
N PHE B 383 28.58 -18.20 -17.17
CA PHE B 383 27.38 -18.50 -16.39
C PHE B 383 27.66 -18.26 -14.92
N ASN B 384 26.69 -17.68 -14.21
CA ASN B 384 26.83 -17.53 -12.78
C ASN B 384 25.72 -18.20 -11.98
N ALA B 385 24.79 -18.90 -12.63
CA ALA B 385 23.67 -19.46 -11.91
C ALA B 385 23.25 -20.77 -12.53
N VAL B 386 22.74 -21.67 -11.70
CA VAL B 386 22.28 -22.98 -12.14
C VAL B 386 20.91 -23.22 -11.52
N ARG B 387 19.97 -23.69 -12.31
CA ARG B 387 18.69 -24.14 -11.80
C ARG B 387 18.67 -25.66 -11.77
N CYS B 388 18.36 -26.21 -10.60
CA CYS B 388 18.35 -27.65 -10.38
C CYS B 388 17.07 -28.21 -10.97
N SER B 389 17.10 -28.51 -12.25
CA SER B 389 15.89 -28.87 -12.98
C SER B 389 15.73 -30.39 -13.03
N HIS B 390 14.61 -30.91 -12.51
CA HIS B 390 13.68 -30.20 -11.66
C HIS B 390 13.47 -31.02 -10.41
N TYR B 391 14.44 -30.99 -9.52
CA TYR B 391 14.55 -31.86 -8.36
C TYR B 391 15.76 -31.44 -7.55
N PRO B 392 15.84 -31.76 -6.27
CA PRO B 392 17.06 -31.46 -5.51
C PRO B 392 18.21 -32.31 -6.01
N ASN B 393 19.38 -31.70 -6.12
CA ASN B 393 20.50 -32.45 -6.62
C ASN B 393 21.17 -33.27 -5.52
N HIS B 394 22.19 -33.98 -5.95
CA HIS B 394 23.15 -34.62 -5.07
C HIS B 394 23.75 -33.61 -4.11
N PRO B 395 23.96 -33.97 -2.85
CA PRO B 395 24.37 -32.96 -1.85
C PRO B 395 25.72 -32.34 -2.08
N LEU B 396 26.61 -33.00 -2.81
CA LEU B 396 27.92 -32.44 -3.11
C LEU B 396 27.84 -31.28 -4.09
N TRP B 397 26.77 -31.22 -4.89
CA TRP B 397 26.60 -30.17 -5.87
C TRP B 397 26.50 -28.80 -5.22
N TYR B 398 25.79 -28.71 -4.10
CA TYR B 398 25.62 -27.44 -3.41
C TYR B 398 26.91 -27.00 -2.76
N THR B 399 27.71 -27.95 -2.27
CA THR B 399 29.00 -27.64 -1.69
C THR B 399 29.94 -27.07 -2.74
N LEU B 400 29.95 -27.65 -3.93
CA LEU B 400 30.80 -27.15 -4.99
C LEU B 400 30.33 -25.81 -5.53
N CYS B 401 29.03 -25.56 -5.51
CA CYS B 401 28.55 -24.24 -5.91
C CYS B 401 28.83 -23.19 -4.85
N ASP B 402 28.89 -23.59 -3.58
CA ASP B 402 29.40 -22.70 -2.53
C ASP B 402 30.84 -22.32 -2.80
N ARG B 403 31.64 -23.29 -3.22
CA ARG B 403 33.08 -23.15 -3.27
C ARG B 403 33.53 -22.36 -4.49
N TYR B 404 33.01 -22.70 -5.67
CA TYR B 404 33.41 -22.02 -6.89
C TYR B 404 32.61 -20.76 -7.15
N GLY B 405 31.37 -20.72 -6.70
CA GLY B 405 30.54 -19.54 -6.82
C GLY B 405 29.58 -19.66 -7.97
N LEU B 406 28.39 -20.12 -7.67
CA LEU B 406 27.27 -20.17 -8.60
C LEU B 406 26.02 -20.00 -7.78
N TYR B 407 25.09 -19.19 -8.26
CA TYR B 407 23.81 -19.10 -7.60
C TYR B 407 23.00 -20.34 -7.96
N VAL B 408 22.26 -20.86 -7.00
CA VAL B 408 21.51 -22.10 -7.19
C VAL B 408 20.05 -21.81 -6.92
N VAL B 409 19.20 -22.23 -7.85
CA VAL B 409 17.77 -22.32 -7.61
C VAL B 409 17.47 -23.77 -7.26
N ASP B 410 17.09 -24.01 -6.02
CA ASP B 410 16.81 -25.36 -5.56
C ASP B 410 15.33 -25.65 -5.74
N GLU B 411 15.02 -26.75 -6.38
CA GLU B 411 13.67 -26.99 -6.88
C GLU B 411 13.11 -28.28 -6.31
N ALA B 412 11.88 -28.22 -5.84
CA ALA B 412 11.23 -29.39 -5.27
C ALA B 412 10.90 -30.41 -6.35
N ASN B 413 10.88 -31.68 -5.98
CA ASN B 413 10.67 -32.79 -6.90
C ASN B 413 9.18 -32.98 -7.14
N ILE B 414 8.56 -31.98 -7.76
CA ILE B 414 7.13 -32.02 -8.05
C ILE B 414 6.93 -31.61 -9.50
N GLU B 415 6.48 -32.53 -10.33
CA GLU B 415 6.04 -32.19 -11.67
C GLU B 415 4.94 -33.13 -12.10
N THR B 416 3.81 -32.58 -12.50
CA THR B 416 2.70 -33.39 -12.92
C THR B 416 2.25 -32.85 -14.25
N HIS B 417 3.17 -32.80 -15.18
CA HIS B 417 2.94 -32.25 -16.51
C HIS B 417 1.91 -33.03 -17.29
N GLY B 418 1.93 -34.35 -17.15
CA GLY B 418 1.03 -35.22 -17.86
C GLY B 418 -0.43 -35.23 -17.46
N MET B 419 -0.77 -34.63 -16.34
CA MET B 419 -2.15 -34.67 -15.86
C MET B 419 -3.03 -33.78 -16.73
N VAL B 420 -4.30 -34.15 -16.85
CA VAL B 420 -5.26 -33.31 -17.55
C VAL B 420 -6.39 -32.96 -16.58
N PRO B 421 -6.53 -31.69 -16.17
CA PRO B 421 -5.65 -30.56 -16.42
C PRO B 421 -4.41 -30.66 -15.57
N MET B 422 -3.45 -29.76 -15.77
CA MET B 422 -2.13 -29.93 -15.19
C MET B 422 -2.15 -29.82 -13.67
N ASN B 423 -3.17 -29.21 -13.08
CA ASN B 423 -3.26 -29.09 -11.63
C ASN B 423 -4.24 -30.07 -11.01
N ARG B 424 -4.48 -31.22 -11.65
CA ARG B 424 -5.46 -32.17 -11.12
C ARG B 424 -5.03 -32.73 -9.77
N LEU B 425 -3.74 -32.99 -9.61
CA LEU B 425 -3.24 -33.45 -8.33
C LEU B 425 -2.91 -32.30 -7.38
N THR B 426 -2.41 -31.19 -7.90
CA THR B 426 -1.96 -30.12 -7.04
C THR B 426 -3.08 -29.21 -6.58
N ASP B 427 -4.30 -29.40 -7.05
CA ASP B 427 -5.44 -28.69 -6.49
C ASP B 427 -6.28 -29.62 -5.62
N ASP B 428 -5.80 -30.84 -5.39
CA ASP B 428 -6.49 -31.84 -4.59
C ASP B 428 -5.83 -31.89 -3.23
N PRO B 429 -6.57 -31.68 -2.14
CA PRO B 429 -5.93 -31.72 -0.81
C PRO B 429 -5.57 -33.11 -0.35
N ARG B 430 -6.04 -34.16 -1.02
CA ARG B 430 -5.57 -35.50 -0.72
C ARG B 430 -4.13 -35.72 -1.13
N TRP B 431 -3.60 -34.88 -2.03
CA TRP B 431 -2.21 -34.93 -2.43
C TRP B 431 -1.36 -33.89 -1.75
N LEU B 432 -1.96 -33.04 -0.92
CA LEU B 432 -1.18 -32.08 -0.14
C LEU B 432 -0.18 -32.72 0.84
N PRO B 433 -0.46 -33.84 1.54
CA PRO B 433 0.63 -34.47 2.30
C PRO B 433 1.79 -34.98 1.47
N ALA B 434 1.53 -35.52 0.28
CA ALA B 434 2.63 -35.99 -0.54
C ALA B 434 3.44 -34.84 -1.12
N MET B 435 2.76 -33.76 -1.50
CA MET B 435 3.47 -32.60 -2.02
C MET B 435 4.25 -31.87 -0.95
N SER B 436 3.73 -31.85 0.29
CA SER B 436 4.40 -31.10 1.33
C SER B 436 5.70 -31.75 1.75
N GLU B 437 5.74 -33.07 1.74
CA GLU B 437 6.94 -33.79 2.11
C GLU B 437 8.05 -33.45 1.14
N ARG B 438 7.72 -33.34 -0.14
CA ARG B 438 8.70 -33.05 -1.16
C ARG B 438 9.25 -31.64 -1.04
N VAL B 439 8.48 -30.72 -0.49
CA VAL B 439 8.94 -29.35 -0.30
C VAL B 439 9.65 -29.19 1.03
N THR B 440 9.04 -29.67 2.12
CA THR B 440 9.57 -29.42 3.45
C THR B 440 10.88 -30.15 3.68
N ARG B 441 11.06 -31.33 3.10
CA ARG B 441 12.31 -32.05 3.30
C ARG B 441 13.42 -31.51 2.42
N MET B 442 13.10 -30.83 1.32
CA MET B 442 14.12 -30.12 0.56
C MET B 442 14.66 -28.94 1.34
N VAL B 443 13.76 -28.14 1.92
CA VAL B 443 14.16 -26.95 2.66
C VAL B 443 14.95 -27.34 3.90
N GLN B 444 14.54 -28.41 4.58
CA GLN B 444 15.26 -28.86 5.75
C GLN B 444 16.64 -29.42 5.42
N ARG B 445 16.81 -29.97 4.21
CA ARG B 445 18.14 -30.46 3.86
C ARG B 445 19.07 -29.33 3.46
N ASP B 446 18.58 -28.33 2.73
CA ASP B 446 19.44 -27.45 1.96
C ASP B 446 19.43 -26.00 2.40
N ARG B 447 18.82 -25.67 3.53
CA ARG B 447 18.66 -24.27 3.90
C ARG B 447 19.96 -23.61 4.37
N ASN B 448 21.00 -24.36 4.66
CA ASN B 448 22.22 -23.73 5.13
C ASN B 448 23.21 -23.40 4.03
N HIS B 449 22.95 -23.81 2.80
CA HIS B 449 23.90 -23.55 1.72
C HIS B 449 23.79 -22.10 1.26
N PRO B 450 24.90 -21.36 1.22
CA PRO B 450 24.84 -20.00 0.70
C PRO B 450 24.59 -19.90 -0.79
N SER B 451 24.89 -20.94 -1.57
CA SER B 451 24.67 -20.85 -3.00
C SER B 451 23.20 -20.94 -3.35
N VAL B 452 22.39 -21.59 -2.52
CA VAL B 452 20.95 -21.62 -2.77
C VAL B 452 20.40 -20.24 -2.43
N ILE B 453 19.93 -19.53 -3.44
CA ILE B 453 19.37 -18.20 -3.22
C ILE B 453 17.88 -18.14 -3.46
N ILE B 454 17.30 -19.09 -4.19
CA ILE B 454 15.88 -19.07 -4.53
C ILE B 454 15.34 -20.48 -4.34
N TRP B 455 14.20 -20.60 -3.68
CA TRP B 455 13.48 -21.87 -3.65
C TRP B 455 12.52 -21.93 -4.82
N SER B 456 12.35 -23.11 -5.38
CA SER B 456 11.36 -23.33 -6.42
C SER B 456 10.39 -24.42 -5.98
N LEU B 457 9.10 -24.19 -6.23
CA LEU B 457 8.08 -25.13 -5.80
C LEU B 457 7.90 -26.31 -6.74
N GLY B 458 8.72 -26.43 -7.76
CA GLY B 458 8.57 -27.47 -8.73
C GLY B 458 8.40 -26.89 -10.11
N ASN B 459 7.98 -27.74 -11.02
CA ASN B 459 7.88 -27.37 -12.42
C ASN B 459 6.58 -27.93 -12.96
N GLU B 460 5.86 -27.12 -13.73
CA GLU B 460 4.81 -27.58 -14.65
C GLU B 460 3.73 -28.43 -13.97
N SER B 461 3.18 -27.90 -12.89
CA SER B 461 2.18 -28.63 -12.12
C SER B 461 0.87 -27.85 -12.04
N GLY B 462 0.64 -26.94 -12.98
CA GLY B 462 -0.51 -26.08 -12.94
C GLY B 462 -0.40 -25.13 -11.76
N HIS B 463 -1.55 -24.61 -11.35
CA HIS B 463 -1.61 -23.82 -10.13
C HIS B 463 -2.79 -24.27 -9.31
N GLY B 464 -2.51 -24.97 -8.21
CA GLY B 464 -3.52 -25.38 -7.28
C GLY B 464 -3.31 -24.72 -5.93
N ALA B 465 -4.24 -24.99 -5.03
CA ALA B 465 -4.15 -24.45 -3.69
C ALA B 465 -3.02 -25.07 -2.88
N ASN B 466 -2.53 -26.23 -3.27
CA ASN B 466 -1.40 -26.81 -2.57
C ASN B 466 -0.13 -26.02 -2.82
N HIS B 467 -0.01 -25.36 -3.97
CA HIS B 467 1.15 -24.51 -4.21
C HIS B 467 1.13 -23.28 -3.33
N ASP B 468 -0.04 -22.67 -3.15
CA ASP B 468 -0.14 -21.48 -2.32
C ASP B 468 0.17 -21.80 -0.87
N ALA B 469 -0.26 -22.97 -0.39
CA ALA B 469 0.04 -23.38 0.97
C ALA B 469 1.53 -23.64 1.15
N LEU B 470 2.15 -24.29 0.18
CA LEU B 470 3.57 -24.60 0.30
C LEU B 470 4.44 -23.38 0.05
N TYR B 471 3.97 -22.44 -0.76
CA TYR B 471 4.62 -21.13 -0.86
C TYR B 471 4.70 -20.46 0.50
N ARG B 472 3.57 -20.40 1.20
CA ARG B 472 3.52 -19.68 2.46
C ARG B 472 4.26 -20.43 3.56
N TRP B 473 4.35 -21.77 3.45
CA TRP B 473 5.14 -22.53 4.41
C TRP B 473 6.61 -22.16 4.32
N ILE B 474 7.14 -22.00 3.10
CA ILE B 474 8.55 -21.69 2.94
C ILE B 474 8.86 -20.28 3.42
N LYS B 475 7.97 -19.33 3.11
CA LYS B 475 8.14 -17.96 3.55
C LYS B 475 8.11 -17.83 5.08
N SER B 476 7.47 -18.79 5.75
CA SER B 476 7.46 -18.79 7.20
C SER B 476 8.74 -19.38 7.78
N VAL B 477 9.17 -20.54 7.30
CA VAL B 477 10.36 -21.17 7.87
C VAL B 477 11.66 -20.57 7.39
N ASP B 478 11.68 -19.98 6.20
CA ASP B 478 12.92 -19.43 5.62
C ASP B 478 12.58 -18.14 4.93
N PRO B 479 12.53 -17.02 5.65
CA PRO B 479 12.29 -15.74 5.01
C PRO B 479 13.46 -15.21 4.21
N SER B 480 14.63 -15.84 4.31
CA SER B 480 15.84 -15.30 3.70
C SER B 480 15.95 -15.58 2.21
N ARG B 481 15.06 -16.37 1.63
CA ARG B 481 15.15 -16.69 0.21
C ARG B 481 13.80 -16.47 -0.46
N PRO B 482 13.79 -15.88 -1.65
CA PRO B 482 12.55 -15.82 -2.42
C PRO B 482 12.11 -17.18 -2.89
N VAL B 483 10.82 -17.29 -3.17
CA VAL B 483 10.21 -18.51 -3.69
C VAL B 483 9.68 -18.20 -5.07
N GLN B 484 10.03 -19.01 -6.05
CA GLN B 484 9.46 -18.85 -7.37
C GLN B 484 8.70 -20.12 -7.76
N TYR B 485 7.74 -19.96 -8.66
CA TYR B 485 7.01 -21.08 -9.21
C TYR B 485 6.39 -20.66 -10.53
N GLU B 486 6.56 -21.48 -11.56
CA GLU B 486 6.12 -21.13 -12.90
C GLU B 486 4.68 -21.49 -13.20
N GLY B 487 4.16 -22.58 -12.64
CA GLY B 487 2.91 -23.14 -13.15
C GLY B 487 1.72 -22.22 -12.93
N GLY B 488 0.75 -22.34 -13.82
CA GLY B 488 -0.42 -21.49 -13.75
C GLY B 488 -0.26 -20.13 -14.37
N GLY B 489 0.74 -19.94 -15.22
CA GLY B 489 0.88 -18.70 -15.93
C GLY B 489 1.97 -17.77 -15.43
N ALA B 490 2.85 -18.25 -14.55
CA ALA B 490 4.12 -17.65 -14.13
C ALA B 490 3.98 -16.40 -13.29
N ASP B 491 2.79 -15.93 -13.00
CA ASP B 491 2.65 -14.73 -12.19
C ASP B 491 1.57 -14.90 -11.14
N THR B 492 1.42 -16.12 -10.63
CA THR B 492 0.40 -16.42 -9.64
C THR B 492 0.82 -15.87 -8.28
N THR B 493 -0.02 -16.10 -7.29
CA THR B 493 0.29 -15.70 -5.93
C THR B 493 1.30 -16.61 -5.26
N ALA B 494 1.68 -17.71 -5.90
CA ALA B 494 2.65 -18.64 -5.33
C ALA B 494 4.07 -18.37 -5.81
N THR B 495 4.36 -17.17 -6.32
CA THR B 495 5.70 -16.86 -6.77
C THR B 495 6.05 -15.42 -6.39
N ASP B 496 7.30 -15.22 -5.97
CA ASP B 496 7.82 -13.89 -5.72
C ASP B 496 8.38 -13.25 -6.96
N ILE B 497 8.64 -14.05 -7.98
CA ILE B 497 9.30 -13.64 -9.21
C ILE B 497 8.44 -14.11 -10.35
N ILE B 498 8.16 -13.22 -11.30
CA ILE B 498 7.55 -13.67 -12.54
C ILE B 498 8.56 -14.53 -13.27
N CYS B 499 8.24 -15.78 -13.48
CA CYS B 499 9.21 -16.70 -14.07
C CYS B 499 8.61 -17.46 -15.24
N PRO B 500 8.45 -16.82 -16.40
CA PRO B 500 7.86 -17.52 -17.54
C PRO B 500 8.84 -18.50 -18.17
N MET B 501 8.25 -19.47 -18.87
CA MET B 501 8.98 -20.42 -19.67
C MET B 501 8.84 -20.03 -21.14
N TYR B 502 9.96 -19.68 -21.76
CA TYR B 502 10.09 -19.47 -23.19
C TYR B 502 9.21 -18.31 -23.68
N ALA B 503 8.99 -17.33 -22.82
CA ALA B 503 8.35 -16.11 -23.28
C ALA B 503 9.32 -15.35 -24.17
N ARG B 504 8.79 -14.75 -25.22
CA ARG B 504 9.65 -14.12 -26.20
C ARG B 504 9.92 -12.68 -25.79
N VAL B 505 10.85 -12.04 -26.50
CA VAL B 505 11.25 -10.70 -26.14
C VAL B 505 10.18 -9.69 -26.54
N ASP B 506 9.71 -9.77 -27.78
CA ASP B 506 8.79 -8.80 -28.31
C ASP B 506 7.45 -9.35 -28.75
N GLU B 507 7.30 -10.67 -28.85
CA GLU B 507 6.10 -11.28 -29.42
C GLU B 507 5.24 -11.87 -28.32
N ASP B 508 3.97 -11.51 -28.29
CA ASP B 508 3.03 -12.12 -27.36
C ASP B 508 2.57 -13.47 -27.88
N GLN B 509 2.21 -14.35 -26.95
CA GLN B 509 1.67 -15.67 -27.26
C GLN B 509 0.39 -15.82 -26.44
N PRO B 510 -0.73 -15.37 -26.97
CA PRO B 510 -1.95 -15.32 -26.14
C PRO B 510 -2.66 -16.66 -26.06
N PHE B 511 -2.09 -17.58 -25.29
CA PHE B 511 -2.77 -18.84 -25.04
C PHE B 511 -3.92 -18.59 -24.07
N PRO B 512 -5.02 -19.34 -24.22
CA PRO B 512 -6.16 -19.16 -23.29
C PRO B 512 -5.80 -19.61 -21.87
N ALA B 513 -6.03 -18.70 -20.93
CA ALA B 513 -5.93 -18.80 -19.47
C ALA B 513 -4.51 -18.89 -18.93
N VAL B 514 -3.53 -19.12 -19.79
CA VAL B 514 -2.12 -19.02 -19.44
C VAL B 514 -1.34 -18.37 -20.58
N PRO B 515 -1.55 -17.08 -20.86
CA PRO B 515 -0.84 -16.47 -21.98
C PRO B 515 0.62 -16.23 -21.64
N LYS B 516 1.47 -16.40 -22.63
CA LYS B 516 2.88 -16.03 -22.52
C LYS B 516 3.01 -14.68 -23.18
N TRP B 517 3.00 -13.63 -22.37
CA TRP B 517 3.24 -12.31 -22.92
C TRP B 517 4.71 -12.18 -23.29
N SER B 518 5.01 -11.17 -24.08
CA SER B 518 6.41 -10.82 -24.24
C SER B 518 6.93 -10.28 -22.92
N ILE B 519 8.22 -10.49 -22.65
CA ILE B 519 8.76 -10.19 -21.34
C ILE B 519 8.80 -8.69 -21.09
N LYS B 520 8.88 -7.89 -22.15
CA LYS B 520 8.80 -6.44 -21.98
C LYS B 520 7.38 -6.01 -21.62
N LYS B 521 6.39 -6.62 -22.26
CA LYS B 521 5.00 -6.33 -21.94
C LYS B 521 4.63 -6.82 -20.55
N TRP B 522 5.18 -7.97 -20.15
CA TRP B 522 4.75 -8.64 -18.92
C TRP B 522 5.04 -7.79 -17.69
N LEU B 523 6.16 -7.08 -17.72
CA LEU B 523 6.55 -6.23 -16.61
C LEU B 523 5.60 -5.07 -16.41
N SER B 524 4.99 -4.59 -17.48
CA SER B 524 4.20 -3.37 -17.45
C SER B 524 2.71 -3.65 -17.35
N LEU B 525 2.32 -4.87 -17.07
CA LEU B 525 0.91 -5.17 -16.91
C LEU B 525 0.37 -4.47 -15.66
N PRO B 526 -0.90 -4.07 -15.66
CA PRO B 526 -1.45 -3.30 -14.54
C PRO B 526 -1.39 -4.04 -13.21
N GLY B 527 -0.82 -3.37 -12.22
CA GLY B 527 -0.66 -3.92 -10.91
C GLY B 527 0.51 -4.85 -10.72
N GLU B 528 1.38 -4.98 -11.71
CA GLU B 528 2.48 -5.93 -11.66
C GLU B 528 3.77 -5.24 -11.24
N THR B 529 4.38 -5.74 -10.17
CA THR B 529 5.57 -5.10 -9.60
C THR B 529 6.78 -6.02 -9.46
N ARG B 530 6.63 -7.33 -9.62
CA ARG B 530 7.69 -8.29 -9.32
C ARG B 530 8.77 -8.26 -10.39
N PRO B 531 9.98 -8.71 -10.07
CA PRO B 531 11.00 -8.90 -11.11
C PRO B 531 10.67 -10.10 -11.99
N LEU B 532 11.28 -10.12 -13.16
CA LEU B 532 11.06 -11.20 -14.12
C LEU B 532 12.38 -11.88 -14.39
N ILE B 533 12.45 -13.17 -14.08
CA ILE B 533 13.60 -14.01 -14.39
C ILE B 533 13.06 -15.24 -15.08
N LEU B 534 13.41 -15.43 -16.34
CA LEU B 534 12.96 -16.56 -17.14
C LEU B 534 13.47 -17.87 -16.57
N CYS B 535 12.60 -18.75 -16.09
CA CYS B 535 13.14 -19.98 -15.53
C CYS B 535 13.60 -20.93 -16.62
N GLU B 536 13.05 -20.84 -17.82
CA GLU B 536 13.58 -21.54 -18.99
C GLU B 536 13.43 -20.61 -20.18
N TYR B 537 14.49 -20.45 -20.95
CA TYR B 537 14.41 -19.69 -22.20
C TYR B 537 15.52 -20.19 -23.10
N ALA B 538 15.39 -19.84 -24.39
CA ALA B 538 16.39 -20.12 -25.43
C ALA B 538 16.68 -21.63 -25.53
N HIS B 539 15.66 -22.35 -25.96
CA HIS B 539 15.68 -23.80 -26.02
C HIS B 539 16.75 -24.32 -26.98
N ALA B 540 17.79 -24.94 -26.45
CA ALA B 540 19.02 -25.24 -27.20
C ALA B 540 18.99 -26.61 -27.86
N MET B 541 17.95 -26.90 -28.62
CA MET B 541 17.77 -28.23 -29.19
C MET B 541 18.52 -28.30 -30.51
N GLY B 542 19.70 -28.91 -30.48
CA GLY B 542 20.46 -29.07 -31.70
C GLY B 542 21.09 -27.77 -32.13
N ASN B 543 20.86 -27.40 -33.38
CA ASN B 543 21.38 -26.17 -33.96
C ASN B 543 20.40 -25.06 -33.63
N SER B 544 20.66 -24.32 -32.55
CA SER B 544 19.64 -23.47 -31.97
C SER B 544 20.33 -22.25 -31.36
N LEU B 545 19.62 -21.55 -30.46
CA LEU B 545 19.99 -20.24 -29.90
C LEU B 545 20.08 -19.13 -30.93
N GLY B 546 19.25 -19.19 -31.97
CA GLY B 546 19.07 -18.02 -32.80
C GLY B 546 18.25 -16.98 -32.06
N GLY B 547 18.67 -15.73 -32.16
CA GLY B 547 18.00 -14.68 -31.43
C GLY B 547 18.32 -14.63 -29.96
N PHE B 548 19.45 -15.20 -29.56
CA PHE B 548 19.84 -15.15 -28.16
C PHE B 548 20.31 -13.76 -27.77
N ALA B 549 20.81 -12.99 -28.74
CA ALA B 549 21.25 -11.63 -28.46
C ALA B 549 20.08 -10.70 -28.17
N LYS B 550 18.89 -11.03 -28.67
CA LYS B 550 17.73 -10.20 -28.37
C LYS B 550 17.31 -10.29 -26.91
N TYR B 551 17.48 -11.45 -26.30
CA TYR B 551 17.24 -11.55 -24.85
C TYR B 551 18.23 -10.73 -24.06
N TRP B 552 19.50 -10.81 -24.41
CA TRP B 552 20.52 -10.13 -23.64
C TRP B 552 20.58 -8.64 -23.92
N GLN B 553 20.05 -8.19 -25.05
CA GLN B 553 19.83 -6.77 -25.20
C GLN B 553 18.74 -6.30 -24.27
N ALA B 554 17.67 -7.09 -24.13
CA ALA B 554 16.57 -6.71 -23.26
C ALA B 554 16.92 -6.85 -21.80
N PHE B 555 17.74 -7.83 -21.43
CA PHE B 555 18.14 -8.01 -20.04
C PHE B 555 18.97 -6.83 -19.57
N ARG B 556 19.83 -6.32 -20.42
CA ARG B 556 20.66 -5.19 -20.03
C ARG B 556 19.90 -3.88 -20.07
N GLN B 557 18.89 -3.77 -20.93
CA GLN B 557 18.14 -2.53 -20.99
C GLN B 557 17.13 -2.41 -19.86
N TYR B 558 16.47 -3.50 -19.48
CA TYR B 558 15.40 -3.24 -18.51
C TYR B 558 15.85 -3.68 -17.14
N PRO B 559 15.68 -2.85 -16.11
CA PRO B 559 16.13 -3.24 -14.77
C PRO B 559 15.39 -4.42 -14.17
N ARG B 560 14.08 -4.51 -14.37
CA ARG B 560 13.33 -5.60 -13.79
C ARG B 560 13.39 -6.89 -14.58
N LEU B 561 14.02 -6.90 -15.75
CA LEU B 561 14.38 -8.14 -16.43
C LEU B 561 15.76 -8.55 -15.94
N GLN B 562 15.83 -9.54 -15.07
CA GLN B 562 17.10 -9.87 -14.44
C GLN B 562 17.68 -11.17 -14.95
N GLY B 563 17.44 -11.50 -16.21
CA GLY B 563 18.12 -12.61 -16.81
C GLY B 563 17.29 -13.87 -16.84
N GLY B 564 17.94 -15.01 -16.86
CA GLY B 564 17.19 -16.24 -17.00
C GLY B 564 18.10 -17.44 -17.02
N PHE B 565 17.48 -18.59 -17.21
CA PHE B 565 18.15 -19.87 -17.22
C PHE B 565 17.94 -20.52 -18.57
N VAL B 566 19.04 -20.72 -19.30
CA VAL B 566 18.98 -21.39 -20.61
C VAL B 566 18.57 -22.84 -20.44
N TRP B 567 17.68 -23.33 -21.28
CA TRP B 567 17.37 -24.74 -21.35
C TRP B 567 18.16 -25.38 -22.49
N ASP B 568 19.06 -26.30 -22.17
CA ASP B 568 19.61 -26.59 -20.84
C ASP B 568 21.08 -26.88 -21.04
N TRP B 569 21.73 -27.45 -20.03
CA TRP B 569 23.18 -27.53 -20.05
C TRP B 569 23.69 -28.67 -20.93
N VAL B 570 23.24 -29.90 -20.68
CA VAL B 570 23.85 -31.07 -21.30
C VAL B 570 22.77 -31.90 -22.00
N ASP B 571 23.11 -32.45 -23.15
CA ASP B 571 22.24 -33.41 -23.83
C ASP B 571 22.01 -34.64 -22.96
N GLN B 572 20.77 -35.11 -22.91
CA GLN B 572 20.45 -36.36 -22.25
C GLN B 572 20.49 -37.53 -23.22
N SER B 573 21.59 -37.70 -23.91
CA SER B 573 21.75 -38.85 -24.77
C SER B 573 22.44 -39.97 -24.02
N LEU B 574 22.08 -41.19 -24.36
CA LEU B 574 22.67 -42.38 -23.77
C LEU B 574 23.54 -43.08 -24.79
N ILE B 575 24.39 -43.97 -24.31
CA ILE B 575 25.33 -44.69 -25.15
C ILE B 575 24.80 -46.09 -25.42
N LYS B 576 24.71 -46.45 -26.70
CA LYS B 576 24.49 -47.83 -27.12
C LYS B 576 25.69 -48.29 -27.94
N TYR B 577 25.71 -49.59 -28.24
CA TYR B 577 26.78 -50.19 -29.01
C TYR B 577 26.15 -50.94 -30.17
N ASP B 578 26.70 -50.78 -31.38
CA ASP B 578 25.95 -51.22 -32.55
C ASP B 578 26.12 -52.72 -32.85
N GLU B 579 27.28 -53.12 -33.37
CA GLU B 579 27.64 -54.53 -33.43
C GLU B 579 29.12 -54.79 -33.23
N ASN B 580 29.99 -53.82 -33.48
CA ASN B 580 31.42 -53.96 -33.34
C ASN B 580 31.90 -53.45 -31.99
N GLY B 581 30.98 -53.13 -31.09
CA GLY B 581 31.34 -52.48 -29.86
C GLY B 581 31.60 -51.00 -29.99
N ASN B 582 31.28 -50.40 -31.12
CA ASN B 582 31.46 -48.97 -31.30
C ASN B 582 30.33 -48.23 -30.60
N PRO B 583 30.64 -47.30 -29.69
CA PRO B 583 29.58 -46.56 -29.01
C PRO B 583 28.94 -45.52 -29.92
N TRP B 584 27.65 -45.30 -29.71
CA TRP B 584 26.94 -44.23 -30.41
C TRP B 584 25.88 -43.64 -29.50
N SER B 585 25.57 -42.38 -29.75
CA SER B 585 24.66 -41.63 -28.89
C SER B 585 23.23 -41.93 -29.26
N ALA B 586 22.45 -42.37 -28.28
CA ALA B 586 21.07 -42.76 -28.49
C ALA B 586 20.13 -41.75 -27.85
N TYR B 587 18.97 -41.56 -28.47
CA TYR B 587 17.93 -40.71 -27.92
C TYR B 587 16.66 -41.54 -27.77
N GLY B 588 15.55 -40.86 -27.50
CA GLY B 588 14.31 -41.54 -27.17
C GLY B 588 13.79 -42.36 -28.33
N GLY B 589 13.45 -43.60 -28.07
CA GLY B 589 13.06 -44.54 -29.09
C GLY B 589 14.09 -45.61 -29.36
N ASP B 590 15.34 -45.38 -29.00
CA ASP B 590 16.41 -46.28 -29.36
C ASP B 590 16.53 -47.45 -28.41
N PHE B 591 15.72 -47.51 -27.37
CA PHE B 591 15.74 -48.61 -26.42
C PHE B 591 14.48 -49.45 -26.48
N GLY B 592 13.65 -49.26 -27.50
CA GLY B 592 12.38 -49.94 -27.59
C GLY B 592 11.27 -49.30 -26.80
N ASP B 593 11.55 -48.19 -26.14
CA ASP B 593 10.56 -47.47 -25.38
C ASP B 593 9.54 -46.84 -26.30
N THR B 594 8.29 -46.89 -25.90
CA THR B 594 7.20 -46.54 -26.78
C THR B 594 6.01 -46.29 -25.88
N PRO B 595 5.31 -45.17 -26.04
CA PRO B 595 5.69 -44.04 -26.88
C PRO B 595 6.78 -43.22 -26.21
N ASN B 596 7.47 -42.45 -27.01
CA ASN B 596 8.63 -41.73 -26.55
C ASN B 596 8.67 -40.40 -27.26
N ASP B 597 9.57 -39.53 -26.85
CA ASP B 597 9.61 -38.23 -27.48
C ASP B 597 10.90 -38.01 -28.21
N ARG B 598 11.44 -39.08 -28.76
CA ARG B 598 12.54 -38.98 -29.72
C ARG B 598 13.64 -38.05 -29.28
N GLN B 599 13.97 -37.05 -30.06
CA GLN B 599 15.17 -36.31 -29.78
C GLN B 599 14.98 -35.08 -28.90
N PHE B 600 13.81 -34.91 -28.30
CA PHE B 600 13.63 -33.81 -27.36
C PHE B 600 14.39 -34.01 -26.06
N CYS B 601 15.05 -35.14 -25.88
CA CYS B 601 15.92 -35.30 -24.72
C CYS B 601 17.24 -34.57 -24.89
N MET B 602 17.61 -34.16 -26.09
CA MET B 602 18.91 -33.56 -26.33
C MET B 602 18.73 -32.07 -26.57
N ASN B 603 18.87 -31.29 -25.51
CA ASN B 603 18.68 -29.84 -25.62
C ASN B 603 19.89 -29.10 -25.07
N GLY B 604 21.04 -29.72 -25.00
CA GLY B 604 22.13 -29.16 -24.26
C GLY B 604 22.96 -28.17 -25.02
N LEU B 605 23.64 -27.32 -24.27
CA LEU B 605 24.71 -26.51 -24.81
C LEU B 605 26.00 -27.28 -24.97
N VAL B 606 26.14 -28.40 -24.28
CA VAL B 606 27.27 -29.30 -24.47
C VAL B 606 26.72 -30.67 -24.81
N PHE B 607 27.55 -31.47 -25.46
CA PHE B 607 27.23 -32.86 -25.68
C PHE B 607 27.30 -33.63 -24.36
N ALA B 608 26.82 -34.87 -24.38
CA ALA B 608 26.75 -35.66 -23.17
C ALA B 608 28.11 -36.00 -22.59
N ASP B 609 29.16 -36.02 -23.40
CA ASP B 609 30.53 -36.13 -22.90
C ASP B 609 31.17 -34.77 -22.62
N ARG B 610 30.36 -33.73 -22.52
CA ARG B 610 30.75 -32.38 -22.10
C ARG B 610 31.69 -31.71 -23.10
N THR B 611 31.56 -32.02 -24.33
CA THR B 611 32.22 -31.17 -25.32
C THR B 611 31.22 -30.17 -25.88
N PRO B 612 31.63 -28.95 -26.19
CA PRO B 612 30.66 -27.88 -26.48
C PRO B 612 29.99 -27.98 -27.84
N HIS B 613 28.73 -27.57 -27.86
CA HIS B 613 28.08 -27.17 -29.09
C HIS B 613 28.58 -25.79 -29.49
N PRO B 614 28.42 -25.40 -30.75
CA PRO B 614 28.80 -24.02 -31.14
C PRO B 614 27.93 -22.95 -30.52
N ALA B 615 26.73 -23.27 -30.05
CA ALA B 615 25.89 -22.28 -29.41
C ALA B 615 26.42 -21.85 -28.05
N LEU B 616 27.35 -22.60 -27.46
CA LEU B 616 27.91 -22.21 -26.17
C LEU B 616 28.77 -20.97 -26.27
N THR B 617 29.43 -20.76 -27.40
CA THR B 617 30.21 -19.56 -27.62
C THR B 617 29.32 -18.34 -27.74
N GLU B 618 28.14 -18.49 -28.35
CA GLU B 618 27.18 -17.40 -28.40
C GLU B 618 26.68 -17.04 -27.02
N ALA B 619 26.48 -18.05 -26.17
CA ALA B 619 26.08 -17.80 -24.80
C ALA B 619 27.19 -17.11 -24.01
N LYS B 620 28.44 -17.50 -24.27
CA LYS B 620 29.56 -16.88 -23.57
C LYS B 620 29.70 -15.41 -23.92
N HIS B 621 29.51 -15.07 -25.20
CA HIS B 621 29.70 -13.70 -25.63
C HIS B 621 28.57 -12.80 -25.17
N GLN B 622 27.33 -13.29 -25.19
CA GLN B 622 26.22 -12.45 -24.77
C GLN B 622 26.17 -12.28 -23.26
N GLN B 623 26.76 -13.20 -22.51
CA GLN B 623 26.75 -13.14 -21.05
C GLN B 623 28.02 -12.58 -20.48
N GLN B 624 28.87 -11.97 -21.29
CA GLN B 624 30.18 -11.56 -20.81
C GLN B 624 30.05 -10.36 -19.89
N PHE B 625 30.97 -10.29 -18.93
CA PHE B 625 30.86 -9.34 -17.84
C PHE B 625 31.46 -7.99 -18.15
N PHE B 626 32.01 -7.80 -19.34
CA PHE B 626 32.51 -6.52 -19.78
C PHE B 626 31.79 -6.12 -21.05
N GLN B 627 31.26 -4.92 -21.08
CA GLN B 627 30.63 -4.39 -22.26
C GLN B 627 31.52 -3.31 -22.84
N PHE B 628 31.50 -3.20 -24.16
CA PHE B 628 32.45 -2.36 -24.86
C PHE B 628 31.70 -1.38 -25.75
N ARG B 629 32.21 -0.16 -25.82
CA ARG B 629 31.66 0.81 -26.74
C ARG B 629 32.80 1.56 -27.38
N LEU B 630 32.73 1.74 -28.69
CA LEU B 630 33.75 2.43 -29.45
C LEU B 630 33.24 3.79 -29.88
N SER B 631 34.07 4.81 -29.67
CA SER B 631 33.76 6.16 -30.15
C SER B 631 35.07 6.77 -30.64
N GLY B 632 35.30 6.69 -31.95
CA GLY B 632 36.52 7.18 -32.53
C GLY B 632 37.73 6.34 -32.19
N GLN B 633 38.67 6.92 -31.46
CA GLN B 633 39.86 6.22 -31.00
C GLN B 633 39.69 5.66 -29.60
N THR B 634 38.55 5.89 -28.96
CA THR B 634 38.37 5.61 -27.55
C THR B 634 37.46 4.41 -27.38
N ILE B 635 37.89 3.48 -26.54
CA ILE B 635 37.10 2.33 -26.13
C ILE B 635 36.73 2.54 -24.67
N GLU B 636 35.44 2.60 -24.37
CA GLU B 636 35.04 2.53 -22.97
C GLU B 636 34.69 1.09 -22.63
N VAL B 637 35.15 0.65 -21.48
CA VAL B 637 34.91 -0.70 -20.99
C VAL B 637 34.04 -0.58 -19.76
N THR B 638 32.83 -1.08 -19.83
CA THR B 638 31.91 -1.06 -18.70
C THR B 638 31.94 -2.42 -18.03
N SER B 639 32.22 -2.43 -16.73
CA SER B 639 32.17 -3.66 -15.96
C SER B 639 30.74 -3.97 -15.59
N GLU B 640 30.37 -5.24 -15.71
CA GLU B 640 29.09 -5.71 -15.19
C GLU B 640 29.27 -6.58 -13.96
N TYR B 641 30.45 -6.61 -13.38
CA TYR B 641 30.59 -7.22 -12.07
C TYR B 641 29.95 -6.34 -11.02
N LEU B 642 29.35 -6.97 -10.03
CA LEU B 642 28.70 -6.23 -8.97
C LEU B 642 29.62 -5.99 -7.79
N PHE B 643 30.61 -6.84 -7.59
CA PHE B 643 31.31 -6.82 -6.32
C PHE B 643 32.82 -6.74 -6.46
N ARG B 644 33.39 -7.29 -7.53
CA ARG B 644 34.84 -7.37 -7.65
C ARG B 644 35.36 -6.30 -8.59
N HIS B 645 36.58 -5.87 -8.28
CA HIS B 645 37.35 -5.01 -9.15
C HIS B 645 37.99 -5.92 -10.19
N SER B 646 38.35 -5.37 -11.33
CA SER B 646 38.98 -6.15 -12.38
C SER B 646 40.48 -6.24 -12.11
N ASP B 647 40.84 -7.11 -11.19
CA ASP B 647 42.22 -7.24 -10.76
C ASP B 647 42.96 -8.40 -11.43
N ASN B 648 42.30 -9.14 -12.32
CA ASN B 648 42.92 -10.23 -13.05
C ASN B 648 42.55 -10.11 -14.53
N GLU B 649 42.67 -8.91 -15.07
CA GLU B 649 42.18 -8.66 -16.42
C GLU B 649 43.09 -7.67 -17.12
N LEU B 650 43.43 -7.97 -18.38
CA LEU B 650 44.06 -7.00 -19.25
C LEU B 650 43.36 -7.00 -20.59
N LEU B 651 43.24 -5.83 -21.19
CA LEU B 651 42.61 -5.70 -22.49
C LEU B 651 43.65 -5.80 -23.58
N HIS B 652 43.51 -6.79 -24.44
CA HIS B 652 44.34 -6.93 -25.61
C HIS B 652 43.56 -6.49 -26.84
N TRP B 653 44.12 -5.55 -27.59
CA TRP B 653 43.46 -5.08 -28.81
C TRP B 653 44.32 -5.37 -30.02
N MET B 654 43.67 -5.52 -31.17
CA MET B 654 44.33 -5.77 -32.44
C MET B 654 43.59 -4.99 -33.53
N VAL B 655 44.34 -4.53 -34.51
CA VAL B 655 43.78 -3.97 -35.73
C VAL B 655 44.29 -4.80 -36.90
N ALA B 656 43.38 -5.25 -37.74
CA ALA B 656 43.73 -6.08 -38.88
C ALA B 656 43.04 -5.58 -40.13
N LEU B 657 43.69 -5.77 -41.27
CA LEU B 657 43.16 -5.41 -42.58
C LEU B 657 42.98 -6.69 -43.38
N ASP B 658 41.73 -7.11 -43.51
CA ASP B 658 41.34 -8.36 -44.18
C ASP B 658 42.11 -9.55 -43.63
N GLY B 659 42.16 -9.65 -42.31
CA GLY B 659 42.77 -10.75 -41.64
C GLY B 659 44.24 -10.59 -41.32
N LYS B 660 44.95 -9.70 -42.00
CA LYS B 660 46.36 -9.64 -41.63
C LYS B 660 46.60 -8.51 -40.64
N PRO B 661 47.34 -8.77 -39.56
CA PRO B 661 47.40 -7.80 -38.47
C PRO B 661 48.31 -6.62 -38.78
N LEU B 662 47.92 -5.47 -38.28
CA LEU B 662 48.67 -4.24 -38.49
C LEU B 662 49.20 -3.64 -37.19
N ALA B 663 48.39 -3.65 -36.14
CA ALA B 663 48.81 -3.07 -34.87
C ALA B 663 48.15 -3.86 -33.75
N SER B 664 48.78 -3.82 -32.58
CA SER B 664 48.26 -4.51 -31.42
C SER B 664 48.77 -3.83 -30.17
N GLY B 665 48.27 -4.28 -29.03
CA GLY B 665 48.66 -3.69 -27.77
C GLY B 665 47.92 -4.35 -26.63
N GLU B 666 48.42 -4.11 -25.42
CA GLU B 666 47.81 -4.61 -24.20
C GLU B 666 47.67 -3.47 -23.20
N VAL B 667 46.49 -3.36 -22.61
CA VAL B 667 46.21 -2.37 -21.57
C VAL B 667 45.68 -3.11 -20.36
N PRO B 668 46.21 -2.86 -19.16
CA PRO B 668 45.60 -3.46 -17.98
C PRO B 668 44.28 -2.79 -17.65
N LEU B 669 43.29 -3.60 -17.30
CA LEU B 669 42.00 -3.09 -16.89
C LEU B 669 42.00 -2.80 -15.40
N ASP B 670 41.61 -1.59 -15.04
CA ASP B 670 41.37 -1.22 -13.65
C ASP B 670 40.01 -0.56 -13.64
N VAL B 671 38.96 -1.35 -13.54
CA VAL B 671 37.60 -0.84 -13.60
C VAL B 671 36.85 -1.29 -12.36
N ALA B 672 36.13 -0.37 -11.76
CA ALA B 672 35.37 -0.62 -10.54
C ALA B 672 34.16 -1.49 -10.87
N PRO B 673 33.55 -2.12 -9.86
CA PRO B 673 32.25 -2.78 -10.08
C PRO B 673 31.22 -1.77 -10.58
N GLN B 674 30.60 -2.12 -11.71
CA GLN B 674 29.68 -1.29 -12.47
C GLN B 674 30.30 0.03 -12.94
N GLY B 675 31.62 0.09 -13.04
CA GLY B 675 32.31 1.30 -13.44
C GLY B 675 32.65 1.30 -14.91
N LYS B 676 33.40 2.33 -15.32
CA LYS B 676 33.83 2.48 -16.69
C LYS B 676 35.32 2.76 -16.72
N GLN B 677 35.94 2.47 -17.86
CA GLN B 677 37.33 2.81 -18.09
C GLN B 677 37.49 3.17 -19.56
N LEU B 678 37.99 4.37 -19.82
CA LEU B 678 38.26 4.81 -21.18
C LEU B 678 39.64 4.33 -21.59
N ILE B 679 39.72 3.63 -22.71
CA ILE B 679 40.97 3.17 -23.27
C ILE B 679 41.22 3.99 -24.52
N GLU B 680 42.22 4.85 -24.47
CA GLU B 680 42.61 5.59 -25.66
C GLU B 680 43.54 4.73 -26.50
N LEU B 681 43.14 4.43 -27.71
CA LEU B 681 44.02 3.71 -28.60
C LEU B 681 45.07 4.66 -29.16
N PRO B 682 46.21 4.13 -29.58
CA PRO B 682 47.17 4.96 -30.32
C PRO B 682 46.67 5.38 -31.69
N GLU B 683 47.49 6.12 -32.41
CA GLU B 683 47.13 6.49 -33.78
C GLU B 683 47.15 5.23 -34.63
N LEU B 684 45.95 4.76 -34.97
CA LEU B 684 45.79 3.51 -35.67
C LEU B 684 46.32 3.63 -37.09
N PRO B 685 46.84 2.55 -37.66
CA PRO B 685 47.41 2.64 -39.01
C PRO B 685 46.32 2.88 -40.05
N GLN B 686 46.65 3.65 -41.07
CA GLN B 686 45.73 4.03 -42.12
C GLN B 686 46.29 3.54 -43.45
N PRO B 687 46.12 2.25 -43.75
CA PRO B 687 46.68 1.72 -45.00
C PRO B 687 45.85 2.14 -46.20
N GLU B 688 46.54 2.55 -47.25
CA GLU B 688 45.88 2.89 -48.50
C GLU B 688 45.54 1.66 -49.33
N SER B 689 45.96 0.47 -48.89
CA SER B 689 45.49 -0.76 -49.49
C SER B 689 44.00 -0.93 -49.29
N ALA B 690 43.36 -1.58 -50.25
CA ALA B 690 41.92 -1.76 -50.19
C ALA B 690 41.55 -2.81 -49.14
N GLY B 691 40.37 -2.65 -48.57
CA GLY B 691 39.87 -3.63 -47.64
C GLY B 691 39.28 -3.02 -46.40
N GLN B 692 38.51 -3.83 -45.66
CA GLN B 692 37.91 -3.37 -44.42
C GLN B 692 38.90 -3.53 -43.27
N LEU B 693 39.01 -2.51 -42.45
CA LEU B 693 39.87 -2.52 -41.28
C LEU B 693 39.02 -2.88 -40.06
N TRP B 694 39.50 -3.83 -39.27
CA TRP B 694 38.75 -4.37 -38.15
C TRP B 694 39.51 -4.18 -36.85
N LEU B 695 38.81 -3.71 -35.82
CA LEU B 695 39.36 -3.60 -34.48
C LEU B 695 38.76 -4.71 -33.62
N THR B 696 39.62 -5.50 -32.98
CA THR B 696 39.20 -6.58 -32.11
C THR B 696 39.79 -6.34 -30.73
N VAL B 697 38.97 -6.39 -29.69
CA VAL B 697 39.49 -6.33 -28.33
C VAL B 697 39.16 -7.63 -27.62
N ARG B 698 40.01 -8.01 -26.68
CA ARG B 698 39.81 -9.19 -25.87
C ARG B 698 40.16 -8.86 -24.43
N VAL B 699 39.41 -9.42 -23.50
CA VAL B 699 39.76 -9.37 -22.09
C VAL B 699 40.37 -10.70 -21.72
N VAL B 700 41.63 -10.68 -21.34
CA VAL B 700 42.40 -11.87 -21.02
C VAL B 700 42.64 -11.88 -19.51
N GLN B 701 42.47 -13.05 -18.90
CA GLN B 701 42.83 -13.22 -17.50
C GLN B 701 44.24 -13.77 -17.42
N PRO B 702 45.23 -12.98 -16.98
CA PRO B 702 46.62 -13.46 -16.99
C PRO B 702 46.88 -14.55 -15.99
N ASN B 703 46.24 -14.51 -14.84
CA ASN B 703 46.48 -15.48 -13.77
C ASN B 703 45.41 -16.55 -13.78
N ALA B 704 45.81 -17.75 -13.41
CA ALA B 704 44.84 -18.82 -13.23
C ALA B 704 43.96 -18.54 -12.02
N THR B 705 42.74 -19.01 -12.08
CA THR B 705 41.82 -18.94 -10.97
C THR B 705 41.51 -20.37 -10.52
N ALA B 706 40.55 -20.49 -9.61
CA ALA B 706 40.08 -21.82 -9.25
C ALA B 706 39.35 -22.49 -10.38
N TRP B 707 38.82 -21.74 -11.33
CA TRP B 707 37.97 -22.27 -12.37
C TRP B 707 38.48 -22.02 -13.77
N SER B 708 39.63 -21.37 -13.94
CA SER B 708 40.11 -21.06 -15.28
C SER B 708 41.63 -21.14 -15.31
N GLU B 709 42.15 -21.38 -16.50
CA GLU B 709 43.58 -21.41 -16.70
C GLU B 709 44.12 -20.01 -16.89
N ALA B 710 45.43 -19.89 -16.95
CA ALA B 710 46.06 -18.63 -17.30
C ALA B 710 45.82 -18.33 -18.77
N GLY B 711 45.59 -17.06 -19.07
CA GLY B 711 45.29 -16.69 -20.44
C GLY B 711 43.88 -16.96 -20.87
N HIS B 712 42.96 -17.14 -19.94
CA HIS B 712 41.57 -17.35 -20.27
C HIS B 712 40.95 -16.08 -20.83
N ILE B 713 40.27 -16.21 -21.95
CA ILE B 713 39.59 -15.09 -22.59
C ILE B 713 38.18 -15.04 -22.04
N SER B 714 37.81 -13.93 -21.42
CA SER B 714 36.50 -13.84 -20.79
C SER B 714 35.52 -12.95 -21.53
N ALA B 715 35.99 -12.05 -22.38
CA ALA B 715 35.12 -11.15 -23.11
C ALA B 715 35.84 -10.69 -24.35
N TRP B 716 35.06 -10.38 -25.40
CA TRP B 716 35.63 -9.85 -26.62
C TRP B 716 34.58 -9.02 -27.33
N GLN B 717 35.02 -8.27 -28.33
CA GLN B 717 34.15 -7.45 -29.16
C GLN B 717 34.94 -7.04 -30.38
N GLN B 718 34.27 -6.93 -31.52
CA GLN B 718 34.91 -6.53 -32.75
C GLN B 718 34.13 -5.37 -33.37
N TRP B 719 34.85 -4.47 -34.04
CA TRP B 719 34.23 -3.36 -34.74
C TRP B 719 34.87 -3.18 -36.09
N ARG B 720 34.12 -2.60 -37.02
CA ARG B 720 34.68 -2.12 -38.27
C ARG B 720 35.21 -0.71 -38.12
N LEU B 721 36.46 -0.52 -38.51
CA LEU B 721 37.05 0.79 -38.67
C LEU B 721 36.88 1.22 -40.13
N ALA B 722 37.67 2.19 -40.57
CA ALA B 722 37.57 2.74 -41.92
C ALA B 722 37.77 1.68 -43.01
N GLU B 723 37.07 1.86 -44.12
CA GLU B 723 37.17 0.97 -45.27
C GLU B 723 37.70 1.75 -46.47
N ASN B 724 38.56 1.10 -47.25
CA ASN B 724 38.99 1.63 -48.54
C ASN B 724 38.40 0.75 -49.63
N LEU B 725 37.49 1.31 -50.42
CA LEU B 725 36.92 0.56 -51.52
C LEU B 725 37.95 0.42 -52.64
N SER B 726 37.93 -0.73 -53.30
CA SER B 726 38.91 -1.04 -54.32
C SER B 726 38.48 -0.43 -55.64
N VAL B 727 39.22 0.55 -56.12
CA VAL B 727 38.95 1.17 -57.40
C VAL B 727 39.96 0.73 -58.46
N THR B 728 40.70 -0.34 -58.19
CA THR B 728 41.72 -0.80 -59.12
C THR B 728 41.07 -1.61 -60.25
N LEU B 729 41.43 -1.26 -61.47
CA LEU B 729 40.98 -2.02 -62.63
C LEU B 729 41.62 -3.41 -62.62
N PRO B 730 40.94 -4.41 -63.16
CA PRO B 730 41.57 -5.72 -63.31
C PRO B 730 42.66 -5.68 -64.36
N ALA B 731 43.67 -6.54 -64.17
CA ALA B 731 44.79 -6.60 -65.10
C ALA B 731 44.32 -7.17 -66.43
N ALA B 732 44.43 -6.37 -67.48
CA ALA B 732 43.93 -6.77 -68.79
C ALA B 732 44.84 -7.82 -69.41
N SER B 733 44.50 -9.09 -69.21
CA SER B 733 45.23 -10.16 -69.86
C SER B 733 44.94 -10.16 -71.35
N HIS B 734 45.86 -10.77 -72.10
CA HIS B 734 45.74 -10.79 -73.54
C HIS B 734 45.08 -12.05 -74.08
N ALA B 735 44.96 -13.09 -73.25
CA ALA B 735 44.27 -14.29 -73.68
C ALA B 735 42.77 -14.06 -73.68
N ILE B 736 42.08 -14.91 -74.43
CA ILE B 736 40.63 -14.85 -74.57
C ILE B 736 40.09 -16.27 -74.44
N PRO B 737 39.08 -16.50 -73.61
CA PRO B 737 38.47 -17.83 -73.57
C PRO B 737 37.71 -18.12 -74.83
N HIS B 738 37.76 -19.36 -75.27
CA HIS B 738 37.20 -19.77 -76.55
C HIS B 738 35.90 -20.52 -76.31
N LEU B 739 34.82 -20.05 -76.90
CA LEU B 739 33.52 -20.69 -76.78
C LEU B 739 33.30 -21.67 -77.91
N THR B 740 32.92 -22.90 -77.55
CA THR B 740 32.57 -23.94 -78.50
C THR B 740 31.17 -24.42 -78.18
N THR B 741 30.30 -24.40 -79.18
CA THR B 741 28.89 -24.72 -78.98
C THR B 741 28.55 -25.98 -79.75
N SER B 742 28.26 -27.05 -79.03
CA SER B 742 27.61 -28.20 -79.62
C SER B 742 26.13 -28.12 -79.28
N GLU B 743 25.39 -29.16 -79.61
CA GLU B 743 23.98 -29.19 -79.24
C GLU B 743 23.75 -29.79 -77.86
N MET B 744 24.75 -30.46 -77.30
CA MET B 744 24.71 -30.93 -75.93
C MET B 744 25.19 -29.89 -74.94
N ASP B 745 26.24 -29.13 -75.27
CA ASP B 745 26.87 -28.31 -74.27
C ASP B 745 27.45 -27.03 -74.86
N PHE B 746 27.73 -26.08 -73.99
CA PHE B 746 28.69 -25.01 -74.28
C PHE B 746 29.99 -25.40 -73.63
N CYS B 747 31.08 -25.29 -74.37
CA CYS B 747 32.41 -25.61 -73.85
C CYS B 747 33.27 -24.37 -73.97
N ILE B 748 33.85 -23.96 -72.86
CA ILE B 748 34.69 -22.77 -72.81
C ILE B 748 36.05 -23.23 -72.30
N GLU B 749 37.09 -23.00 -73.09
CA GLU B 749 38.43 -23.35 -72.67
C GLU B 749 39.32 -22.13 -72.66
N LEU B 750 40.25 -22.11 -71.70
CA LEU B 750 41.19 -21.01 -71.53
C LEU B 750 42.43 -21.59 -70.86
N GLY B 751 43.48 -21.79 -71.63
CA GLY B 751 44.65 -22.44 -71.09
C GLY B 751 44.34 -23.90 -70.82
N ASN B 752 44.73 -24.39 -69.64
CA ASN B 752 44.37 -25.74 -69.25
C ASN B 752 42.98 -25.82 -68.64
N LYS B 753 42.37 -24.70 -68.30
CA LYS B 753 41.06 -24.71 -67.67
C LYS B 753 39.97 -24.89 -68.71
N ARG B 754 38.88 -25.54 -68.32
CA ARG B 754 37.79 -25.78 -69.24
C ARG B 754 36.49 -25.86 -68.45
N TRP B 755 35.45 -25.22 -68.98
CA TRP B 755 34.13 -25.19 -68.35
C TRP B 755 33.12 -25.77 -69.30
N GLN B 756 32.19 -26.57 -68.77
CA GLN B 756 31.16 -27.18 -69.58
C GLN B 756 29.79 -26.88 -68.99
N PHE B 757 28.89 -26.36 -69.82
CA PHE B 757 27.53 -26.04 -69.43
C PHE B 757 26.59 -26.94 -70.20
N ASN B 758 25.87 -27.80 -69.50
CA ASN B 758 24.89 -28.66 -70.14
C ASN B 758 23.73 -27.82 -70.66
N ARG B 759 23.46 -27.90 -71.95
CA ARG B 759 22.42 -27.07 -72.55
C ARG B 759 21.01 -27.60 -72.31
N GLN B 760 20.87 -28.81 -71.82
CA GLN B 760 19.53 -29.31 -71.49
C GLN B 760 19.14 -29.04 -70.05
N SER B 761 20.11 -29.07 -69.13
CA SER B 761 19.81 -28.71 -67.75
C SER B 761 20.05 -27.23 -67.49
N GLY B 762 20.97 -26.61 -68.21
CA GLY B 762 21.26 -25.22 -68.02
C GLY B 762 22.30 -24.91 -66.97
N PHE B 763 22.88 -25.93 -66.35
CA PHE B 763 23.83 -25.70 -65.27
C PHE B 763 25.24 -25.99 -65.74
N LEU B 764 26.21 -25.39 -65.06
CA LEU B 764 27.60 -25.76 -65.25
C LEU B 764 27.80 -27.17 -64.74
N SER B 765 28.07 -28.09 -65.66
CA SER B 765 28.07 -29.49 -65.32
C SER B 765 29.45 -30.03 -65.00
N GLN B 766 30.50 -29.46 -65.58
CA GLN B 766 31.83 -29.97 -65.31
C GLN B 766 32.84 -28.87 -65.54
N MET B 767 33.90 -28.88 -64.73
CA MET B 767 35.02 -27.97 -64.87
C MET B 767 36.29 -28.79 -64.85
N TRP B 768 37.26 -28.43 -65.69
CA TRP B 768 38.52 -29.14 -65.81
C TRP B 768 39.68 -28.25 -65.43
N ILE B 769 40.67 -28.82 -64.76
CA ILE B 769 41.97 -28.21 -64.59
C ILE B 769 42.96 -29.23 -65.14
N GLY B 770 43.51 -28.95 -66.31
CA GLY B 770 44.25 -29.96 -67.03
C GLY B 770 43.30 -31.03 -67.54
N ASP B 771 43.41 -32.23 -67.00
CA ASP B 771 42.47 -33.30 -67.33
C ASP B 771 41.73 -33.82 -66.12
N LYS B 772 41.82 -33.14 -64.98
CA LYS B 772 41.12 -33.54 -63.79
C LYS B 772 39.75 -32.90 -63.76
N LYS B 773 38.70 -33.71 -63.77
CA LYS B 773 37.36 -33.21 -63.51
C LYS B 773 37.27 -32.69 -62.08
N GLN B 774 36.65 -31.53 -61.93
CA GLN B 774 36.59 -30.89 -60.63
C GLN B 774 35.26 -31.08 -59.93
N LEU B 775 34.26 -31.58 -60.63
CA LEU B 775 32.92 -31.70 -60.08
C LEU B 775 32.42 -33.12 -60.18
N LEU B 776 31.58 -33.51 -59.23
CA LEU B 776 30.85 -34.76 -59.29
C LEU B 776 29.37 -34.55 -59.55
N THR B 777 28.85 -33.37 -59.27
CA THR B 777 27.46 -32.99 -59.38
C THR B 777 27.50 -31.57 -59.92
N PRO B 778 26.60 -31.21 -60.83
CA PRO B 778 26.62 -29.85 -61.38
C PRO B 778 26.32 -28.78 -60.34
N LEU B 779 26.77 -27.57 -60.64
CA LEU B 779 26.52 -26.40 -59.80
C LEU B 779 25.08 -25.96 -60.00
N ARG B 780 24.23 -26.24 -59.02
CA ARG B 780 22.80 -26.01 -59.14
C ARG B 780 22.33 -25.09 -58.01
N ASP B 781 21.21 -24.42 -58.24
CA ASP B 781 20.56 -23.64 -57.20
C ASP B 781 20.00 -24.54 -56.12
N GLN B 782 20.04 -24.06 -54.90
CA GLN B 782 19.49 -24.79 -53.77
C GLN B 782 18.64 -23.84 -52.95
N PHE B 783 17.42 -24.24 -52.66
CA PHE B 783 16.52 -23.39 -51.90
C PHE B 783 16.10 -24.03 -50.59
N THR B 784 16.64 -25.18 -50.24
CA THR B 784 16.26 -25.91 -49.06
C THR B 784 17.47 -26.17 -48.19
N ARG B 785 17.21 -26.57 -46.95
CA ARG B 785 18.23 -27.09 -46.08
C ARG B 785 17.70 -28.35 -45.41
N ALA B 786 18.61 -29.20 -44.97
CA ALA B 786 18.23 -30.30 -44.11
C ALA B 786 17.66 -29.73 -42.83
N PRO B 787 16.42 -30.06 -42.47
CA PRO B 787 15.72 -29.28 -41.46
C PRO B 787 16.28 -29.45 -40.07
N LEU B 788 16.36 -28.34 -39.36
CA LEU B 788 16.84 -28.32 -37.99
C LEU B 788 15.75 -28.89 -37.07
N ASP B 789 16.11 -29.06 -35.81
CA ASP B 789 15.09 -29.41 -34.82
C ASP B 789 14.09 -28.30 -34.62
N ASN B 790 14.52 -27.04 -34.79
CA ASN B 790 13.57 -25.94 -34.71
C ASN B 790 12.67 -25.88 -35.94
N ASP B 791 13.16 -26.36 -37.09
CA ASP B 791 12.32 -26.43 -38.27
C ASP B 791 11.26 -27.52 -38.14
N ILE B 792 11.58 -28.60 -37.43
CA ILE B 792 10.68 -29.74 -37.35
C ILE B 792 9.62 -29.52 -36.27
N GLY B 793 10.05 -29.09 -35.09
CA GLY B 793 9.09 -28.89 -34.02
C GLY B 793 8.63 -30.22 -33.45
N VAL B 794 7.34 -30.29 -33.14
CA VAL B 794 6.74 -31.51 -32.64
C VAL B 794 6.06 -32.30 -33.74
N SER B 795 6.40 -32.04 -34.99
CA SER B 795 5.78 -32.74 -36.11
C SER B 795 6.47 -34.07 -36.33
N GLU B 796 5.67 -35.12 -36.53
CA GLU B 796 6.19 -36.39 -37.02
C GLU B 796 5.24 -36.91 -38.07
N ALA B 797 5.49 -38.14 -38.53
CA ALA B 797 4.72 -38.71 -39.62
C ALA B 797 3.29 -39.05 -39.21
N THR B 798 3.05 -39.32 -37.93
CA THR B 798 1.70 -39.60 -37.49
C THR B 798 0.91 -38.32 -37.23
N ARG B 799 1.49 -37.39 -36.50
CA ARG B 799 0.87 -36.10 -36.23
C ARG B 799 1.65 -35.02 -36.98
N ILE B 800 1.09 -34.54 -38.08
CA ILE B 800 1.65 -33.40 -38.78
C ILE B 800 1.31 -32.13 -38.00
N ASP B 801 2.32 -31.35 -37.68
CA ASP B 801 2.11 -29.99 -37.20
C ASP B 801 2.18 -29.07 -38.41
N PRO B 802 1.07 -28.56 -38.92
CA PRO B 802 1.09 -27.81 -40.18
C PRO B 802 1.72 -26.43 -40.07
N ASN B 803 1.97 -25.93 -38.86
CA ASN B 803 2.62 -24.63 -38.72
C ASN B 803 4.12 -24.71 -38.73
N ALA B 804 4.70 -25.89 -38.53
CA ALA B 804 6.14 -26.06 -38.52
C ALA B 804 6.73 -25.76 -39.89
N TRP B 805 7.96 -25.25 -39.91
CA TRP B 805 8.58 -24.83 -41.15
C TRP B 805 8.83 -26.00 -42.10
N VAL B 806 9.14 -27.18 -41.56
CA VAL B 806 9.41 -28.29 -42.46
C VAL B 806 8.13 -28.79 -43.09
N GLU B 807 6.99 -28.62 -42.42
CA GLU B 807 5.74 -29.08 -43.01
C GLU B 807 5.20 -28.08 -44.01
N ARG B 808 5.52 -26.80 -43.83
CA ARG B 808 5.15 -25.81 -44.83
C ARG B 808 6.03 -25.94 -46.06
N TRP B 809 7.32 -26.25 -45.87
CA TRP B 809 8.22 -26.45 -46.99
C TRP B 809 7.88 -27.71 -47.77
N LYS B 810 7.47 -28.77 -47.08
CA LYS B 810 7.10 -30.00 -47.76
C LYS B 810 5.77 -29.86 -48.50
N ALA B 811 4.80 -29.19 -47.87
CA ALA B 811 3.50 -29.00 -48.52
C ALA B 811 3.59 -28.07 -49.70
N ALA B 812 4.49 -27.10 -49.66
CA ALA B 812 4.72 -26.25 -50.81
C ALA B 812 5.59 -26.90 -51.86
N GLY B 813 6.20 -28.04 -51.55
CA GLY B 813 7.00 -28.75 -52.51
C GLY B 813 8.37 -28.17 -52.74
N HIS B 814 8.98 -27.56 -51.72
CA HIS B 814 10.33 -27.04 -51.89
C HIS B 814 11.36 -28.15 -52.02
N TYR B 815 11.14 -29.26 -51.32
CA TYR B 815 12.10 -30.36 -51.39
C TYR B 815 11.97 -31.18 -52.65
N GLN B 816 10.90 -31.02 -53.41
CA GLN B 816 10.70 -31.81 -54.62
C GLN B 816 10.34 -30.94 -55.82
N ALA B 817 10.65 -29.65 -55.79
CA ALA B 817 10.47 -28.80 -56.95
C ALA B 817 11.58 -29.07 -57.93
N GLU B 818 11.23 -29.20 -59.20
CA GLU B 818 12.18 -29.52 -60.24
C GLU B 818 12.50 -28.26 -61.04
N ALA B 819 13.77 -28.09 -61.38
CA ALA B 819 14.19 -26.97 -62.19
C ALA B 819 13.83 -27.23 -63.64
N ALA B 820 13.31 -26.20 -64.29
CA ALA B 820 13.00 -26.24 -65.71
C ALA B 820 13.75 -25.11 -66.38
N LEU B 821 14.57 -25.44 -67.37
CA LEU B 821 15.35 -24.43 -68.07
C LEU B 821 14.43 -23.57 -68.92
N LEU B 822 14.43 -22.27 -68.68
CA LEU B 822 13.64 -21.34 -69.47
C LEU B 822 14.39 -20.88 -70.70
N GLN B 823 15.63 -20.44 -70.53
CA GLN B 823 16.46 -20.06 -71.67
C GLN B 823 17.92 -20.22 -71.29
N CYS B 824 18.75 -20.36 -72.31
CA CYS B 824 20.20 -20.45 -72.13
C CYS B 824 20.85 -19.85 -73.36
N THR B 825 21.69 -18.84 -73.15
CA THR B 825 22.41 -18.19 -74.23
C THR B 825 23.88 -18.15 -73.88
N ALA B 826 24.72 -18.18 -74.91
CA ALA B 826 26.15 -18.03 -74.74
C ALA B 826 26.67 -17.07 -75.79
N ASP B 827 27.50 -16.14 -75.36
CA ASP B 827 27.96 -15.07 -76.22
C ASP B 827 29.42 -14.77 -75.92
N THR B 828 30.17 -14.43 -76.95
CA THR B 828 31.57 -14.06 -76.81
C THR B 828 31.65 -12.53 -76.82
N LEU B 829 32.30 -11.98 -75.81
CA LEU B 829 32.49 -10.55 -75.71
C LEU B 829 33.88 -10.20 -76.25
N ALA B 830 34.29 -8.95 -76.04
CA ALA B 830 35.62 -8.55 -76.46
C ALA B 830 36.70 -9.14 -75.58
N ASP B 831 36.37 -9.44 -74.33
CA ASP B 831 37.37 -9.97 -73.41
C ASP B 831 36.85 -11.12 -72.55
N ALA B 832 35.64 -11.61 -72.79
CA ALA B 832 35.06 -12.62 -71.92
C ALA B 832 34.04 -13.43 -72.70
N VAL B 833 33.61 -14.53 -72.09
CA VAL B 833 32.50 -15.32 -72.58
C VAL B 833 31.37 -15.15 -71.59
N LEU B 834 30.17 -14.87 -72.10
CA LEU B 834 29.01 -14.59 -71.27
C LEU B 834 27.98 -15.68 -71.47
N ILE B 835 27.67 -16.41 -70.41
CA ILE B 835 26.64 -17.43 -70.43
C ILE B 835 25.51 -16.95 -69.54
N THR B 836 24.29 -16.97 -70.07
CA THR B 836 23.12 -16.45 -69.39
C THR B 836 22.06 -17.53 -69.37
N THR B 837 21.58 -17.90 -68.18
CA THR B 837 20.58 -18.94 -68.05
C THR B 837 19.39 -18.43 -67.23
N ALA B 838 18.29 -19.15 -67.32
CA ALA B 838 17.12 -18.85 -66.52
C ALA B 838 16.39 -20.16 -66.23
N HIS B 839 16.08 -20.40 -64.96
CA HIS B 839 15.39 -21.60 -64.55
C HIS B 839 14.16 -21.24 -63.75
N ALA B 840 13.19 -22.14 -63.76
CA ALA B 840 12.00 -22.01 -62.94
C ALA B 840 11.82 -23.28 -62.13
N TRP B 841 11.48 -23.12 -60.87
CA TRP B 841 11.16 -24.24 -59.99
C TRP B 841 9.66 -24.31 -59.83
N GLN B 842 9.08 -25.38 -60.32
CA GLN B 842 7.64 -25.52 -60.36
C GLN B 842 7.23 -26.74 -59.57
N HIS B 843 6.10 -26.62 -58.88
CA HIS B 843 5.51 -27.73 -58.16
C HIS B 843 4.02 -27.70 -58.41
N GLN B 844 3.53 -28.68 -59.17
CA GLN B 844 2.12 -28.84 -59.52
C GLN B 844 1.58 -27.61 -60.24
N GLY B 845 2.34 -27.14 -61.23
CA GLY B 845 1.94 -26.02 -62.03
C GLY B 845 2.20 -24.66 -61.43
N LYS B 846 2.60 -24.59 -60.17
CA LYS B 846 2.83 -23.32 -59.49
C LYS B 846 4.34 -23.06 -59.47
N THR B 847 4.75 -21.94 -60.03
CA THR B 847 6.17 -21.59 -60.06
C THR B 847 6.59 -21.06 -58.70
N LEU B 848 7.50 -21.76 -58.04
CA LEU B 848 7.95 -21.35 -56.72
C LEU B 848 9.04 -20.31 -56.81
N PHE B 849 10.08 -20.59 -57.60
CA PHE B 849 11.24 -19.73 -57.68
C PHE B 849 11.60 -19.56 -59.14
N ILE B 850 12.17 -18.40 -59.47
CA ILE B 850 12.80 -18.18 -60.76
C ILE B 850 14.20 -17.67 -60.50
N SER B 851 15.18 -18.34 -61.07
CA SER B 851 16.57 -17.95 -60.92
C SER B 851 17.13 -17.58 -62.29
N ARG B 852 17.74 -16.42 -62.38
CA ARG B 852 18.37 -15.94 -63.61
C ARG B 852 19.84 -15.74 -63.32
N LYS B 853 20.70 -16.44 -64.05
CA LYS B 853 22.11 -16.39 -63.77
C LYS B 853 22.88 -15.81 -64.94
N THR B 854 24.08 -15.38 -64.63
CA THR B 854 25.01 -14.85 -65.61
C THR B 854 26.39 -15.36 -65.25
N TYR B 855 27.02 -16.06 -66.18
CA TYR B 855 28.36 -16.59 -66.00
C TYR B 855 29.28 -15.81 -66.91
N ARG B 856 30.32 -15.22 -66.34
CA ARG B 856 31.26 -14.42 -67.11
C ARG B 856 32.66 -14.96 -66.88
N ILE B 857 33.18 -15.69 -67.84
CA ILE B 857 34.55 -16.20 -67.79
C ILE B 857 35.43 -15.24 -68.56
N ASP B 858 36.36 -14.58 -67.88
CA ASP B 858 37.22 -13.62 -68.53
C ASP B 858 38.57 -14.27 -68.86
N GLY B 859 39.51 -13.45 -69.34
CA GLY B 859 40.80 -13.94 -69.76
C GLY B 859 41.73 -14.34 -68.64
N SER B 860 41.42 -13.93 -67.42
CA SER B 860 42.24 -14.30 -66.27
C SER B 860 41.84 -15.65 -65.68
N GLY B 861 40.85 -16.33 -66.25
CA GLY B 861 40.40 -17.59 -65.74
C GLY B 861 39.33 -17.50 -64.66
N GLN B 862 38.98 -16.30 -64.22
CA GLN B 862 37.96 -16.14 -63.21
C GLN B 862 36.58 -16.29 -63.82
N MET B 863 35.68 -16.92 -63.09
CA MET B 863 34.29 -17.03 -63.51
C MET B 863 33.44 -16.25 -62.53
N ALA B 864 32.90 -15.14 -62.99
CA ALA B 864 32.02 -14.32 -62.17
C ALA B 864 30.58 -14.77 -62.38
N ILE B 865 29.93 -15.19 -61.30
CA ILE B 865 28.55 -15.63 -61.33
C ILE B 865 27.71 -14.58 -60.64
N THR B 866 26.68 -14.09 -61.32
CA THR B 866 25.68 -13.24 -60.68
C THR B 866 24.36 -13.97 -60.74
N VAL B 867 23.64 -14.02 -59.63
CA VAL B 867 22.41 -14.77 -59.51
C VAL B 867 21.31 -13.81 -59.09
N ASP B 868 20.20 -13.83 -59.81
CA ASP B 868 19.01 -13.06 -59.46
C ASP B 868 17.86 -14.04 -59.26
N VAL B 869 17.30 -14.07 -58.06
CA VAL B 869 16.27 -15.02 -57.70
C VAL B 869 15.00 -14.26 -57.37
N VAL B 870 13.88 -14.69 -57.94
CA VAL B 870 12.57 -14.19 -57.59
C VAL B 870 11.81 -15.31 -56.88
N VAL B 871 11.24 -15.00 -55.73
CA VAL B 871 10.49 -15.96 -54.93
C VAL B 871 9.03 -15.55 -54.96
N ALA B 872 8.14 -16.52 -55.20
CA ALA B 872 6.71 -16.25 -55.15
C ALA B 872 6.30 -15.86 -53.74
N SER B 873 5.47 -14.82 -53.63
CA SER B 873 5.18 -14.26 -52.32
C SER B 873 4.26 -15.15 -51.49
N ASP B 874 3.49 -16.03 -52.12
CA ASP B 874 2.58 -16.89 -51.40
C ASP B 874 3.19 -18.22 -50.99
N THR B 875 4.33 -18.58 -51.51
CA THR B 875 4.98 -19.77 -50.99
C THR B 875 5.63 -19.40 -49.66
N PRO B 876 5.79 -20.36 -48.73
CA PRO B 876 6.57 -20.08 -47.52
C PRO B 876 8.00 -19.72 -47.87
N HIS B 877 8.59 -18.90 -47.03
CA HIS B 877 9.87 -18.30 -47.38
C HIS B 877 10.96 -19.36 -47.35
N PRO B 878 11.85 -19.37 -48.34
CA PRO B 878 12.81 -20.46 -48.46
C PRO B 878 13.85 -20.42 -47.37
N ALA B 879 14.39 -21.60 -47.06
CA ALA B 879 15.40 -21.72 -46.02
C ALA B 879 16.71 -21.11 -46.43
N ARG B 880 17.02 -21.14 -47.71
CA ARG B 880 18.25 -20.52 -48.19
C ARG B 880 18.05 -20.17 -49.64
N ILE B 881 18.93 -19.32 -50.14
CA ILE B 881 19.02 -19.01 -51.56
C ILE B 881 20.49 -19.06 -51.91
N GLY B 882 20.88 -20.11 -52.63
CA GLY B 882 22.28 -20.27 -52.91
C GLY B 882 22.52 -21.38 -53.90
N LEU B 883 23.78 -21.77 -54.00
CA LEU B 883 24.25 -22.74 -54.95
C LEU B 883 24.78 -23.96 -54.20
N ASN B 884 24.69 -25.12 -54.83
CA ASN B 884 25.47 -26.24 -54.32
C ASN B 884 26.12 -27.01 -55.46
N CYS B 885 27.20 -27.68 -55.11
CA CYS B 885 27.89 -28.59 -56.00
C CYS B 885 28.63 -29.60 -55.15
N GLN B 886 28.92 -30.74 -55.74
CA GLN B 886 29.78 -31.74 -55.11
C GLN B 886 31.12 -31.67 -55.81
N LEU B 887 32.12 -31.18 -55.10
CA LEU B 887 33.46 -31.13 -55.66
C LEU B 887 34.06 -32.52 -55.68
N ALA B 888 34.97 -32.76 -56.61
CA ALA B 888 35.67 -34.03 -56.64
C ALA B 888 36.84 -34.05 -55.66
N GLN B 889 37.38 -32.89 -55.33
CA GLN B 889 38.47 -32.76 -54.40
C GLN B 889 38.04 -33.11 -52.98
N VAL B 890 38.90 -33.80 -52.25
CA VAL B 890 38.79 -33.89 -50.80
C VAL B 890 40.10 -33.33 -50.26
N ALA B 891 40.09 -32.08 -49.86
CA ALA B 891 41.27 -31.46 -49.27
C ALA B 891 41.18 -31.57 -47.76
N GLU B 892 42.29 -31.32 -47.09
CA GLU B 892 42.32 -31.59 -45.67
C GLU B 892 41.97 -30.35 -44.84
N ARG B 893 42.21 -29.15 -45.37
CA ARG B 893 41.98 -27.94 -44.60
C ARG B 893 41.15 -26.94 -45.39
N VAL B 894 40.30 -26.21 -44.67
CA VAL B 894 39.44 -25.18 -45.22
C VAL B 894 39.93 -23.84 -44.71
N ASN B 895 40.15 -22.90 -45.61
CA ASN B 895 40.68 -21.59 -45.29
C ASN B 895 39.68 -20.55 -45.73
N TRP B 896 39.27 -19.65 -44.84
CA TRP B 896 38.33 -18.65 -45.27
C TRP B 896 38.54 -17.33 -44.55
N LEU B 897 38.19 -16.25 -45.23
CA LEU B 897 38.17 -14.92 -44.66
C LEU B 897 36.72 -14.56 -44.38
N GLY B 898 36.34 -14.60 -43.12
CA GLY B 898 34.95 -14.38 -42.79
C GLY B 898 34.75 -14.54 -41.31
N LEU B 899 33.50 -14.71 -40.92
CA LEU B 899 33.20 -14.88 -39.51
C LEU B 899 33.47 -16.30 -39.08
N GLY B 900 34.08 -16.44 -37.92
CA GLY B 900 34.40 -17.74 -37.41
C GLY B 900 35.06 -17.69 -36.05
N PRO B 901 35.84 -18.71 -35.72
CA PRO B 901 36.06 -20.00 -36.36
C PRO B 901 34.85 -20.92 -36.38
N GLN B 902 34.06 -20.89 -35.32
CA GLN B 902 32.90 -21.77 -35.18
C GLN B 902 31.73 -21.46 -36.09
N GLU B 903 30.86 -22.44 -36.28
CA GLU B 903 29.70 -22.28 -37.13
C GLU B 903 28.80 -21.18 -36.61
N ASN B 904 28.23 -20.41 -37.52
CA ASN B 904 27.37 -19.31 -37.16
C ASN B 904 26.34 -19.08 -38.24
N TYR B 905 25.21 -18.53 -37.82
CA TYR B 905 24.01 -18.37 -38.61
C TYR B 905 23.60 -16.91 -38.53
N PRO B 906 22.73 -16.43 -39.43
CA PRO B 906 22.39 -15.00 -39.42
C PRO B 906 21.77 -14.47 -38.13
N ASP B 907 21.07 -15.30 -37.37
CA ASP B 907 20.63 -14.87 -36.05
C ASP B 907 21.46 -15.46 -34.92
N ARG B 908 22.61 -16.05 -35.21
CA ARG B 908 23.53 -16.51 -34.18
C ARG B 908 24.97 -16.22 -34.59
N LEU B 909 25.28 -14.98 -34.95
CA LEU B 909 26.62 -14.66 -35.38
C LEU B 909 27.32 -13.59 -34.56
N THR B 910 26.77 -13.18 -33.43
CA THR B 910 27.39 -12.08 -32.68
C THR B 910 28.68 -12.52 -32.02
N ALA B 911 28.83 -13.79 -31.71
CA ALA B 911 30.04 -14.28 -31.07
C ALA B 911 31.16 -14.54 -32.05
N ALA B 912 30.86 -14.66 -33.33
CA ALA B 912 31.90 -14.94 -34.31
C ALA B 912 32.69 -13.67 -34.61
N CYS B 913 33.96 -13.84 -34.94
CA CYS B 913 34.83 -12.73 -35.27
C CYS B 913 35.24 -12.84 -36.73
N PHE B 914 35.34 -11.69 -37.39
CA PHE B 914 35.84 -11.65 -38.75
C PHE B 914 37.36 -11.75 -38.70
N ASP B 915 37.91 -12.77 -39.34
CA ASP B 915 39.35 -12.96 -39.41
C ASP B 915 39.63 -13.97 -40.52
N ARG B 916 40.91 -14.24 -40.73
CA ARG B 916 41.34 -15.35 -41.56
C ARG B 916 41.36 -16.60 -40.72
N TRP B 917 40.52 -17.58 -41.06
CA TRP B 917 40.40 -18.79 -40.29
C TRP B 917 40.86 -19.98 -41.10
N ASP B 918 41.46 -20.95 -40.44
CA ASP B 918 41.97 -22.14 -41.10
C ASP B 918 41.70 -23.33 -40.21
N LEU B 919 40.85 -24.24 -40.65
CA LEU B 919 40.45 -25.40 -39.88
C LEU B 919 40.56 -26.63 -40.74
N PRO B 920 40.73 -27.80 -40.14
CA PRO B 920 40.54 -29.05 -40.89
C PRO B 920 39.09 -29.22 -41.27
N LEU B 921 38.87 -30.05 -42.29
CA LEU B 921 37.53 -30.25 -42.84
C LEU B 921 36.58 -30.90 -41.85
N SER B 922 37.11 -31.68 -40.91
CA SER B 922 36.28 -32.28 -39.88
C SER B 922 35.75 -31.25 -38.89
N ASP B 923 36.44 -30.12 -38.73
CA ASP B 923 35.92 -29.05 -37.87
C ASP B 923 34.85 -28.22 -38.53
N MET B 924 34.65 -28.37 -39.84
CA MET B 924 33.61 -27.65 -40.54
C MET B 924 32.27 -28.37 -40.47
N TYR B 925 32.23 -29.52 -39.83
CA TYR B 925 31.02 -30.30 -39.61
C TYR B 925 30.74 -30.36 -38.12
N THR B 926 29.55 -29.97 -37.72
CA THR B 926 29.16 -30.08 -36.33
C THR B 926 28.39 -31.36 -36.12
N PRO B 927 28.89 -32.30 -35.36
CA PRO B 927 28.23 -33.61 -35.25
C PRO B 927 27.06 -33.61 -34.29
N TYR B 928 25.96 -32.97 -34.69
CA TYR B 928 24.72 -33.07 -33.93
C TYR B 928 24.22 -34.50 -34.01
N VAL B 929 23.70 -35.00 -32.90
CA VAL B 929 23.29 -36.40 -32.81
C VAL B 929 22.11 -36.66 -33.74
N PHE B 930 21.16 -35.76 -33.78
CA PHE B 930 20.17 -35.76 -34.84
C PHE B 930 20.73 -34.92 -35.97
N PRO B 931 21.03 -35.50 -37.14
CA PRO B 931 21.70 -34.73 -38.20
C PRO B 931 20.78 -33.70 -38.83
N SER B 932 21.37 -32.56 -39.16
CA SER B 932 20.64 -31.46 -39.78
C SER B 932 21.65 -30.58 -40.51
N GLU B 933 21.15 -29.47 -41.05
CA GLU B 933 22.00 -28.37 -41.50
C GLU B 933 22.94 -27.92 -40.39
N ASN B 934 24.20 -27.82 -40.72
CA ASN B 934 25.19 -27.42 -39.76
C ASN B 934 26.42 -26.93 -40.44
N GLY B 935 27.31 -26.28 -39.71
CA GLY B 935 28.60 -25.87 -40.22
C GLY B 935 28.61 -24.62 -41.04
N LEU B 936 27.53 -23.85 -41.06
CA LEU B 936 27.50 -22.64 -41.87
C LEU B 936 28.42 -21.59 -41.28
N ARG B 937 29.12 -20.88 -42.15
CA ARG B 937 29.91 -19.72 -41.76
C ARG B 937 29.41 -18.52 -42.55
N CYS B 938 28.98 -17.50 -41.83
CA CYS B 938 28.40 -16.32 -42.46
C CYS B 938 29.47 -15.27 -42.67
N GLY B 939 29.10 -14.22 -43.41
CA GLY B 939 29.93 -13.05 -43.60
C GLY B 939 31.25 -13.31 -44.29
N THR B 940 31.30 -14.31 -45.16
CA THR B 940 32.55 -14.76 -45.74
C THR B 940 32.84 -13.98 -47.01
N ARG B 941 34.06 -13.46 -47.11
CA ARG B 941 34.46 -12.71 -48.28
C ARG B 941 35.36 -13.53 -49.20
N GLU B 942 35.97 -14.59 -48.70
CA GLU B 942 36.89 -15.41 -49.47
C GLU B 942 36.90 -16.80 -48.87
N LEU B 943 36.87 -17.82 -49.72
CA LEU B 943 36.90 -19.21 -49.29
C LEU B 943 37.92 -19.97 -50.12
N ASN B 944 38.84 -20.66 -49.46
CA ASN B 944 39.88 -21.43 -50.11
C ASN B 944 39.73 -22.90 -49.75
N TYR B 945 39.63 -23.75 -50.75
CA TYR B 945 39.52 -25.18 -50.51
C TYR B 945 40.20 -25.91 -51.66
N GLY B 946 41.34 -26.52 -51.38
CA GLY B 946 42.14 -27.14 -52.40
C GLY B 946 42.69 -26.13 -53.37
N PRO B 947 42.48 -26.38 -54.67
CA PRO B 947 42.90 -25.39 -55.68
C PRO B 947 41.92 -24.25 -55.85
N HIS B 948 40.71 -24.37 -55.32
CA HIS B 948 39.64 -23.45 -55.64
C HIS B 948 39.63 -22.25 -54.72
N GLN B 949 39.14 -21.14 -55.24
CA GLN B 949 38.91 -19.94 -54.44
C GLN B 949 37.60 -19.30 -54.85
N TRP B 950 36.76 -19.01 -53.87
CA TRP B 950 35.50 -18.32 -54.10
C TRP B 950 35.56 -16.97 -53.40
N ARG B 951 35.05 -15.95 -54.06
CA ARG B 951 35.02 -14.61 -53.48
C ARG B 951 33.66 -13.99 -53.67
N GLY B 952 33.31 -13.08 -52.77
CA GLY B 952 32.04 -12.39 -52.80
C GLY B 952 31.67 -11.93 -51.41
N ASP B 953 30.39 -12.02 -51.07
CA ASP B 953 29.98 -11.92 -49.66
C ASP B 953 28.85 -12.94 -49.50
N PHE B 954 29.17 -14.05 -48.88
CA PHE B 954 28.31 -15.21 -48.93
C PHE B 954 28.38 -15.96 -47.62
N GLN B 955 27.50 -16.93 -47.49
CA GLN B 955 27.55 -17.91 -46.44
C GLN B 955 27.89 -19.25 -47.07
N PHE B 956 28.65 -20.06 -46.36
CA PHE B 956 28.98 -21.37 -46.90
C PHE B 956 28.94 -22.41 -45.81
N ASN B 957 28.70 -23.64 -46.20
CA ASN B 957 29.17 -24.76 -45.40
C ASN B 957 29.77 -25.79 -46.34
N ILE B 958 30.65 -26.61 -45.79
CA ILE B 958 31.45 -27.52 -46.59
C ILE B 958 31.66 -28.79 -45.80
N SER B 959 31.26 -29.92 -46.37
CA SER B 959 31.26 -31.17 -45.61
C SER B 959 31.28 -32.33 -46.58
N ARG B 960 31.36 -33.53 -46.02
CA ARG B 960 31.30 -34.75 -46.79
C ARG B 960 29.89 -35.30 -46.90
N TYR B 961 28.90 -34.61 -46.36
CA TYR B 961 27.53 -35.12 -46.32
C TYR B 961 26.64 -34.19 -47.11
N SER B 962 25.83 -34.75 -47.99
CA SER B 962 24.88 -33.94 -48.71
C SER B 962 23.74 -33.51 -47.80
N GLN B 963 23.01 -32.49 -48.23
CA GLN B 963 21.81 -32.08 -47.50
C GLN B 963 20.74 -33.13 -47.58
N GLN B 964 20.71 -33.91 -48.66
CA GLN B 964 19.76 -35.01 -48.76
C GLN B 964 20.06 -36.11 -47.76
N GLN B 965 21.35 -36.43 -47.57
CA GLN B 965 21.70 -37.46 -46.61
C GLN B 965 21.44 -37.00 -45.18
N LEU B 966 21.74 -35.75 -44.87
CA LEU B 966 21.48 -35.20 -43.55
C LEU B 966 20.00 -35.17 -43.24
N MET B 967 19.16 -35.03 -44.25
CA MET B 967 17.72 -34.98 -44.03
C MET B 967 17.15 -36.36 -43.75
N GLU B 968 17.67 -37.39 -44.39
CA GLU B 968 17.06 -38.72 -44.33
C GLU B 968 17.69 -39.62 -43.29
N THR B 969 18.68 -39.16 -42.53
CA THR B 969 19.40 -39.98 -41.58
C THR B 969 19.03 -39.55 -40.18
N SER B 970 18.70 -40.52 -39.32
CA SER B 970 18.17 -40.20 -38.00
C SER B 970 19.24 -40.04 -36.94
N HIS B 971 20.42 -40.63 -37.11
CA HIS B 971 21.47 -40.58 -36.13
C HIS B 971 22.78 -40.23 -36.81
N ARG B 972 23.67 -39.57 -36.08
CA ARG B 972 24.92 -39.15 -36.69
C ARG B 972 25.88 -40.32 -36.94
N HIS B 973 25.71 -41.44 -36.24
CA HIS B 973 26.60 -42.56 -36.48
C HIS B 973 26.25 -43.32 -37.74
N LEU B 974 25.08 -43.07 -38.31
CA LEU B 974 24.66 -43.69 -39.56
C LEU B 974 25.04 -42.87 -40.77
N LEU B 975 25.69 -41.73 -40.59
CA LEU B 975 26.17 -40.94 -41.71
C LEU B 975 27.44 -41.54 -42.27
N HIS B 976 27.51 -41.66 -43.59
CA HIS B 976 28.70 -42.08 -44.27
C HIS B 976 29.20 -40.93 -45.13
N ALA B 977 30.51 -40.73 -45.15
CA ALA B 977 31.10 -39.69 -45.96
C ALA B 977 30.94 -40.02 -47.43
N GLU B 978 30.42 -39.07 -48.19
CA GLU B 978 30.22 -39.30 -49.61
C GLU B 978 31.51 -39.07 -50.37
N GLU B 979 31.50 -39.43 -51.64
CA GLU B 979 32.66 -39.18 -52.48
C GLU B 979 32.81 -37.69 -52.72
N GLY B 980 34.02 -37.19 -52.55
CA GLY B 980 34.18 -35.77 -52.79
C GLY B 980 33.65 -34.93 -51.65
N THR B 981 33.42 -33.66 -51.95
CA THR B 981 33.07 -32.68 -50.93
C THR B 981 31.86 -31.89 -51.37
N TRP B 982 30.85 -31.84 -50.53
CA TRP B 982 29.66 -31.04 -50.80
C TRP B 982 29.89 -29.61 -50.34
N LEU B 983 29.74 -28.67 -51.26
CA LEU B 983 29.83 -27.26 -50.97
C LEU B 983 28.49 -26.61 -51.19
N ASN B 984 27.99 -25.90 -50.20
CA ASN B 984 26.86 -25.01 -50.35
C ASN B 984 27.38 -23.60 -50.23
N ILE B 985 27.09 -22.74 -51.19
CA ILE B 985 27.38 -21.33 -51.05
C ILE B 985 26.08 -20.57 -51.16
N ASP B 986 25.72 -19.87 -50.11
CA ASP B 986 24.45 -19.16 -50.03
C ASP B 986 24.71 -17.67 -50.11
N GLY B 987 23.95 -16.98 -50.95
CA GLY B 987 23.86 -15.55 -50.81
C GLY B 987 23.07 -15.17 -49.57
N PHE B 988 22.06 -15.96 -49.23
CA PHE B 988 21.08 -15.63 -48.20
C PHE B 988 20.69 -16.89 -47.47
N HIS B 989 20.53 -16.80 -46.17
CA HIS B 989 20.19 -17.97 -45.38
C HIS B 989 19.23 -17.54 -44.29
N MET B 990 18.22 -18.36 -44.04
CA MET B 990 17.23 -18.08 -43.01
C MET B 990 17.85 -18.26 -41.62
N GLY B 991 17.35 -17.50 -40.66
CA GLY B 991 17.71 -17.73 -39.28
C GLY B 991 17.25 -19.08 -38.77
N ILE B 992 17.82 -19.48 -37.63
CA ILE B 992 17.57 -20.80 -37.09
C ILE B 992 16.52 -20.82 -35.99
N GLY B 993 16.22 -19.69 -35.38
CA GLY B 993 15.25 -19.65 -34.32
C GLY B 993 15.78 -20.29 -33.04
N GLY B 994 14.86 -20.55 -32.14
CA GLY B 994 15.24 -21.19 -30.91
C GLY B 994 14.73 -20.52 -29.66
N ASP B 995 13.72 -19.65 -29.79
CA ASP B 995 12.95 -19.25 -28.63
C ASP B 995 12.27 -20.45 -28.00
N ASP B 996 11.70 -21.31 -28.84
CA ASP B 996 11.33 -22.66 -28.43
C ASP B 996 11.45 -23.56 -29.64
N SER B 997 11.28 -24.85 -29.43
CA SER B 997 11.44 -25.83 -30.49
C SER B 997 10.14 -26.57 -30.76
N TRP B 998 9.01 -25.93 -30.53
CA TRP B 998 7.73 -26.56 -30.80
C TRP B 998 6.74 -25.58 -31.41
N SER B 999 7.18 -24.38 -31.76
CA SER B 999 6.42 -23.42 -32.51
C SER B 999 7.42 -22.69 -33.40
N PRO B 1000 6.97 -22.07 -34.49
CA PRO B 1000 7.90 -21.28 -35.31
C PRO B 1000 8.47 -20.10 -34.54
N SER B 1001 9.79 -20.05 -34.46
CA SER B 1001 10.46 -19.07 -33.62
C SER B 1001 11.49 -18.26 -34.36
N VAL B 1002 11.53 -18.33 -35.68
CA VAL B 1002 12.42 -17.45 -36.44
C VAL B 1002 11.70 -16.12 -36.61
N SER B 1003 12.32 -15.06 -36.10
CA SER B 1003 11.73 -13.73 -36.18
C SER B 1003 11.75 -13.22 -37.62
N ALA B 1004 10.92 -12.20 -37.87
CA ALA B 1004 10.62 -11.80 -39.24
C ALA B 1004 11.80 -11.15 -39.93
N GLU B 1005 12.73 -10.58 -39.18
CA GLU B 1005 13.91 -9.98 -39.82
C GLU B 1005 14.95 -11.00 -40.23
N PHE B 1006 14.76 -12.27 -39.90
CA PHE B 1006 15.67 -13.32 -40.35
C PHE B 1006 15.00 -14.31 -41.29
N GLN B 1007 13.79 -14.03 -41.72
CA GLN B 1007 13.14 -14.83 -42.74
C GLN B 1007 13.46 -14.24 -44.10
N LEU B 1008 13.51 -15.10 -45.11
CA LEU B 1008 13.86 -14.64 -46.45
C LEU B 1008 12.57 -14.25 -47.16
N SER B 1009 12.13 -13.03 -46.87
CA SER B 1009 10.80 -12.57 -47.27
C SER B 1009 10.83 -11.44 -48.28
N ALA B 1010 12.00 -11.07 -48.80
CA ALA B 1010 12.09 -9.89 -49.65
C ALA B 1010 11.53 -10.09 -51.04
N GLY B 1011 11.37 -11.32 -51.49
CA GLY B 1011 10.82 -11.60 -52.80
C GLY B 1011 11.79 -11.60 -53.96
N ARG B 1012 12.80 -10.73 -53.92
CA ARG B 1012 13.83 -10.68 -54.94
C ARG B 1012 15.18 -10.65 -54.27
N TYR B 1013 16.11 -11.43 -54.78
CA TYR B 1013 17.41 -11.59 -54.16
C TYR B 1013 18.49 -11.58 -55.22
N HIS B 1014 19.61 -10.99 -54.87
CA HIS B 1014 20.74 -10.88 -55.76
C HIS B 1014 22.02 -11.17 -55.00
N TYR B 1015 22.90 -11.97 -55.59
CA TYR B 1015 24.22 -12.15 -55.03
C TYR B 1015 25.19 -12.46 -56.15
N GLN B 1016 26.47 -12.28 -55.85
CA GLN B 1016 27.54 -12.39 -56.83
C GLN B 1016 28.65 -13.25 -56.25
N LEU B 1017 29.21 -14.11 -57.09
CA LEU B 1017 30.37 -14.92 -56.73
C LEU B 1017 31.42 -14.81 -57.80
N VAL B 1018 32.66 -15.03 -57.40
CA VAL B 1018 33.76 -15.22 -58.33
C VAL B 1018 34.41 -16.54 -58.00
N TRP B 1019 34.37 -17.47 -58.94
CA TRP B 1019 35.08 -18.73 -58.83
C TRP B 1019 36.41 -18.58 -59.55
N CYS B 1020 37.52 -18.96 -58.92
CA CYS B 1020 38.78 -18.91 -59.61
C CYS B 1020 39.70 -20.00 -59.09
N GLN B 1021 40.91 -20.04 -59.64
CA GLN B 1021 41.98 -20.90 -59.15
C GLN B 1021 43.28 -20.10 -59.06
N MET C 1 -7.31 -65.83 5.85
CA MET C 1 -6.96 -64.42 5.71
C MET C 1 -6.03 -63.95 6.84
N ILE C 2 -4.73 -64.07 6.58
CA ILE C 2 -3.73 -63.68 7.57
C ILE C 2 -3.66 -62.16 7.67
N THR C 3 -3.73 -61.48 6.53
CA THR C 3 -3.61 -60.03 6.50
C THR C 3 -4.84 -59.31 7.03
N ASP C 4 -5.96 -60.00 7.22
CA ASP C 4 -7.12 -59.42 7.87
C ASP C 4 -7.13 -59.62 9.37
N SER C 5 -6.20 -60.41 9.90
CA SER C 5 -6.23 -60.76 11.31
C SER C 5 -5.78 -59.60 12.17
N LEU C 6 -6.10 -59.69 13.46
CA LEU C 6 -5.72 -58.65 14.40
C LEU C 6 -4.22 -58.61 14.61
N ALA C 7 -3.54 -59.74 14.48
CA ALA C 7 -2.10 -59.75 14.70
C ALA C 7 -1.36 -58.99 13.61
N VAL C 8 -1.91 -58.95 12.40
CA VAL C 8 -1.27 -58.26 11.29
C VAL C 8 -1.70 -56.80 11.22
N VAL C 9 -2.99 -56.54 11.39
CA VAL C 9 -3.51 -55.18 11.31
C VAL C 9 -2.97 -54.32 12.44
N LEU C 10 -2.88 -54.86 13.64
CA LEU C 10 -2.42 -54.07 14.76
C LEU C 10 -0.92 -54.02 14.90
N GLN C 11 -0.17 -54.77 14.10
CA GLN C 11 1.27 -54.75 14.26
C GLN C 11 1.87 -53.48 13.69
N ARG C 12 1.24 -52.91 12.67
CA ARG C 12 1.70 -51.66 12.12
C ARG C 12 1.60 -50.50 13.09
N ARG C 13 0.59 -50.55 13.88
CA ARG C 13 0.32 -49.54 14.90
C ARG C 13 0.09 -48.16 14.27
N ASP C 14 -0.97 -48.08 13.48
CA ASP C 14 -1.31 -46.87 12.75
C ASP C 14 -1.71 -45.73 13.68
N TRP C 15 -2.11 -46.03 14.91
CA TRP C 15 -2.49 -45.00 15.86
C TRP C 15 -1.30 -44.39 16.58
N GLU C 16 -0.08 -44.79 16.27
CA GLU C 16 1.10 -44.15 16.80
C GLU C 16 1.99 -43.61 15.68
N ASN C 17 1.35 -43.19 14.58
CA ASN C 17 2.07 -42.78 13.38
C ASN C 17 1.33 -41.58 12.81
N PRO C 18 1.84 -40.37 13.00
CA PRO C 18 1.16 -39.18 12.46
C PRO C 18 1.21 -39.09 10.96
N GLY C 19 2.07 -39.85 10.30
CA GLY C 19 2.06 -39.94 8.85
C GLY C 19 0.90 -40.73 8.29
N VAL C 20 0.25 -41.56 9.11
CA VAL C 20 -0.91 -42.32 8.69
C VAL C 20 -2.10 -41.81 9.50
N THR C 21 -2.97 -41.05 8.87
CA THR C 21 -4.18 -40.59 9.52
C THR C 21 -5.42 -41.31 9.03
N GLN C 22 -5.32 -42.05 7.93
CA GLN C 22 -6.44 -42.81 7.39
C GLN C 22 -5.88 -43.86 6.45
N LEU C 23 -6.64 -44.94 6.27
CA LEU C 23 -6.35 -45.93 5.26
C LEU C 23 -7.66 -46.26 4.58
N ASN C 24 -7.69 -46.13 3.25
CA ASN C 24 -8.83 -46.47 2.40
C ASN C 24 -10.07 -45.63 2.69
N ARG C 25 -9.90 -44.44 3.22
CA ARG C 25 -11.02 -43.57 3.51
C ARG C 25 -11.33 -42.72 2.29
N LEU C 26 -12.62 -42.56 2.00
CA LEU C 26 -13.04 -41.82 0.83
C LEU C 26 -12.86 -40.31 1.06
N ALA C 27 -13.02 -39.55 -0.02
CA ALA C 27 -12.79 -38.12 0.04
C ALA C 27 -13.91 -37.39 0.76
N ALA C 28 -13.57 -36.27 1.38
CA ALA C 28 -14.55 -35.45 2.06
C ALA C 28 -15.38 -34.66 1.06
N HIS C 29 -16.61 -34.35 1.45
CA HIS C 29 -17.60 -33.77 0.56
C HIS C 29 -18.74 -33.22 1.42
N PRO C 30 -19.60 -32.36 0.86
CA PRO C 30 -20.82 -31.96 1.56
C PRO C 30 -21.74 -33.14 1.80
N PRO C 31 -22.68 -33.03 2.73
CA PRO C 31 -23.56 -34.18 3.05
C PRO C 31 -24.46 -34.56 1.88
N PHE C 32 -24.43 -35.84 1.55
CA PHE C 32 -25.18 -36.41 0.44
C PHE C 32 -26.30 -37.28 0.98
N ALA C 33 -27.41 -37.31 0.25
CA ALA C 33 -28.47 -38.25 0.50
C ALA C 33 -28.77 -39.14 -0.68
N SER C 34 -28.34 -38.76 -1.89
CA SER C 34 -28.52 -39.51 -3.13
C SER C 34 -29.99 -39.77 -3.41
N TRP C 35 -30.74 -38.70 -3.53
CA TRP C 35 -32.12 -38.82 -3.97
C TRP C 35 -32.17 -39.26 -5.42
N ARG C 36 -33.09 -40.16 -5.73
CA ARG C 36 -33.32 -40.57 -7.10
C ARG C 36 -34.56 -39.92 -7.67
N ASN C 37 -35.10 -38.93 -6.96
CA ASN C 37 -36.26 -38.16 -7.39
C ASN C 37 -35.97 -36.71 -7.03
N SER C 38 -36.10 -35.82 -8.00
CA SER C 38 -35.69 -34.44 -7.77
C SER C 38 -36.70 -33.66 -6.94
N GLU C 39 -37.97 -34.04 -7.00
CA GLU C 39 -38.96 -33.40 -6.14
C GLU C 39 -38.78 -33.83 -4.69
N GLU C 40 -38.35 -35.07 -4.48
CA GLU C 40 -38.02 -35.52 -3.14
C GLU C 40 -36.78 -34.84 -2.61
N ALA C 41 -35.84 -34.50 -3.49
CA ALA C 41 -34.66 -33.75 -3.08
C ALA C 41 -34.99 -32.32 -2.74
N ARG C 42 -35.95 -31.74 -3.44
CA ARG C 42 -36.31 -30.34 -3.21
C ARG C 42 -36.98 -30.15 -1.87
N THR C 43 -37.95 -31.00 -1.56
CA THR C 43 -38.70 -30.89 -0.31
C THR C 43 -38.01 -31.54 0.86
N ASP C 44 -36.79 -32.05 0.66
CA ASP C 44 -35.91 -32.57 1.70
C ASP C 44 -36.54 -33.77 2.42
N ARG C 45 -37.31 -34.56 1.69
CA ARG C 45 -37.86 -35.77 2.25
C ARG C 45 -36.75 -36.81 2.41
N PRO C 46 -36.85 -37.72 3.38
CA PRO C 46 -35.76 -38.66 3.63
C PRO C 46 -35.55 -39.64 2.49
N SER C 47 -34.29 -39.81 2.14
CA SER C 47 -33.92 -40.65 1.01
C SER C 47 -33.92 -42.11 1.41
N GLN C 48 -34.38 -42.96 0.50
CA GLN C 48 -34.32 -44.40 0.72
C GLN C 48 -32.94 -44.97 0.48
N GLN C 49 -32.03 -44.18 -0.07
CA GLN C 49 -30.66 -44.60 -0.33
C GLN C 49 -29.74 -44.25 0.81
N LEU C 50 -30.21 -43.51 1.80
CA LEU C 50 -29.46 -43.22 3.01
C LEU C 50 -30.12 -43.98 4.14
N ARG C 51 -29.40 -44.93 4.70
CA ARG C 51 -29.93 -45.84 5.70
C ARG C 51 -29.17 -45.67 7.00
N SER C 52 -29.87 -45.35 8.07
CA SER C 52 -29.23 -45.18 9.36
C SER C 52 -28.94 -46.53 10.01
N LEU C 53 -27.74 -46.66 10.57
CA LEU C 53 -27.36 -47.84 11.33
C LEU C 53 -27.33 -47.57 12.83
N ASN C 54 -27.92 -46.46 13.27
CA ASN C 54 -28.01 -46.18 14.68
C ASN C 54 -28.97 -47.15 15.35
N GLY C 55 -28.72 -47.42 16.61
CA GLY C 55 -29.55 -48.36 17.32
C GLY C 55 -28.71 -49.25 18.19
N GLU C 56 -29.11 -50.51 18.35
CA GLU C 56 -28.42 -51.40 19.26
C GLU C 56 -27.30 -52.15 18.57
N TRP C 57 -26.12 -52.02 19.13
CA TRP C 57 -24.88 -52.62 18.67
C TRP C 57 -24.35 -53.50 19.78
N ARG C 58 -23.44 -54.40 19.45
CA ARG C 58 -22.79 -55.19 20.46
C ARG C 58 -21.48 -54.53 20.84
N PHE C 59 -21.15 -54.56 22.12
CA PHE C 59 -19.98 -53.84 22.60
C PHE C 59 -19.20 -54.68 23.59
N ALA C 60 -17.89 -54.66 23.46
CA ALA C 60 -17.01 -55.27 24.44
C ALA C 60 -15.86 -54.31 24.71
N TRP C 61 -15.52 -54.15 25.98
CA TRP C 61 -14.44 -53.26 26.40
C TRP C 61 -13.18 -54.08 26.65
N PHE C 62 -12.04 -53.51 26.27
CA PHE C 62 -10.75 -54.15 26.46
C PHE C 62 -9.75 -53.12 26.93
N PRO C 63 -8.81 -53.51 27.80
CA PRO C 63 -7.84 -52.52 28.30
C PRO C 63 -6.77 -52.16 27.30
N ALA C 64 -6.59 -52.93 26.24
CA ALA C 64 -5.53 -52.71 25.28
C ALA C 64 -5.96 -53.33 23.96
N PRO C 65 -5.43 -52.85 22.82
CA PRO C 65 -5.76 -53.49 21.55
C PRO C 65 -5.25 -54.92 21.43
N GLU C 66 -4.18 -55.25 22.13
CA GLU C 66 -3.61 -56.58 22.08
C GLU C 66 -4.46 -57.60 22.82
N ALA C 67 -5.35 -57.15 23.69
CA ALA C 67 -6.19 -58.05 24.47
C ALA C 67 -7.43 -58.49 23.71
N VAL C 68 -7.67 -57.98 22.52
CA VAL C 68 -8.87 -58.36 21.77
C VAL C 68 -8.62 -59.73 21.13
N PRO C 69 -9.50 -60.70 21.31
CA PRO C 69 -9.28 -62.02 20.72
C PRO C 69 -9.60 -62.05 19.23
N GLU C 70 -8.92 -62.96 18.53
CA GLU C 70 -9.08 -63.11 17.09
C GLU C 70 -10.47 -63.55 16.69
N SER C 71 -11.22 -64.19 17.59
CA SER C 71 -12.56 -64.67 17.28
C SER C 71 -13.55 -63.53 17.14
N TRP C 72 -13.23 -62.34 17.63
CA TRP C 72 -14.12 -61.19 17.54
C TRP C 72 -14.36 -60.78 16.09
N LEU C 73 -13.41 -61.04 15.20
CA LEU C 73 -13.58 -60.69 13.80
C LEU C 73 -14.63 -61.53 13.09
N GLU C 74 -14.96 -62.69 13.62
CA GLU C 74 -15.92 -63.58 12.97
C GLU C 74 -17.29 -63.57 13.61
N CYS C 75 -17.35 -63.70 14.93
CA CYS C 75 -18.63 -63.76 15.62
C CYS C 75 -18.56 -62.91 16.87
N ASP C 76 -19.73 -62.62 17.42
CA ASP C 76 -19.83 -61.83 18.64
C ASP C 76 -19.23 -62.57 19.81
N LEU C 77 -18.58 -61.82 20.69
CA LEU C 77 -18.07 -62.38 21.92
C LEU C 77 -19.23 -62.77 22.84
N PRO C 78 -19.03 -63.75 23.73
CA PRO C 78 -20.09 -64.05 24.70
C PRO C 78 -20.27 -62.96 25.75
N GLU C 79 -19.21 -62.25 26.12
CA GLU C 79 -19.28 -61.21 27.13
C GLU C 79 -19.72 -59.86 26.57
N ALA C 80 -20.11 -59.80 25.30
CA ALA C 80 -20.48 -58.53 24.68
C ALA C 80 -21.84 -58.07 25.17
N ASP C 81 -21.91 -56.81 25.58
CA ASP C 81 -23.16 -56.18 25.98
C ASP C 81 -23.81 -55.54 24.77
N THR C 82 -25.04 -55.08 24.95
CA THR C 82 -25.78 -54.41 23.90
C THR C 82 -25.92 -52.94 24.25
N VAL C 83 -25.25 -52.08 23.50
CA VAL C 83 -25.28 -50.64 23.75
C VAL C 83 -25.99 -49.94 22.60
N VAL C 84 -26.46 -48.74 22.88
CA VAL C 84 -27.05 -47.89 21.86
C VAL C 84 -25.95 -47.07 21.23
N VAL C 85 -25.90 -47.07 19.90
CA VAL C 85 -24.98 -46.23 19.13
C VAL C 85 -25.83 -45.16 18.45
N PRO C 86 -25.47 -43.87 18.55
CA PRO C 86 -24.27 -43.25 19.13
C PRO C 86 -24.23 -43.16 20.65
N SER C 87 -23.04 -43.38 21.21
CA SER C 87 -22.80 -43.19 22.63
C SER C 87 -21.31 -43.06 22.87
N ASN C 88 -20.97 -42.49 24.02
CA ASN C 88 -19.65 -42.61 24.60
C ASN C 88 -19.69 -43.76 25.59
N TRP C 89 -18.63 -44.58 25.61
CA TRP C 89 -18.71 -45.74 26.48
C TRP C 89 -18.43 -45.41 27.94
N GLN C 90 -17.82 -44.25 28.21
CA GLN C 90 -17.63 -43.82 29.59
C GLN C 90 -18.95 -43.45 30.26
N MET C 91 -19.97 -43.11 29.48
CA MET C 91 -21.30 -42.84 30.00
C MET C 91 -22.11 -44.10 30.27
N HIS C 92 -21.54 -45.27 29.99
CA HIS C 92 -22.18 -46.54 30.27
C HIS C 92 -21.37 -47.34 31.29
N GLY C 93 -20.41 -46.73 31.94
CA GLY C 93 -19.67 -47.37 33.01
C GLY C 93 -18.69 -48.43 32.56
N TYR C 94 -17.83 -48.11 31.60
CA TYR C 94 -16.77 -49.03 31.21
C TYR C 94 -15.38 -48.59 31.62
N ASP C 95 -15.10 -47.29 31.55
CA ASP C 95 -14.00 -46.71 32.31
C ASP C 95 -14.40 -45.28 32.65
N ALA C 96 -13.45 -44.51 33.14
CA ALA C 96 -13.93 -43.23 33.63
C ALA C 96 -13.69 -42.14 32.59
N PRO C 97 -14.60 -41.18 32.50
CA PRO C 97 -14.30 -39.96 31.77
C PRO C 97 -13.27 -39.14 32.52
N ILE C 98 -12.40 -38.48 31.77
CA ILE C 98 -11.32 -37.68 32.33
C ILE C 98 -11.60 -36.23 31.99
N TYR C 99 -11.61 -35.36 32.98
CA TYR C 99 -11.62 -33.93 32.71
C TYR C 99 -10.26 -33.35 33.00
N THR C 100 -9.64 -32.78 31.99
CA THR C 100 -8.41 -32.05 32.14
C THR C 100 -8.42 -30.88 31.17
N ASN C 101 -7.84 -29.76 31.59
CA ASN C 101 -7.84 -28.54 30.76
C ASN C 101 -6.59 -28.52 29.87
N VAL C 102 -5.43 -28.41 30.47
CA VAL C 102 -4.21 -28.16 29.72
C VAL C 102 -3.36 -29.41 29.63
N THR C 103 -3.13 -30.06 30.76
CA THR C 103 -2.31 -31.25 30.81
C THR C 103 -2.96 -32.37 30.01
N TYR C 104 -2.18 -33.01 29.16
CA TYR C 104 -2.66 -34.16 28.43
C TYR C 104 -3.04 -35.28 29.40
N PRO C 105 -4.10 -36.03 29.12
CA PRO C 105 -4.47 -37.15 29.99
C PRO C 105 -3.58 -38.37 29.82
N ILE C 106 -2.60 -38.32 28.93
CA ILE C 106 -1.61 -39.37 28.75
C ILE C 106 -0.23 -38.75 28.95
N THR C 107 0.78 -39.62 28.98
CA THR C 107 2.15 -39.15 29.03
C THR C 107 2.51 -38.48 27.71
N VAL C 108 3.10 -37.29 27.79
CA VAL C 108 3.43 -36.51 26.60
C VAL C 108 4.69 -37.10 26.00
N ASN C 109 4.54 -37.96 25.00
CA ASN C 109 5.67 -38.53 24.26
C ASN C 109 5.22 -38.77 22.84
N PRO C 110 5.08 -37.71 22.05
CA PRO C 110 4.50 -37.85 20.71
C PRO C 110 5.48 -38.55 19.77
N PRO C 111 5.00 -39.43 18.90
CA PRO C 111 3.58 -39.75 18.70
C PRO C 111 3.07 -40.96 19.47
N PHE C 112 3.73 -41.33 20.56
CA PHE C 112 3.40 -42.58 21.23
C PHE C 112 2.32 -42.38 22.26
N VAL C 113 1.44 -43.37 22.39
CA VAL C 113 0.34 -43.34 23.34
C VAL C 113 0.63 -44.45 24.35
N PRO C 114 -0.04 -44.52 25.50
CA PRO C 114 0.22 -45.62 26.43
C PRO C 114 -0.19 -46.96 25.83
N THR C 115 0.53 -48.00 26.26
CA THR C 115 0.15 -49.36 25.89
C THR C 115 -1.17 -49.76 26.53
N GLU C 116 -1.48 -49.19 27.69
CA GLU C 116 -2.79 -49.33 28.31
C GLU C 116 -3.77 -48.37 27.64
N ASN C 117 -4.16 -48.75 26.42
CA ASN C 117 -4.99 -47.94 25.55
C ASN C 117 -6.37 -48.57 25.51
N PRO C 118 -7.36 -48.02 26.22
CA PRO C 118 -8.67 -48.66 26.32
C PRO C 118 -9.38 -48.77 24.99
N THR C 119 -9.93 -49.95 24.73
CA THR C 119 -10.33 -50.35 23.39
C THR C 119 -11.79 -50.76 23.42
N GLY C 120 -12.60 -50.13 22.59
CA GLY C 120 -13.98 -50.49 22.49
C GLY C 120 -14.27 -51.24 21.21
N CYS C 121 -14.77 -52.46 21.34
CA CYS C 121 -15.03 -53.31 20.19
C CYS C 121 -16.52 -53.31 19.91
N TYR C 122 -16.91 -52.61 18.87
CA TYR C 122 -18.29 -52.51 18.45
C TYR C 122 -18.56 -53.51 17.34
N SER C 123 -19.77 -54.04 17.30
CA SER C 123 -20.15 -54.89 16.19
C SER C 123 -21.64 -54.77 15.93
N LEU C 124 -22.00 -54.83 14.66
CA LEU C 124 -23.39 -54.71 14.23
C LEU C 124 -23.66 -55.76 13.17
N THR C 125 -24.75 -56.49 13.33
CA THR C 125 -25.24 -57.42 12.33
C THR C 125 -26.44 -56.78 11.65
N PHE C 126 -26.43 -56.77 10.32
CA PHE C 126 -27.42 -56.01 9.57
C PHE C 126 -27.62 -56.64 8.21
N ASN C 127 -28.79 -56.41 7.65
CA ASN C 127 -29.16 -56.96 6.35
C ASN C 127 -29.09 -55.89 5.28
N VAL C 128 -28.48 -56.23 4.15
CA VAL C 128 -28.48 -55.38 2.96
C VAL C 128 -29.34 -56.04 1.92
N ASP C 129 -30.30 -55.29 1.37
CA ASP C 129 -31.09 -55.83 0.28
C ASP C 129 -30.24 -55.98 -0.97
N GLU C 130 -30.64 -56.92 -1.82
CA GLU C 130 -29.80 -57.30 -2.95
C GLU C 130 -29.78 -56.22 -4.02
N SER C 131 -30.74 -55.30 -4.00
CA SER C 131 -30.77 -54.22 -4.99
C SER C 131 -29.61 -53.26 -4.79
N TRP C 132 -29.07 -53.17 -3.58
CA TRP C 132 -27.90 -52.31 -3.37
C TRP C 132 -26.64 -52.97 -3.91
N LEU C 133 -26.65 -54.29 -4.06
CA LEU C 133 -25.43 -54.99 -4.42
C LEU C 133 -25.34 -55.23 -5.92
N GLN C 134 -26.47 -55.12 -6.62
CA GLN C 134 -26.48 -55.38 -8.05
C GLN C 134 -25.77 -54.27 -8.82
N GLU C 135 -25.97 -53.02 -8.40
CA GLU C 135 -25.30 -51.91 -9.07
C GLU C 135 -24.99 -50.83 -8.05
N GLY C 136 -24.04 -50.00 -8.41
CA GLY C 136 -23.74 -48.82 -7.62
C GLY C 136 -22.72 -49.06 -6.54
N GLN C 137 -22.56 -48.02 -5.73
CA GLN C 137 -21.56 -47.97 -4.67
C GLN C 137 -22.27 -47.88 -3.34
N THR C 138 -21.87 -48.71 -2.39
CA THR C 138 -22.39 -48.64 -1.04
C THR C 138 -21.26 -48.24 -0.11
N ARG C 139 -21.41 -47.10 0.55
CA ARG C 139 -20.41 -46.65 1.51
C ARG C 139 -21.02 -46.62 2.90
N ILE C 140 -20.15 -46.74 3.90
CA ILE C 140 -20.53 -46.54 5.29
C ILE C 140 -19.97 -45.21 5.74
N ILE C 141 -20.76 -44.47 6.51
CA ILE C 141 -20.38 -43.15 6.99
C ILE C 141 -20.37 -43.18 8.50
N PHE C 142 -19.21 -42.96 9.09
CA PHE C 142 -19.08 -42.76 10.54
C PHE C 142 -18.95 -41.27 10.77
N ASP C 143 -20.01 -40.62 11.25
CA ASP C 143 -19.97 -39.16 11.44
C ASP C 143 -19.02 -38.72 12.54
N GLY C 144 -18.69 -39.58 13.48
CA GLY C 144 -17.65 -39.25 14.43
C GLY C 144 -17.27 -40.41 15.32
N VAL C 145 -15.98 -40.73 15.40
CA VAL C 145 -15.48 -41.84 16.19
C VAL C 145 -14.26 -41.35 16.95
N ASN C 146 -14.33 -41.41 18.27
CA ASN C 146 -13.29 -40.89 19.17
C ASN C 146 -12.59 -42.10 19.78
N SER C 147 -11.31 -42.30 19.49
CA SER C 147 -10.43 -41.40 18.77
C SER C 147 -9.99 -41.90 17.41
N ALA C 148 -9.59 -43.17 17.35
CA ALA C 148 -9.18 -43.80 16.11
C ALA C 148 -9.83 -45.16 16.04
N PHE C 149 -9.96 -45.69 14.83
CA PHE C 149 -10.66 -46.96 14.69
C PHE C 149 -10.18 -47.71 13.46
N HIS C 150 -10.14 -49.02 13.59
CA HIS C 150 -10.06 -49.94 12.46
C HIS C 150 -11.45 -50.51 12.20
N LEU C 151 -11.71 -50.81 10.93
CA LEU C 151 -13.01 -51.26 10.48
C LEU C 151 -12.87 -52.59 9.75
N TRP C 152 -13.70 -53.56 10.13
CA TRP C 152 -13.82 -54.83 9.42
C TRP C 152 -15.25 -54.99 8.95
N CYS C 153 -15.41 -55.58 7.77
CA CYS C 153 -16.72 -55.95 7.27
C CYS C 153 -16.64 -57.40 6.83
N ASN C 154 -17.43 -58.26 7.49
CA ASN C 154 -17.48 -59.70 7.27
C ASN C 154 -16.10 -60.33 7.43
N GLY C 155 -15.36 -59.90 8.44
CA GLY C 155 -14.06 -60.42 8.72
C GLY C 155 -12.93 -59.87 7.89
N ARG C 156 -13.22 -59.05 6.89
CA ARG C 156 -12.20 -58.49 6.01
C ARG C 156 -11.92 -57.05 6.43
N TRP C 157 -10.64 -56.71 6.52
CA TRP C 157 -10.24 -55.37 6.94
C TRP C 157 -10.58 -54.35 5.87
N VAL C 158 -11.32 -53.31 6.26
CA VAL C 158 -11.74 -52.28 5.34
C VAL C 158 -10.81 -51.09 5.40
N GLY C 159 -10.59 -50.52 6.57
CA GLY C 159 -9.80 -49.32 6.63
C GLY C 159 -9.58 -48.83 8.04
N TYR C 160 -9.07 -47.61 8.12
CA TYR C 160 -8.62 -46.98 9.35
C TYR C 160 -8.97 -45.50 9.29
N GLY C 161 -9.27 -44.91 10.43
CA GLY C 161 -9.61 -43.50 10.49
C GLY C 161 -9.15 -42.85 11.77
N GLN C 162 -8.92 -41.54 11.69
CA GLN C 162 -8.67 -40.65 12.83
C GLN C 162 -9.52 -39.41 12.64
N ASP C 163 -9.21 -38.35 13.41
CA ASP C 163 -9.96 -37.09 13.46
C ASP C 163 -11.39 -37.33 13.91
N SER C 164 -11.56 -37.43 15.22
CA SER C 164 -12.82 -37.82 15.86
C SER C 164 -14.01 -36.95 15.46
N ARG C 165 -13.80 -35.73 15.00
CA ARG C 165 -14.93 -34.82 14.85
C ARG C 165 -15.38 -34.63 13.40
N LEU C 166 -14.77 -35.32 12.45
CA LEU C 166 -15.22 -35.23 11.07
C LEU C 166 -15.64 -36.61 10.58
N PRO C 167 -16.52 -36.68 9.57
CA PRO C 167 -16.98 -37.99 9.11
C PRO C 167 -15.93 -38.78 8.35
N SER C 168 -15.91 -40.08 8.61
CA SER C 168 -15.05 -41.03 7.92
C SER C 168 -15.92 -41.94 7.06
N GLU C 169 -15.61 -42.02 5.77
CA GLU C 169 -16.41 -42.79 4.84
C GLU C 169 -15.55 -43.87 4.19
N PHE C 170 -16.13 -45.06 4.04
CA PHE C 170 -15.42 -46.21 3.51
C PHE C 170 -16.31 -46.91 2.51
N ASP C 171 -15.75 -47.29 1.37
CA ASP C 171 -16.49 -48.02 0.37
C ASP C 171 -16.61 -49.48 0.80
N LEU C 172 -17.83 -49.97 0.93
CA LEU C 172 -18.07 -51.33 1.36
C LEU C 172 -18.61 -52.23 0.27
N SER C 173 -18.68 -51.76 -0.98
CA SER C 173 -19.38 -52.50 -2.00
C SER C 173 -18.65 -53.77 -2.43
N ALA C 174 -17.35 -53.87 -2.20
CA ALA C 174 -16.62 -55.10 -2.42
C ALA C 174 -16.57 -55.99 -1.19
N PHE C 175 -17.24 -55.61 -0.12
CA PHE C 175 -17.20 -56.34 1.13
C PHE C 175 -18.54 -56.91 1.55
N LEU C 176 -19.63 -56.29 1.13
CA LEU C 176 -20.96 -56.73 1.54
C LEU C 176 -21.39 -57.94 0.73
N ARG C 177 -22.18 -58.79 1.36
CA ARG C 177 -22.81 -59.92 0.70
C ARG C 177 -24.32 -59.78 0.86
N ALA C 178 -25.05 -60.56 0.08
CA ALA C 178 -26.50 -60.51 0.16
C ALA C 178 -26.98 -61.17 1.44
N GLY C 179 -27.98 -60.58 2.05
CA GLY C 179 -28.49 -61.09 3.32
C GLY C 179 -27.73 -60.51 4.50
N GLU C 180 -27.16 -61.37 5.32
CA GLU C 180 -26.66 -60.99 6.63
C GLU C 180 -25.19 -60.61 6.58
N ASN C 181 -24.87 -59.46 7.17
CA ASN C 181 -23.54 -58.87 7.16
C ASN C 181 -23.14 -58.52 8.59
N ARG C 182 -21.85 -58.62 8.88
CA ARG C 182 -21.36 -58.23 10.19
C ARG C 182 -20.27 -57.18 10.01
N LEU C 183 -20.27 -56.21 10.91
CA LEU C 183 -19.47 -55.00 10.79
C LEU C 183 -18.77 -54.80 12.12
N ALA C 184 -17.46 -55.00 12.16
CA ALA C 184 -16.70 -54.95 13.40
C ALA C 184 -15.85 -53.69 13.43
N VAL C 185 -16.02 -52.86 14.45
CA VAL C 185 -15.32 -51.59 14.59
C VAL C 185 -14.53 -51.64 15.88
N MET C 186 -13.23 -51.44 15.79
CA MET C 186 -12.37 -51.46 16.97
C MET C 186 -11.91 -50.04 17.27
N VAL C 187 -12.48 -49.42 18.29
CA VAL C 187 -12.25 -48.02 18.58
C VAL C 187 -11.21 -47.90 19.68
N LEU C 188 -10.20 -47.07 19.46
CA LEU C 188 -9.15 -46.84 20.44
C LEU C 188 -9.36 -45.51 21.15
N ARG C 189 -9.00 -45.47 22.42
CA ARG C 189 -9.19 -44.23 23.16
C ARG C 189 -8.09 -43.23 22.83
N TRP C 190 -6.84 -43.66 22.73
CA TRP C 190 -5.75 -42.75 22.48
C TRP C 190 -5.11 -43.07 21.14
N SER C 191 -4.69 -42.04 20.45
CA SER C 191 -3.96 -42.20 19.20
C SER C 191 -3.00 -41.03 19.07
N ASP C 192 -2.23 -41.04 17.99
CA ASP C 192 -1.44 -39.87 17.62
C ASP C 192 -2.30 -38.63 17.42
N GLY C 193 -3.53 -38.82 16.95
CA GLY C 193 -4.47 -37.72 16.82
C GLY C 193 -4.90 -37.11 18.13
N SER C 194 -4.72 -37.81 19.25
CA SER C 194 -5.05 -37.25 20.55
C SER C 194 -4.12 -36.12 20.95
N TYR C 195 -2.93 -36.05 20.37
CA TYR C 195 -2.07 -34.92 20.63
C TYR C 195 -2.58 -33.63 19.99
N LEU C 196 -3.42 -33.75 18.97
CA LEU C 196 -4.03 -32.59 18.34
C LEU C 196 -5.42 -32.30 18.88
N GLU C 197 -5.86 -32.99 19.92
CA GLU C 197 -7.23 -32.90 20.42
C GLU C 197 -7.23 -32.63 21.91
N ASP C 198 -6.48 -31.61 22.32
CA ASP C 198 -6.32 -31.27 23.73
C ASP C 198 -7.26 -30.15 24.15
N GLN C 199 -8.50 -30.19 23.65
CA GLN C 199 -9.50 -29.21 24.06
C GLN C 199 -9.88 -29.37 25.52
N ASP C 200 -10.27 -28.26 26.13
CA ASP C 200 -10.69 -28.20 27.53
C ASP C 200 -12.10 -28.77 27.63
N MET C 201 -12.19 -30.09 27.77
CA MET C 201 -13.47 -30.77 27.88
C MET C 201 -13.25 -32.14 28.49
N TRP C 202 -14.35 -32.86 28.70
CA TRP C 202 -14.27 -34.23 29.14
C TRP C 202 -13.69 -35.10 28.04
N ARG C 203 -12.74 -35.94 28.40
CA ARG C 203 -12.18 -36.80 27.40
C ARG C 203 -12.95 -38.10 27.46
N MET C 204 -13.76 -38.31 26.45
CA MET C 204 -14.57 -39.50 26.27
C MET C 204 -14.17 -40.16 24.96
N SER C 205 -14.84 -41.25 24.64
CA SER C 205 -14.45 -42.05 23.49
C SER C 205 -15.61 -42.94 23.09
N GLY C 206 -15.57 -43.40 21.85
CA GLY C 206 -16.59 -44.28 21.32
C GLY C 206 -17.10 -43.79 20.01
N ILE C 207 -18.16 -44.44 19.53
CA ILE C 207 -18.85 -44.01 18.32
C ILE C 207 -19.93 -43.05 18.77
N PHE C 208 -19.62 -41.77 18.77
CA PHE C 208 -20.45 -40.79 19.44
C PHE C 208 -21.31 -39.98 18.49
N ARG C 209 -21.20 -40.20 17.18
CA ARG C 209 -22.12 -39.61 16.22
C ARG C 209 -22.71 -40.72 15.36
N ASP C 210 -23.55 -40.34 14.41
CA ASP C 210 -24.37 -41.28 13.68
C ASP C 210 -23.56 -42.15 12.73
N VAL C 211 -24.06 -43.35 12.49
CA VAL C 211 -23.49 -44.28 11.52
C VAL C 211 -24.56 -44.55 10.48
N SER C 212 -24.19 -44.45 9.20
CA SER C 212 -25.17 -44.65 8.16
C SER C 212 -24.55 -45.32 6.95
N LEU C 213 -25.41 -45.90 6.11
CA LEU C 213 -25.03 -46.44 4.82
C LEU C 213 -25.62 -45.60 3.71
N LEU C 214 -24.85 -45.36 2.67
CA LEU C 214 -25.29 -44.56 1.55
C LEU C 214 -25.09 -45.33 0.26
N HIS C 215 -26.13 -45.42 -0.53
CA HIS C 215 -26.00 -46.09 -1.78
C HIS C 215 -26.05 -45.03 -2.86
N LYS C 216 -25.06 -44.98 -3.65
CA LYS C 216 -24.83 -44.08 -4.76
C LYS C 216 -24.80 -44.86 -6.06
N PRO C 217 -25.21 -44.28 -7.18
CA PRO C 217 -25.04 -44.96 -8.47
C PRO C 217 -23.57 -44.95 -8.90
N THR C 218 -23.30 -45.67 -9.99
CA THR C 218 -21.93 -45.80 -10.46
C THR C 218 -21.39 -44.48 -10.99
N THR C 219 -22.13 -43.83 -11.87
CA THR C 219 -21.86 -42.44 -12.21
C THR C 219 -22.63 -41.56 -11.24
N GLN C 220 -21.92 -40.66 -10.58
CA GLN C 220 -22.49 -40.05 -9.40
C GLN C 220 -21.96 -38.63 -9.26
N ILE C 221 -22.66 -37.82 -8.47
CA ILE C 221 -22.15 -36.51 -8.08
C ILE C 221 -21.19 -36.72 -6.93
N SER C 222 -19.93 -36.35 -7.13
CA SER C 222 -18.93 -36.57 -6.11
C SER C 222 -18.69 -35.37 -5.22
N ASP C 223 -19.02 -34.17 -5.67
CA ASP C 223 -18.79 -32.94 -4.94
C ASP C 223 -19.58 -31.84 -5.63
N PHE C 224 -20.05 -30.87 -4.86
CA PHE C 224 -20.61 -29.68 -5.47
C PHE C 224 -20.39 -28.49 -4.54
N HIS C 225 -20.08 -27.35 -5.15
CA HIS C 225 -19.80 -26.11 -4.45
C HIS C 225 -20.81 -25.08 -4.91
N VAL C 226 -21.29 -24.26 -4.00
CA VAL C 226 -22.09 -23.09 -4.38
C VAL C 226 -21.37 -21.84 -3.91
N ALA C 227 -21.42 -20.81 -4.73
CA ALA C 227 -20.82 -19.53 -4.39
C ALA C 227 -21.72 -18.45 -4.94
N THR C 228 -21.92 -17.40 -4.15
CA THR C 228 -22.78 -16.30 -4.53
C THR C 228 -21.95 -15.05 -4.70
N ARG C 229 -22.18 -14.33 -5.79
CA ARG C 229 -21.44 -13.13 -6.13
C ARG C 229 -22.45 -12.02 -6.41
N PHE C 230 -22.14 -10.80 -5.96
CA PHE C 230 -23.13 -9.74 -5.93
C PHE C 230 -22.62 -8.53 -6.69
N ASN C 231 -23.54 -7.61 -6.98
CA ASN C 231 -23.17 -6.28 -7.45
C ASN C 231 -23.00 -5.37 -6.24
N ASP C 232 -22.95 -4.06 -6.46
CA ASP C 232 -22.59 -3.14 -5.38
C ASP C 232 -23.72 -2.94 -4.37
N ASP C 233 -24.97 -3.01 -4.82
CA ASP C 233 -26.10 -2.77 -3.93
C ASP C 233 -26.92 -4.02 -3.64
N PHE C 234 -26.39 -5.20 -3.98
CA PHE C 234 -26.97 -6.51 -3.67
C PHE C 234 -28.34 -6.70 -4.30
N SER C 235 -28.54 -6.11 -5.48
CA SER C 235 -29.79 -6.26 -6.21
C SER C 235 -29.70 -7.31 -7.30
N ARG C 236 -28.50 -7.76 -7.64
CA ARG C 236 -28.31 -8.80 -8.63
C ARG C 236 -27.27 -9.76 -8.11
N ALA C 237 -27.59 -11.04 -8.08
CA ALA C 237 -26.67 -12.05 -7.61
C ALA C 237 -26.45 -13.10 -8.68
N VAL C 238 -25.25 -13.66 -8.68
CA VAL C 238 -24.92 -14.78 -9.55
C VAL C 238 -24.58 -15.96 -8.66
N LEU C 239 -25.40 -17.00 -8.72
CA LEU C 239 -25.11 -18.23 -8.02
C LEU C 239 -24.22 -19.09 -8.92
N GLU C 240 -22.97 -19.24 -8.55
CA GLU C 240 -22.03 -20.03 -9.31
C GLU C 240 -21.93 -21.40 -8.68
N ALA C 241 -22.44 -22.42 -9.37
CA ALA C 241 -22.45 -23.78 -8.87
C ALA C 241 -21.45 -24.62 -9.63
N GLU C 242 -20.56 -25.27 -8.91
CA GLU C 242 -19.48 -26.08 -9.46
C GLU C 242 -19.75 -27.52 -9.06
N VAL C 243 -20.09 -28.37 -10.02
CA VAL C 243 -20.46 -29.75 -9.74
C VAL C 243 -19.38 -30.68 -10.30
N GLN C 244 -18.96 -31.64 -9.50
CA GLN C 244 -17.97 -32.63 -9.91
C GLN C 244 -18.62 -33.99 -9.95
N MET C 245 -18.28 -34.79 -10.95
CA MET C 245 -18.75 -36.16 -11.02
C MET C 245 -17.59 -37.12 -10.90
N CYS C 246 -17.89 -38.35 -10.52
CA CYS C 246 -16.96 -39.44 -10.72
C CYS C 246 -17.72 -40.62 -11.31
N GLY C 247 -16.98 -41.53 -11.89
CA GLY C 247 -17.55 -42.54 -12.75
C GLY C 247 -17.13 -42.28 -14.18
N GLU C 248 -17.70 -43.07 -15.09
CA GLU C 248 -17.29 -43.00 -16.47
C GLU C 248 -18.05 -41.89 -17.20
N LEU C 249 -17.29 -41.03 -17.88
CA LEU C 249 -17.87 -39.90 -18.58
C LEU C 249 -18.61 -40.34 -19.83
N ARG C 250 -19.78 -39.76 -20.03
CA ARG C 250 -20.55 -39.96 -21.24
C ARG C 250 -20.97 -38.60 -21.78
N ASP C 251 -21.13 -38.52 -23.10
CA ASP C 251 -21.49 -37.25 -23.69
C ASP C 251 -22.97 -36.92 -23.53
N TYR C 252 -23.80 -37.89 -23.15
CA TYR C 252 -25.20 -37.59 -22.88
C TYR C 252 -25.45 -37.15 -21.45
N LEU C 253 -24.43 -37.13 -20.58
CA LEU C 253 -24.64 -36.70 -19.21
C LEU C 253 -24.84 -35.20 -19.13
N ARG C 254 -25.83 -34.79 -18.35
CA ARG C 254 -26.11 -33.39 -18.14
C ARG C 254 -26.21 -33.13 -16.65
N VAL C 255 -26.03 -31.87 -16.27
CA VAL C 255 -26.24 -31.42 -14.90
C VAL C 255 -27.19 -30.24 -14.94
N THR C 256 -28.29 -30.34 -14.20
CA THR C 256 -29.22 -29.25 -14.02
C THR C 256 -29.12 -28.76 -12.58
N VAL C 257 -28.89 -27.47 -12.40
CA VAL C 257 -28.96 -26.84 -11.10
C VAL C 257 -30.18 -25.92 -11.11
N SER C 258 -31.11 -26.19 -10.20
CA SER C 258 -32.32 -25.41 -10.09
C SER C 258 -32.35 -24.75 -8.72
N LEU C 259 -32.86 -23.53 -8.65
CA LEU C 259 -32.91 -22.76 -7.43
C LEU C 259 -34.36 -22.43 -7.10
N TRP C 260 -34.76 -22.70 -5.87
CA TRP C 260 -36.17 -22.66 -5.47
C TRP C 260 -36.33 -21.77 -4.25
N GLN C 261 -37.28 -20.84 -4.31
CA GLN C 261 -37.70 -20.08 -3.14
C GLN C 261 -39.03 -20.68 -2.70
N GLY C 262 -38.95 -21.64 -1.77
CA GLY C 262 -40.13 -22.36 -1.37
C GLY C 262 -40.66 -23.26 -2.47
N GLU C 263 -41.79 -22.88 -3.05
CA GLU C 263 -42.40 -23.69 -4.10
C GLU C 263 -42.14 -23.16 -5.49
N THR C 264 -41.80 -21.89 -5.64
CA THR C 264 -41.54 -21.32 -6.94
C THR C 264 -40.06 -21.45 -7.30
N GLN C 265 -39.81 -21.64 -8.58
CA GLN C 265 -38.46 -21.83 -9.09
C GLN C 265 -37.92 -20.48 -9.55
N VAL C 266 -36.78 -20.09 -8.99
CA VAL C 266 -36.22 -18.77 -9.22
C VAL C 266 -35.27 -18.77 -10.42
N ALA C 267 -34.38 -19.76 -10.47
CA ALA C 267 -33.41 -19.82 -11.54
C ALA C 267 -33.16 -21.28 -11.87
N SER C 268 -32.59 -21.50 -13.05
CA SER C 268 -32.30 -22.84 -13.52
C SER C 268 -31.21 -22.74 -14.59
N GLY C 269 -30.40 -23.77 -14.66
CA GLY C 269 -29.39 -23.86 -15.70
C GLY C 269 -29.10 -25.31 -15.96
N THR C 270 -28.62 -25.59 -17.15
CA THR C 270 -28.22 -26.95 -17.51
C THR C 270 -26.98 -26.87 -18.38
N ALA C 271 -26.16 -27.92 -18.32
CA ALA C 271 -24.90 -27.92 -19.03
C ALA C 271 -24.41 -29.35 -19.18
N PRO C 272 -23.70 -29.66 -20.25
CA PRO C 272 -22.94 -30.91 -20.31
C PRO C 272 -21.62 -30.74 -19.59
N PHE C 273 -20.96 -31.86 -19.33
CA PHE C 273 -19.68 -31.80 -18.63
C PHE C 273 -18.58 -31.25 -19.51
N GLY C 274 -17.54 -30.77 -18.85
CA GLY C 274 -16.46 -30.08 -19.52
C GLY C 274 -16.34 -28.66 -19.02
N GLY C 275 -15.32 -28.40 -18.21
CA GLY C 275 -15.08 -27.07 -17.71
C GLY C 275 -14.33 -26.21 -18.69
N GLU C 276 -14.03 -25.00 -18.26
CA GLU C 276 -13.24 -24.10 -19.09
C GLU C 276 -11.78 -24.51 -19.05
N ILE C 277 -11.03 -24.04 -20.05
CA ILE C 277 -9.60 -24.25 -20.09
C ILE C 277 -8.97 -23.47 -18.94
N ILE C 278 -8.17 -24.16 -18.13
CA ILE C 278 -7.52 -23.52 -17.00
C ILE C 278 -6.01 -23.48 -17.12
N ASP C 279 -5.40 -24.36 -17.91
CA ASP C 279 -3.96 -24.35 -18.11
C ASP C 279 -3.65 -24.99 -19.46
N GLU C 280 -2.38 -25.33 -19.66
CA GLU C 280 -1.90 -25.79 -20.96
C GLU C 280 -2.46 -27.16 -21.33
N ARG C 281 -2.85 -27.97 -20.36
CA ARG C 281 -3.33 -29.32 -20.63
C ARG C 281 -4.83 -29.40 -20.82
N GLY C 282 -5.55 -28.29 -20.67
CA GLY C 282 -6.98 -28.26 -20.91
C GLY C 282 -7.74 -27.93 -19.63
N GLY C 283 -8.95 -28.47 -19.54
CA GLY C 283 -9.79 -28.24 -18.38
C GLY C 283 -10.25 -29.52 -17.74
N TYR C 284 -11.14 -29.41 -16.76
CA TYR C 284 -11.72 -30.59 -16.14
C TYR C 284 -12.83 -31.13 -17.00
N ALA C 285 -12.65 -32.33 -17.52
CA ALA C 285 -13.70 -32.96 -18.30
C ALA C 285 -14.84 -33.46 -17.43
N ASP C 286 -14.59 -33.68 -16.14
CA ASP C 286 -15.57 -34.22 -15.21
C ASP C 286 -16.15 -33.16 -14.29
N ARG C 287 -16.13 -31.89 -14.68
CA ARG C 287 -16.69 -30.82 -13.87
C ARG C 287 -17.51 -29.89 -14.74
N VAL C 288 -18.51 -29.27 -14.12
CA VAL C 288 -19.29 -28.21 -14.74
C VAL C 288 -19.28 -27.00 -13.82
N THR C 289 -19.47 -25.83 -14.41
CA THR C 289 -19.75 -24.63 -13.66
C THR C 289 -21.02 -24.03 -14.23
N LEU C 290 -22.03 -23.86 -13.39
CA LEU C 290 -23.29 -23.27 -13.80
C LEU C 290 -23.44 -21.94 -13.08
N ARG C 291 -23.81 -20.92 -13.83
CA ARG C 291 -23.99 -19.59 -13.29
C ARG C 291 -25.45 -19.20 -13.45
N LEU C 292 -26.13 -19.03 -12.33
CA LEU C 292 -27.55 -18.69 -12.32
C LEU C 292 -27.70 -17.24 -11.89
N ASN C 293 -28.42 -16.46 -12.68
CA ASN C 293 -28.67 -15.07 -12.35
C ASN C 293 -29.92 -14.97 -11.50
N VAL C 294 -29.80 -14.32 -10.36
CA VAL C 294 -30.93 -14.11 -9.45
C VAL C 294 -31.13 -12.61 -9.32
N GLU C 295 -32.32 -12.14 -9.67
CA GLU C 295 -32.65 -10.73 -9.58
C GLU C 295 -33.33 -10.46 -8.26
N ASN C 296 -32.82 -9.46 -7.54
CA ASN C 296 -33.23 -9.05 -6.20
C ASN C 296 -33.32 -10.23 -5.25
N PRO C 297 -32.20 -10.87 -4.90
CA PRO C 297 -32.29 -12.03 -4.03
C PRO C 297 -32.61 -11.62 -2.61
N LYS C 298 -33.31 -12.50 -1.92
CA LYS C 298 -33.55 -12.29 -0.50
C LYS C 298 -32.30 -12.69 0.25
N LEU C 299 -31.66 -11.73 0.92
CA LEU C 299 -30.36 -11.96 1.49
C LEU C 299 -30.46 -12.68 2.82
N TRP C 300 -29.48 -13.55 3.08
CA TRP C 300 -29.44 -14.27 4.34
C TRP C 300 -28.73 -13.43 5.39
N SER C 301 -29.29 -13.41 6.59
CA SER C 301 -28.58 -12.87 7.74
C SER C 301 -29.11 -13.59 8.97
N ALA C 302 -28.49 -13.33 10.12
CA ALA C 302 -29.02 -13.89 11.35
C ALA C 302 -30.30 -13.21 11.77
N GLU C 303 -30.52 -11.98 11.32
CA GLU C 303 -31.77 -11.29 11.59
C GLU C 303 -32.90 -11.88 10.75
N ILE C 304 -32.67 -12.03 9.45
CA ILE C 304 -33.67 -12.59 8.54
C ILE C 304 -33.02 -13.75 7.80
N PRO C 305 -33.21 -14.98 8.24
CA PRO C 305 -32.53 -16.11 7.59
C PRO C 305 -33.24 -16.59 6.33
N ASN C 306 -33.18 -15.78 5.28
CA ASN C 306 -33.77 -16.14 3.99
C ASN C 306 -32.97 -17.24 3.34
N LEU C 307 -33.61 -18.35 3.03
CA LEU C 307 -32.94 -19.47 2.40
C LEU C 307 -33.60 -19.82 1.08
N TYR C 308 -32.77 -20.24 0.14
CA TYR C 308 -33.18 -20.85 -1.11
C TYR C 308 -32.82 -22.32 -1.06
N ARG C 309 -33.36 -23.07 -2.00
CA ARG C 309 -33.11 -24.50 -2.07
C ARG C 309 -32.52 -24.79 -3.44
N ALA C 310 -31.25 -25.15 -3.48
CA ALA C 310 -30.61 -25.51 -4.73
C ALA C 310 -30.68 -27.01 -4.91
N VAL C 311 -31.12 -27.45 -6.07
CA VAL C 311 -31.23 -28.87 -6.38
C VAL C 311 -30.33 -29.16 -7.56
N VAL C 312 -29.41 -30.09 -7.39
CA VAL C 312 -28.45 -30.45 -8.42
C VAL C 312 -28.84 -31.81 -8.96
N GLU C 313 -29.25 -31.85 -10.22
CA GLU C 313 -29.69 -33.09 -10.85
C GLU C 313 -28.61 -33.56 -11.81
N LEU C 314 -28.17 -34.80 -11.63
CA LEU C 314 -27.38 -35.48 -12.63
C LEU C 314 -28.32 -36.32 -13.47
N HIS C 315 -28.40 -36.04 -14.76
CA HIS C 315 -29.36 -36.72 -15.60
C HIS C 315 -28.81 -36.84 -17.00
N THR C 316 -29.47 -37.66 -17.80
CA THR C 316 -29.05 -37.85 -19.18
C THR C 316 -29.69 -36.79 -20.08
N ALA C 317 -29.29 -36.81 -21.34
CA ALA C 317 -29.74 -35.78 -22.28
C ALA C 317 -31.21 -35.95 -22.64
N ASP C 318 -31.71 -37.18 -22.67
CA ASP C 318 -33.14 -37.36 -22.91
C ASP C 318 -33.95 -36.99 -21.67
N GLY C 319 -33.42 -37.26 -20.49
CA GLY C 319 -34.01 -36.70 -19.30
C GLY C 319 -34.22 -37.61 -18.12
N THR C 320 -33.74 -38.85 -18.15
CA THR C 320 -33.90 -39.70 -17.00
C THR C 320 -32.90 -39.32 -15.91
N LEU C 321 -33.37 -39.24 -14.68
CA LEU C 321 -32.57 -38.77 -13.58
C LEU C 321 -31.68 -39.90 -13.06
N ILE C 322 -30.39 -39.60 -12.89
CA ILE C 322 -29.47 -40.54 -12.28
C ILE C 322 -29.40 -40.33 -10.77
N GLU C 323 -29.26 -39.07 -10.36
CA GLU C 323 -29.06 -38.74 -8.96
C GLU C 323 -29.38 -37.27 -8.75
N ALA C 324 -30.02 -36.95 -7.64
CA ALA C 324 -30.22 -35.57 -7.25
C ALA C 324 -29.56 -35.31 -5.90
N GLU C 325 -28.95 -34.14 -5.77
CA GLU C 325 -28.48 -33.65 -4.49
C GLU C 325 -29.07 -32.28 -4.25
N ALA C 326 -29.02 -31.85 -2.99
CA ALA C 326 -29.64 -30.58 -2.64
C ALA C 326 -28.92 -29.94 -1.48
N CYS C 327 -28.97 -28.62 -1.42
CA CYS C 327 -28.48 -27.90 -0.26
C CYS C 327 -29.26 -26.60 -0.12
N ASP C 328 -29.35 -26.12 1.12
CA ASP C 328 -29.91 -24.81 1.36
C ASP C 328 -28.88 -23.75 1.01
N VAL C 329 -29.34 -22.70 0.35
CA VAL C 329 -28.47 -21.63 -0.11
C VAL C 329 -28.93 -20.33 0.51
N GLY C 330 -28.01 -19.63 1.15
CA GLY C 330 -28.24 -18.29 1.62
C GLY C 330 -27.35 -17.32 0.83
N PHE C 331 -27.97 -16.28 0.32
CA PHE C 331 -27.24 -15.24 -0.38
C PHE C 331 -26.64 -14.33 0.68
N ARG C 332 -25.34 -14.40 0.84
CA ARG C 332 -24.67 -13.50 1.74
C ARG C 332 -23.22 -13.38 1.33
N VAL C 333 -22.64 -12.24 1.62
CA VAL C 333 -21.24 -11.96 1.36
C VAL C 333 -20.64 -11.52 2.69
N VAL C 334 -19.51 -12.14 3.03
CA VAL C 334 -18.76 -11.80 4.22
C VAL C 334 -17.41 -11.33 3.73
N ARG C 335 -17.04 -10.12 4.06
CA ARG C 335 -15.72 -9.63 3.67
C ARG C 335 -15.23 -8.62 4.66
N ILE C 336 -13.93 -8.43 4.68
CA ILE C 336 -13.28 -7.43 5.50
C ILE C 336 -12.80 -6.34 4.56
N GLU C 337 -13.42 -5.17 4.61
CA GLU C 337 -12.86 -4.01 3.92
C GLU C 337 -12.64 -2.91 4.95
N ASN C 338 -11.52 -2.22 4.77
CA ASN C 338 -11.13 -1.04 5.55
C ASN C 338 -11.05 -1.36 7.04
N GLY C 339 -10.70 -2.59 7.39
CA GLY C 339 -10.61 -2.98 8.77
C GLY C 339 -11.89 -3.34 9.45
N LEU C 340 -12.98 -3.56 8.72
CA LEU C 340 -14.25 -3.92 9.31
C LEU C 340 -14.79 -5.19 8.67
N LEU C 341 -15.23 -6.13 9.50
CA LEU C 341 -15.93 -7.30 9.02
C LEU C 341 -17.35 -6.91 8.59
N LEU C 342 -17.66 -7.07 7.32
CA LEU C 342 -18.95 -6.68 6.80
C LEU C 342 -19.76 -7.91 6.41
N LEU C 343 -21.04 -7.89 6.73
CA LEU C 343 -22.00 -8.84 6.19
C LEU C 343 -22.99 -8.06 5.35
N ASN C 344 -23.04 -8.36 4.06
CA ASN C 344 -23.92 -7.72 3.08
C ASN C 344 -23.74 -6.20 3.07
N GLY C 345 -22.50 -5.76 3.20
CA GLY C 345 -22.18 -4.35 3.21
C GLY C 345 -22.34 -3.65 4.53
N LYS C 346 -22.78 -4.34 5.57
CA LYS C 346 -23.00 -3.72 6.86
C LYS C 346 -22.05 -4.29 7.90
N PRO C 347 -21.49 -3.45 8.77
CA PRO C 347 -20.55 -3.96 9.79
C PRO C 347 -21.26 -4.75 10.87
N LEU C 348 -20.80 -5.98 11.09
CA LEU C 348 -21.39 -6.83 12.10
C LEU C 348 -21.00 -6.39 13.50
N LEU C 349 -21.88 -6.66 14.43
CA LEU C 349 -21.56 -6.66 15.86
C LEU C 349 -21.88 -8.04 16.37
N ILE C 350 -20.83 -8.81 16.65
CA ILE C 350 -20.97 -10.22 17.00
C ILE C 350 -21.43 -10.33 18.45
N ARG C 351 -22.64 -10.83 18.63
CA ARG C 351 -23.18 -11.16 19.95
C ARG C 351 -23.05 -12.66 20.10
N GLY C 352 -21.83 -13.12 20.38
CA GLY C 352 -21.49 -14.51 20.24
C GLY C 352 -21.33 -15.25 21.55
N VAL C 353 -21.35 -16.57 21.44
CA VAL C 353 -21.10 -17.45 22.56
C VAL C 353 -20.38 -18.68 22.05
N ASN C 354 -19.42 -19.15 22.82
CA ASN C 354 -18.79 -20.43 22.59
C ASN C 354 -19.70 -21.55 23.06
N ARG C 355 -19.74 -22.63 22.31
CA ARG C 355 -20.61 -23.75 22.66
C ARG C 355 -19.89 -25.06 22.41
N HIS C 356 -19.69 -25.82 23.48
CA HIS C 356 -19.32 -27.23 23.35
C HIS C 356 -20.55 -28.09 23.12
N GLU C 357 -20.34 -29.20 22.43
CA GLU C 357 -21.34 -30.25 22.34
C GLU C 357 -21.31 -31.05 23.62
N HIS C 358 -22.28 -30.83 24.49
CA HIS C 358 -22.29 -31.50 25.77
C HIS C 358 -23.72 -31.80 26.19
N HIS C 359 -23.94 -33.00 26.68
CA HIS C 359 -25.19 -33.38 27.30
C HIS C 359 -24.82 -34.05 28.62
N PRO C 360 -25.49 -33.71 29.72
CA PRO C 360 -25.06 -34.24 31.03
C PRO C 360 -25.29 -35.72 31.21
N LEU C 361 -26.23 -36.31 30.48
CA LEU C 361 -26.49 -37.74 30.56
C LEU C 361 -25.77 -38.54 29.50
N HIS C 362 -25.66 -38.00 28.28
CA HIS C 362 -25.13 -38.74 27.16
C HIS C 362 -23.74 -38.30 26.76
N GLY C 363 -23.12 -37.42 27.54
CA GLY C 363 -21.78 -36.97 27.23
C GLY C 363 -21.72 -36.08 26.01
N GLN C 364 -21.00 -36.51 24.99
CA GLN C 364 -20.78 -35.71 23.81
C GLN C 364 -21.64 -36.14 22.64
N VAL C 365 -22.76 -36.79 22.91
CA VAL C 365 -23.70 -37.22 21.89
C VAL C 365 -24.83 -36.21 21.84
N MET C 366 -25.02 -35.60 20.67
CA MET C 366 -26.00 -34.55 20.50
C MET C 366 -27.15 -35.02 19.62
N ASP C 367 -28.37 -34.77 20.05
CA ASP C 367 -29.56 -34.99 19.26
C ASP C 367 -30.15 -33.65 18.85
N GLU C 368 -31.18 -33.72 18.00
CA GLU C 368 -31.77 -32.52 17.44
C GLU C 368 -32.50 -31.69 18.48
N GLN C 369 -33.14 -32.34 19.45
CA GLN C 369 -33.97 -31.62 20.41
C GLN C 369 -33.13 -30.76 21.35
N THR C 370 -31.92 -31.21 21.69
CA THR C 370 -31.05 -30.38 22.50
C THR C 370 -30.45 -29.25 21.68
N MET C 371 -30.20 -29.48 20.40
CA MET C 371 -29.69 -28.41 19.53
C MET C 371 -30.73 -27.32 19.33
N VAL C 372 -31.99 -27.70 19.11
CA VAL C 372 -33.04 -26.71 18.94
C VAL C 372 -33.27 -25.96 20.24
N GLN C 373 -33.16 -26.66 21.37
CA GLN C 373 -33.28 -26.02 22.68
C GLN C 373 -32.18 -25.00 22.91
N ASP C 374 -30.96 -25.29 22.45
CA ASP C 374 -29.87 -24.33 22.60
C ASP C 374 -30.08 -23.11 21.71
N ILE C 375 -30.50 -23.31 20.47
CA ILE C 375 -30.63 -22.20 19.53
C ILE C 375 -31.75 -21.26 19.92
N LEU C 376 -32.85 -21.80 20.45
CA LEU C 376 -33.92 -20.93 20.91
C LEU C 376 -33.50 -20.11 22.10
N LEU C 377 -32.81 -20.73 23.07
CA LEU C 377 -32.32 -19.99 24.23
C LEU C 377 -31.28 -18.95 23.86
N MET C 378 -30.47 -19.22 22.85
CA MET C 378 -29.49 -18.23 22.41
C MET C 378 -30.16 -17.02 21.78
N LYS C 379 -31.13 -17.25 20.89
CA LYS C 379 -31.74 -16.12 20.22
C LYS C 379 -32.69 -15.36 21.13
N GLN C 380 -33.30 -16.03 22.10
CA GLN C 380 -34.12 -15.35 23.09
C GLN C 380 -33.30 -14.53 24.07
N ASN C 381 -31.99 -14.70 24.10
CA ASN C 381 -31.09 -13.94 24.95
C ASN C 381 -30.15 -13.08 24.13
N ASN C 382 -30.58 -12.73 22.91
CA ASN C 382 -29.96 -11.75 22.04
C ASN C 382 -28.55 -12.17 21.59
N PHE C 383 -28.30 -13.45 21.47
CA PHE C 383 -27.10 -13.92 20.80
C PHE C 383 -27.38 -14.09 19.31
N ASN C 384 -26.42 -13.71 18.47
CA ASN C 384 -26.55 -13.95 17.05
C ASN C 384 -25.43 -14.78 16.46
N ALA C 385 -24.50 -15.27 17.27
CA ALA C 385 -23.35 -15.98 16.72
C ALA C 385 -22.91 -17.07 17.67
N VAL C 386 -22.39 -18.15 17.11
CA VAL C 386 -21.91 -19.29 17.88
C VAL C 386 -20.55 -19.67 17.34
N ARG C 387 -19.59 -19.89 18.23
CA ARG C 387 -18.30 -20.44 17.85
C ARG C 387 -18.26 -21.91 18.22
N CYS C 388 -17.94 -22.75 17.24
CA CYS C 388 -17.91 -24.20 17.41
C CYS C 388 -16.61 -24.55 18.13
N SER C 389 -16.63 -24.50 19.45
CA SER C 389 -15.42 -24.64 20.25
C SER C 389 -15.24 -26.08 20.70
N HIS C 390 -14.12 -26.70 20.33
CA HIS C 390 -13.18 -26.22 19.32
C HIS C 390 -12.96 -27.35 18.34
N TYR C 391 -13.93 -27.56 17.47
CA TYR C 391 -14.02 -28.71 16.59
C TYR C 391 -15.25 -28.55 15.70
N PRO C 392 -15.31 -29.21 14.54
CA PRO C 392 -16.53 -29.14 13.74
C PRO C 392 -17.68 -29.84 14.45
N ASN C 393 -18.85 -29.24 14.39
CA ASN C 393 -19.97 -29.86 15.07
C ASN C 393 -20.61 -30.95 14.24
N HIS C 394 -21.62 -31.53 14.84
CA HIS C 394 -22.57 -32.41 14.18
C HIS C 394 -23.17 -31.69 12.98
N PRO C 395 -23.39 -32.38 11.86
CA PRO C 395 -23.80 -31.68 10.63
C PRO C 395 -25.17 -31.05 10.69
N LEU C 396 -26.05 -31.51 11.57
CA LEU C 396 -27.36 -30.91 11.71
C LEU C 396 -27.31 -29.53 12.35
N TRP C 397 -26.25 -29.24 13.10
CA TRP C 397 -26.10 -27.95 13.76
C TRP C 397 -26.01 -26.81 12.77
N TYR C 398 -25.30 -27.02 11.67
CA TYR C 398 -25.16 -25.97 10.67
C TYR C 398 -26.45 -25.74 9.92
N THR C 399 -27.23 -26.80 9.70
CA THR C 399 -28.53 -26.67 9.07
C THR C 399 -29.48 -25.86 9.93
N LEU C 400 -29.48 -26.10 11.23
CA LEU C 400 -30.35 -25.36 12.13
C LEU C 400 -29.90 -23.91 12.28
N CYS C 401 -28.60 -23.65 12.20
CA CYS C 401 -28.14 -22.26 12.23
C CYS C 401 -28.44 -21.54 10.93
N ASP C 402 -28.49 -22.26 9.80
CA ASP C 402 -29.01 -21.70 8.56
C ASP C 402 -30.46 -21.28 8.72
N ARG C 403 -31.24 -22.11 9.39
CA ARG C 403 -32.68 -21.99 9.40
C ARG C 403 -33.16 -20.92 10.37
N TYR C 404 -32.62 -20.92 11.59
CA TYR C 404 -33.04 -19.96 12.59
C TYR C 404 -32.26 -18.65 12.50
N GLY C 405 -31.03 -18.72 12.06
CA GLY C 405 -30.22 -17.54 11.85
C GLY C 405 -29.25 -17.33 13.00
N LEU C 406 -28.05 -17.83 12.83
CA LEU C 406 -26.95 -17.60 13.73
C LEU C 406 -25.70 -17.64 12.89
N TYR C 407 -24.77 -16.72 13.14
CA TYR C 407 -23.49 -16.79 12.48
C TYR C 407 -22.67 -17.87 13.15
N VAL C 408 -21.92 -18.61 12.35
CA VAL C 408 -21.16 -19.74 12.86
C VAL C 408 -19.69 -19.51 12.54
N VAL C 409 -18.83 -19.64 13.53
CA VAL C 409 -17.40 -19.78 13.32
C VAL C 409 -17.08 -21.26 13.37
N ASP C 410 -16.69 -21.82 12.25
CA ASP C 410 -16.39 -23.24 12.16
C ASP C 410 -14.91 -23.45 12.40
N GLU C 411 -14.57 -24.34 13.31
CA GLU C 411 -13.22 -24.41 13.86
C GLU C 411 -12.64 -25.79 13.65
N ALA C 412 -11.40 -25.84 13.18
CA ALA C 412 -10.75 -27.11 12.94
C ALA C 412 -10.39 -27.79 14.26
N ASN C 413 -10.36 -29.11 14.23
CA ASN C 413 -10.13 -29.94 15.42
C ASN C 413 -8.62 -30.04 15.69
N ILE C 414 -8.02 -28.90 16.03
CA ILE C 414 -6.60 -28.83 16.31
C ILE C 414 -6.41 -28.05 17.60
N GLU C 415 -5.95 -28.71 18.65
CA GLU C 415 -5.52 -28.01 19.84
C GLU C 415 -4.40 -28.79 20.51
N THR C 416 -3.28 -28.13 20.74
CA THR C 416 -2.16 -28.78 21.36
C THR C 416 -1.73 -27.89 22.50
N HIS C 417 -2.66 -27.60 23.39
CA HIS C 417 -2.43 -26.73 24.52
C HIS C 417 -1.38 -27.26 25.48
N GLY C 418 -1.38 -28.55 25.69
CA GLY C 418 -0.47 -29.19 26.61
C GLY C 418 0.99 -29.28 26.22
N MET C 419 1.33 -29.00 24.98
CA MET C 419 2.70 -29.14 24.52
C MET C 419 3.56 -28.03 25.12
N VAL C 420 4.84 -28.33 25.33
CA VAL C 420 5.79 -27.32 25.79
C VAL C 420 6.91 -27.23 24.76
N PRO C 421 7.03 -26.12 24.02
CA PRO C 421 6.13 -24.97 23.96
C PRO C 421 4.88 -25.31 23.18
N MET C 422 3.92 -24.41 23.13
CA MET C 422 2.60 -24.76 22.61
C MET C 422 2.62 -25.06 21.12
N ASN C 423 3.64 -24.60 20.39
CA ASN C 423 3.73 -24.88 18.96
C ASN C 423 4.73 -25.97 18.63
N ARG C 424 4.99 -26.91 19.54
CA ARG C 424 5.98 -27.94 19.28
C ARG C 424 5.56 -28.85 18.13
N LEU C 425 4.28 -29.17 18.05
CA LEU C 425 3.80 -29.96 16.93
C LEU C 425 3.45 -29.10 15.72
N THR C 426 2.93 -27.91 15.93
CA THR C 426 2.46 -27.11 14.81
C THR C 426 3.57 -26.34 14.12
N ASP C 427 4.78 -26.38 14.62
CA ASP C 427 5.91 -25.83 13.89
C ASP C 427 6.77 -26.94 13.31
N ASP C 428 6.32 -28.18 13.41
CA ASP C 428 7.02 -29.34 12.91
C ASP C 428 6.37 -29.77 11.60
N PRO C 429 7.11 -29.84 10.49
CA PRO C 429 6.47 -30.25 9.23
C PRO C 429 6.13 -31.72 9.15
N ARG C 430 6.63 -32.55 10.07
CA ARG C 430 6.18 -33.92 10.15
C ARG C 430 4.73 -34.05 10.61
N TRP C 431 4.20 -33.02 11.25
CA TRP C 431 2.80 -32.97 11.65
C TRP C 431 1.93 -32.17 10.71
N LEU C 432 2.53 -31.56 9.69
CA LEU C 432 1.72 -30.86 8.68
C LEU C 432 0.75 -31.75 7.92
N PRO C 433 1.04 -33.01 7.55
CA PRO C 433 -0.03 -33.84 6.98
C PRO C 433 -1.18 -34.12 7.91
N ALA C 434 -0.92 -34.33 9.20
CA ALA C 434 -2.01 -34.58 10.13
C ALA C 434 -2.84 -33.34 10.38
N MET C 435 -2.19 -32.18 10.45
CA MET C 435 -2.91 -30.94 10.65
C MET C 435 -3.70 -30.54 9.42
N SER C 436 -3.18 -30.84 8.22
CA SER C 436 -3.86 -30.40 7.02
C SER C 436 -5.15 -31.16 6.79
N GLU C 437 -5.16 -32.43 7.15
CA GLU C 437 -6.36 -33.23 6.99
C GLU C 437 -7.47 -32.67 7.84
N ARG C 438 -7.14 -32.22 9.04
CA ARG C 438 -8.15 -31.69 9.94
C ARG C 438 -8.72 -30.37 9.46
N VAL C 439 -7.97 -29.61 8.68
CA VAL C 439 -8.43 -28.36 8.14
C VAL C 439 -9.14 -28.57 6.81
N THR C 440 -8.52 -29.31 5.89
CA THR C 440 -9.06 -29.43 4.54
C THR C 440 -10.36 -30.22 4.51
N ARG C 441 -10.51 -31.20 5.39
CA ARG C 441 -11.75 -31.97 5.41
C ARG C 441 -12.88 -31.23 6.10
N MET C 442 -12.57 -30.28 6.97
CA MET C 442 -13.60 -29.42 7.53
C MET C 442 -14.16 -28.49 6.46
N VAL C 443 -13.27 -27.86 5.69
CA VAL C 443 -13.69 -26.92 4.65
C VAL C 443 -14.47 -27.64 3.56
N GLN C 444 -14.04 -28.84 3.19
CA GLN C 444 -14.75 -29.61 2.19
C GLN C 444 -16.11 -30.08 2.66
N ARG C 445 -16.30 -30.28 3.97
CA ARG C 445 -17.60 -30.69 4.44
C ARG C 445 -18.56 -29.51 4.53
N ASP C 446 -18.08 -28.35 4.97
CA ASP C 446 -18.97 -27.31 5.47
C ASP C 446 -18.98 -26.03 4.66
N ARG C 447 -18.36 -26.00 3.48
CA ARG C 447 -18.24 -24.74 2.76
C ARG C 447 -19.54 -24.26 2.13
N ASN C 448 -20.57 -25.07 2.06
CA ASN C 448 -21.81 -24.61 1.43
C ASN C 448 -22.79 -24.02 2.41
N HIS C 449 -22.53 -24.08 3.71
CA HIS C 449 -23.48 -23.56 4.68
C HIS C 449 -23.41 -22.04 4.73
N PRO C 450 -24.53 -21.33 4.58
CA PRO C 450 -24.49 -19.88 4.71
C PRO C 450 -24.25 -19.39 6.12
N SER C 451 -24.53 -20.19 7.15
CA SER C 451 -24.32 -19.72 8.52
C SER C 451 -22.85 -19.69 8.87
N VAL C 452 -22.02 -20.51 8.25
CA VAL C 452 -20.59 -20.46 8.48
C VAL C 452 -20.05 -19.20 7.78
N ILE C 453 -19.61 -18.24 8.57
CA ILE C 453 -19.07 -17.01 8.00
C ILE C 453 -17.57 -16.86 8.21
N ILE C 454 -16.98 -17.58 9.16
CA ILE C 454 -15.56 -17.44 9.49
C ILE C 454 -15.00 -18.84 9.68
N TRP C 455 -13.85 -19.12 9.07
CA TRP C 455 -13.11 -20.33 9.38
C TRP C 455 -12.15 -20.06 10.52
N SER C 456 -11.95 -21.05 11.37
CA SER C 456 -10.98 -20.97 12.43
C SER C 456 -9.99 -22.11 12.30
N LEU C 457 -8.71 -21.81 12.47
CA LEU C 457 -7.66 -22.81 12.31
C LEU C 457 -7.47 -23.68 13.53
N GLY C 458 -8.29 -23.55 14.54
CA GLY C 458 -8.12 -24.30 15.76
C GLY C 458 -7.96 -23.36 16.93
N ASN C 459 -7.53 -23.93 18.04
CA ASN C 459 -7.44 -23.21 19.28
C ASN C 459 -6.13 -23.57 19.95
N GLU C 460 -5.42 -22.57 20.47
CA GLU C 460 -4.36 -22.75 21.48
C GLU C 460 -3.28 -23.74 21.05
N SER C 461 -2.73 -23.51 19.87
CA SER C 461 -1.71 -24.38 19.32
C SER C 461 -0.42 -23.64 19.03
N GLY C 462 -0.21 -22.51 19.69
CA GLY C 462 0.93 -21.68 19.42
C GLY C 462 0.81 -21.07 18.04
N HIS C 463 1.94 -20.66 17.49
CA HIS C 463 1.98 -20.22 16.10
C HIS C 463 3.19 -20.86 15.44
N GLY C 464 2.92 -21.82 14.56
CA GLY C 464 3.94 -22.46 13.78
C GLY C 464 3.71 -22.19 12.30
N ALA C 465 4.66 -22.67 11.50
CA ALA C 465 4.56 -22.51 10.06
C ALA C 465 3.44 -23.32 9.45
N ASN C 466 2.97 -24.37 10.14
CA ASN C 466 1.85 -25.13 9.62
C ASN C 466 0.57 -24.32 9.65
N HIS C 467 0.43 -23.38 10.59
CA HIS C 467 -0.74 -22.52 10.60
C HIS C 467 -0.74 -21.57 9.42
N ASP C 468 0.42 -21.01 9.09
CA ASP C 468 0.50 -20.08 7.96
C ASP C 468 0.20 -20.78 6.64
N ALA C 469 0.66 -22.02 6.50
CA ALA C 469 0.37 -22.79 5.29
C ALA C 469 -1.12 -23.11 5.20
N LEU C 470 -1.74 -23.49 6.31
CA LEU C 470 -3.15 -23.84 6.28
C LEU C 470 -4.04 -22.62 6.19
N TYR C 471 -3.59 -21.49 6.72
CA TYR C 471 -4.26 -20.21 6.48
C TYR C 471 -4.34 -19.92 4.98
N ARG C 472 -3.22 -20.04 4.29
CA ARG C 472 -3.18 -19.68 2.88
C ARG C 472 -3.90 -20.71 2.03
N TRP C 473 -3.96 -21.96 2.49
CA TRP C 473 -4.74 -22.98 1.77
C TRP C 473 -6.22 -22.62 1.76
N ILE C 474 -6.75 -22.14 2.90
CA ILE C 474 -8.17 -21.83 2.97
C ILE C 474 -8.50 -20.61 2.13
N LYS C 475 -7.63 -19.59 2.18
CA LYS C 475 -7.82 -18.39 1.38
C LYS C 475 -7.79 -18.68 -0.12
N SER C 476 -7.14 -19.76 -0.51
CA SER C 476 -7.11 -20.16 -1.92
C SER C 476 -8.39 -20.90 -2.31
N VAL C 477 -8.80 -21.90 -1.54
CA VAL C 477 -9.97 -22.67 -1.92
C VAL C 477 -11.29 -21.99 -1.61
N ASP C 478 -11.33 -21.11 -0.62
CA ASP C 478 -12.57 -20.45 -0.21
C ASP C 478 -12.25 -19.01 0.12
N PRO C 479 -12.23 -18.12 -0.88
CA PRO C 479 -12.00 -16.71 -0.61
C PRO C 479 -13.19 -16.01 0.02
N SER C 480 -14.35 -16.65 0.11
CA SER C 480 -15.57 -16.00 0.55
C SER C 480 -15.68 -15.88 2.06
N ARG C 481 -14.77 -16.47 2.83
CA ARG C 481 -14.86 -16.39 4.27
C ARG C 481 -13.53 -15.98 4.86
N PRO C 482 -13.52 -15.10 5.85
CA PRO C 482 -12.29 -14.81 6.58
C PRO C 482 -11.81 -16.00 7.40
N VAL C 483 -10.52 -16.01 7.68
CA VAL C 483 -9.90 -17.03 8.52
C VAL C 483 -9.38 -16.35 9.76
N GLN C 484 -9.71 -16.88 10.93
CA GLN C 484 -9.15 -16.37 12.16
C GLN C 484 -8.38 -17.47 12.86
N TYR C 485 -7.43 -17.06 13.68
CA TYR C 485 -6.68 -17.98 14.52
C TYR C 485 -6.06 -17.20 15.67
N GLU C 486 -6.22 -17.73 16.88
CA GLU C 486 -5.80 -17.03 18.08
C GLU C 486 -4.34 -17.27 18.47
N GLY C 487 -3.80 -18.45 18.22
CA GLY C 487 -2.55 -18.83 18.85
C GLY C 487 -1.38 -18.00 18.39
N GLY C 488 -0.40 -17.86 19.27
CA GLY C 488 0.75 -17.04 18.98
C GLY C 488 0.57 -15.57 19.22
N GLY C 489 -0.43 -15.17 19.99
CA GLY C 489 -0.61 -13.79 20.34
C GLY C 489 -1.70 -13.05 19.62
N ALA C 490 -2.56 -13.76 18.90
CA ALA C 490 -3.84 -13.31 18.33
C ALA C 490 -3.74 -12.33 17.19
N ASP C 491 -2.55 -11.93 16.79
CA ASP C 491 -2.42 -10.98 15.69
C ASP C 491 -1.34 -11.42 14.72
N THR C 492 -1.16 -12.72 14.55
CA THR C 492 -0.13 -13.26 13.67
C THR C 492 -0.57 -13.10 12.22
N THR C 493 0.28 -13.57 11.32
CA THR C 493 -0.03 -13.55 9.90
C THR C 493 -1.02 -14.63 9.49
N ALA C 494 -1.39 -15.53 10.40
CA ALA C 494 -2.34 -16.58 10.12
C ALA C 494 -3.77 -16.22 10.51
N THR C 495 -4.08 -14.94 10.68
CA THR C 495 -5.43 -14.53 11.03
C THR C 495 -5.80 -13.26 10.28
N ASP C 496 -7.05 -13.20 9.83
CA ASP C 496 -7.60 -11.99 9.23
C ASP C 496 -8.16 -11.04 10.26
N ILE C 497 -8.42 -11.55 11.46
CA ILE C 497 -9.10 -10.85 12.52
C ILE C 497 -8.22 -10.98 13.76
N ILE C 498 -7.96 -9.87 14.44
CA ILE C 498 -7.34 -9.95 15.75
C ILE C 498 -8.34 -10.60 16.68
N CYS C 499 -8.00 -11.75 17.22
CA CYS C 499 -8.95 -12.50 18.03
C CYS C 499 -8.34 -12.91 19.37
N PRO C 500 -8.20 -11.98 20.31
CA PRO C 500 -7.61 -12.35 21.59
C PRO C 500 -8.56 -13.13 22.47
N MET C 501 -7.96 -13.86 23.39
CA MET C 501 -8.67 -14.59 24.43
C MET C 501 -8.54 -13.81 25.72
N TYR C 502 -9.67 -13.34 26.24
CA TYR C 502 -9.80 -12.75 27.57
C TYR C 502 -8.95 -11.50 27.73
N ALA C 503 -8.74 -10.77 26.64
CA ALA C 503 -8.13 -9.46 26.75
C ALA C 503 -9.11 -8.51 27.41
N ARG C 504 -8.60 -7.65 28.26
CA ARG C 504 -9.46 -6.78 29.03
C ARG C 504 -9.76 -5.51 28.27
N VAL C 505 -10.70 -4.73 28.78
CA VAL C 505 -11.13 -3.54 28.07
C VAL C 505 -10.08 -2.44 28.19
N ASP C 506 -9.60 -2.18 29.40
CA ASP C 506 -8.71 -1.07 29.66
C ASP C 506 -7.35 -1.48 30.22
N GLU C 507 -7.19 -2.71 30.67
CA GLU C 507 -5.98 -3.13 31.36
C GLU C 507 -5.11 -3.99 30.46
N ASP C 508 -3.84 -3.62 30.35
CA ASP C 508 -2.90 -4.44 29.61
C ASP C 508 -2.40 -5.59 30.47
N GLN C 509 -2.04 -6.67 29.81
CA GLN C 509 -1.46 -7.85 30.46
C GLN C 509 -0.19 -8.19 29.70
N PRO C 510 0.92 -7.61 30.09
CA PRO C 510 2.16 -7.76 29.28
C PRO C 510 2.89 -9.06 29.56
N PHE C 511 2.34 -10.16 29.06
CA PHE C 511 3.03 -11.42 29.15
C PHE C 511 4.19 -11.43 28.15
N PRO C 512 5.30 -12.09 28.48
CA PRO C 512 6.42 -12.16 27.54
C PRO C 512 6.08 -12.96 26.30
N ALA C 513 6.30 -12.33 25.15
CA ALA C 513 6.21 -12.82 23.77
C ALA C 513 4.79 -13.08 23.28
N VAL C 514 3.81 -13.09 24.17
CA VAL C 514 2.39 -13.11 23.80
C VAL C 514 1.61 -12.18 24.73
N PRO C 515 1.79 -10.87 24.66
CA PRO C 515 1.07 -9.99 25.57
C PRO C 515 -0.39 -9.88 25.19
N LYS C 516 -1.25 -9.79 26.19
CA LYS C 516 -2.65 -9.50 25.99
C LYS C 516 -2.81 -8.01 26.26
N TRP C 517 -2.82 -7.21 25.20
CA TRP C 517 -3.08 -5.81 25.37
C TRP C 517 -4.55 -5.61 25.71
N SER C 518 -4.88 -4.42 26.20
CA SER C 518 -6.28 -4.07 26.26
C SER C 518 -6.81 -3.91 24.85
N ILE C 519 -8.09 -4.21 24.65
CA ILE C 519 -8.63 -4.27 23.30
C ILE C 519 -8.70 -2.90 22.66
N LYS C 520 -8.79 -1.84 23.47
CA LYS C 520 -8.74 -0.50 22.92
C LYS C 520 -7.33 -0.16 22.46
N LYS C 521 -6.33 -0.56 23.24
CA LYS C 521 -4.93 -0.33 22.84
C LYS C 521 -4.56 -1.16 21.64
N TRP C 522 -5.08 -2.39 21.55
CA TRP C 522 -4.64 -3.36 20.55
C TRP C 522 -4.95 -2.88 19.14
N LEU C 523 -6.08 -2.19 18.97
CA LEU C 523 -6.48 -1.68 17.67
C LEU C 523 -5.54 -0.61 17.18
N SER C 524 -4.95 0.16 18.08
CA SER C 524 -4.18 1.33 17.73
C SER C 524 -2.70 1.07 17.70
N LEU C 525 -2.27 -0.19 17.76
CA LEU C 525 -0.85 -0.49 17.68
C LEU C 525 -0.34 -0.14 16.28
N PRO C 526 0.93 0.26 16.18
CA PRO C 526 1.48 0.72 14.89
C PRO C 526 1.43 -0.35 13.81
N GLY C 527 0.84 0.03 12.68
CA GLY C 527 0.71 -0.86 11.55
C GLY C 527 -0.45 -1.82 11.62
N GLU C 528 -1.32 -1.69 12.61
CA GLU C 528 -2.40 -2.65 12.83
C GLU C 528 -3.70 -2.12 12.24
N THR C 529 -4.31 -2.89 11.34
CA THR C 529 -5.51 -2.45 10.63
C THR C 529 -6.69 -3.40 10.73
N ARG C 530 -6.52 -4.61 11.23
CA ARG C 530 -7.56 -5.63 11.21
C ARG C 530 -8.65 -5.34 12.24
N PRO C 531 -9.86 -5.88 12.05
CA PRO C 531 -10.87 -5.81 13.11
C PRO C 531 -10.53 -6.72 14.27
N LEU C 532 -11.13 -6.44 15.40
CA LEU C 532 -10.90 -7.21 16.61
C LEU C 532 -12.21 -7.83 17.05
N ILE C 533 -12.25 -9.15 17.12
CA ILE C 533 -13.39 -9.89 17.63
C ILE C 533 -12.83 -10.89 18.63
N LEU C 534 -13.18 -10.74 19.90
CA LEU C 534 -12.72 -11.61 20.96
C LEU C 534 -13.21 -13.03 20.76
N CYS C 535 -12.31 -13.99 20.53
CA CYS C 535 -12.83 -15.33 20.32
C CYS C 535 -13.28 -15.97 21.63
N GLU C 536 -12.73 -15.54 22.76
CA GLU C 536 -13.25 -15.93 24.07
C GLU C 536 -13.12 -14.71 24.98
N TYR C 537 -14.19 -14.36 25.68
CA TYR C 537 -14.12 -13.31 26.68
C TYR C 537 -15.22 -13.55 27.68
N ALA C 538 -15.11 -12.88 28.83
CA ALA C 538 -16.10 -12.90 29.91
C ALA C 538 -16.37 -14.32 30.41
N HIS C 539 -15.33 -14.89 31.02
CA HIS C 539 -15.33 -16.27 31.46
C HIS C 539 -16.39 -16.52 32.52
N ALA C 540 -17.42 -17.28 32.19
CA ALA C 540 -18.65 -17.39 32.99
C ALA C 540 -18.60 -18.53 33.98
N MET C 541 -17.55 -18.59 34.79
CA MET C 541 -17.36 -19.72 35.69
C MET C 541 -18.11 -19.45 36.98
N GLY C 542 -19.27 -20.06 37.13
CA GLY C 542 -20.04 -19.91 38.35
C GLY C 542 -20.69 -18.55 38.42
N ASN C 543 -20.46 -17.86 39.52
CA ASN C 543 -21.02 -16.53 39.75
C ASN C 543 -20.05 -15.53 39.13
N SER C 544 -20.32 -15.12 37.91
CA SER C 544 -19.32 -14.42 37.11
C SER C 544 -20.02 -13.42 36.21
N LEU C 545 -19.33 -12.98 35.15
CA LEU C 545 -19.71 -11.87 34.25
C LEU C 545 -19.82 -10.53 34.96
N GLY C 546 -19.00 -10.29 35.97
CA GLY C 546 -18.83 -8.94 36.46
C GLY C 546 -18.03 -8.12 35.47
N GLY C 547 -18.48 -6.90 35.23
CA GLY C 547 -17.81 -6.07 34.25
C GLY C 547 -18.13 -6.41 32.82
N PHE C 548 -19.25 -7.09 32.59
CA PHE C 548 -19.65 -7.43 31.22
C PHE C 548 -20.13 -6.20 30.48
N ALA C 549 -20.65 -5.21 31.21
CA ALA C 549 -21.11 -3.98 30.58
C ALA C 549 -19.96 -3.14 30.06
N LYS C 550 -18.76 -3.30 30.61
CA LYS C 550 -17.61 -2.57 30.11
C LYS C 550 -17.20 -3.03 28.72
N TYR C 551 -17.35 -4.32 28.43
CA TYR C 551 -17.10 -4.80 27.08
C TYR C 551 -18.11 -4.23 26.10
N TRP C 552 -19.38 -4.24 26.46
CA TRP C 552 -20.40 -3.81 25.53
C TRP C 552 -20.49 -2.30 25.40
N GLN C 553 -19.98 -1.56 26.37
CA GLN C 553 -19.77 -0.14 26.14
C GLN C 553 -18.68 0.08 25.11
N ALA C 554 -17.60 -0.70 25.20
CA ALA C 554 -16.50 -0.55 24.25
C ALA C 554 -16.85 -1.07 22.87
N PHE C 555 -17.65 -2.14 22.79
CA PHE C 555 -18.05 -2.69 21.50
C PHE C 555 -18.89 -1.68 20.73
N ARG C 556 -19.77 -0.97 21.41
CA ARG C 556 -20.62 -0.01 20.74
C ARG C 556 -19.87 1.27 20.43
N GLN C 557 -18.87 1.62 21.22
CA GLN C 557 -18.14 2.85 20.95
C GLN C 557 -17.13 2.68 19.82
N TYR C 558 -16.44 1.53 19.74
CA TYR C 558 -15.39 1.56 18.74
C TYR C 558 -15.83 0.76 17.54
N PRO C 559 -15.66 1.29 16.33
CA PRO C 559 -16.11 0.55 15.14
C PRO C 559 -15.34 -0.73 14.87
N ARG C 560 -14.03 -0.75 15.09
CA ARG C 560 -13.26 -1.95 14.81
C ARG C 560 -13.31 -2.98 15.92
N LEU C 561 -13.93 -2.69 17.05
CA LEU C 561 -14.28 -3.71 18.04
C LEU C 561 -15.65 -4.25 17.68
N GLN C 562 -15.70 -5.45 17.11
CA GLN C 562 -16.96 -5.95 16.59
C GLN C 562 -17.52 -7.08 17.43
N GLY C 563 -17.27 -7.06 18.73
CA GLY C 563 -17.94 -7.98 19.61
C GLY C 563 -17.09 -9.16 19.97
N GLY C 564 -17.71 -10.28 20.29
CA GLY C 564 -16.94 -11.40 20.75
C GLY C 564 -17.83 -12.56 21.10
N PHE C 565 -17.19 -13.62 21.59
CA PHE C 565 -17.86 -14.86 21.93
C PHE C 565 -17.64 -15.14 23.41
N VAL C 566 -18.72 -15.15 24.18
CA VAL C 566 -18.65 -15.43 25.61
C VAL C 566 -18.23 -16.88 25.83
N TRP C 567 -17.32 -17.10 26.77
CA TRP C 567 -16.99 -18.45 27.21
C TRP C 567 -17.77 -18.78 28.48
N ASP C 568 -18.66 -19.76 28.43
CA ASP C 568 -19.19 -20.39 27.22
C ASP C 568 -20.67 -20.64 27.49
N TRP C 569 -21.31 -21.49 26.67
CA TRP C 569 -22.75 -21.58 26.72
C TRP C 569 -23.24 -22.45 27.87
N VAL C 570 -22.77 -23.69 27.96
CA VAL C 570 -23.36 -24.67 28.87
C VAL C 570 -22.27 -25.25 29.76
N ASP C 571 -22.60 -25.50 31.02
CA ASP C 571 -21.72 -26.23 31.92
C ASP C 571 -21.47 -27.63 31.42
N GLN C 572 -20.22 -28.07 31.50
CA GLN C 572 -19.88 -29.46 31.19
C GLN C 572 -19.90 -30.33 32.43
N SER C 573 -21.01 -30.32 33.15
CA SER C 573 -21.14 -31.20 34.29
C SER C 573 -21.81 -32.49 33.86
N LEU C 574 -21.43 -33.58 34.51
CA LEU C 574 -21.99 -34.89 34.26
C LEU C 574 -22.86 -35.30 35.43
N ILE C 575 -23.69 -36.30 35.21
CA ILE C 575 -24.63 -36.79 36.22
C ILE C 575 -24.06 -38.06 36.85
N LYS C 576 -23.99 -38.07 38.17
CA LYS C 576 -23.73 -39.28 38.95
C LYS C 576 -24.92 -39.53 39.87
N TYR C 577 -24.92 -40.69 40.49
CA TYR C 577 -25.99 -41.09 41.41
C TYR C 577 -25.35 -41.48 42.73
N ASP C 578 -25.90 -41.01 43.84
CA ASP C 578 -25.15 -41.12 45.08
C ASP C 578 -25.29 -42.48 45.77
N GLU C 579 -26.44 -42.75 46.39
CA GLU C 579 -26.78 -44.11 46.83
C GLU C 579 -28.25 -44.43 46.70
N ASN C 580 -29.14 -43.44 46.69
CA ASN C 580 -30.57 -43.65 46.59
C ASN C 580 -31.05 -43.51 45.16
N GLY C 581 -30.14 -43.43 44.20
CA GLY C 581 -30.51 -43.14 42.84
C GLY C 581 -30.80 -41.68 42.57
N ASN C 582 -30.49 -40.81 43.51
CA ASN C 582 -30.69 -39.37 43.30
C ASN C 582 -29.57 -38.83 42.42
N PRO C 583 -29.89 -38.18 41.30
CA PRO C 583 -28.84 -37.64 40.44
C PRO C 583 -28.23 -36.38 41.04
N TRP C 584 -26.94 -36.20 40.79
CA TRP C 584 -26.25 -34.98 41.17
C TRP C 584 -25.20 -34.63 40.12
N SER C 585 -24.91 -33.34 40.03
CA SER C 585 -24.01 -32.82 39.00
C SER C 585 -22.57 -33.01 39.43
N ALA C 586 -21.79 -33.67 38.60
CA ALA C 586 -20.40 -33.97 38.90
C ALA C 586 -19.48 -33.14 38.02
N TYR C 587 -18.33 -32.78 38.56
CA TYR C 587 -17.30 -32.10 37.80
C TYR C 587 -16.01 -32.92 37.87
N GLY C 588 -14.91 -32.30 37.43
CA GLY C 588 -13.67 -33.04 37.29
C GLY C 588 -13.13 -33.50 38.63
N GLY C 589 -12.76 -34.76 38.71
CA GLY C 589 -12.37 -35.39 39.94
C GLY C 589 -13.37 -36.35 40.50
N ASP C 590 -14.63 -36.25 40.09
CA ASP C 590 -15.68 -37.05 40.68
C ASP C 590 -15.79 -38.43 40.07
N PHE C 591 -14.96 -38.76 39.09
CA PHE C 591 -14.98 -40.07 38.46
C PHE C 591 -13.69 -40.83 38.73
N GLY C 592 -12.87 -40.37 39.67
CA GLY C 592 -11.59 -40.98 39.93
C GLY C 592 -10.48 -40.55 39.00
N ASP C 593 -10.79 -39.66 38.07
CA ASP C 593 -9.80 -39.16 37.14
C ASP C 593 -8.81 -38.29 37.86
N THR C 594 -7.55 -38.42 37.48
CA THR C 594 -6.46 -37.82 38.23
C THR C 594 -5.29 -37.82 37.30
N PRO C 595 -4.60 -36.68 37.17
CA PRO C 595 -5.01 -35.37 37.67
C PRO C 595 -6.10 -34.78 36.80
N ASN C 596 -6.82 -33.84 37.37
CA ASN C 596 -7.98 -33.28 36.74
C ASN C 596 -8.05 -31.81 37.06
N ASP C 597 -8.95 -31.09 36.44
CA ASP C 597 -9.01 -29.69 36.70
C ASP C 597 -10.31 -29.30 37.35
N ARG C 598 -10.84 -30.18 38.17
CA ARG C 598 -11.94 -29.85 39.07
C ARG C 598 -13.06 -29.10 38.40
N GLN C 599 -13.40 -27.93 38.89
CA GLN C 599 -14.62 -27.31 38.41
C GLN C 599 -14.45 -26.36 37.24
N PHE C 600 -13.28 -26.32 36.62
CA PHE C 600 -13.12 -25.52 35.41
C PHE C 600 -13.86 -26.07 34.21
N CYS C 601 -14.51 -27.22 34.35
CA CYS C 601 -15.37 -27.69 33.28
C CYS C 601 -16.70 -26.96 33.24
N MET C 602 -17.08 -26.27 34.30
CA MET C 602 -18.40 -25.64 34.36
C MET C 602 -18.24 -24.14 34.21
N ASN C 603 -18.39 -23.66 32.98
CA ASN C 603 -18.24 -22.25 32.68
C ASN C 603 -19.45 -21.69 31.96
N GLY C 604 -20.58 -22.33 32.07
CA GLY C 604 -21.68 -22.01 31.21
C GLY C 604 -22.53 -20.87 31.68
N LEU C 605 -23.23 -20.27 30.73
CA LEU C 605 -24.31 -19.35 31.04
C LEU C 605 -25.59 -20.07 31.40
N VAL C 606 -25.71 -21.35 31.03
CA VAL C 606 -26.82 -22.17 31.46
C VAL C 606 -26.25 -23.40 32.15
N PHE C 607 -27.08 -24.01 32.99
CA PHE C 607 -26.72 -25.29 33.58
C PHE C 607 -26.78 -26.37 32.50
N ALA C 608 -26.27 -27.55 32.86
CA ALA C 608 -26.19 -28.65 31.90
C ALA C 608 -27.55 -29.15 31.43
N ASP C 609 -28.60 -28.96 32.22
CA ASP C 609 -29.96 -29.24 31.77
C ASP C 609 -30.62 -28.01 31.15
N ARG C 610 -29.82 -27.01 30.76
CA ARG C 610 -30.24 -25.82 30.01
C ARG C 610 -31.19 -24.93 30.79
N THR C 611 -31.07 -24.91 32.06
CA THR C 611 -31.74 -23.84 32.79
C THR C 611 -30.75 -22.71 33.06
N PRO C 612 -31.19 -21.45 33.03
CA PRO C 612 -30.24 -20.34 33.03
C PRO C 612 -29.57 -20.05 34.36
N HIS C 613 -28.32 -19.64 34.27
CA HIS C 613 -27.68 -18.90 35.34
C HIS C 613 -28.21 -17.47 35.36
N PRO C 614 -28.06 -16.75 36.48
CA PRO C 614 -28.46 -15.34 36.48
C PRO C 614 -27.60 -14.45 35.60
N ALA C 615 -26.40 -14.87 35.23
CA ALA C 615 -25.57 -14.06 34.34
C ALA C 615 -26.11 -14.02 32.92
N LEU C 616 -27.02 -14.91 32.55
CA LEU C 616 -27.58 -14.90 31.21
C LEU C 616 -28.46 -13.69 30.97
N THR C 617 -29.13 -13.21 32.02
CA THR C 617 -29.94 -12.00 31.90
C THR C 617 -29.06 -10.77 31.70
N GLU C 618 -27.89 -10.75 32.32
CA GLU C 618 -26.94 -9.66 32.08
C GLU C 618 -26.46 -9.68 30.65
N ALA C 619 -26.23 -10.86 30.10
CA ALA C 619 -25.82 -10.98 28.70
C ALA C 619 -26.94 -10.55 27.77
N LYS C 620 -28.18 -10.87 28.11
CA LYS C 620 -29.32 -10.48 27.29
C LYS C 620 -29.49 -8.98 27.23
N HIS C 621 -29.31 -8.31 28.36
CA HIS C 621 -29.52 -6.87 28.43
C HIS C 621 -28.39 -6.11 27.73
N GLN C 622 -27.16 -6.56 27.88
CA GLN C 622 -26.07 -5.84 27.24
C GLN C 622 -26.02 -6.08 25.75
N GLN C 623 -26.58 -7.17 25.26
CA GLN C 623 -26.57 -7.50 23.86
C GLN C 623 -27.85 -7.13 23.16
N GLN C 624 -28.71 -6.35 23.78
CA GLN C 624 -30.03 -6.11 23.21
C GLN C 624 -29.92 -5.19 22.00
N PHE C 625 -30.83 -5.40 21.06
CA PHE C 625 -30.73 -4.77 19.76
C PHE C 625 -31.37 -3.40 19.70
N PHE C 626 -31.91 -2.91 20.80
CA PHE C 626 -32.45 -1.56 20.88
C PHE C 626 -31.73 -0.84 21.99
N GLN C 627 -31.22 0.34 21.70
CA GLN C 627 -30.60 1.18 22.70
C GLN C 627 -31.51 2.37 22.98
N PHE C 628 -31.50 2.83 24.21
CA PHE C 628 -32.46 3.81 24.67
C PHE C 628 -31.73 4.99 25.25
N ARG C 629 -32.26 6.18 25.01
CA ARG C 629 -31.72 7.38 25.62
C ARG C 629 -32.88 8.25 26.05
N LEU C 630 -32.81 8.77 27.27
CA LEU C 630 -33.86 9.61 27.82
C LEU C 630 -33.37 11.06 27.85
N SER C 631 -34.21 11.98 27.39
CA SER C 631 -33.94 13.40 27.49
C SER C 631 -35.25 14.10 27.81
N GLY C 632 -35.48 14.36 29.09
CA GLY C 632 -36.72 14.98 29.52
C GLY C 632 -37.91 14.05 29.42
N GLN C 633 -38.85 14.40 28.57
CA GLN C 633 -40.03 13.58 28.31
C GLN C 633 -39.86 12.67 27.10
N THR C 634 -38.72 12.74 26.44
CA THR C 634 -38.51 12.11 25.14
C THR C 634 -37.60 10.91 25.30
N ILE C 635 -38.01 9.78 24.75
CA ILE C 635 -37.18 8.59 24.65
C ILE C 635 -36.82 8.41 23.19
N GLU C 636 -35.53 8.39 22.87
CA GLU C 636 -35.13 7.97 21.55
C GLU C 636 -34.75 6.50 21.59
N VAL C 637 -35.20 5.76 20.60
CA VAL C 637 -34.94 4.33 20.50
C VAL C 637 -34.08 4.13 19.27
N THR C 638 -32.85 3.70 19.48
CA THR C 638 -31.93 3.43 18.38
C THR C 638 -31.94 1.93 18.09
N SER C 639 -32.21 1.57 16.85
CA SER C 639 -32.14 0.19 16.44
C SER C 639 -30.70 -0.20 16.16
N GLU C 640 -30.31 -1.38 16.60
CA GLU C 640 -29.03 -1.95 16.22
C GLU C 640 -29.18 -3.11 15.27
N TYR C 641 -30.36 -3.33 14.72
CA TYR C 641 -30.49 -4.26 13.63
C TYR C 641 -29.86 -3.68 12.38
N LEU C 642 -29.25 -4.55 11.59
CA LEU C 642 -28.61 -4.09 10.38
C LEU C 642 -29.52 -4.19 9.17
N PHE C 643 -30.51 -5.09 9.20
CA PHE C 643 -31.20 -5.43 7.98
C PHE C 643 -32.71 -5.33 8.10
N ARG C 644 -33.27 -5.59 9.27
CA ARG C 644 -34.72 -5.66 9.43
C ARG C 644 -35.27 -4.38 10.04
N HIS C 645 -36.49 -4.08 9.64
CA HIS C 645 -37.28 -3.02 10.25
C HIS C 645 -37.90 -3.63 11.49
N SER C 646 -38.27 -2.80 12.45
CA SER C 646 -38.90 -3.29 13.67
C SER C 646 -40.39 -3.47 13.42
N ASP C 647 -40.73 -4.57 12.77
CA ASP C 647 -42.11 -4.83 12.40
C ASP C 647 -42.83 -5.78 13.35
N ASN C 648 -42.17 -6.24 14.41
CA ASN C 648 -42.76 -7.11 15.41
C ASN C 648 -42.41 -6.60 16.80
N GLU C 649 -42.54 -5.30 17.01
CA GLU C 649 -42.07 -4.68 18.22
C GLU C 649 -43.00 -3.57 18.65
N LEU C 650 -43.33 -3.52 19.93
CA LEU C 650 -43.98 -2.36 20.52
C LEU C 650 -43.28 -2.00 21.82
N LEU C 651 -43.19 -0.71 22.08
CA LEU C 651 -42.55 -0.23 23.29
C LEU C 651 -43.61 -0.05 24.36
N HIS C 652 -43.44 -0.76 25.47
CA HIS C 652 -44.28 -0.60 26.64
C HIS C 652 -43.50 0.17 27.70
N TRP C 653 -44.08 1.25 28.18
CA TRP C 653 -43.43 2.04 29.21
C TRP C 653 -44.29 2.07 30.47
N MET C 654 -43.64 2.24 31.62
CA MET C 654 -44.29 2.34 32.91
C MET C 654 -43.59 3.38 33.75
N VAL C 655 -44.34 4.07 34.58
CA VAL C 655 -43.79 4.96 35.59
C VAL C 655 -44.28 4.46 36.95
N ALA C 656 -43.37 4.26 37.88
CA ALA C 656 -43.72 3.76 39.19
C ALA C 656 -43.03 4.59 40.27
N LEU C 657 -43.68 4.69 41.42
CA LEU C 657 -43.17 5.41 42.57
C LEU C 657 -42.96 4.39 43.69
N ASP C 658 -41.70 4.03 43.93
CA ASP C 658 -41.29 3.02 44.91
C ASP C 658 -42.04 1.70 44.69
N GLY C 659 -42.09 1.27 43.45
CA GLY C 659 -42.68 0.01 43.10
C GLY C 659 -44.15 0.06 42.75
N LYS C 660 -44.87 1.08 43.17
CA LYS C 660 -46.29 1.02 42.79
C LYS C 660 -46.54 1.84 41.55
N PRO C 661 -47.28 1.30 40.58
CA PRO C 661 -47.36 1.94 39.26
C PRO C 661 -48.29 3.13 39.25
N LEU C 662 -47.91 4.12 38.47
CA LEU C 662 -48.68 5.35 38.33
C LEU C 662 -49.21 5.57 36.94
N ALA C 663 -48.41 5.30 35.91
CA ALA C 663 -48.83 5.51 34.54
C ALA C 663 -48.16 4.46 33.67
N SER C 664 -48.79 4.18 32.53
CA SER C 664 -48.25 3.20 31.61
C SER C 664 -48.76 3.52 30.21
N GLY C 665 -48.25 2.80 29.24
CA GLY C 665 -48.65 3.02 27.86
C GLY C 665 -47.90 2.09 26.93
N GLU C 666 -48.41 2.00 25.71
CA GLU C 666 -47.77 1.20 24.66
C GLU C 666 -47.66 2.02 23.40
N VAL C 667 -46.48 2.00 22.79
CA VAL C 667 -46.22 2.69 21.53
C VAL C 667 -45.68 1.65 20.56
N PRO C 668 -46.20 1.56 19.34
CA PRO C 668 -45.57 0.68 18.35
C PRO C 668 -44.26 1.27 17.86
N LEU C 669 -43.27 0.40 17.73
CA LEU C 669 -41.98 0.82 17.20
C LEU C 669 -41.98 0.69 15.69
N ASP C 670 -41.60 1.76 15.01
CA ASP C 670 -41.37 1.75 13.58
C ASP C 670 -40.03 2.42 13.39
N VAL C 671 -38.97 1.64 13.50
CA VAL C 671 -37.62 2.19 13.41
C VAL C 671 -36.86 1.42 12.34
N ALA C 672 -36.14 2.16 11.51
CA ALA C 672 -35.37 1.62 10.41
C ALA C 672 -34.15 0.87 10.95
N PRO C 673 -33.52 0.01 10.15
CA PRO C 673 -32.22 -0.53 10.53
C PRO C 673 -31.20 0.58 10.74
N GLN C 674 -30.58 0.56 11.92
CA GLN C 674 -29.68 1.59 12.43
C GLN C 674 -30.33 2.96 12.52
N GLY C 675 -31.66 3.03 12.62
CA GLY C 675 -32.36 4.28 12.68
C GLY C 675 -32.70 4.67 14.11
N LYS C 676 -33.46 5.75 14.21
CA LYS C 676 -33.91 6.26 15.50
C LYS C 676 -35.41 6.51 15.46
N GLN C 677 -36.01 6.53 16.64
CA GLN C 677 -37.41 6.90 16.77
C GLN C 677 -37.58 7.62 18.09
N LEU C 678 -38.10 8.85 18.02
CA LEU C 678 -38.38 9.63 19.21
C LEU C 678 -39.76 9.24 19.74
N ILE C 679 -39.82 8.87 21.01
CA ILE C 679 -41.07 8.56 21.68
C ILE C 679 -41.34 9.68 22.67
N GLU C 680 -42.35 10.49 22.40
CA GLU C 680 -42.76 11.51 23.34
C GLU C 680 -43.67 10.88 24.38
N LEU C 681 -43.26 10.93 25.62
CA LEU C 681 -44.14 10.45 26.67
C LEU C 681 -45.20 11.50 26.97
N PRO C 682 -46.34 11.09 27.51
CA PRO C 682 -47.32 12.07 28.00
C PRO C 682 -46.83 12.83 29.22
N GLU C 683 -47.66 13.73 29.72
CA GLU C 683 -47.32 14.46 30.93
C GLU C 683 -47.31 13.48 32.10
N LEU C 684 -46.10 13.14 32.54
CA LEU C 684 -45.92 12.10 33.54
C LEU C 684 -46.46 12.60 34.89
N PRO C 685 -46.97 11.70 35.73
CA PRO C 685 -47.53 12.15 37.01
C PRO C 685 -46.45 12.66 37.93
N GLN C 686 -46.81 13.67 38.72
CA GLN C 686 -45.89 14.34 39.63
C GLN C 686 -46.44 14.20 41.04
N PRO C 687 -46.25 13.05 41.68
CA PRO C 687 -46.81 12.87 43.01
C PRO C 687 -45.99 13.59 44.06
N GLU C 688 -46.70 14.26 44.97
CA GLU C 688 -46.05 14.93 46.08
C GLU C 688 -45.67 13.98 47.20
N SER C 689 -46.07 12.71 47.10
CA SER C 689 -45.58 11.69 48.01
C SER C 689 -44.09 11.50 47.86
N ALA C 690 -43.44 11.13 48.95
CA ALA C 690 -42.00 10.98 48.93
C ALA C 690 -41.60 9.69 48.21
N GLY C 691 -40.42 9.71 47.61
CA GLY C 691 -39.90 8.53 46.97
C GLY C 691 -39.32 8.78 45.61
N GLN C 692 -38.55 7.83 45.11
CA GLN C 692 -37.95 7.95 43.79
C GLN C 692 -38.93 7.48 42.74
N LEU C 693 -39.05 8.24 41.67
CA LEU C 693 -39.91 7.90 40.55
C LEU C 693 -39.07 7.24 39.47
N TRP C 694 -39.52 6.10 38.96
CA TRP C 694 -38.75 5.30 38.02
C TRP C 694 -39.52 5.13 36.71
N LEU C 695 -38.83 5.31 35.60
CA LEU C 695 -39.36 5.04 34.28
C LEU C 695 -38.76 3.76 33.74
N THR C 696 -39.60 2.82 33.35
CA THR C 696 -39.16 1.55 32.79
C THR C 696 -39.75 1.41 31.40
N VAL C 697 -38.92 1.10 30.41
CA VAL C 697 -39.44 0.79 29.08
C VAL C 697 -39.08 -0.66 28.75
N ARG C 698 -39.92 -1.29 27.95
CA ARG C 698 -39.70 -2.65 27.47
C ARG C 698 -40.06 -2.72 26.00
N VAL C 699 -39.29 -3.48 25.25
CA VAL C 699 -39.65 -3.81 23.89
C VAL C 699 -40.23 -5.21 23.88
N VAL C 700 -41.50 -5.31 23.50
CA VAL C 700 -42.24 -6.55 23.52
C VAL C 700 -42.48 -6.97 22.08
N GLN C 701 -42.29 -8.25 21.79
CA GLN C 701 -42.64 -8.81 20.49
C GLN C 701 -44.05 -9.37 20.56
N PRO C 702 -45.04 -8.75 19.93
CA PRO C 702 -46.42 -9.23 20.07
C PRO C 702 -46.67 -10.56 19.39
N ASN C 703 -46.01 -10.82 18.27
CA ASN C 703 -46.24 -12.03 17.52
C ASN C 703 -45.15 -13.05 17.80
N ALA C 704 -45.53 -14.32 17.76
CA ALA C 704 -44.55 -15.37 17.87
C ALA C 704 -43.68 -15.40 16.63
N THR C 705 -42.44 -15.83 16.81
CA THR C 705 -41.51 -16.04 15.72
C THR C 705 -41.18 -17.52 15.67
N ALA C 706 -40.23 -17.88 14.82
CA ALA C 706 -39.73 -19.24 14.82
C ALA C 706 -38.99 -19.58 16.10
N TRP C 707 -38.46 -18.58 16.80
CA TRP C 707 -37.61 -18.81 17.95
C TRP C 707 -38.13 -18.20 19.23
N SER C 708 -39.29 -17.55 19.23
CA SER C 708 -39.78 -16.90 20.43
C SER C 708 -41.29 -17.00 20.49
N GLU C 709 -41.82 -16.92 21.70
CA GLU C 709 -43.25 -16.92 21.91
C GLU C 709 -43.81 -15.52 21.72
N ALA C 710 -45.12 -15.43 21.75
CA ALA C 710 -45.78 -14.13 21.75
C ALA C 710 -45.55 -13.44 23.08
N GLY C 711 -45.33 -12.14 23.03
CA GLY C 711 -45.06 -11.40 24.25
C GLY C 711 -43.63 -11.53 24.74
N HIS C 712 -42.71 -11.94 23.88
CA HIS C 712 -41.31 -12.03 24.26
C HIS C 712 -40.72 -10.64 24.46
N ILE C 713 -40.04 -10.44 25.57
CA ILE C 713 -39.37 -9.19 25.88
C ILE C 713 -37.96 -9.27 25.34
N SER C 714 -37.61 -8.37 24.44
CA SER C 714 -36.30 -8.42 23.81
C SER C 714 -35.35 -7.34 24.28
N ALA C 715 -35.83 -6.26 24.87
CA ALA C 715 -34.98 -5.19 25.33
C ALA C 715 -35.70 -4.41 26.41
N TRP C 716 -34.95 -3.82 27.33
CA TRP C 716 -35.51 -2.99 28.36
C TRP C 716 -34.48 -2.00 28.83
N GLN C 717 -34.93 -1.01 29.59
CA GLN C 717 -34.08 0.02 30.17
C GLN C 717 -34.89 0.71 31.25
N GLN C 718 -34.21 1.14 32.31
CA GLN C 718 -34.87 1.85 33.39
C GLN C 718 -34.11 3.14 33.67
N TRP C 719 -34.84 4.17 34.08
CA TRP C 719 -34.24 5.44 34.45
C TRP C 719 -34.89 5.96 35.72
N ARG C 720 -34.15 6.79 36.46
CA ARG C 720 -34.73 7.56 37.54
C ARG C 720 -35.28 8.88 37.01
N LEU C 721 -36.53 9.15 37.34
CA LEU C 721 -37.15 10.44 37.15
C LEU C 721 -36.98 11.25 38.43
N ALA C 722 -37.79 12.29 38.61
CA ALA C 722 -37.71 13.18 39.76
C ALA C 722 -37.89 12.45 41.09
N GLU C 723 -37.21 12.93 42.12
CA GLU C 723 -37.29 12.37 43.46
C GLU C 723 -37.84 13.43 44.41
N ASN C 724 -38.68 13.01 45.34
CA ASN C 724 -39.12 13.85 46.44
C ASN C 724 -38.51 13.30 47.71
N LEU C 725 -37.62 14.07 48.32
CA LEU C 725 -37.04 13.65 49.59
C LEU C 725 -38.07 13.79 50.70
N SER C 726 -38.03 12.86 51.65
CA SER C 726 -39.01 12.82 52.73
C SER C 726 -38.59 13.77 53.83
N VAL C 727 -39.35 14.83 54.02
CA VAL C 727 -39.11 15.77 55.10
C VAL C 727 -40.11 15.61 56.24
N THR C 728 -40.83 14.49 56.27
CA THR C 728 -41.84 14.28 57.29
C THR C 728 -41.18 13.82 58.58
N LEU C 729 -41.55 14.47 59.68
CA LEU C 729 -41.09 14.05 61.00
C LEU C 729 -41.70 12.72 61.36
N PRO C 730 -41.00 11.89 62.15
CA PRO C 730 -41.61 10.66 62.64
C PRO C 730 -42.70 10.96 63.64
N ALA C 731 -43.69 10.07 63.69
CA ALA C 731 -44.82 10.23 64.60
C ALA C 731 -44.34 10.05 66.04
N ALA C 732 -44.46 11.10 66.84
CA ALA C 732 -43.97 11.07 68.21
C ALA C 732 -44.85 10.20 69.08
N SER C 733 -44.49 8.94 69.23
CA SER C 733 -45.22 8.06 70.14
C SER C 733 -44.93 8.47 71.58
N HIS C 734 -45.83 8.07 72.47
CA HIS C 734 -45.71 8.43 73.87
C HIS C 734 -45.03 7.37 74.71
N ALA C 735 -44.90 6.15 74.20
CA ALA C 735 -44.19 5.12 74.92
C ALA C 735 -42.69 5.37 74.86
N ILE C 736 -41.99 4.76 75.81
CA ILE C 736 -40.54 4.89 75.93
C ILE C 736 -39.98 3.50 76.17
N PRO C 737 -38.96 3.06 75.44
CA PRO C 737 -38.34 1.78 75.75
C PRO C 737 -37.56 1.86 77.04
N HIS C 738 -37.60 0.77 77.80
CA HIS C 738 -37.03 0.73 79.14
C HIS C 738 -35.73 -0.04 79.11
N LEU C 739 -34.65 0.59 79.54
CA LEU C 739 -33.34 -0.03 79.59
C LEU C 739 -33.11 -0.68 80.94
N THR C 740 -32.70 -1.94 80.93
CA THR C 740 -32.34 -2.69 82.12
C THR C 740 -30.92 -3.22 81.94
N THR C 741 -30.05 -2.91 82.88
CA THR C 741 -28.65 -3.26 82.78
C THR C 741 -28.28 -4.26 83.85
N SER C 742 -27.99 -5.48 83.45
CA SER C 742 -27.31 -6.42 84.32
C SER C 742 -25.84 -6.40 83.96
N GLU C 743 -25.07 -7.30 84.56
CA GLU C 743 -23.66 -7.41 84.21
C GLU C 743 -23.43 -8.34 83.03
N MET C 744 -24.41 -9.17 82.68
CA MET C 744 -24.36 -9.99 81.48
C MET C 744 -24.86 -9.25 80.25
N ASP C 745 -25.91 -8.45 80.37
CA ASP C 745 -26.55 -7.92 79.19
C ASP C 745 -27.16 -6.56 79.42
N PHE C 746 -27.46 -5.88 78.33
CA PHE C 746 -28.42 -4.79 78.33
C PHE C 746 -29.72 -5.35 77.80
N CYS C 747 -30.82 -5.07 78.50
CA CYS C 747 -32.13 -5.54 78.08
C CYS C 747 -33.02 -4.33 77.87
N ILE C 748 -33.61 -4.23 76.69
CA ILE C 748 -34.48 -3.12 76.32
C ILE C 748 -35.81 -3.72 75.96
N GLU C 749 -36.86 -3.30 76.67
CA GLU C 749 -38.20 -3.78 76.36
C GLU C 749 -39.11 -2.62 76.02
N LEU C 750 -40.03 -2.87 75.09
CA LEU C 750 -40.99 -1.88 74.64
C LEU C 750 -42.21 -2.63 74.14
N GLY C 751 -43.27 -2.64 74.95
CA GLY C 751 -44.43 -3.44 74.60
C GLY C 751 -44.08 -4.91 74.73
N ASN C 752 -44.47 -5.69 73.73
CA ASN C 752 -44.08 -7.09 73.70
C ASN C 752 -42.69 -7.31 73.14
N LYS C 753 -42.09 -6.30 72.51
CA LYS C 753 -40.78 -6.46 71.90
C LYS C 753 -39.70 -6.33 72.95
N ARG C 754 -38.61 -7.06 72.75
CA ARG C 754 -37.51 -7.02 73.70
C ARG C 754 -36.20 -7.29 72.95
N TRP C 755 -35.17 -6.52 73.28
CA TRP C 755 -33.86 -6.62 72.67
C TRP C 755 -32.83 -6.92 73.74
N GLN C 756 -31.90 -7.81 73.44
CA GLN C 756 -30.85 -8.16 74.38
C GLN C 756 -29.49 -8.01 73.73
N PHE C 757 -28.60 -7.28 74.39
CA PHE C 757 -27.24 -7.04 73.92
C PHE C 757 -26.28 -7.70 74.90
N ASN C 758 -25.55 -8.70 74.45
CA ASN C 758 -24.56 -9.34 75.30
C ASN C 758 -23.41 -8.38 75.57
N ARG C 759 -23.15 -8.10 76.84
CA ARG C 759 -22.13 -7.13 77.19
C ARG C 759 -20.71 -7.67 77.10
N GLN C 760 -20.54 -8.97 76.95
CA GLN C 760 -19.20 -9.51 76.76
C GLN C 760 -18.81 -9.64 75.30
N SER C 761 -19.77 -9.91 74.42
CA SER C 761 -19.48 -9.93 73.00
C SER C 761 -19.73 -8.59 72.36
N GLY C 762 -20.67 -7.81 72.88
CA GLY C 762 -20.99 -6.53 72.33
C GLY C 762 -22.03 -6.53 71.24
N PHE C 763 -22.59 -7.68 70.91
CA PHE C 763 -23.53 -7.77 69.82
C PHE C 763 -24.95 -7.95 70.35
N LEU C 764 -25.92 -7.56 69.54
CA LEU C 764 -27.31 -7.89 69.82
C LEU C 764 -27.48 -9.39 69.71
N SER C 765 -27.74 -10.04 70.84
CA SER C 765 -27.71 -11.48 70.89
C SER C 765 -29.08 -12.11 70.73
N GLN C 766 -30.15 -11.42 71.13
CA GLN C 766 -31.47 -12.01 71.01
C GLN C 766 -32.50 -10.90 70.94
N MET C 767 -33.55 -11.15 70.17
CA MET C 767 -34.68 -10.25 70.06
C MET C 767 -35.95 -11.07 70.26
N TRP C 768 -36.92 -10.51 70.98
CA TRP C 768 -38.17 -11.19 71.29
C TRP C 768 -39.35 -10.45 70.69
N ILE C 769 -40.32 -11.20 70.20
CA ILE C 769 -41.63 -10.68 69.87
C ILE C 769 -42.61 -11.53 70.67
N GLY C 770 -43.16 -10.96 71.73
CA GLY C 770 -43.89 -11.75 72.69
C GLY C 770 -42.93 -12.63 73.46
N ASP C 771 -43.01 -13.94 73.27
CA ASP C 771 -42.05 -14.86 73.87
C ASP C 771 -41.30 -15.68 72.84
N LYS C 772 -41.41 -15.33 71.56
CA LYS C 772 -40.68 -16.02 70.52
C LYS C 772 -39.32 -15.38 70.32
N LYS C 773 -38.27 -16.14 70.54
CA LYS C 773 -36.94 -15.71 70.15
C LYS C 773 -36.85 -15.58 68.64
N GLN C 774 -36.25 -14.49 68.18
CA GLN C 774 -36.20 -14.23 66.75
C GLN C 774 -34.86 -14.57 66.13
N LEU C 775 -33.85 -14.85 66.94
CA LEU C 775 -32.51 -15.09 66.43
C LEU C 775 -31.99 -16.42 66.91
N LEU C 776 -31.15 -17.04 66.09
CA LEU C 776 -30.39 -18.21 66.49
C LEU C 776 -28.91 -17.92 66.68
N THR C 777 -28.41 -16.84 66.09
CA THR C 777 -27.03 -16.43 66.09
C THR C 777 -27.10 -14.92 66.23
N PRO C 778 -26.20 -14.31 67.01
CA PRO C 778 -26.24 -12.85 67.18
C PRO C 778 -25.96 -12.10 65.89
N LEU C 779 -26.43 -10.85 65.85
CA LEU C 779 -26.21 -9.94 64.74
C LEU C 779 -24.77 -9.45 64.80
N ARG C 780 -23.91 -9.96 63.93
CA ARG C 780 -22.49 -9.68 63.97
C ARG C 780 -22.04 -9.09 62.64
N ASP C 781 -20.93 -8.36 62.69
CA ASP C 781 -20.28 -7.88 61.48
C ASP C 781 -19.71 -9.02 60.68
N GLN C 782 -19.76 -8.89 59.36
CA GLN C 782 -19.20 -9.88 58.48
C GLN C 782 -18.36 -9.17 57.43
N PHE C 783 -17.13 -9.61 57.26
CA PHE C 783 -16.23 -8.99 56.30
C PHE C 783 -15.81 -9.94 55.19
N THR C 784 -16.33 -11.15 55.17
CA THR C 784 -15.93 -12.17 54.23
C THR C 784 -17.14 -12.67 53.46
N ARG C 785 -16.86 -13.38 52.38
CA ARG C 785 -17.88 -14.13 51.67
C ARG C 785 -17.31 -15.51 51.37
N ALA C 786 -18.21 -16.46 51.17
CA ALA C 786 -17.81 -17.75 50.64
C ALA C 786 -17.25 -17.53 49.25
N PRO C 787 -16.00 -17.92 48.98
CA PRO C 787 -15.31 -17.43 47.80
C PRO C 787 -15.88 -17.98 46.51
N LEU C 788 -15.97 -17.09 45.53
CA LEU C 788 -16.44 -17.45 44.20
C LEU C 788 -15.34 -18.22 43.47
N ASP C 789 -15.69 -18.74 42.30
CA ASP C 789 -14.67 -19.32 41.44
C ASP C 789 -13.68 -18.27 40.95
N ASN C 790 -14.13 -17.04 40.78
CA ASN C 790 -13.20 -15.98 40.40
C ASN C 790 -12.31 -15.58 41.57
N ASP C 791 -12.80 -15.73 42.81
CA ASP C 791 -11.95 -15.47 43.96
C ASP C 791 -10.88 -16.53 44.12
N ILE C 792 -11.17 -17.77 43.73
CA ILE C 792 -10.25 -18.87 43.95
C ILE C 792 -9.20 -18.93 42.85
N GLY C 793 -9.63 -18.85 41.60
CA GLY C 793 -8.67 -18.93 40.52
C GLY C 793 -8.19 -20.35 40.32
N VAL C 794 -6.90 -20.49 40.04
CA VAL C 794 -6.28 -21.77 39.87
C VAL C 794 -5.58 -22.24 41.15
N SER C 795 -5.93 -21.66 42.28
CA SER C 795 -5.30 -22.01 43.54
C SER C 795 -5.97 -23.26 44.12
N GLU C 796 -5.15 -24.20 44.59
CA GLU C 796 -5.65 -25.30 45.39
C GLU C 796 -4.69 -25.50 46.56
N ALA C 797 -4.92 -26.58 47.32
CA ALA C 797 -4.15 -26.83 48.52
C ALA C 797 -2.72 -27.23 48.21
N THR C 798 -2.47 -27.82 47.05
CA THR C 798 -1.11 -28.20 46.69
C THR C 798 -0.34 -27.02 46.10
N ARG C 799 -0.94 -26.32 45.15
CA ARG C 799 -0.34 -25.13 44.55
C ARG C 799 -1.14 -23.91 44.98
N ILE C 800 -0.59 -23.16 45.91
CA ILE C 800 -1.17 -21.87 46.28
C ILE C 800 -0.85 -20.85 45.19
N ASP C 801 -1.88 -20.20 44.68
CA ASP C 801 -1.68 -19.01 43.85
C ASP C 801 -1.78 -17.81 44.77
N PRO C 802 -0.67 -17.17 45.13
CA PRO C 802 -0.72 -16.10 46.14
C PRO C 802 -1.35 -14.82 45.67
N ASN C 803 -1.62 -14.66 44.37
CA ASN C 803 -2.28 -13.46 43.89
C ASN C 803 -3.80 -13.55 43.92
N ALA C 804 -4.35 -14.76 44.05
CA ALA C 804 -5.79 -14.94 44.09
C ALA C 804 -6.38 -14.30 45.34
N TRP C 805 -7.62 -13.82 45.21
CA TRP C 805 -8.25 -13.11 46.30
C TRP C 805 -8.49 -13.98 47.51
N VAL C 806 -8.77 -15.26 47.33
CA VAL C 806 -9.03 -16.11 48.48
C VAL C 806 -7.73 -16.39 49.23
N GLU C 807 -6.60 -16.39 48.53
CA GLU C 807 -5.35 -16.65 49.22
C GLU C 807 -4.83 -15.41 49.91
N ARG C 808 -5.17 -14.23 49.40
CA ARG C 808 -4.81 -13.02 50.10
C ARG C 808 -5.69 -12.82 51.33
N TRP C 809 -6.97 -13.19 51.23
CA TRP C 809 -7.87 -13.10 52.36
C TRP C 809 -7.52 -14.10 53.45
N LYS C 810 -7.08 -15.30 53.06
CA LYS C 810 -6.69 -16.30 54.05
C LYS C 810 -5.37 -15.94 54.72
N ALA C 811 -4.41 -15.45 53.94
CA ALA C 811 -3.12 -15.08 54.50
C ALA C 811 -3.23 -13.86 55.40
N ALA C 812 -4.14 -12.95 55.10
CA ALA C 812 -4.39 -11.82 55.98
C ALA C 812 -5.25 -12.20 57.17
N GLY C 813 -5.84 -13.39 57.17
CA GLY C 813 -6.63 -13.82 58.29
C GLY C 813 -8.01 -13.22 58.36
N HIS C 814 -8.63 -12.92 57.21
CA HIS C 814 -9.98 -12.39 57.25
C HIS C 814 -10.99 -13.45 57.66
N TYR C 815 -10.76 -14.70 57.29
CA TYR C 815 -11.69 -15.75 57.65
C TYR C 815 -11.56 -16.21 59.09
N GLN C 816 -10.49 -15.83 59.77
CA GLN C 816 -10.28 -16.27 61.15
C GLN C 816 -9.94 -15.11 62.07
N ALA C 817 -10.26 -13.88 61.70
CA ALA C 817 -10.10 -12.75 62.59
C ALA C 817 -11.22 -12.76 63.61
N GLU C 818 -10.86 -12.56 64.87
CA GLU C 818 -11.82 -12.59 65.96
C GLU C 818 -12.16 -11.17 66.40
N ALA C 819 -13.43 -10.94 66.67
CA ALA C 819 -13.87 -9.66 67.17
C ALA C 819 -13.50 -9.51 68.63
N ALA C 820 -13.01 -8.33 68.99
CA ALA C 820 -12.70 -7.98 70.36
C ALA C 820 -13.47 -6.73 70.71
N LEU C 821 -14.29 -6.80 71.75
CA LEU C 821 -15.08 -5.65 72.16
C LEU C 821 -14.18 -4.58 72.74
N LEU C 822 -14.21 -3.39 72.15
CA LEU C 822 -13.43 -2.28 72.67
C LEU C 822 -14.19 -1.51 73.74
N GLN C 823 -15.44 -1.16 73.46
CA GLN C 823 -16.28 -0.51 74.45
C GLN C 823 -17.74 -0.78 74.14
N CYS C 824 -18.56 -0.66 75.16
CA CYS C 824 -20.01 -0.81 75.02
C CYS C 824 -20.68 0.08 76.04
N THR C 825 -21.53 0.98 75.58
CA THR C 825 -22.26 1.88 76.45
C THR C 825 -23.74 1.81 76.10
N ALA C 826 -24.57 2.03 77.11
CA ALA C 826 -26.01 2.11 76.91
C ALA C 826 -26.55 3.30 77.66
N ASP C 827 -27.40 4.07 77.00
CA ASP C 827 -27.89 5.32 77.54
C ASP C 827 -29.34 5.50 77.18
N THR C 828 -30.10 6.09 78.08
CA THR C 828 -31.50 6.40 77.85
C THR C 828 -31.62 7.86 77.45
N LEU C 829 -32.27 8.12 76.33
CA LEU C 829 -32.49 9.46 75.85
C LEU C 829 -33.87 9.92 76.29
N ALA C 830 -34.31 11.06 75.75
CA ALA C 830 -35.64 11.54 76.05
C ALA C 830 -36.71 10.71 75.36
N ASP C 831 -36.38 10.10 74.23
CA ASP C 831 -37.37 9.32 73.50
C ASP C 831 -36.82 8.00 72.98
N ALA C 832 -35.61 7.61 73.33
CA ALA C 832 -35.01 6.42 72.76
C ALA C 832 -33.98 5.86 73.73
N VAL C 833 -33.53 4.65 73.43
CA VAL C 833 -32.40 4.03 74.11
C VAL C 833 -31.26 3.96 73.11
N LEU C 834 -30.07 4.37 73.52
CA LEU C 834 -28.92 4.46 72.64
C LEU C 834 -27.87 3.47 73.12
N ILE C 835 -27.56 2.49 72.30
CA ILE C 835 -26.50 1.53 72.59
C ILE C 835 -25.37 1.77 71.61
N THR C 836 -24.16 1.92 72.12
CA THR C 836 -23.00 2.25 71.32
C THR C 836 -21.92 1.23 71.59
N THR C 837 -21.43 0.56 70.54
CA THR C 837 -20.41 -0.46 70.68
C THR C 837 -19.23 -0.16 69.76
N ALA C 838 -18.12 -0.82 70.03
CA ALA C 838 -16.94 -0.72 69.18
C ALA C 838 -16.19 -2.05 69.24
N HIS C 839 -15.88 -2.61 68.08
CA HIS C 839 -15.17 -3.86 68.00
C HIS C 839 -13.94 -3.71 67.14
N ALA C 840 -12.95 -4.55 67.39
CA ALA C 840 -11.77 -4.63 66.56
C ALA C 840 -11.57 -6.07 66.11
N TRP C 841 -11.21 -6.24 64.85
CA TRP C 841 -10.88 -7.55 64.31
C TRP C 841 -9.38 -7.63 64.16
N GLN C 842 -8.78 -8.53 64.92
CA GLN C 842 -7.34 -8.62 65.00
C GLN C 842 -6.90 -10.00 64.56
N HIS C 843 -5.79 -10.06 63.86
CA HIS C 843 -5.17 -11.31 63.46
C HIS C 843 -3.69 -11.18 63.69
N GLN C 844 -3.18 -11.92 64.69
CA GLN C 844 -1.77 -11.96 65.07
C GLN C 844 -1.25 -10.57 65.43
N GLY C 845 -2.02 -9.87 66.25
CA GLY C 845 -1.64 -8.56 66.73
C GLY C 845 -1.91 -7.42 65.78
N LYS C 846 -2.33 -7.69 64.55
CA LYS C 846 -2.58 -6.66 63.56
C LYS C 846 -4.08 -6.44 63.48
N THR C 847 -4.52 -5.22 63.71
CA THR C 847 -5.94 -4.90 63.65
C THR C 847 -6.37 -4.76 62.21
N LEU C 848 -7.27 -5.62 61.75
CA LEU C 848 -7.71 -5.59 60.38
C LEU C 848 -8.83 -4.58 60.19
N PHE C 849 -9.85 -4.65 61.02
CA PHE C 849 -11.04 -3.83 60.87
C PHE C 849 -11.40 -3.27 62.24
N ILE C 850 -11.99 -2.08 62.24
CA ILE C 850 -12.62 -1.54 63.43
C ILE C 850 -14.03 -1.14 63.05
N SER C 851 -15.01 -1.65 63.78
CA SER C 851 -16.41 -1.33 63.54
C SER C 851 -16.98 -0.63 64.76
N ARG C 852 -17.60 0.51 64.55
CA ARG C 852 -18.24 1.28 65.59
C ARG C 852 -19.72 1.38 65.27
N LYS C 853 -20.56 0.88 66.15
CA LYS C 853 -21.98 0.84 65.88
C LYS C 853 -22.75 1.69 66.87
N THR C 854 -23.98 2.01 66.45
CA THR C 854 -24.91 2.76 67.25
C THR C 854 -26.28 2.15 67.05
N TYR C 855 -26.89 1.71 68.13
CA TYR C 855 -28.23 1.13 68.10
C TYR C 855 -29.17 2.11 68.77
N ARG C 856 -30.21 2.50 68.06
CA ARG C 856 -31.16 3.46 68.59
C ARG C 856 -32.56 2.86 68.52
N ILE C 857 -33.08 2.40 69.65
CA ILE C 857 -34.43 1.87 69.72
C ILE C 857 -35.32 2.99 70.22
N ASP C 858 -36.25 3.43 69.39
CA ASP C 858 -37.14 4.51 69.77
C ASP C 858 -38.48 3.96 70.26
N GLY C 859 -39.44 4.86 70.50
CA GLY C 859 -40.72 4.47 71.05
C GLY C 859 -41.63 3.78 70.07
N SER C 860 -41.34 3.85 68.78
CA SER C 860 -42.13 3.17 67.77
C SER C 860 -41.73 1.72 67.57
N GLY C 861 -40.73 1.24 68.30
CA GLY C 861 -40.24 -0.11 68.14
C GLY C 861 -39.18 -0.28 67.08
N GLN C 862 -38.86 0.75 66.33
CA GLN C 862 -37.83 0.65 65.31
C GLN C 862 -36.46 0.70 65.94
N MET C 863 -35.54 -0.09 65.40
CA MET C 863 -34.15 -0.07 65.82
C MET C 863 -33.31 0.44 64.67
N ALA C 864 -32.78 1.65 64.82
CA ALA C 864 -31.92 2.23 63.81
C ALA C 864 -30.48 1.88 64.13
N ILE C 865 -29.81 1.21 63.20
CA ILE C 865 -28.42 0.81 63.34
C ILE C 865 -27.60 1.65 62.40
N THR C 866 -26.57 2.32 62.91
CA THR C 866 -25.60 2.98 62.07
C THR C 866 -24.26 2.32 62.33
N VAL C 867 -23.55 1.99 61.26
CA VAL C 867 -22.30 1.26 61.35
C VAL C 867 -21.21 2.08 60.69
N ASP C 868 -20.10 2.28 61.38
CA ASP C 868 -18.93 2.94 60.83
C ASP C 868 -17.76 1.97 60.90
N VAL C 869 -17.19 1.63 59.75
CA VAL C 869 -16.14 0.63 59.66
C VAL C 869 -14.89 1.30 59.13
N VAL C 870 -13.77 1.05 59.79
CA VAL C 870 -12.45 1.47 59.32
C VAL C 870 -11.68 0.21 58.93
N VAL C 871 -11.11 0.21 57.73
CA VAL C 871 -10.35 -0.92 57.22
C VAL C 871 -8.89 -0.49 57.14
N ALA C 872 -7.98 -1.33 57.62
CA ALA C 872 -6.56 -1.07 57.50
C ALA C 872 -6.15 -1.07 56.04
N SER C 873 -5.34 -0.09 55.65
CA SER C 873 -5.05 0.12 54.24
C SER C 873 -4.12 -0.94 53.67
N ASP C 874 -3.34 -1.60 54.52
CA ASP C 874 -2.41 -2.61 54.04
C ASP C 874 -2.99 -4.01 54.00
N THR C 875 -4.13 -4.24 54.61
CA THR C 875 -4.75 -5.54 54.42
C THR C 875 -5.41 -5.56 53.05
N PRO C 876 -5.55 -6.72 52.41
CA PRO C 876 -6.33 -6.79 51.17
C PRO C 876 -7.77 -6.37 51.42
N HIS C 877 -8.37 -5.81 50.39
CA HIS C 877 -9.66 -5.17 50.56
C HIS C 877 -10.73 -6.22 50.83
N PRO C 878 -11.63 -5.97 51.78
CA PRO C 878 -12.57 -7.01 52.19
C PRO C 878 -13.62 -7.29 51.12
N ALA C 879 -14.12 -8.51 51.15
CA ALA C 879 -15.13 -8.93 50.18
C ALA C 879 -16.46 -8.24 50.42
N ARG C 880 -16.77 -7.93 51.66
CA ARG C 880 -18.00 -7.25 51.95
C ARG C 880 -17.81 -6.50 53.26
N ILE C 881 -18.72 -5.57 53.52
CA ILE C 881 -18.81 -4.89 54.81
C ILE C 881 -20.28 -4.88 55.17
N GLY C 882 -20.65 -5.70 56.13
CA GLY C 882 -22.05 -5.80 56.45
C GLY C 882 -22.28 -6.62 57.70
N LEU C 883 -23.53 -6.98 57.89
CA LEU C 883 -23.98 -7.67 59.08
C LEU C 883 -24.49 -9.05 58.69
N ASN C 884 -24.38 -10.01 59.60
CA ASN C 884 -25.14 -11.23 59.41
C ASN C 884 -25.78 -11.69 60.72
N CYS C 885 -26.86 -12.44 60.56
CA CYS C 885 -27.53 -13.10 61.67
C CYS C 885 -28.25 -14.31 61.11
N GLN C 886 -28.53 -15.25 61.98
CA GLN C 886 -29.36 -16.40 61.64
C GLN C 886 -30.70 -16.17 62.31
N LEU C 887 -31.72 -15.90 61.49
CA LEU C 887 -33.05 -15.73 62.02
C LEU C 887 -33.62 -17.07 62.42
N ALA C 888 -34.53 -17.07 63.38
CA ALA C 888 -35.22 -18.30 63.74
C ALA C 888 -36.38 -18.61 62.81
N GLN C 889 -36.93 -17.58 62.19
CA GLN C 889 -38.04 -17.72 61.25
C GLN C 889 -37.58 -18.43 59.97
N VAL C 890 -38.43 -19.30 59.46
CA VAL C 890 -38.33 -19.77 58.08
C VAL C 890 -39.65 -19.40 57.42
N ALA C 891 -39.66 -18.30 56.70
CA ALA C 891 -40.83 -17.88 55.97
C ALA C 891 -40.74 -18.40 54.54
N GLU C 892 -41.86 -18.34 53.83
CA GLU C 892 -41.87 -18.98 52.53
C GLU C 892 -41.55 -18.00 51.41
N ARG C 893 -41.80 -16.71 51.60
CA ARG C 893 -41.59 -15.75 50.53
C ARG C 893 -40.79 -14.56 51.02
N VAL C 894 -39.95 -14.03 50.14
CA VAL C 894 -39.10 -12.88 50.39
C VAL C 894 -39.63 -11.74 49.53
N ASN C 895 -39.86 -10.60 50.16
CA ASN C 895 -40.41 -9.43 49.50
C ASN C 895 -39.42 -8.28 49.65
N TRP C 896 -39.04 -7.65 48.55
CA TRP C 896 -38.11 -6.55 48.70
C TRP C 896 -38.34 -5.49 47.65
N LEU C 897 -38.01 -4.25 48.02
CA LEU C 897 -38.02 -3.12 47.11
C LEU C 897 -36.57 -2.82 46.75
N GLY C 898 -36.18 -3.19 45.54
CA GLY C 898 -34.80 -3.04 45.16
C GLY C 898 -34.60 -3.59 43.77
N LEU C 899 -33.35 -3.83 43.43
CA LEU C 899 -33.03 -4.36 42.13
C LEU C 899 -33.27 -5.85 42.08
N GLY C 900 -33.89 -6.32 41.01
CA GLY C 900 -34.18 -7.71 40.87
C GLY C 900 -34.84 -8.03 39.54
N PRO C 901 -35.60 -9.12 39.50
CA PRO C 901 -35.81 -10.19 40.46
C PRO C 901 -34.57 -11.05 40.72
N GLN C 902 -33.78 -11.30 39.68
CA GLN C 902 -32.60 -12.15 39.79
C GLN C 902 -31.44 -11.59 40.58
N GLU C 903 -30.56 -12.47 41.02
CA GLU C 903 -29.40 -12.08 41.80
C GLU C 903 -28.52 -11.15 41.00
N ASN C 904 -27.97 -10.14 41.66
CA ASN C 904 -27.12 -9.16 41.02
C ASN C 904 -26.09 -8.64 42.00
N TYR C 905 -24.98 -8.21 41.46
CA TYR C 905 -23.78 -7.82 42.17
C TYR C 905 -23.40 -6.43 41.70
N PRO C 906 -22.54 -5.70 42.44
CA PRO C 906 -22.21 -4.32 42.04
C PRO C 906 -21.61 -4.16 40.66
N ASP C 907 -20.89 -5.13 40.14
CA ASP C 907 -20.46 -5.07 38.76
C ASP C 907 -21.27 -5.95 37.83
N ARG C 908 -22.41 -6.47 38.27
CA ARG C 908 -23.33 -7.19 37.40
C ARG C 908 -24.77 -6.83 37.72
N LEU C 909 -25.09 -5.55 37.73
CA LEU C 909 -26.46 -5.15 38.07
C LEU C 909 -27.17 -4.34 37.00
N THR C 910 -26.62 -4.24 35.79
CA THR C 910 -27.25 -3.39 34.78
C THR C 910 -28.54 -4.01 34.26
N ALA C 911 -28.66 -5.33 34.31
CA ALA C 911 -29.86 -5.99 33.82
C ALA C 911 -30.98 -5.99 34.84
N ALA C 912 -30.69 -5.76 36.11
CA ALA C 912 -31.72 -5.79 37.12
C ALA C 912 -32.52 -4.50 37.08
N CYS C 913 -33.79 -4.60 37.44
CA CYS C 913 -34.68 -3.46 37.48
C CYS C 913 -35.11 -3.17 38.90
N PHE C 914 -35.22 -1.90 39.24
CA PHE C 914 -35.74 -1.50 40.53
C PHE C 914 -37.24 -1.64 40.53
N ASP C 915 -37.77 -2.47 41.41
CA ASP C 915 -39.22 -2.65 41.53
C ASP C 915 -39.49 -3.33 42.86
N ARG C 916 -40.75 -3.55 43.15
CA ARG C 916 -41.18 -4.41 44.24
C ARG C 916 -41.17 -5.84 43.77
N TRP C 917 -40.31 -6.68 44.35
CA TRP C 917 -40.16 -8.06 43.92
C TRP C 917 -40.60 -8.99 45.03
N ASP C 918 -41.20 -10.11 44.66
CA ASP C 918 -41.68 -11.09 45.62
C ASP C 918 -41.39 -12.47 45.07
N LEU C 919 -40.52 -13.21 45.73
CA LEU C 919 -40.10 -14.53 45.30
C LEU C 919 -40.19 -15.49 46.46
N PRO C 920 -40.34 -16.78 46.20
CA PRO C 920 -40.14 -17.78 47.25
C PRO C 920 -38.67 -17.82 47.66
N LEU C 921 -38.45 -18.35 48.86
CA LEU C 921 -37.11 -18.36 49.44
C LEU C 921 -36.15 -19.24 48.65
N SER C 922 -36.66 -20.26 47.97
CA SER C 922 -35.81 -21.09 47.13
C SER C 922 -35.31 -20.35 45.89
N ASP C 923 -36.01 -19.32 45.44
CA ASP C 923 -35.50 -18.52 44.33
C ASP C 923 -34.45 -17.51 44.74
N MET C 924 -34.25 -17.30 46.04
CA MET C 924 -33.22 -16.41 46.52
C MET C 924 -31.87 -17.09 46.65
N TYR C 925 -31.81 -18.38 46.34
CA TYR C 925 -30.60 -19.16 46.33
C TYR C 925 -30.31 -19.62 44.90
N THR C 926 -29.12 -19.33 44.42
CA THR C 926 -28.73 -19.80 43.10
C THR C 926 -27.93 -21.07 43.24
N PRO C 927 -28.41 -22.19 42.76
CA PRO C 927 -27.73 -23.46 43.00
C PRO C 927 -26.56 -23.70 42.07
N TYR C 928 -25.47 -22.96 42.29
CA TYR C 928 -24.24 -23.24 41.57
C TYR C 928 -23.70 -24.59 42.04
N VAL C 929 -23.17 -25.36 41.09
CA VAL C 929 -22.74 -26.73 41.38
C VAL C 929 -21.57 -26.72 42.34
N PHE C 930 -20.62 -25.81 42.14
CA PHE C 930 -19.64 -25.51 43.16
C PHE C 930 -20.21 -24.41 44.03
N PRO C 931 -20.51 -24.66 45.31
CA PRO C 931 -21.20 -23.66 46.12
C PRO C 931 -20.30 -22.48 46.45
N SER C 932 -20.90 -21.30 46.48
CA SER C 932 -20.20 -20.06 46.77
C SER C 932 -21.22 -19.04 47.24
N GLU C 933 -20.74 -17.81 47.47
CA GLU C 933 -21.60 -16.65 47.61
C GLU C 933 -22.55 -16.52 46.43
N ASN C 934 -23.82 -16.36 46.72
CA ASN C 934 -24.80 -16.25 45.69
C ASN C 934 -26.06 -15.61 46.22
N GLY C 935 -26.95 -15.20 45.34
CA GLY C 935 -28.24 -14.69 45.73
C GLY C 935 -28.28 -13.27 46.19
N LEU C 936 -27.22 -12.51 45.99
CA LEU C 936 -27.20 -11.12 46.45
C LEU C 936 -28.15 -10.28 45.61
N ARG C 937 -28.86 -9.38 46.25
CA ARG C 937 -29.67 -8.38 45.58
C ARG C 937 -29.18 -7.01 46.00
N CYS C 938 -28.77 -6.20 45.05
CA CYS C 938 -28.22 -4.89 45.34
C CYS C 938 -29.31 -3.83 45.27
N GLY C 939 -28.95 -2.62 45.70
CA GLY C 939 -29.81 -1.47 45.57
C GLY C 939 -31.11 -1.55 46.31
N THR C 940 -31.16 -2.28 47.41
CA THR C 940 -32.40 -2.58 48.09
C THR C 940 -32.72 -1.49 49.11
N ARG C 941 -33.94 -0.99 49.07
CA ARG C 941 -34.35 0.03 50.00
C ARG C 941 -35.24 -0.52 51.11
N GLU C 942 -35.83 -1.69 50.91
CA GLU C 942 -36.73 -2.28 51.87
C GLU C 942 -36.72 -3.79 51.66
N LEU C 943 -36.67 -4.55 52.75
CA LEU C 943 -36.67 -5.99 52.72
C LEU C 943 -37.69 -6.52 53.72
N ASN C 944 -38.59 -7.38 53.27
CA ASN C 944 -39.62 -7.97 54.11
C ASN C 944 -39.45 -9.48 54.15
N TYR C 945 -39.34 -10.03 55.34
CA TYR C 945 -39.20 -11.47 55.49
C TYR C 945 -39.87 -11.88 56.78
N GLY C 946 -41.01 -12.56 56.68
CA GLY C 946 -41.79 -12.91 57.83
C GLY C 946 -42.36 -11.68 58.50
N PRO C 947 -42.16 -11.57 59.82
CA PRO C 947 -42.59 -10.36 60.53
C PRO C 947 -41.62 -9.19 60.40
N HIS C 948 -40.42 -9.43 59.91
CA HIS C 948 -39.35 -8.44 59.97
C HIS C 948 -39.38 -7.53 58.76
N GLN C 949 -38.89 -6.31 58.96
CA GLN C 949 -38.70 -5.36 57.88
C GLN C 949 -37.39 -4.61 58.10
N TRP C 950 -36.55 -4.58 57.08
CA TRP C 950 -35.31 -3.83 57.11
C TRP C 950 -35.38 -2.72 56.07
N ARG C 951 -34.90 -1.55 56.43
CA ARG C 951 -34.89 -0.41 55.52
C ARG C 951 -33.53 0.26 55.54
N GLY C 952 -33.21 0.90 54.42
CA GLY C 952 -31.94 1.59 54.26
C GLY C 952 -31.57 1.67 52.80
N ASP C 953 -30.30 1.52 52.49
CA ASP C 953 -29.88 1.25 51.12
C ASP C 953 -28.73 0.24 51.23
N PHE C 954 -29.03 -1.01 50.92
CA PHE C 954 -28.16 -2.09 51.28
C PHE C 954 -28.21 -3.16 50.22
N GLN C 955 -27.32 -4.12 50.35
CA GLN C 955 -27.35 -5.35 49.59
C GLN C 955 -27.67 -6.47 50.56
N PHE C 956 -28.41 -7.46 50.10
CA PHE C 956 -28.72 -8.57 50.97
C PHE C 956 -28.66 -9.87 50.19
N ASN C 957 -28.40 -10.95 50.90
CA ASN C 957 -28.85 -12.25 50.43
C ASN C 957 -29.43 -13.01 51.61
N ILE C 958 -30.29 -13.95 51.30
CA ILE C 958 -31.08 -14.63 52.32
C ILE C 958 -31.26 -16.07 51.89
N SER C 959 -30.85 -17.00 52.74
CA SER C 959 -30.83 -18.41 52.34
C SER C 959 -30.82 -19.27 53.59
N ARG C 960 -30.88 -20.57 53.37
CA ARG C 960 -30.81 -21.55 54.43
C ARG C 960 -29.40 -22.02 54.69
N TYR C 961 -28.41 -21.48 53.98
CA TYR C 961 -27.05 -21.96 54.07
C TYR C 961 -26.17 -20.84 54.58
N SER C 962 -25.34 -21.13 55.57
CA SER C 962 -24.40 -20.14 56.05
C SER C 962 -23.27 -19.95 55.06
N GLN C 963 -22.56 -18.84 55.20
CA GLN C 963 -21.38 -18.61 54.38
C GLN C 963 -20.28 -19.60 54.74
N GLN C 964 -20.24 -20.06 55.98
CA GLN C 964 -19.27 -21.07 56.38
C GLN C 964 -19.55 -22.40 55.70
N GLN C 965 -20.83 -22.78 55.61
CA GLN C 965 -21.17 -24.03 54.96
C GLN C 965 -20.91 -23.98 53.46
N LEU C 966 -21.23 -22.85 52.83
CA LEU C 966 -20.97 -22.68 51.40
C LEU C 966 -19.49 -22.70 51.09
N MET C 967 -18.66 -22.28 52.04
CA MET C 967 -17.22 -22.27 51.82
C MET C 967 -16.62 -23.66 51.90
N GLU C 968 -17.13 -24.50 52.79
CA GLU C 968 -16.51 -25.78 53.09
C GLU C 968 -17.11 -26.95 52.33
N THR C 969 -18.10 -26.71 51.48
CA THR C 969 -18.82 -27.77 50.78
C THR C 969 -18.44 -27.72 49.31
N SER C 970 -18.09 -28.88 48.75
CA SER C 970 -17.57 -28.92 47.39
C SER C 970 -18.65 -29.06 46.32
N HIS C 971 -19.81 -29.61 46.66
CA HIS C 971 -20.87 -29.84 45.69
C HIS C 971 -22.17 -29.34 46.26
N ARG C 972 -23.08 -28.91 45.38
CA ARG C 972 -24.34 -28.38 45.85
C ARG C 972 -25.27 -29.44 46.41
N HIS C 973 -25.09 -30.71 46.04
CA HIS C 973 -25.97 -31.74 46.56
C HIS C 973 -25.60 -32.13 47.99
N LEU C 974 -24.44 -31.72 48.47
CA LEU C 974 -24.01 -31.97 49.82
C LEU C 974 -24.39 -30.87 50.78
N LEU C 975 -25.08 -29.83 50.30
CA LEU C 975 -25.56 -28.77 51.18
C LEU C 975 -26.82 -29.22 51.88
N HIS C 976 -26.89 -29.00 53.18
CA HIS C 976 -28.09 -29.24 53.95
C HIS C 976 -28.60 -27.91 54.49
N ALA C 977 -29.91 -27.73 54.45
CA ALA C 977 -30.52 -26.52 54.95
C ALA C 977 -30.36 -26.44 56.46
N GLU C 978 -29.87 -25.31 56.93
CA GLU C 978 -29.66 -25.16 58.36
C GLU C 978 -30.96 -24.76 59.03
N GLU C 979 -30.95 -24.76 60.35
CA GLU C 979 -32.10 -24.32 61.11
C GLU C 979 -32.29 -22.82 60.93
N GLY C 980 -33.50 -22.40 60.64
CA GLY C 980 -33.68 -20.98 60.50
C GLY C 980 -33.18 -20.46 59.17
N THR C 981 -32.96 -19.16 59.12
CA THR C 981 -32.62 -18.49 57.88
C THR C 981 -31.43 -17.57 58.09
N TRP C 982 -30.41 -17.74 57.26
CA TRP C 982 -29.25 -16.87 57.31
C TRP C 982 -29.50 -15.62 56.48
N LEU C 983 -29.37 -14.48 57.12
CA LEU C 983 -29.49 -13.18 56.46
C LEU C 983 -28.14 -12.48 56.50
N ASN C 984 -27.66 -12.05 55.35
CA ASN C 984 -26.54 -11.13 55.26
C ASN C 984 -27.09 -9.81 54.76
N ILE C 985 -26.81 -8.72 55.47
CA ILE C 985 -27.14 -7.40 54.95
C ILE C 985 -25.84 -6.62 54.85
N ASP C 986 -25.50 -6.22 53.65
CA ASP C 986 -24.24 -5.53 53.38
C ASP C 986 -24.52 -4.09 53.06
N GLY C 987 -23.77 -3.19 53.69
CA GLY C 987 -23.71 -1.84 53.16
C GLY C 987 -22.92 -1.79 51.88
N PHE C 988 -21.90 -2.63 51.76
CA PHE C 988 -20.93 -2.56 50.67
C PHE C 988 -20.51 -3.97 50.31
N HIS C 989 -20.35 -4.22 49.02
CA HIS C 989 -19.99 -5.55 48.57
C HIS C 989 -19.02 -5.42 47.40
N MET C 990 -18.00 -6.25 47.39
CA MET C 990 -17.02 -6.25 46.31
C MET C 990 -17.63 -6.81 45.03
N GLY C 991 -17.14 -6.33 43.89
CA GLY C 991 -17.51 -6.92 42.62
C GLY C 991 -17.01 -8.34 42.48
N ILE C 992 -17.57 -9.04 41.50
CA ILE C 992 -17.30 -10.46 41.34
C ILE C 992 -16.26 -10.76 40.27
N GLY C 993 -15.96 -9.81 39.39
CA GLY C 993 -15.00 -10.05 38.35
C GLY C 993 -15.51 -11.00 37.29
N GLY C 994 -14.57 -11.49 36.49
CA GLY C 994 -14.95 -12.43 35.47
C GLY C 994 -14.44 -12.11 34.09
N ASP C 995 -13.45 -11.22 33.98
CA ASP C 995 -12.68 -11.13 32.75
C ASP C 995 -11.99 -12.44 32.47
N ASP C 996 -11.40 -13.05 33.50
CA ASP C 996 -11.00 -14.44 33.47
C ASP C 996 -11.12 -14.99 34.88
N SER C 997 -10.93 -16.29 35.01
CA SER C 997 -11.06 -16.95 36.30
C SER C 997 -9.76 -17.57 36.75
N TRP C 998 -8.64 -17.00 36.36
CA TRP C 998 -7.35 -17.51 36.78
C TRP C 998 -6.38 -16.39 37.10
N SER C 999 -6.84 -15.16 37.12
CA SER C 999 -6.09 -14.01 37.60
C SER C 999 -7.10 -13.09 38.26
N PRO C 1000 -6.67 -12.19 39.14
CA PRO C 1000 -7.61 -11.23 39.72
C PRO C 1000 -8.20 -10.31 38.66
N SER C 1001 -9.52 -10.30 38.58
CA SER C 1001 -10.20 -9.59 37.51
C SER C 1001 -11.26 -8.63 38.01
N VAL C 1002 -11.30 -8.34 39.30
CA VAL C 1002 -12.20 -7.31 39.81
C VAL C 1002 -11.51 -5.97 39.61
N SER C 1003 -12.14 -5.09 38.84
CA SER C 1003 -11.57 -3.79 38.56
C SER C 1003 -11.60 -2.92 39.81
N ALA C 1004 -10.80 -1.85 39.77
CA ALA C 1004 -10.50 -1.08 40.98
C ALA C 1004 -11.70 -0.30 41.49
N GLU C 1005 -12.65 0.04 40.61
CA GLU C 1005 -13.82 0.77 41.06
C GLU C 1005 -14.86 -0.13 41.74
N PHE C 1006 -14.64 -1.45 41.77
CA PHE C 1006 -15.53 -2.35 42.48
C PHE C 1006 -14.84 -3.03 43.64
N GLN C 1007 -13.64 -2.63 43.98
CA GLN C 1007 -12.98 -3.12 45.18
C GLN C 1007 -13.31 -2.19 46.33
N LEU C 1008 -13.36 -2.75 47.53
CA LEU C 1008 -13.71 -1.97 48.70
C LEU C 1008 -12.43 -1.36 49.29
N SER C 1009 -12.01 -0.26 48.68
CA SER C 1009 -10.69 0.31 48.93
C SER C 1009 -10.75 1.67 49.61
N ALA C 1010 -11.92 2.14 50.02
CA ALA C 1010 -12.03 3.51 50.52
C ALA C 1010 -11.47 3.69 51.91
N GLY C 1011 -11.30 2.63 52.67
CA GLY C 1011 -10.74 2.72 54.00
C GLY C 1011 -11.71 3.01 55.12
N ARG C 1012 -12.74 3.82 54.85
CA ARG C 1012 -13.77 4.12 55.83
C ARG C 1012 -15.12 3.95 55.17
N TYR C 1013 -16.04 3.31 55.88
CA TYR C 1013 -17.33 2.96 55.32
C TYR C 1013 -18.41 3.25 56.34
N HIS C 1014 -19.55 3.70 55.86
CA HIS C 1014 -20.68 4.03 56.70
C HIS C 1014 -21.95 3.53 56.04
N TYR C 1015 -22.82 2.90 56.83
CA TYR C 1015 -24.13 2.55 56.34
C TYR C 1015 -25.11 2.53 57.49
N GLN C 1016 -26.38 2.61 57.16
CA GLN C 1016 -27.45 2.73 58.13
C GLN C 1016 -28.55 1.74 57.82
N LEU C 1017 -29.10 1.13 58.86
CA LEU C 1017 -30.23 0.24 58.72
C LEU C 1017 -31.30 0.61 59.73
N VAL C 1018 -32.54 0.27 59.41
CA VAL C 1018 -33.63 0.32 60.36
C VAL C 1018 -34.26 -1.06 60.39
N TRP C 1019 -34.21 -1.71 61.55
CA TRP C 1019 -34.89 -2.96 61.78
C TRP C 1019 -36.23 -2.64 62.43
N CYS C 1020 -37.32 -3.20 61.92
CA CYS C 1020 -38.60 -2.99 62.59
C CYS C 1020 -39.49 -4.19 62.38
N GLN C 1021 -40.69 -4.11 62.92
CA GLN C 1021 -41.76 -5.07 62.67
C GLN C 1021 -43.06 -4.35 62.38
N MET D 1 -8.53 64.89 -11.69
CA MET D 1 -8.20 63.52 -11.31
C MET D 1 -6.72 63.19 -11.54
N ILE D 2 -5.92 63.44 -10.51
CA ILE D 2 -4.49 63.19 -10.60
C ILE D 2 -4.22 61.69 -10.57
N THR D 3 -4.93 60.96 -9.72
CA THR D 3 -4.71 59.53 -9.57
C THR D 3 -5.22 58.71 -10.75
N ASP D 4 -6.02 59.30 -11.63
CA ASP D 4 -6.42 58.62 -12.85
C ASP D 4 -5.47 58.88 -14.01
N SER D 5 -4.50 59.78 -13.85
CA SER D 5 -3.65 60.18 -14.95
C SER D 5 -2.64 59.10 -15.27
N LEU D 6 -2.05 59.21 -16.47
CA LEU D 6 -1.05 58.25 -16.90
C LEU D 6 0.23 58.38 -16.09
N ALA D 7 0.53 59.56 -15.58
CA ALA D 7 1.76 59.73 -14.82
C ALA D 7 1.69 59.02 -13.48
N VAL D 8 0.50 58.86 -12.93
CA VAL D 8 0.34 58.21 -11.63
C VAL D 8 0.12 56.71 -11.80
N VAL D 9 -0.72 56.32 -12.75
CA VAL D 9 -1.03 54.91 -12.98
C VAL D 9 0.21 54.15 -13.45
N LEU D 10 1.00 54.76 -14.33
CA LEU D 10 2.15 54.05 -14.86
C LEU D 10 3.38 54.16 -13.99
N GLN D 11 3.35 54.95 -12.93
CA GLN D 11 4.55 55.10 -12.12
C GLN D 11 4.76 53.88 -11.25
N ARG D 12 3.68 53.20 -10.86
CA ARG D 12 3.80 51.99 -10.09
C ARG D 12 4.47 50.86 -10.85
N ARG D 13 4.22 50.83 -12.10
CA ARG D 13 4.77 49.83 -13.02
C ARG D 13 4.34 48.42 -12.63
N ASP D 14 3.03 48.20 -12.72
CA ASP D 14 2.43 46.94 -12.35
C ASP D 14 2.84 45.80 -13.26
N TRP D 15 3.31 46.09 -14.47
CA TRP D 15 3.74 45.07 -15.40
C TRP D 15 5.17 44.61 -15.15
N GLU D 16 5.85 45.13 -14.14
CA GLU D 16 7.15 44.64 -13.75
C GLU D 16 7.15 44.15 -12.31
N ASN D 17 6.00 43.63 -11.87
CA ASN D 17 5.81 43.24 -10.48
C ASN D 17 5.00 41.95 -10.47
N PRO D 18 5.64 40.80 -10.24
CA PRO D 18 4.90 39.53 -10.23
C PRO D 18 3.97 39.39 -9.04
N GLY D 19 4.12 40.22 -8.01
CA GLY D 19 3.17 40.24 -6.93
C GLY D 19 1.84 40.89 -7.29
N VAL D 20 1.80 41.68 -8.35
CA VAL D 20 0.57 42.29 -8.81
C VAL D 20 0.25 41.71 -10.18
N THR D 21 -0.73 40.84 -10.23
CA THR D 21 -1.19 40.28 -11.49
C THR D 21 -2.51 40.85 -11.95
N GLN D 22 -3.23 41.55 -11.08
CA GLN D 22 -4.50 42.17 -11.42
C GLN D 22 -4.79 43.23 -10.39
N LEU D 23 -5.58 44.21 -10.78
CA LEU D 23 -6.13 45.20 -9.86
C LEU D 23 -7.59 45.37 -10.21
N ASN D 24 -8.46 45.19 -9.22
CA ASN D 24 -9.91 45.37 -9.30
C ASN D 24 -10.57 44.43 -10.30
N ARG D 25 -9.97 43.28 -10.54
CA ARG D 25 -10.55 42.31 -11.46
C ARG D 25 -11.49 41.38 -10.70
N LEU D 26 -12.63 41.07 -11.31
CA LEU D 26 -13.62 40.24 -10.67
C LEU D 26 -13.19 38.78 -10.66
N ALA D 27 -13.93 37.97 -9.92
CA ALA D 27 -13.57 36.56 -9.75
C ALA D 27 -13.88 35.76 -11.00
N ALA D 28 -13.10 34.70 -11.21
CA ALA D 28 -13.31 33.81 -12.34
C ALA D 28 -14.51 32.91 -12.07
N HIS D 29 -15.15 32.48 -13.15
CA HIS D 29 -16.41 31.77 -13.10
C HIS D 29 -16.66 31.14 -14.47
N PRO D 30 -17.59 30.18 -14.56
CA PRO D 30 -18.01 29.68 -15.87
C PRO D 30 -18.68 30.77 -16.70
N PRO D 31 -18.77 30.60 -18.02
CA PRO D 31 -19.35 31.65 -18.87
C PRO D 31 -20.82 31.90 -18.57
N PHE D 32 -21.15 33.16 -18.34
CA PHE D 32 -22.49 33.61 -18.01
C PHE D 32 -23.09 34.38 -19.18
N ALA D 33 -24.39 34.26 -19.34
CA ALA D 33 -25.13 35.11 -20.26
C ALA D 33 -26.22 35.91 -19.59
N SER D 34 -26.63 35.53 -18.37
CA SER D 34 -27.64 36.21 -17.57
C SER D 34 -28.96 36.31 -18.32
N TRP D 35 -29.50 35.15 -18.67
CA TRP D 35 -30.84 35.11 -19.23
C TRP D 35 -31.86 35.49 -18.18
N ARG D 36 -32.85 36.28 -18.58
CA ARG D 36 -33.95 36.62 -17.70
C ARG D 36 -35.19 35.82 -18.05
N ASN D 37 -35.04 34.81 -18.89
CA ASN D 37 -36.11 33.90 -19.29
C ASN D 37 -35.51 32.51 -19.32
N SER D 38 -36.14 31.57 -18.63
CA SER D 38 -35.54 30.25 -18.49
C SER D 38 -35.69 29.41 -19.74
N GLU D 39 -36.73 29.65 -20.53
CA GLU D 39 -36.85 28.95 -21.80
C GLU D 39 -35.82 29.45 -22.80
N GLU D 40 -35.48 30.72 -22.74
CA GLU D 40 -34.43 31.26 -23.57
C GLU D 40 -33.06 30.74 -23.13
N ALA D 41 -32.89 30.46 -21.85
CA ALA D 41 -31.66 29.86 -21.37
C ALA D 41 -31.54 28.41 -21.77
N ARG D 42 -32.67 27.70 -21.85
CA ARG D 42 -32.63 26.29 -22.20
C ARG D 42 -32.26 26.09 -23.65
N THR D 43 -32.87 26.85 -24.55
CA THR D 43 -32.62 26.70 -25.97
C THR D 43 -31.41 27.47 -26.45
N ASP D 44 -30.67 28.09 -25.53
CA ASP D 44 -29.38 28.74 -25.77
C ASP D 44 -29.52 29.89 -26.77
N ARG D 45 -30.65 30.56 -26.74
CA ARG D 45 -30.83 31.74 -27.58
C ARG D 45 -30.00 32.89 -27.01
N PRO D 46 -29.54 33.81 -27.85
CA PRO D 46 -28.65 34.87 -27.38
C PRO D 46 -29.32 35.83 -26.41
N SER D 47 -28.62 36.12 -25.33
CA SER D 47 -29.16 36.94 -24.26
C SER D 47 -29.06 38.42 -24.62
N GLN D 48 -30.08 39.18 -24.26
CA GLN D 48 -30.04 40.62 -24.44
C GLN D 48 -29.22 41.32 -23.39
N GLN D 49 -28.80 40.61 -22.35
CA GLN D 49 -27.97 41.16 -21.29
C GLN D 49 -26.50 40.96 -21.54
N LEU D 50 -26.14 40.20 -22.57
CA LEU D 50 -24.77 40.03 -22.99
C LEU D 50 -24.61 40.76 -24.32
N ARG D 51 -23.80 41.80 -24.32
CA ARG D 51 -23.65 42.69 -25.46
C ARG D 51 -22.22 42.66 -25.93
N SER D 52 -22.02 42.29 -27.20
CA SER D 52 -20.68 42.25 -27.76
C SER D 52 -20.18 43.64 -28.11
N LEU D 53 -18.92 43.92 -27.78
CA LEU D 53 -18.27 45.16 -28.15
C LEU D 53 -17.25 44.95 -29.26
N ASN D 54 -17.30 43.81 -29.93
CA ASN D 54 -16.42 43.57 -31.06
C ASN D 54 -16.81 44.46 -32.23
N GLY D 55 -15.84 44.81 -33.04
CA GLY D 55 -16.10 45.68 -34.15
C GLY D 55 -14.99 46.69 -34.30
N GLU D 56 -15.32 47.89 -34.73
CA GLU D 56 -14.30 48.89 -35.02
C GLU D 56 -13.98 49.73 -33.79
N TRP D 57 -12.72 49.74 -33.44
CA TRP D 57 -12.14 50.44 -32.31
C TRP D 57 -11.11 51.41 -32.85
N ARG D 58 -10.73 52.39 -32.04
CA ARG D 58 -9.67 53.29 -32.43
C ARG D 58 -8.36 52.78 -31.85
N PHE D 59 -7.29 52.89 -32.60
CA PHE D 59 -6.02 52.31 -32.18
C PHE D 59 -4.88 53.26 -32.46
N ALA D 60 -3.97 53.38 -31.51
CA ALA D 60 -2.73 54.11 -31.71
C ALA D 60 -1.59 53.29 -31.14
N TRP D 61 -0.49 53.21 -31.88
CA TRP D 61 0.67 52.46 -31.47
C TRP D 61 1.71 53.40 -30.87
N PHE D 62 2.38 52.95 -29.83
CA PHE D 62 3.41 53.72 -29.17
C PHE D 62 4.59 52.81 -28.83
N PRO D 63 5.81 53.33 -28.90
CA PRO D 63 6.97 52.48 -28.62
C PRO D 63 7.17 52.18 -27.15
N ALA D 64 6.54 52.94 -26.26
CA ALA D 64 6.74 52.78 -24.83
C ALA D 64 5.50 53.31 -24.13
N PRO D 65 5.22 52.84 -22.90
CA PRO D 65 4.07 53.39 -22.17
C PRO D 65 4.24 54.85 -21.80
N GLU D 66 5.46 55.33 -21.65
CA GLU D 66 5.72 56.71 -21.30
C GLU D 66 5.46 57.66 -22.46
N ALA D 67 5.40 57.15 -23.67
CA ALA D 67 5.17 57.99 -24.84
C ALA D 67 3.70 58.28 -25.10
N VAL D 68 2.80 57.70 -24.32
CA VAL D 68 1.37 57.93 -24.53
C VAL D 68 1.01 59.28 -23.94
N PRO D 69 0.35 60.16 -24.68
CA PRO D 69 0.00 61.47 -24.13
C PRO D 69 -1.20 61.41 -23.21
N GLU D 70 -1.24 62.36 -22.28
CA GLU D 70 -2.30 62.43 -21.29
C GLU D 70 -3.66 62.72 -21.90
N SER D 71 -3.71 63.32 -23.09
CA SER D 71 -4.97 63.63 -23.74
C SER D 71 -5.70 62.40 -24.23
N TRP D 72 -5.01 61.27 -24.35
CA TRP D 72 -5.63 60.04 -24.82
C TRP D 72 -6.71 59.53 -23.85
N LEU D 73 -6.59 59.86 -22.57
CA LEU D 73 -7.59 59.44 -21.60
C LEU D 73 -8.93 60.14 -21.77
N GLU D 74 -8.95 61.29 -22.43
CA GLU D 74 -10.19 62.04 -22.59
C GLU D 74 -10.80 61.92 -23.98
N CYS D 75 -10.01 62.09 -25.02
CA CYS D 75 -10.54 62.06 -26.37
C CYS D 75 -9.59 61.26 -27.25
N ASP D 76 -10.09 60.87 -28.41
CA ASP D 76 -9.30 60.13 -29.37
C ASP D 76 -8.15 60.97 -29.91
N LEU D 77 -7.03 60.32 -30.14
CA LEU D 77 -5.90 60.97 -30.77
C LEU D 77 -6.22 61.28 -32.22
N PRO D 78 -5.59 62.29 -32.81
CA PRO D 78 -5.80 62.53 -34.24
C PRO D 78 -5.14 61.47 -35.11
N GLU D 79 -4.03 60.89 -34.68
CA GLU D 79 -3.32 59.89 -35.46
C GLU D 79 -3.88 58.47 -35.26
N ALA D 80 -4.99 58.33 -34.55
CA ALA D 80 -5.53 57.01 -34.27
C ALA D 80 -6.21 56.42 -35.50
N ASP D 81 -5.86 55.18 -35.81
CA ASP D 81 -6.47 54.44 -36.90
C ASP D 81 -7.69 53.69 -36.39
N THR D 82 -8.45 53.11 -37.30
CA THR D 82 -9.62 52.33 -36.95
C THR D 82 -9.35 50.86 -37.25
N VAL D 83 -9.24 50.04 -36.21
CA VAL D 83 -8.96 48.63 -36.37
C VAL D 83 -10.16 47.82 -35.93
N VAL D 84 -10.21 46.59 -36.40
CA VAL D 84 -11.23 45.65 -35.97
C VAL D 84 -10.72 44.92 -34.74
N VAL D 85 -11.54 44.86 -33.70
CA VAL D 85 -11.26 44.09 -32.50
C VAL D 85 -12.23 42.92 -32.47
N PRO D 86 -11.76 41.68 -32.27
CA PRO D 86 -10.42 41.22 -31.92
C PRO D 86 -9.40 41.18 -33.05
N SER D 87 -8.16 41.54 -32.71
CA SER D 87 -7.04 41.44 -33.63
C SER D 87 -5.74 41.47 -32.84
N ASN D 88 -4.68 40.99 -33.48
CA ASN D 88 -3.32 41.27 -33.08
C ASN D 88 -2.82 42.44 -33.89
N TRP D 89 -2.10 43.36 -33.25
CA TRP D 89 -1.72 44.54 -34.02
C TRP D 89 -0.52 44.29 -34.92
N GLN D 90 0.23 43.22 -34.70
CA GLN D 90 1.31 42.86 -35.60
C GLN D 90 0.79 42.38 -36.95
N MET D 91 -0.46 41.92 -37.02
CA MET D 91 -1.10 41.52 -38.25
C MET D 91 -1.66 42.70 -39.03
N HIS D 92 -1.53 43.91 -38.49
CA HIS D 92 -1.96 45.12 -39.18
C HIS D 92 -0.78 46.04 -39.45
N GLY D 93 0.43 45.55 -39.31
CA GLY D 93 1.62 46.30 -39.66
C GLY D 93 1.95 47.44 -38.72
N TYR D 94 2.02 47.18 -37.43
CA TYR D 94 2.47 48.19 -36.48
C TYR D 94 3.82 47.91 -35.88
N ASP D 95 4.14 46.65 -35.60
CA ASP D 95 5.51 46.21 -35.44
C ASP D 95 5.59 44.76 -35.90
N ALA D 96 6.70 44.12 -35.63
CA ALA D 96 6.78 42.81 -36.26
C ALA D 96 6.40 41.72 -35.29
N PRO D 97 5.74 40.66 -35.76
CA PRO D 97 5.63 39.45 -34.96
C PRO D 97 6.98 38.78 -34.83
N ILE D 98 7.22 38.18 -33.67
CA ILE D 98 8.49 37.51 -33.38
C ILE D 98 8.20 36.04 -33.24
N TYR D 99 8.92 35.21 -33.96
CA TYR D 99 8.88 33.78 -33.71
C TYR D 99 10.16 33.35 -33.04
N THR D 100 10.03 32.80 -31.84
CA THR D 100 11.14 32.20 -31.13
C THR D 100 10.62 31.01 -30.36
N ASN D 101 11.45 29.97 -30.25
CA ASN D 101 11.04 28.74 -29.58
C ASN D 101 11.41 28.81 -28.10
N VAL D 102 12.69 28.83 -27.79
CA VAL D 102 13.15 28.68 -26.43
C VAL D 102 13.59 30.01 -25.85
N THR D 103 14.44 30.72 -26.60
CA THR D 103 14.97 31.99 -26.14
C THR D 103 13.84 33.01 -26.00
N TYR D 104 13.82 33.70 -24.87
CA TYR D 104 12.87 34.77 -24.67
C TYR D 104 13.09 35.87 -25.69
N PRO D 105 12.03 36.49 -26.19
CA PRO D 105 12.20 37.61 -27.14
C PRO D 105 12.64 38.90 -26.49
N ILE D 106 12.80 38.93 -25.17
CA ILE D 106 13.33 40.06 -24.44
C ILE D 106 14.56 39.60 -23.67
N THR D 107 15.25 40.56 -23.06
CA THR D 107 16.37 40.24 -22.20
C THR D 107 15.86 39.56 -20.94
N VAL D 108 16.47 38.43 -20.58
CA VAL D 108 16.03 37.66 -19.43
C VAL D 108 16.55 38.36 -18.17
N ASN D 109 15.68 39.15 -17.55
CA ASN D 109 16.01 39.81 -16.28
C ASN D 109 14.72 39.94 -15.48
N PRO D 110 14.22 38.84 -14.94
CA PRO D 110 12.90 38.88 -14.30
C PRO D 110 12.96 39.62 -12.98
N PRO D 111 11.93 40.43 -12.67
CA PRO D 111 10.70 40.59 -13.43
C PRO D 111 10.70 41.76 -14.40
N PHE D 112 11.86 42.25 -14.82
CA PHE D 112 11.92 43.48 -15.59
C PHE D 112 11.79 43.21 -17.07
N VAL D 113 11.11 44.10 -17.76
CA VAL D 113 10.90 44.00 -19.20
C VAL D 113 11.65 45.16 -19.83
N PRO D 114 11.88 45.21 -21.15
CA PRO D 114 12.56 46.38 -21.72
C PRO D 114 11.73 47.64 -21.59
N THR D 115 12.44 48.76 -21.47
CA THR D 115 11.78 50.06 -21.48
C THR D 115 11.15 50.34 -22.85
N GLU D 116 11.73 49.79 -23.91
CA GLU D 116 11.12 49.81 -25.24
C GLU D 116 10.04 48.73 -25.32
N ASN D 117 8.93 49.03 -24.66
CA ASN D 117 7.82 48.11 -24.51
C ASN D 117 6.68 48.59 -25.39
N PRO D 118 6.45 47.96 -26.55
CA PRO D 118 5.46 48.47 -27.50
C PRO D 118 4.05 48.46 -26.95
N THR D 119 3.35 49.56 -27.15
CA THR D 119 2.14 49.86 -26.42
C THR D 119 1.02 50.12 -27.40
N GLY D 120 -0.07 49.38 -27.26
CA GLY D 120 -1.22 49.60 -28.09
C GLY D 120 -2.33 50.27 -27.34
N CYS D 121 -2.76 51.42 -27.79
CA CYS D 121 -3.79 52.20 -27.12
C CYS D 121 -5.09 52.05 -27.88
N TYR D 122 -5.99 51.27 -27.31
CA TYR D 122 -7.30 51.01 -27.89
C TYR D 122 -8.32 51.93 -27.24
N SER D 123 -9.31 52.34 -28.02
CA SER D 123 -10.41 53.09 -27.45
C SER D 123 -11.68 52.80 -28.22
N LEU D 124 -12.78 52.78 -27.48
CA LEU D 124 -14.10 52.51 -28.05
C LEU D 124 -15.10 53.48 -27.46
N THR D 125 -15.90 54.10 -28.31
CA THR D 125 -17.01 54.93 -27.91
C THR D 125 -18.30 54.16 -28.14
N PHE D 126 -19.14 54.09 -27.12
CA PHE D 126 -20.29 53.20 -27.17
C PHE D 126 -21.39 53.77 -26.28
N ASN D 127 -22.63 53.38 -26.59
CA ASN D 127 -23.80 53.85 -25.87
C ASN D 127 -24.32 52.75 -24.96
N VAL D 128 -24.64 53.11 -23.73
CA VAL D 128 -25.30 52.22 -22.80
C VAL D 128 -26.71 52.75 -22.59
N ASP D 129 -27.70 51.89 -22.75
CA ASP D 129 -29.07 52.29 -22.46
C ASP D 129 -29.24 52.49 -20.95
N GLU D 130 -30.19 53.35 -20.60
CA GLU D 130 -30.33 53.76 -19.21
C GLU D 130 -30.90 52.65 -18.34
N SER D 131 -31.51 51.64 -18.94
CA SER D 131 -32.06 50.53 -18.17
C SER D 131 -30.96 49.70 -17.53
N TRP D 132 -29.76 49.71 -18.10
CA TRP D 132 -28.65 49.00 -17.47
C TRP D 132 -28.12 49.75 -16.27
N LEU D 133 -28.35 51.06 -16.22
CA LEU D 133 -27.74 51.86 -15.17
C LEU D 133 -28.66 52.06 -14.00
N GLN D 134 -29.97 51.80 -14.18
CA GLN D 134 -30.92 52.01 -13.11
C GLN D 134 -30.78 50.95 -12.03
N GLU D 135 -30.52 49.70 -12.42
CA GLU D 135 -30.34 48.65 -11.44
C GLU D 135 -29.33 47.64 -11.97
N GLY D 136 -28.75 46.89 -11.05
CA GLY D 136 -27.90 45.79 -11.42
C GLY D 136 -26.45 46.17 -11.60
N GLN D 137 -25.70 45.19 -12.06
CA GLN D 137 -24.26 45.29 -12.22
C GLN D 137 -23.93 45.17 -13.69
N THR D 138 -23.09 46.07 -14.18
CA THR D 138 -22.60 46.00 -15.55
C THR D 138 -21.11 45.75 -15.50
N ARG D 139 -20.68 44.64 -16.07
CA ARG D 139 -19.27 44.33 -16.13
C ARG D 139 -18.81 44.28 -17.58
N ILE D 140 -17.52 44.52 -17.78
CA ILE D 140 -16.88 44.35 -19.08
C ILE D 140 -16.03 43.09 -19.01
N ILE D 141 -16.05 42.30 -20.08
CA ILE D 141 -15.32 41.05 -20.14
C ILE D 141 -14.34 41.14 -21.29
N PHE D 142 -13.06 41.07 -21.00
CA PHE D 142 -12.01 40.93 -21.99
C PHE D 142 -11.60 39.48 -22.02
N ASP D 143 -12.02 38.74 -23.05
CA ASP D 143 -11.72 37.31 -23.12
C ASP D 143 -10.25 37.00 -23.33
N GLY D 144 -9.47 37.93 -23.87
CA GLY D 144 -8.04 37.75 -23.90
C GLY D 144 -7.30 38.97 -24.38
N VAL D 145 -6.31 39.42 -23.61
CA VAL D 145 -5.53 40.61 -23.94
C VAL D 145 -4.07 40.28 -23.71
N ASN D 146 -3.27 40.37 -24.76
CA ASN D 146 -1.87 40.01 -24.75
C ASN D 146 -1.05 41.30 -24.81
N SER D 147 -0.29 41.62 -23.77
CA SER D 147 0.00 40.79 -22.62
C SER D 147 -0.60 41.28 -21.32
N ALA D 148 -0.47 42.58 -21.07
CA ALA D 148 -1.02 43.21 -19.88
C ALA D 148 -1.70 44.49 -20.30
N PHE D 149 -2.65 44.95 -19.48
CA PHE D 149 -3.38 46.14 -19.87
C PHE D 149 -3.90 46.88 -18.65
N HIS D 150 -3.92 48.20 -18.77
CA HIS D 150 -4.69 49.08 -17.90
C HIS D 150 -5.97 49.48 -18.61
N LEU D 151 -7.01 49.70 -17.83
CA LEU D 151 -8.34 50.01 -18.35
C LEU D 151 -8.84 51.32 -17.75
N TRP D 152 -9.32 52.21 -18.61
CA TRP D 152 -10.00 53.42 -18.20
C TRP D 152 -11.40 53.42 -18.77
N CYS D 153 -12.35 53.94 -18.00
CA CYS D 153 -13.70 54.17 -18.48
C CYS D 153 -14.07 55.60 -18.16
N ASN D 154 -14.32 56.40 -19.20
CA ASN D 154 -14.66 57.82 -19.11
C ASN D 154 -13.58 58.59 -18.37
N GLY D 155 -12.32 58.27 -18.65
CA GLY D 155 -11.21 58.94 -18.04
C GLY D 155 -10.83 58.47 -16.65
N ARG D 156 -11.62 57.59 -16.04
CA ARG D 156 -11.36 57.10 -14.70
C ARG D 156 -10.73 55.73 -14.77
N TRP D 157 -9.66 55.52 -14.00
CA TRP D 157 -8.95 54.25 -14.02
C TRP D 157 -9.79 53.15 -13.39
N VAL D 158 -10.00 52.07 -14.12
CA VAL D 158 -10.80 50.95 -13.66
C VAL D 158 -9.94 49.87 -13.04
N GLY D 159 -8.96 49.38 -13.77
CA GLY D 159 -8.20 48.26 -13.26
C GLY D 159 -7.07 47.86 -14.17
N TYR D 160 -6.51 46.69 -13.86
CA TYR D 160 -5.31 46.17 -14.48
C TYR D 160 -5.46 44.65 -14.61
N GLY D 161 -4.88 44.08 -15.65
CA GLY D 161 -4.96 42.64 -15.85
C GLY D 161 -3.71 42.09 -16.50
N GLN D 162 -3.46 40.81 -16.25
CA GLN D 162 -2.44 40.00 -16.92
C GLN D 162 -3.08 38.67 -17.28
N ASP D 163 -2.23 37.68 -17.62
CA ASP D 163 -2.64 36.35 -18.10
C ASP D 163 -3.46 36.45 -19.38
N SER D 164 -2.74 36.59 -20.49
CA SER D 164 -3.32 36.86 -21.80
C SER D 164 -4.39 35.87 -22.25
N ARG D 165 -4.40 34.67 -21.71
CA ARG D 165 -5.26 33.64 -22.29
C ARG D 165 -6.51 33.35 -21.47
N LEU D 166 -6.74 34.05 -20.38
CA LEU D 166 -7.96 33.87 -19.62
C LEU D 166 -8.75 35.17 -19.56
N PRO D 167 -10.07 35.12 -19.38
CA PRO D 167 -10.85 36.36 -19.37
C PRO D 167 -10.62 37.21 -18.15
N SER D 168 -10.59 38.53 -18.37
CA SER D 168 -10.49 39.53 -17.33
C SER D 168 -11.78 40.32 -17.27
N GLU D 169 -12.39 40.37 -16.10
CA GLU D 169 -13.67 41.03 -15.93
C GLU D 169 -13.56 42.17 -14.92
N PHE D 170 -14.21 43.28 -15.23
CA PHE D 170 -14.15 44.47 -14.41
C PHE D 170 -15.53 45.05 -14.25
N ASP D 171 -15.88 45.42 -13.03
CA ASP D 171 -17.17 46.05 -12.77
C ASP D 171 -17.13 47.49 -13.24
N LEU D 172 -18.02 47.87 -14.14
CA LEU D 172 -18.06 49.21 -14.69
C LEU D 172 -19.27 50.01 -14.23
N SER D 173 -20.08 49.49 -13.31
CA SER D 173 -21.36 50.11 -13.01
C SER D 173 -21.21 51.42 -12.26
N ALA D 174 -20.08 51.66 -11.60
CA ALA D 174 -19.80 52.96 -11.00
C ALA D 174 -19.06 53.90 -11.94
N PHE D 175 -18.84 53.50 -13.18
CA PHE D 175 -18.07 54.28 -14.13
C PHE D 175 -18.87 54.71 -15.33
N LEU D 176 -19.91 53.98 -15.70
CA LEU D 176 -20.69 54.29 -16.89
C LEU D 176 -21.66 55.41 -16.59
N ARG D 177 -21.94 56.20 -17.62
CA ARG D 177 -22.95 57.23 -17.57
C ARG D 177 -23.98 56.94 -18.66
N ALA D 178 -25.11 57.62 -18.57
CA ALA D 178 -26.15 57.42 -19.57
C ALA D 178 -25.75 58.08 -20.88
N GLY D 179 -26.05 57.41 -21.97
CA GLY D 179 -25.67 57.91 -23.28
C GLY D 179 -24.27 57.45 -23.67
N GLU D 180 -23.40 58.41 -23.96
CA GLU D 180 -22.13 58.12 -24.63
C GLU D 180 -21.02 57.90 -23.62
N ASN D 181 -20.27 56.81 -23.82
CA ASN D 181 -19.22 56.36 -22.92
C ASN D 181 -17.97 56.11 -23.74
N ARG D 182 -16.80 56.35 -23.14
CA ARG D 182 -15.54 56.07 -23.79
C ARG D 182 -14.73 55.13 -22.92
N LEU D 183 -14.05 54.20 -23.56
CA LEU D 183 -13.40 53.07 -22.92
C LEU D 183 -11.99 52.99 -23.45
N ALA D 184 -10.99 53.33 -22.64
CA ALA D 184 -9.61 53.40 -23.10
C ALA D 184 -8.82 52.24 -22.52
N VAL D 185 -8.21 51.44 -23.39
CA VAL D 185 -7.45 50.26 -22.98
C VAL D 185 -6.03 50.43 -23.46
N MET D 186 -5.08 50.36 -22.54
CA MET D 186 -3.67 50.52 -22.88
C MET D 186 -2.99 49.17 -22.76
N VAL D 187 -2.69 48.53 -23.88
CA VAL D 187 -2.18 47.17 -23.90
C VAL D 187 -0.67 47.21 -24.06
N LEU D 188 0.04 46.48 -23.21
CA LEU D 188 1.48 46.39 -23.27
C LEU D 188 1.92 45.08 -23.89
N ARG D 189 3.02 45.12 -24.63
CA ARG D 189 3.48 43.90 -25.26
C ARG D 189 4.20 43.00 -24.26
N TRP D 190 5.04 43.55 -23.40
CA TRP D 190 5.80 42.75 -22.46
C TRP D 190 5.39 43.09 -21.05
N SER D 191 5.35 42.07 -20.20
CA SER D 191 5.08 42.27 -18.79
C SER D 191 5.83 41.19 -18.02
N ASP D 192 5.72 41.24 -16.69
CA ASP D 192 6.21 40.15 -15.86
C ASP D 192 5.55 38.83 -16.21
N GLY D 193 4.30 38.87 -16.67
CA GLY D 193 3.62 37.67 -17.13
C GLY D 193 4.20 37.06 -18.38
N SER D 194 4.98 37.83 -19.15
CA SER D 194 5.64 37.28 -20.33
C SER D 194 6.72 36.28 -19.99
N TYR D 195 7.25 36.30 -18.78
CA TYR D 195 8.19 35.27 -18.37
C TYR D 195 7.52 33.93 -18.16
N LEU D 196 6.21 33.91 -17.95
CA LEU D 196 5.46 32.68 -17.81
C LEU D 196 4.78 32.26 -19.11
N GLU D 197 5.07 32.94 -20.21
CA GLU D 197 4.36 32.73 -21.48
C GLU D 197 5.35 32.52 -22.60
N ASP D 198 6.29 31.60 -22.40
CA ASP D 198 7.36 31.34 -23.35
C ASP D 198 7.03 30.14 -24.24
N GLN D 199 5.78 30.02 -24.66
CA GLN D 199 5.39 28.97 -25.58
C GLN D 199 6.03 29.14 -26.94
N ASP D 200 6.24 28.02 -27.62
CA ASP D 200 6.83 27.98 -28.95
C ASP D 200 5.78 28.41 -29.96
N MET D 201 5.66 29.71 -30.18
CA MET D 201 4.69 30.25 -31.11
C MET D 201 5.11 31.66 -31.48
N TRP D 202 4.34 32.26 -32.39
CA TRP D 202 4.55 33.66 -32.74
C TRP D 202 4.18 34.55 -31.55
N ARG D 203 5.04 35.49 -31.23
CA ARG D 203 4.73 36.37 -30.14
C ARG D 203 4.06 37.58 -30.74
N MET D 204 2.77 37.67 -30.50
CA MET D 204 1.92 38.76 -30.93
C MET D 204 1.31 39.41 -29.71
N SER D 205 0.48 40.41 -29.94
CA SER D 205 -0.06 41.20 -28.84
C SER D 205 -1.28 41.96 -29.31
N GLY D 206 -2.10 42.35 -28.37
CA GLY D 206 -3.30 43.11 -28.65
C GLY D 206 -4.49 42.51 -27.97
N ILE D 207 -5.66 43.03 -28.31
CA ILE D 207 -6.92 42.50 -27.81
C ILE D 207 -7.35 41.45 -28.83
N PHE D 208 -6.98 40.20 -28.57
CA PHE D 208 -7.08 39.17 -29.58
C PHE D 208 -8.26 38.24 -29.39
N ARG D 209 -9.04 38.43 -28.34
CA ARG D 209 -10.30 37.71 -28.18
C ARG D 209 -11.42 38.72 -27.94
N ASP D 210 -12.62 38.21 -27.75
CA ASP D 210 -13.82 39.03 -27.75
C ASP D 210 -13.90 39.94 -26.54
N VAL D 211 -14.57 41.08 -26.72
CA VAL D 211 -14.85 42.02 -25.65
C VAL D 211 -16.37 42.14 -25.56
N SER D 212 -16.91 42.04 -24.35
CA SER D 212 -18.34 42.10 -24.20
C SER D 212 -18.72 42.78 -22.90
N LEU D 213 -19.98 43.23 -22.84
CA LEU D 213 -20.58 43.77 -21.64
C LEU D 213 -21.65 42.82 -21.15
N LEU D 214 -21.72 42.63 -19.83
CA LEU D 214 -22.70 41.74 -19.23
C LEU D 214 -23.46 42.48 -18.15
N HIS D 215 -24.76 42.44 -18.24
CA HIS D 215 -25.55 43.05 -17.23
C HIS D 215 -26.17 41.97 -16.39
N LYS D 216 -25.93 41.99 -15.14
CA LYS D 216 -26.39 41.07 -14.13
C LYS D 216 -27.29 41.81 -13.14
N PRO D 217 -28.26 41.14 -12.53
CA PRO D 217 -29.03 41.78 -11.46
C PRO D 217 -28.20 41.92 -10.18
N THR D 218 -28.77 42.61 -9.21
CA THR D 218 -28.05 42.87 -7.96
C THR D 218 -27.86 41.58 -7.16
N THR D 219 -28.93 40.83 -6.94
CA THR D 219 -28.79 39.47 -6.46
C THR D 219 -28.66 38.54 -7.66
N GLN D 220 -27.60 37.75 -7.67
CA GLN D 220 -27.20 37.12 -8.92
C GLN D 220 -26.56 35.78 -8.63
N ILE D 221 -26.50 34.94 -9.65
CA ILE D 221 -25.73 33.71 -9.57
C ILE D 221 -24.28 34.06 -9.83
N SER D 222 -23.42 33.80 -8.85
CA SER D 222 -22.02 34.17 -8.99
C SER D 222 -21.13 33.03 -9.47
N ASP D 223 -21.57 31.79 -9.29
CA ASP D 223 -20.79 30.61 -9.64
C ASP D 223 -21.72 29.42 -9.59
N PHE D 224 -21.48 28.44 -10.44
CA PHE D 224 -22.17 27.17 -10.31
C PHE D 224 -21.28 26.04 -10.82
N HIS D 225 -21.32 24.92 -10.11
CA HIS D 225 -20.53 23.74 -10.41
C HIS D 225 -21.49 22.59 -10.67
N VAL D 226 -21.17 21.77 -11.65
CA VAL D 226 -21.89 20.51 -11.84
C VAL D 226 -20.93 19.36 -11.68
N ALA D 227 -21.39 18.29 -11.05
CA ALA D 227 -20.58 17.10 -10.87
C ALA D 227 -21.51 15.91 -11.00
N THR D 228 -21.04 14.88 -11.68
CA THR D 228 -21.82 13.68 -11.91
C THR D 228 -21.17 12.51 -11.19
N ARG D 229 -21.97 11.73 -10.49
CA ARG D 229 -21.52 10.60 -9.70
C ARG D 229 -22.34 9.39 -10.10
N PHE D 230 -21.69 8.23 -10.20
CA PHE D 230 -22.32 7.07 -10.82
C PHE D 230 -22.30 5.89 -9.87
N ASN D 231 -23.09 4.87 -10.20
CA ASN D 231 -22.97 3.58 -9.55
C ASN D 231 -21.96 2.72 -10.34
N ASP D 232 -21.93 1.41 -10.08
CA ASP D 232 -20.87 0.59 -10.64
C ASP D 232 -21.05 0.32 -12.13
N ASP D 233 -22.29 0.24 -12.60
CA ASP D 233 -22.55 -0.08 -14.00
C ASP D 233 -23.10 1.09 -14.80
N PHE D 234 -23.05 2.29 -14.24
CA PHE D 234 -23.42 3.55 -14.90
C PHE D 234 -24.88 3.58 -15.31
N SER D 235 -25.73 2.92 -14.52
CA SER D 235 -27.16 2.91 -14.78
C SER D 235 -27.91 3.93 -13.94
N ARG D 236 -27.27 4.49 -12.92
CA ARG D 236 -27.89 5.50 -12.08
C ARG D 236 -26.85 6.58 -11.83
N ALA D 237 -27.20 7.82 -12.13
CA ALA D 237 -26.31 8.94 -11.92
C ALA D 237 -26.94 9.96 -11.00
N VAL D 238 -26.10 10.64 -10.25
CA VAL D 238 -26.52 11.76 -9.41
C VAL D 238 -25.81 13.00 -9.92
N LEU D 239 -26.59 13.95 -10.44
CA LEU D 239 -26.03 15.23 -10.83
C LEU D 239 -26.04 16.13 -9.60
N GLU D 240 -24.87 16.43 -9.10
CA GLU D 240 -24.73 17.29 -7.93
C GLU D 240 -24.39 18.69 -8.40
N ALA D 241 -25.33 19.61 -8.24
CA ALA D 241 -25.15 20.98 -8.68
C ALA D 241 -24.97 21.89 -7.48
N GLU D 242 -23.90 22.65 -7.48
CA GLU D 242 -23.53 23.56 -6.39
C GLU D 242 -23.62 24.97 -6.92
N VAL D 243 -24.58 25.75 -6.46
CA VAL D 243 -24.83 27.09 -6.95
C VAL D 243 -24.47 28.09 -5.87
N GLN D 244 -23.73 29.13 -6.24
CA GLN D 244 -23.35 30.19 -5.33
C GLN D 244 -24.01 31.49 -5.77
N MET D 245 -24.48 32.27 -4.82
CA MET D 245 -25.03 33.59 -5.13
C MET D 245 -24.16 34.66 -4.50
N CYS D 246 -24.28 35.87 -5.02
CA CYS D 246 -23.82 37.05 -4.31
C CYS D 246 -24.89 38.11 -4.40
N GLY D 247 -24.80 39.08 -3.52
CA GLY D 247 -25.89 39.99 -3.27
C GLY D 247 -26.48 39.73 -1.89
N GLU D 248 -27.57 40.40 -1.61
CA GLU D 248 -28.15 40.33 -0.28
C GLU D 248 -29.08 39.13 -0.18
N LEU D 249 -28.86 38.32 0.86
CA LEU D 249 -29.63 37.11 1.07
C LEU D 249 -31.05 37.43 1.53
N ARG D 250 -32.00 36.72 0.95
CA ARG D 250 -33.39 36.80 1.36
C ARG D 250 -33.92 35.39 1.55
N ASP D 251 -34.88 35.24 2.45
CA ASP D 251 -35.40 33.91 2.72
C ASP D 251 -36.38 33.44 1.65
N TYR D 252 -36.86 34.33 0.79
CA TYR D 252 -37.71 33.89 -0.31
C TYR D 252 -36.93 33.49 -1.55
N LEU D 253 -35.61 33.60 -1.54
CA LEU D 253 -34.82 33.22 -2.71
C LEU D 253 -34.77 31.70 -2.84
N ARG D 254 -34.98 31.22 -4.06
CA ARG D 254 -34.91 29.80 -4.36
C ARG D 254 -33.98 29.60 -5.55
N VAL D 255 -33.48 28.37 -5.67
CA VAL D 255 -32.71 27.95 -6.82
C VAL D 255 -33.33 26.69 -7.36
N THR D 256 -33.70 26.71 -8.64
CA THR D 256 -34.16 25.52 -9.34
C THR D 256 -33.11 25.11 -10.35
N VAL D 257 -32.68 23.86 -10.30
CA VAL D 257 -31.83 23.26 -11.31
C VAL D 257 -32.66 22.24 -12.05
N SER D 258 -32.81 22.43 -13.35
CA SER D 258 -33.56 21.54 -14.20
C SER D 258 -32.63 20.94 -15.24
N LEU D 259 -32.85 19.67 -15.57
CA LEU D 259 -32.01 18.95 -16.51
C LEU D 259 -32.86 18.49 -17.67
N TRP D 260 -32.40 18.76 -18.89
CA TRP D 260 -33.20 18.58 -20.10
C TRP D 260 -32.44 17.73 -21.10
N GLN D 261 -33.10 16.71 -21.63
CA GLN D 261 -32.59 15.95 -22.77
C GLN D 261 -33.36 16.43 -24.00
N GLY D 262 -32.80 17.43 -24.67
CA GLY D 262 -33.51 18.04 -25.78
C GLY D 262 -34.71 18.82 -25.32
N GLU D 263 -35.90 18.32 -25.59
CA GLU D 263 -37.12 19.02 -25.22
C GLU D 263 -37.78 18.47 -23.97
N THR D 264 -37.48 17.23 -23.60
CA THR D 264 -38.07 16.64 -22.40
C THR D 264 -37.20 16.91 -21.18
N GLN D 265 -37.86 17.07 -20.05
CA GLN D 265 -37.19 17.38 -18.79
C GLN D 265 -36.94 16.09 -18.04
N VAL D 266 -35.68 15.83 -17.72
CA VAL D 266 -35.27 14.57 -17.13
C VAL D 266 -35.32 14.63 -15.61
N ALA D 267 -34.78 15.69 -15.02
CA ALA D 267 -34.75 15.82 -13.58
C ALA D 267 -34.92 17.29 -13.22
N SER D 268 -35.28 17.51 -11.96
CA SER D 268 -35.50 18.86 -11.47
C SER D 268 -35.36 18.83 -9.96
N GLY D 269 -34.90 19.94 -9.41
CA GLY D 269 -34.82 20.09 -7.98
C GLY D 269 -34.91 21.55 -7.65
N THR D 270 -35.36 21.84 -6.43
CA THR D 270 -35.43 23.20 -5.96
C THR D 270 -35.05 23.23 -4.48
N ALA D 271 -34.50 24.36 -4.04
CA ALA D 271 -34.00 24.47 -2.68
C ALA D 271 -33.88 25.93 -2.31
N PRO D 272 -34.07 26.27 -1.04
CA PRO D 272 -33.66 27.58 -0.56
C PRO D 272 -32.18 27.58 -0.25
N PHE D 273 -31.62 28.77 -0.05
CA PHE D 273 -30.20 28.86 0.24
C PHE D 273 -29.88 28.40 1.65
N GLY D 274 -28.62 28.05 1.84
CA GLY D 274 -28.16 27.47 3.07
C GLY D 274 -27.60 26.09 2.82
N GLY D 275 -26.29 25.95 2.88
CA GLY D 275 -25.65 24.68 2.69
C GLY D 275 -25.62 23.87 3.96
N GLU D 276 -24.99 22.71 3.87
CA GLU D 276 -24.84 21.87 5.05
C GLU D 276 -23.75 22.43 5.96
N ILE D 277 -23.79 21.99 7.22
CA ILE D 277 -22.75 22.34 8.17
C ILE D 277 -21.45 21.69 7.73
N ILE D 278 -20.39 22.49 7.59
CA ILE D 278 -19.11 21.95 7.18
C ILE D 278 -18.04 22.07 8.25
N ASP D 279 -18.18 22.98 9.22
CA ASP D 279 -17.22 23.11 10.31
C ASP D 279 -17.92 23.72 11.50
N GLU D 280 -17.13 24.18 12.47
CA GLU D 280 -17.65 24.65 13.75
C GLU D 280 -18.46 25.94 13.62
N ARG D 281 -18.21 26.74 12.60
CA ARG D 281 -18.88 28.02 12.43
C ARG D 281 -20.15 27.93 11.60
N GLY D 282 -20.48 26.76 11.07
CA GLY D 282 -21.71 26.58 10.32
C GLY D 282 -21.44 26.22 8.88
N GLY D 283 -22.35 26.63 8.01
CA GLY D 283 -22.20 26.35 6.59
C GLY D 283 -22.27 27.61 5.76
N TYR D 284 -22.30 27.45 4.44
CA TYR D 284 -22.45 28.58 3.55
C TYR D 284 -23.91 28.97 3.45
N ALA D 285 -24.23 30.17 3.92
CA ALA D 285 -25.59 30.66 3.81
C ALA D 285 -25.94 31.07 2.40
N ASP D 286 -24.94 31.36 1.57
CA ASP D 286 -25.14 31.82 0.21
C ASP D 286 -24.87 30.75 -0.83
N ARG D 287 -24.97 29.48 -0.47
CA ARG D 287 -24.76 28.39 -1.41
C ARG D 287 -25.86 27.35 -1.25
N VAL D 288 -26.14 26.65 -2.34
CA VAL D 288 -27.02 25.48 -2.33
C VAL D 288 -26.29 24.33 -2.98
N THR D 289 -26.69 23.13 -2.61
CA THR D 289 -26.29 21.92 -3.32
C THR D 289 -27.57 21.18 -3.68
N LEU D 290 -27.76 20.94 -4.97
CA LEU D 290 -28.92 20.21 -5.45
C LEU D 290 -28.43 18.90 -6.04
N ARG D 291 -29.09 17.81 -5.67
CA ARG D 291 -28.74 16.48 -6.15
C ARG D 291 -29.91 15.95 -6.96
N LEU D 292 -29.68 15.75 -8.24
CA LEU D 292 -30.71 15.27 -9.15
C LEU D 292 -30.40 13.83 -9.52
N ASN D 293 -31.37 12.96 -9.36
CA ASN D 293 -31.20 11.56 -9.72
C ASN D 293 -31.59 11.37 -11.17
N VAL D 294 -30.69 10.76 -11.95
CA VAL D 294 -30.93 10.47 -13.35
C VAL D 294 -30.84 8.97 -13.52
N GLU D 295 -31.92 8.37 -14.01
CA GLU D 295 -31.97 6.94 -14.24
C GLU D 295 -31.60 6.65 -15.68
N ASN D 296 -30.65 5.72 -15.85
CA ASN D 296 -30.05 5.33 -17.12
C ASN D 296 -29.62 6.53 -17.95
N PRO D 297 -28.62 7.30 -17.52
CA PRO D 297 -28.24 8.48 -18.28
C PRO D 297 -27.52 8.08 -19.55
N LYS D 298 -27.69 8.91 -20.56
CA LYS D 298 -26.94 8.73 -21.80
C LYS D 298 -25.55 9.29 -21.57
N LEU D 299 -24.54 8.43 -21.63
CA LEU D 299 -23.20 8.82 -21.23
C LEU D 299 -22.50 9.58 -22.34
N TRP D 300 -21.67 10.54 -21.95
CA TRP D 300 -20.90 11.32 -22.89
C TRP D 300 -19.60 10.59 -23.20
N SER D 301 -19.25 10.56 -24.47
CA SER D 301 -17.91 10.14 -24.88
C SER D 301 -17.59 10.84 -26.18
N ALA D 302 -16.35 10.69 -26.64
CA ALA D 302 -16.01 11.25 -27.95
C ALA D 302 -16.64 10.46 -29.07
N GLU D 303 -16.96 9.19 -28.83
CA GLU D 303 -17.66 8.39 -29.81
C GLU D 303 -19.12 8.82 -29.92
N ILE D 304 -19.80 8.95 -28.80
CA ILE D 304 -21.20 9.36 -28.77
C ILE D 304 -21.32 10.57 -27.84
N PRO D 305 -21.30 11.77 -28.34
CA PRO D 305 -21.33 12.94 -27.44
C PRO D 305 -22.73 13.31 -26.96
N ASN D 306 -23.28 12.46 -26.09
CA ASN D 306 -24.59 12.70 -25.51
C ASN D 306 -24.52 13.85 -24.53
N LEU D 307 -25.32 14.88 -24.76
CA LEU D 307 -25.34 16.04 -23.89
C LEU D 307 -26.73 16.28 -23.31
N TYR D 308 -26.75 16.75 -22.09
CA TYR D 308 -27.93 17.26 -21.42
C TYR D 308 -27.78 18.76 -21.28
N ARG D 309 -28.87 19.42 -20.94
CA ARG D 309 -28.88 20.86 -20.78
C ARG D 309 -29.35 21.15 -19.37
N ALA D 310 -28.45 21.65 -18.52
CA ALA D 310 -28.82 22.02 -17.17
C ALA D 310 -29.14 23.49 -17.14
N VAL D 311 -30.27 23.85 -16.56
CA VAL D 311 -30.70 25.23 -16.45
C VAL D 311 -30.81 25.56 -14.98
N VAL D 312 -30.10 26.59 -14.55
CA VAL D 312 -30.07 27.00 -13.16
C VAL D 312 -30.86 28.29 -13.04
N GLU D 313 -32.00 28.26 -12.37
CA GLU D 313 -32.86 29.41 -12.21
C GLU D 313 -32.72 29.96 -10.81
N LEU D 314 -32.39 31.24 -10.69
CA LEU D 314 -32.51 31.97 -9.45
C LEU D 314 -33.85 32.67 -9.45
N HIS D 315 -34.72 32.33 -8.50
CA HIS D 315 -36.06 32.87 -8.52
C HIS D 315 -36.57 33.00 -7.09
N THR D 316 -37.67 33.72 -6.94
CA THR D 316 -38.26 33.90 -5.63
C THR D 316 -39.21 32.75 -5.33
N ALA D 317 -39.73 32.75 -4.09
CA ALA D 317 -40.57 31.66 -3.64
C ALA D 317 -41.93 31.65 -4.31
N ASP D 318 -42.46 32.82 -4.67
CA ASP D 318 -43.71 32.84 -5.42
C ASP D 318 -43.49 32.44 -6.87
N GLY D 319 -42.35 32.81 -7.43
CA GLY D 319 -41.96 32.23 -8.71
C GLY D 319 -41.45 33.17 -9.78
N THR D 320 -41.24 34.44 -9.48
CA THR D 320 -40.70 35.33 -10.51
C THR D 320 -39.21 35.07 -10.66
N LEU D 321 -38.75 35.01 -11.91
CA LEU D 321 -37.39 34.67 -12.21
C LEU D 321 -36.50 35.89 -12.07
N ILE D 322 -35.39 35.73 -11.36
CA ILE D 322 -34.39 36.79 -11.28
C ILE D 322 -33.34 36.64 -12.36
N GLU D 323 -32.84 35.43 -12.53
CA GLU D 323 -31.75 35.17 -13.46
C GLU D 323 -31.71 33.69 -13.76
N ALA D 324 -31.43 33.34 -15.01
CA ALA D 324 -31.18 31.96 -15.39
C ALA D 324 -29.79 31.82 -15.97
N GLU D 325 -29.12 30.73 -15.64
CA GLU D 325 -27.89 30.34 -16.29
C GLU D 325 -28.03 28.92 -16.81
N ALA D 326 -27.14 28.54 -17.70
CA ALA D 326 -27.25 27.24 -18.33
C ALA D 326 -25.89 26.73 -18.73
N CYS D 327 -25.75 25.40 -18.76
CA CYS D 327 -24.56 24.78 -19.29
C CYS D 327 -24.92 23.43 -19.85
N ASP D 328 -24.15 22.99 -20.84
CA ASP D 328 -24.27 21.63 -21.33
C ASP D 328 -23.61 20.66 -20.36
N VAL D 329 -24.27 19.55 -20.12
CA VAL D 329 -23.81 18.55 -19.16
C VAL D 329 -23.62 17.25 -19.89
N GLY D 330 -22.44 16.66 -19.74
CA GLY D 330 -22.17 15.32 -20.20
C GLY D 330 -21.91 14.42 -19.00
N PHE D 331 -22.60 13.30 -18.96
CA PHE D 331 -22.40 12.32 -17.91
C PHE D 331 -21.16 11.53 -18.30
N ARG D 332 -20.08 11.74 -17.59
CA ARG D 332 -18.90 10.94 -17.80
C ARG D 332 -18.06 10.96 -16.54
N VAL D 333 -17.32 9.89 -16.35
CA VAL D 333 -16.40 9.75 -15.23
C VAL D 333 -15.04 9.43 -15.84
N VAL D 334 -14.03 10.17 -15.40
CA VAL D 334 -12.65 9.95 -15.80
C VAL D 334 -11.90 9.62 -14.53
N ARG D 335 -11.28 8.45 -14.51
CA ARG D 335 -10.50 8.10 -13.33
C ARG D 335 -9.37 7.16 -13.74
N ILE D 336 -8.37 7.12 -12.89
CA ILE D 336 -7.24 6.21 -13.06
C ILE D 336 -7.37 5.15 -11.99
N GLU D 337 -7.69 3.93 -12.39
CA GLU D 337 -7.59 2.81 -11.47
C GLU D 337 -6.65 1.78 -12.06
N ASN D 338 -5.84 1.20 -11.17
CA ASN D 338 -4.92 0.10 -11.46
C ASN D 338 -3.93 0.49 -12.57
N GLY D 339 -3.57 1.76 -12.65
CA GLY D 339 -2.64 2.21 -13.66
C GLY D 339 -3.21 2.46 -15.02
N LEU D 340 -4.53 2.54 -15.17
CA LEU D 340 -5.14 2.78 -16.47
C LEU D 340 -6.09 3.97 -16.38
N LEU D 341 -5.99 4.88 -17.32
CA LEU D 341 -6.95 5.95 -17.45
C LEU D 341 -8.25 5.40 -18.04
N LEU D 342 -9.33 5.49 -17.27
CA LEU D 342 -10.61 4.95 -17.69
C LEU D 342 -11.60 6.07 -17.96
N LEU D 343 -12.35 5.92 -19.04
CA LEU D 343 -13.53 6.75 -19.29
C LEU D 343 -14.73 5.84 -19.26
N ASN D 344 -15.64 6.09 -18.32
CA ASN D 344 -16.87 5.32 -18.12
C ASN D 344 -16.59 3.84 -17.93
N GLY D 345 -15.52 3.53 -17.21
CA GLY D 345 -15.13 2.17 -16.96
C GLY D 345 -14.32 1.50 -18.04
N LYS D 346 -14.05 2.18 -19.15
CA LYS D 346 -13.32 1.58 -20.25
C LYS D 346 -11.99 2.29 -20.44
N PRO D 347 -10.91 1.55 -20.72
CA PRO D 347 -9.60 2.18 -20.90
C PRO D 347 -9.51 2.94 -22.21
N LEU D 348 -9.15 4.21 -22.13
CA LEU D 348 -9.03 5.04 -23.31
C LEU D 348 -7.79 4.70 -24.11
N LEU D 349 -7.88 4.92 -25.41
CA LEU D 349 -6.72 4.99 -26.28
C LEU D 349 -6.76 6.37 -26.93
N ILE D 350 -5.87 7.25 -26.50
CA ILE D 350 -5.89 8.65 -26.90
C ILE D 350 -5.32 8.76 -28.31
N ARG D 351 -6.17 9.14 -29.25
CA ARG D 351 -5.76 9.46 -30.61
C ARG D 351 -5.72 10.98 -30.70
N GLY D 352 -4.65 11.56 -30.14
CA GLY D 352 -4.64 12.97 -29.87
C GLY D 352 -3.74 13.78 -30.80
N VAL D 353 -3.97 15.08 -30.77
CA VAL D 353 -3.14 16.02 -31.49
C VAL D 353 -3.05 17.30 -30.68
N ASN D 354 -1.87 17.90 -30.67
CA ASN D 354 -1.68 19.24 -30.13
C ASN D 354 -2.18 20.27 -31.12
N ARG D 355 -2.81 21.31 -30.62
CA ARG D 355 -3.36 22.34 -31.49
C ARG D 355 -3.10 23.71 -30.90
N HIS D 356 -2.35 24.53 -31.60
CA HIS D 356 -2.29 25.95 -31.32
C HIS D 356 -3.46 26.68 -31.97
N GLU D 357 -3.86 27.78 -31.35
CA GLU D 357 -4.79 28.71 -31.96
C GLU D 357 -4.01 29.57 -32.95
N HIS D 358 -4.16 29.28 -34.24
CA HIS D 358 -3.40 29.99 -35.25
C HIS D 358 -4.25 30.16 -36.50
N HIS D 359 -4.23 31.35 -37.06
CA HIS D 359 -4.80 31.63 -38.35
C HIS D 359 -3.74 32.37 -39.14
N PRO D 360 -3.50 32.02 -40.40
CA PRO D 360 -2.38 32.62 -41.14
C PRO D 360 -2.59 34.09 -41.49
N LEU D 361 -3.83 34.55 -41.56
CA LEU D 361 -4.13 35.94 -41.85
C LEU D 361 -4.35 36.77 -40.60
N HIS D 362 -5.00 36.20 -39.59
CA HIS D 362 -5.40 36.95 -38.41
C HIS D 362 -4.56 36.64 -37.19
N GLY D 363 -3.51 35.86 -37.35
CA GLY D 363 -2.64 35.54 -36.23
C GLY D 363 -3.30 34.60 -35.25
N GLN D 364 -3.47 35.07 -34.01
CA GLN D 364 -3.98 34.25 -32.93
C GLN D 364 -5.43 34.55 -32.62
N VAL D 365 -6.17 35.09 -33.57
CA VAL D 365 -7.58 35.39 -33.42
C VAL D 365 -8.36 34.26 -34.07
N MET D 366 -9.20 33.59 -33.28
CA MET D 366 -9.94 32.44 -33.75
C MET D 366 -11.42 32.76 -33.84
N ASP D 367 -12.04 32.39 -34.94
CA ASP D 367 -13.47 32.45 -35.12
C ASP D 367 -14.05 31.05 -35.14
N GLU D 368 -15.38 30.99 -35.17
CA GLU D 368 -16.07 29.70 -35.07
C GLU D 368 -15.86 28.84 -36.31
N GLN D 369 -15.79 29.46 -37.49
CA GLN D 369 -15.71 28.70 -38.72
C GLN D 369 -14.38 27.96 -38.86
N THR D 370 -13.30 28.54 -38.37
CA THR D 370 -12.03 27.85 -38.38
C THR D 370 -11.99 26.75 -37.32
N MET D 371 -12.66 26.96 -36.19
CA MET D 371 -12.73 25.92 -35.17
C MET D 371 -13.52 24.72 -35.64
N VAL D 372 -14.66 24.97 -36.30
CA VAL D 372 -15.46 23.87 -36.82
C VAL D 372 -14.71 23.14 -37.92
N GLN D 373 -13.97 23.89 -38.75
CA GLN D 373 -13.15 23.28 -39.79
C GLN D 373 -12.06 22.39 -39.22
N ASP D 374 -11.47 22.79 -38.09
CA ASP D 374 -10.46 21.96 -37.46
C ASP D 374 -11.05 20.69 -36.88
N ILE D 375 -12.20 20.80 -36.21
CA ILE D 375 -12.79 19.65 -35.53
C ILE D 375 -13.28 18.61 -36.53
N LEU D 376 -13.83 19.06 -37.65
CA LEU D 376 -14.26 18.10 -38.67
C LEU D 376 -13.07 17.37 -39.27
N LEU D 377 -11.99 18.09 -39.59
CA LEU D 377 -10.80 17.46 -40.12
C LEU D 377 -10.14 16.52 -39.14
N MET D 378 -10.21 16.82 -37.85
CA MET D 378 -9.66 15.94 -36.83
C MET D 378 -10.45 14.64 -36.74
N LYS D 379 -11.77 14.72 -36.70
CA LYS D 379 -12.56 13.52 -36.55
C LYS D 379 -12.60 12.71 -37.83
N GLN D 380 -12.50 13.35 -38.98
CA GLN D 380 -12.41 12.61 -40.24
C GLN D 380 -11.08 11.92 -40.42
N ASN D 381 -10.09 12.24 -39.61
CA ASN D 381 -8.79 11.61 -39.65
C ASN D 381 -8.51 10.80 -38.38
N ASN D 382 -9.58 10.38 -37.73
CA ASN D 382 -9.58 9.43 -36.61
C ASN D 382 -8.85 9.96 -35.38
N PHE D 383 -8.88 11.26 -35.17
CA PHE D 383 -8.45 11.83 -33.90
C PHE D 383 -9.64 11.91 -32.95
N ASN D 384 -9.41 11.61 -31.69
CA ASN D 384 -10.46 11.78 -30.70
C ASN D 384 -10.09 12.70 -29.55
N ALA D 385 -8.91 13.31 -29.58
CA ALA D 385 -8.47 14.11 -28.46
C ALA D 385 -7.63 15.28 -28.93
N VAL D 386 -7.71 16.39 -28.21
CA VAL D 386 -6.97 17.60 -28.53
C VAL D 386 -6.33 18.09 -27.24
N ARG D 387 -5.05 18.45 -27.32
CA ARG D 387 -4.38 19.10 -26.21
C ARG D 387 -4.26 20.58 -26.53
N CYS D 388 -4.74 21.41 -25.61
CA CYS D 388 -4.75 22.86 -25.76
C CYS D 388 -3.35 23.38 -25.49
N SER D 389 -2.51 23.37 -26.50
CA SER D 389 -1.09 23.66 -26.33
C SER D 389 -0.82 25.14 -26.62
N HIS D 390 -0.26 25.86 -25.63
CA HIS D 390 -0.17 25.44 -24.24
C HIS D 390 -0.75 26.54 -23.38
N TYR D 391 -2.06 26.63 -23.36
CA TYR D 391 -2.82 27.73 -22.79
C TYR D 391 -4.30 27.41 -22.91
N PRO D 392 -5.16 28.00 -22.09
CA PRO D 392 -6.60 27.78 -22.26
C PRO D 392 -7.08 28.39 -23.57
N ASN D 393 -7.95 27.67 -24.26
CA ASN D 393 -8.41 28.19 -25.53
C ASN D 393 -9.55 29.18 -25.36
N HIS D 394 -9.99 29.68 -26.49
CA HIS D 394 -11.22 30.43 -26.63
C HIS D 394 -12.38 29.60 -26.08
N PRO D 395 -13.34 30.22 -25.39
CA PRO D 395 -14.37 29.44 -24.70
C PRO D 395 -15.29 28.66 -25.61
N LEU D 396 -15.44 29.08 -26.86
CA LEU D 396 -16.29 28.35 -27.80
C LEU D 396 -15.68 27.01 -28.20
N TRP D 397 -14.36 26.86 -28.07
CA TRP D 397 -13.69 25.62 -28.43
C TRP D 397 -14.15 24.45 -27.57
N TYR D 398 -14.35 24.69 -26.28
CA TYR D 398 -14.78 23.63 -25.39
C TYR D 398 -16.22 23.24 -25.65
N THR D 399 -17.05 24.20 -26.04
CA THR D 399 -18.44 23.92 -26.39
C THR D 399 -18.51 23.04 -27.63
N LEU D 400 -17.69 23.33 -28.62
CA LEU D 400 -17.70 22.54 -29.84
C LEU D 400 -17.10 21.15 -29.60
N CYS D 401 -16.15 21.02 -28.69
CA CYS D 401 -15.64 19.70 -28.37
C CYS D 401 -16.63 18.89 -27.54
N ASP D 402 -17.48 19.57 -26.75
CA ASP D 402 -18.61 18.90 -26.11
C ASP D 402 -19.56 18.34 -27.16
N ARG D 403 -19.80 19.12 -28.21
CA ARG D 403 -20.87 18.85 -29.15
C ARG D 403 -20.50 17.77 -30.14
N TYR D 404 -19.30 17.87 -30.73
CA TYR D 404 -18.87 16.90 -31.72
C TYR D 404 -18.20 15.69 -31.11
N GLY D 405 -17.57 15.86 -29.97
CA GLY D 405 -16.97 14.76 -29.24
C GLY D 405 -15.48 14.69 -29.48
N LEU D 406 -14.73 15.32 -28.60
CA LEU D 406 -13.29 15.24 -28.56
C LEU D 406 -12.89 15.37 -27.11
N TYR D 407 -11.94 14.57 -26.67
CA TYR D 407 -11.40 14.75 -25.34
C TYR D 407 -10.46 15.92 -25.36
N VAL D 408 -10.48 16.71 -24.29
CA VAL D 408 -9.69 17.93 -24.23
C VAL D 408 -8.78 17.85 -23.03
N VAL D 409 -7.50 18.10 -23.24
CA VAL D 409 -6.57 18.37 -22.16
C VAL D 409 -6.44 19.88 -22.04
N ASP D 410 -6.93 20.44 -20.95
CA ASP D 410 -6.91 21.87 -20.75
C ASP D 410 -5.65 22.23 -19.98
N GLU D 411 -4.90 23.20 -20.49
CA GLU D 411 -3.54 23.43 -20.04
C GLU D 411 -3.37 24.85 -19.56
N ALA D 412 -2.76 25.01 -18.40
CA ALA D 412 -2.54 26.34 -17.84
C ALA D 412 -1.49 27.09 -18.64
N ASN D 413 -1.62 28.42 -18.64
CA ASN D 413 -0.76 29.29 -19.43
C ASN D 413 0.54 29.56 -18.67
N ILE D 414 1.33 28.51 -18.49
CA ILE D 414 2.60 28.59 -17.79
C ILE D 414 3.65 27.88 -18.61
N GLU D 415 4.61 28.63 -19.14
CA GLU D 415 5.78 28.03 -19.75
C GLU D 415 6.98 28.94 -19.56
N THR D 416 8.04 28.40 -18.98
CA THR D 416 9.22 29.19 -18.77
C THR D 416 10.38 28.40 -19.30
N HIS D 417 10.28 28.05 -20.58
CA HIS D 417 11.27 27.25 -21.26
C HIS D 417 12.63 27.91 -21.33
N GLY D 418 12.64 29.22 -21.54
CA GLY D 418 13.86 29.99 -21.67
C GLY D 418 14.70 30.20 -20.44
N MET D 419 14.18 29.91 -19.26
CA MET D 419 14.91 30.17 -18.04
C MET D 419 16.05 29.19 -17.89
N VAL D 420 17.12 29.63 -17.24
CA VAL D 420 18.24 28.74 -16.93
C VAL D 420 18.44 28.71 -15.42
N PRO D 421 18.16 27.60 -14.73
CA PRO D 421 17.56 26.36 -15.22
C PRO D 421 16.08 26.55 -15.45
N MET D 422 15.41 25.54 -16.00
CA MET D 422 14.05 25.74 -16.48
C MET D 422 13.06 25.98 -15.35
N ASN D 423 13.40 25.60 -14.11
CA ASN D 423 12.53 25.83 -12.98
C ASN D 423 12.94 27.02 -12.12
N ARG D 424 13.65 27.99 -12.68
CA ARG D 424 14.12 29.12 -11.88
C ARG D 424 12.95 29.93 -11.31
N LEU D 425 11.91 30.11 -12.09
CA LEU D 425 10.74 30.81 -11.58
C LEU D 425 9.78 29.88 -10.85
N THR D 426 9.64 28.64 -11.30
CA THR D 426 8.65 27.76 -10.72
C THR D 426 9.10 27.08 -9.45
N ASP D 427 10.35 27.27 -9.04
CA ASP D 427 10.78 26.81 -7.73
C ASP D 427 10.95 27.98 -6.77
N ASP D 428 10.54 29.18 -7.20
CA ASP D 428 10.63 30.38 -6.40
C ASP D 428 9.25 30.68 -5.84
N PRO D 429 9.08 30.79 -4.52
CA PRO D 429 7.74 31.09 -3.99
C PRO D 429 7.28 32.51 -4.21
N ARG D 430 8.16 33.41 -4.63
CA ARG D 430 7.74 34.75 -5.02
C ARG D 430 6.93 34.73 -6.31
N TRP D 431 7.04 33.67 -7.10
CA TRP D 431 6.26 33.51 -8.32
C TRP D 431 5.07 32.58 -8.14
N LEU D 432 4.92 32.00 -6.96
CA LEU D 432 3.74 31.19 -6.67
C LEU D 432 2.41 31.94 -6.75
N PRO D 433 2.27 33.21 -6.33
CA PRO D 433 1.00 33.90 -6.62
C PRO D 433 0.70 34.09 -8.10
N ALA D 434 1.72 34.37 -8.91
CA ALA D 434 1.46 34.56 -10.33
C ALA D 434 1.13 33.23 -11.01
N MET D 435 1.79 32.15 -10.60
CA MET D 435 1.49 30.85 -11.17
C MET D 435 0.15 30.32 -10.72
N SER D 436 -0.26 30.64 -9.50
CA SER D 436 -1.51 30.09 -8.99
C SER D 436 -2.71 30.70 -9.69
N GLU D 437 -2.63 31.97 -10.02
CA GLU D 437 -3.71 32.64 -10.71
C GLU D 437 -3.94 32.00 -12.05
N ARG D 438 -2.87 31.63 -12.73
CA ARG D 438 -2.99 31.04 -14.05
C ARG D 438 -3.60 29.64 -14.00
N VAL D 439 -3.45 28.95 -12.89
CA VAL D 439 -4.03 27.63 -12.74
C VAL D 439 -5.45 27.70 -12.19
N THR D 440 -5.65 28.47 -11.11
CA THR D 440 -6.94 28.49 -10.44
C THR D 440 -8.03 29.15 -11.29
N ARG D 441 -7.68 30.13 -12.10
CA ARG D 441 -8.68 30.76 -12.93
C ARG D 441 -9.01 29.95 -14.17
N MET D 442 -8.11 29.07 -14.59
CA MET D 442 -8.44 28.12 -15.65
C MET D 442 -9.46 27.10 -15.16
N VAL D 443 -9.22 26.54 -13.98
CA VAL D 443 -10.11 25.53 -13.43
C VAL D 443 -11.47 26.12 -13.12
N GLN D 444 -11.51 27.34 -12.61
CA GLN D 444 -12.78 27.99 -12.33
C GLN D 444 -13.55 28.34 -13.61
N ARG D 445 -12.87 28.57 -14.71
CA ARG D 445 -13.58 28.86 -15.94
C ARG D 445 -14.13 27.59 -16.59
N ASP D 446 -13.38 26.50 -16.56
CA ASP D 446 -13.60 25.40 -17.48
C ASP D 446 -14.00 24.08 -16.82
N ARG D 447 -14.30 24.07 -15.53
CA ARG D 447 -14.55 22.81 -14.84
C ARG D 447 -15.88 22.17 -15.18
N ASN D 448 -16.80 22.87 -15.83
CA ASN D 448 -18.09 22.27 -16.14
C ASN D 448 -18.13 21.61 -17.51
N HIS D 449 -17.11 21.75 -18.31
CA HIS D 449 -17.14 21.17 -19.65
C HIS D 449 -16.90 19.68 -19.59
N PRO D 450 -17.77 18.85 -20.17
CA PRO D 450 -17.50 17.41 -20.19
C PRO D 450 -16.36 17.01 -21.09
N SER D 451 -15.99 17.80 -22.08
CA SER D 451 -14.89 17.41 -22.97
C SER D 451 -13.54 17.54 -22.29
N VAL D 452 -13.42 18.42 -21.31
CA VAL D 452 -12.17 18.53 -20.55
C VAL D 452 -12.09 17.32 -19.63
N ILE D 453 -11.15 16.43 -19.90
CA ILE D 453 -10.99 15.25 -19.08
C ILE D 453 -9.70 15.26 -18.26
N ILE D 454 -8.71 16.06 -18.63
CA ILE D 454 -7.42 16.10 -17.95
C ILE D 454 -7.01 17.54 -17.79
N TRP D 455 -6.56 17.91 -16.59
CA TRP D 455 -5.93 19.21 -16.40
C TRP D 455 -4.44 19.09 -16.64
N SER D 456 -3.84 20.12 -17.20
CA SER D 456 -2.41 20.18 -17.36
C SER D 456 -1.86 21.41 -16.67
N LEU D 457 -0.76 21.25 -15.96
CA LEU D 457 -0.18 22.35 -15.20
C LEU D 457 0.68 23.29 -16.03
N GLY D 458 0.72 23.11 -17.33
CA GLY D 458 1.56 23.91 -18.19
C GLY D 458 2.54 23.04 -18.93
N ASN D 459 3.52 23.70 -19.52
CA ASN D 459 4.47 23.03 -20.37
C ASN D 459 5.85 23.56 -20.06
N GLU D 460 6.83 22.66 -19.97
CA GLU D 460 8.26 22.98 -20.05
C GLU D 460 8.69 24.05 -19.05
N SER D 461 8.37 23.83 -17.79
CA SER D 461 8.69 24.80 -16.75
C SER D 461 9.56 24.18 -15.66
N GLY D 462 10.26 23.11 -15.99
CA GLY D 462 11.03 22.38 -15.01
C GLY D 462 10.11 21.71 -14.01
N HIS D 463 10.65 21.41 -12.85
CA HIS D 463 9.83 20.91 -11.75
C HIS D 463 10.24 21.64 -10.48
N GLY D 464 9.38 22.54 -10.03
CA GLY D 464 9.58 23.25 -8.79
C GLY D 464 8.48 22.90 -7.80
N ALA D 465 8.62 23.46 -6.61
CA ALA D 465 7.63 23.23 -5.57
C ALA D 465 6.32 23.90 -5.86
N ASN D 466 6.30 24.91 -6.73
CA ASN D 466 5.04 25.53 -7.09
C ASN D 466 4.17 24.60 -7.92
N HIS D 467 4.77 23.69 -8.67
CA HIS D 467 3.98 22.70 -9.41
C HIS D 467 3.32 21.71 -8.47
N ASP D 468 4.03 21.27 -7.44
CA ASP D 468 3.46 20.32 -6.50
C ASP D 468 2.31 20.93 -5.72
N ALA D 469 2.43 22.20 -5.36
CA ALA D 469 1.35 22.89 -4.67
C ALA D 469 0.14 23.06 -5.56
N LEU D 470 0.35 23.41 -6.82
CA LEU D 470 -0.78 23.61 -7.72
C LEU D 470 -1.38 22.31 -8.19
N TYR D 471 -0.58 21.24 -8.26
CA TYR D 471 -1.11 19.90 -8.45
C TYR D 471 -2.11 19.55 -7.37
N ARG D 472 -1.72 19.75 -6.11
CA ARG D 472 -2.56 19.35 -5.00
C ARG D 472 -3.77 20.27 -4.85
N TRP D 473 -3.65 21.52 -5.29
CA TRP D 473 -4.80 22.41 -5.30
C TRP D 473 -5.89 21.90 -6.22
N ILE D 474 -5.51 21.43 -7.41
CA ILE D 474 -6.50 20.97 -8.38
C ILE D 474 -7.17 19.68 -7.91
N LYS D 475 -6.38 18.78 -7.33
CA LYS D 475 -6.91 17.52 -6.81
C LYS D 475 -7.88 17.76 -5.67
N SER D 476 -7.76 18.89 -4.98
CA SER D 476 -8.69 19.23 -3.92
C SER D 476 -9.98 19.81 -4.46
N VAL D 477 -9.90 20.80 -5.36
CA VAL D 477 -11.11 21.44 -5.85
C VAL D 477 -11.84 20.62 -6.92
N ASP D 478 -11.14 19.78 -7.67
CA ASP D 478 -11.74 19.02 -8.75
C ASP D 478 -11.14 17.63 -8.74
N PRO D 479 -11.68 16.72 -7.93
CA PRO D 479 -11.18 15.34 -7.94
C PRO D 479 -11.60 14.56 -9.17
N SER D 480 -12.49 15.08 -10.00
CA SER D 480 -13.05 14.32 -11.10
C SER D 480 -12.15 14.24 -12.32
N ARG D 481 -11.02 14.95 -12.33
CA ARG D 481 -10.15 14.92 -13.50
C ARG D 481 -8.72 14.68 -13.06
N PRO D 482 -7.98 13.84 -13.78
CA PRO D 482 -6.55 13.71 -13.52
C PRO D 482 -5.79 14.97 -13.89
N VAL D 483 -4.62 15.12 -13.28
CA VAL D 483 -3.73 16.23 -13.54
C VAL D 483 -2.45 15.66 -14.12
N GLN D 484 -2.01 16.19 -15.24
CA GLN D 484 -0.73 15.79 -15.80
C GLN D 484 0.19 16.99 -15.88
N TYR D 485 1.48 16.71 -15.87
CA TYR D 485 2.49 17.73 -16.06
C TYR D 485 3.79 17.08 -16.51
N GLU D 486 4.40 17.62 -17.55
CA GLU D 486 5.57 17.02 -18.17
C GLU D 486 6.89 17.42 -17.53
N GLY D 487 7.01 18.65 -17.03
CA GLY D 487 8.33 19.18 -16.72
C GLY D 487 9.00 18.45 -15.58
N GLY D 488 10.33 18.44 -15.61
CA GLY D 488 11.09 17.74 -14.61
C GLY D 488 11.26 16.26 -14.85
N GLY D 489 11.05 15.79 -16.08
CA GLY D 489 11.28 14.41 -16.40
C GLY D 489 10.06 13.54 -16.53
N ALA D 490 8.87 14.12 -16.57
CA ALA D 490 7.59 13.54 -16.95
C ALA D 490 7.03 12.51 -15.98
N ASP D 491 7.71 12.23 -14.88
CA ASP D 491 7.19 11.27 -13.93
C ASP D 491 7.33 11.78 -12.51
N THR D 492 7.23 13.08 -12.31
CA THR D 492 7.38 13.68 -11.00
C THR D 492 6.13 13.42 -10.17
N THR D 493 6.14 13.94 -8.95
CA THR D 493 4.99 13.84 -8.08
C THR D 493 3.87 14.79 -8.45
N ALA D 494 4.08 15.68 -9.42
CA ALA D 494 3.07 16.62 -9.85
C ALA D 494 2.28 16.13 -11.06
N THR D 495 2.29 14.84 -11.34
CA THR D 495 1.54 14.30 -12.46
C THR D 495 0.90 12.98 -12.09
N ASP D 496 -0.32 12.76 -12.55
CA ASP D 496 -1.01 11.49 -12.40
C ASP D 496 -0.67 10.53 -13.51
N ILE D 497 -0.13 11.05 -14.61
CA ILE D 497 0.12 10.32 -15.84
C ILE D 497 1.56 10.59 -16.21
N ILE D 498 2.31 9.54 -16.52
CA ILE D 498 3.62 9.74 -17.11
C ILE D 498 3.40 10.31 -18.50
N CYS D 499 3.89 11.52 -18.74
CA CYS D 499 3.62 12.18 -20.00
C CYS D 499 4.90 12.70 -20.63
N PRO D 500 5.72 11.83 -21.22
CA PRO D 500 6.95 12.30 -21.83
C PRO D 500 6.72 13.02 -23.15
N MET D 501 7.69 13.85 -23.49
CA MET D 501 7.75 14.53 -24.77
C MET D 501 8.77 13.83 -25.65
N TYR D 502 8.30 13.25 -26.75
CA TYR D 502 9.12 12.71 -27.82
C TYR D 502 10.00 11.55 -27.35
N ALA D 503 9.52 10.81 -26.35
CA ALA D 503 10.19 9.59 -25.99
C ALA D 503 9.98 8.56 -27.09
N ARG D 504 11.01 7.78 -27.37
CA ARG D 504 10.94 6.87 -28.49
C ARG D 504 10.35 5.55 -28.04
N VAL D 505 10.05 4.69 -29.01
CA VAL D 505 9.39 3.43 -28.71
C VAL D 505 10.37 2.45 -28.08
N ASP D 506 11.55 2.30 -28.69
CA ASP D 506 12.50 1.30 -28.25
C ASP D 506 13.85 1.86 -27.82
N GLU D 507 14.13 3.12 -28.11
CA GLU D 507 15.46 3.68 -27.88
C GLU D 507 15.45 4.60 -26.66
N ASP D 508 16.37 4.36 -25.73
CA ASP D 508 16.51 5.24 -24.59
C ASP D 508 17.33 6.47 -24.97
N GLN D 509 17.06 7.56 -24.27
CA GLN D 509 17.79 8.81 -24.44
C GLN D 509 18.23 9.26 -23.05
N PRO D 510 19.38 8.80 -22.60
CA PRO D 510 19.78 9.04 -21.19
C PRO D 510 20.37 10.43 -20.98
N PHE D 511 19.53 11.44 -21.01
CA PHE D 511 19.97 12.78 -20.67
C PHE D 511 20.20 12.86 -19.17
N PRO D 512 21.19 13.65 -18.72
CA PRO D 512 21.42 13.78 -17.28
C PRO D 512 20.27 14.51 -16.58
N ALA D 513 19.76 13.86 -15.54
CA ALA D 513 18.74 14.29 -14.57
C ALA D 513 17.33 14.37 -15.12
N VAL D 514 17.17 14.33 -16.43
CA VAL D 514 15.86 14.19 -17.08
C VAL D 514 15.96 13.22 -18.25
N PRO D 515 16.19 11.92 -18.02
CA PRO D 515 16.33 11.01 -19.15
C PRO D 515 14.98 10.73 -19.81
N LYS D 516 14.99 10.60 -21.12
CA LYS D 516 13.83 10.15 -21.86
C LYS D 516 14.04 8.67 -22.12
N TRP D 517 13.44 7.84 -21.29
CA TRP D 517 13.49 6.42 -21.54
C TRP D 517 12.62 6.08 -22.73
N SER D 518 12.81 4.89 -23.27
CA SER D 518 11.82 4.40 -24.22
C SER D 518 10.53 4.13 -23.47
N ILE D 519 9.41 4.29 -24.17
CA ILE D 519 8.12 4.25 -23.49
C ILE D 519 7.79 2.85 -23.00
N LYS D 520 8.35 1.82 -23.63
CA LYS D 520 8.18 0.47 -23.13
C LYS D 520 8.98 0.25 -21.85
N LYS D 521 10.20 0.79 -21.81
CA LYS D 521 11.02 0.69 -20.60
C LYS D 521 10.44 1.51 -19.47
N TRP D 522 9.86 2.68 -19.79
CA TRP D 522 9.45 3.64 -18.78
C TRP D 522 8.35 3.08 -17.89
N LEU D 523 7.46 2.28 -18.47
CA LEU D 523 6.36 1.67 -17.72
C LEU D 523 6.87 0.68 -16.69
N SER D 524 7.98 0.02 -16.97
CA SER D 524 8.45 -1.08 -16.16
C SER D 524 9.53 -0.67 -15.18
N LEU D 525 9.76 0.62 -15.00
CA LEU D 525 10.74 1.06 -14.03
C LEU D 525 10.26 0.72 -12.62
N PRO D 526 11.20 0.44 -11.71
CA PRO D 526 10.83 0.00 -10.36
C PRO D 526 9.98 1.02 -9.61
N GLY D 527 8.84 0.54 -9.11
CA GLY D 527 7.93 1.37 -8.38
C GLY D 527 6.99 2.21 -9.22
N GLU D 528 6.99 2.03 -10.53
CA GLU D 528 6.21 2.88 -11.42
C GLU D 528 4.91 2.18 -11.80
N THR D 529 3.78 2.85 -11.53
CA THR D 529 2.46 2.28 -11.75
C THR D 529 1.54 3.09 -12.64
N ARG D 530 1.87 4.33 -12.96
CA ARG D 530 0.96 5.24 -13.65
C ARG D 530 0.83 4.89 -15.12
N PRO D 531 -0.26 5.29 -15.78
CA PRO D 531 -0.33 5.14 -17.23
C PRO D 531 0.59 6.14 -17.93
N LEU D 532 0.90 5.84 -19.18
CA LEU D 532 1.77 6.68 -19.98
C LEU D 532 1.00 7.17 -21.19
N ILE D 533 0.87 8.48 -21.31
CA ILE D 533 0.27 9.12 -22.47
C ILE D 533 1.24 10.21 -22.90
N LEU D 534 1.81 10.07 -24.08
CA LEU D 534 2.76 11.03 -24.63
C LEU D 534 2.11 12.39 -24.85
N CYS D 535 2.54 13.42 -24.13
CA CYS D 535 1.88 14.69 -24.36
C CYS D 535 2.31 15.32 -25.67
N GLU D 536 3.51 15.01 -26.16
CA GLU D 536 3.93 15.37 -27.51
C GLU D 536 4.74 14.21 -28.07
N TYR D 537 4.42 13.79 -29.28
CA TYR D 537 5.22 12.79 -29.96
C TYR D 537 5.02 12.96 -31.44
N ALA D 538 5.91 12.34 -32.22
CA ALA D 538 5.86 12.29 -33.68
C ALA D 538 5.83 13.70 -34.29
N HIS D 539 6.95 14.39 -34.10
CA HIS D 539 7.10 15.78 -34.50
C HIS D 539 6.96 15.97 -36.01
N ALA D 540 5.89 16.61 -36.43
CA ALA D 540 5.47 16.62 -37.84
C ALA D 540 6.02 17.80 -38.62
N MET D 541 7.34 18.00 -38.56
CA MET D 541 7.95 19.17 -39.16
C MET D 541 8.25 18.88 -40.63
N GLY D 542 7.40 19.36 -41.50
CA GLY D 542 7.63 19.18 -42.92
C GLY D 542 7.32 17.76 -43.35
N ASN D 543 8.28 17.15 -44.01
CA ASN D 543 8.14 15.78 -44.50
C ASN D 543 8.58 14.86 -43.36
N SER D 544 7.63 14.37 -42.59
CA SER D 544 7.93 13.76 -41.30
C SER D 544 6.92 12.65 -41.03
N LEU D 545 6.80 12.24 -39.76
CA LEU D 545 6.05 11.07 -39.29
C LEU D 545 6.57 9.75 -39.85
N GLY D 546 7.86 9.64 -40.08
CA GLY D 546 8.44 8.33 -40.28
C GLY D 546 8.49 7.57 -38.98
N GLY D 547 8.13 6.29 -39.05
CA GLY D 547 8.08 5.50 -37.84
C GLY D 547 6.88 5.76 -36.97
N PHE D 548 5.81 6.31 -37.54
CA PHE D 548 4.60 6.55 -36.77
C PHE D 548 3.88 5.24 -36.47
N ALA D 549 4.06 4.23 -37.32
CA ALA D 549 3.43 2.94 -37.10
C ALA D 549 4.05 2.21 -35.92
N LYS D 550 5.30 2.51 -35.57
CA LYS D 550 5.91 1.88 -34.42
C LYS D 550 5.28 2.33 -33.11
N TYR D 551 4.85 3.59 -33.04
CA TYR D 551 4.11 4.04 -31.87
C TYR D 551 2.78 3.33 -31.75
N TRP D 552 2.04 3.22 -32.85
CA TRP D 552 0.72 2.65 -32.78
C TRP D 552 0.72 1.15 -32.69
N GLN D 553 1.81 0.49 -33.06
CA GLN D 553 1.96 -0.90 -32.70
C GLN D 553 2.15 -1.05 -31.21
N ALA D 554 2.94 -0.16 -30.60
CA ALA D 554 3.17 -0.24 -29.16
C ALA D 554 1.96 0.20 -28.36
N PHE D 555 1.19 1.18 -28.86
CA PHE D 555 0.00 1.63 -28.15
C PHE D 555 -1.03 0.52 -28.07
N ARG D 556 -1.18 -0.25 -29.13
CA ARG D 556 -2.16 -1.33 -29.13
C ARG D 556 -1.66 -2.53 -28.36
N GLN D 557 -0.36 -2.76 -28.31
CA GLN D 557 0.15 -3.91 -27.59
C GLN D 557 0.17 -3.68 -26.08
N TYR D 558 0.51 -2.48 -25.62
CA TYR D 558 0.66 -2.42 -24.17
C TYR D 558 -0.53 -1.71 -23.57
N PRO D 559 -1.13 -2.27 -22.51
CA PRO D 559 -2.32 -1.63 -21.93
C PRO D 559 -2.04 -0.28 -21.28
N ARG D 560 -0.91 -0.12 -20.59
CA ARG D 560 -0.63 1.13 -19.93
C ARG D 560 -0.06 2.20 -20.85
N LEU D 561 0.23 1.88 -22.11
CA LEU D 561 0.50 2.91 -23.11
C LEU D 561 -0.83 3.29 -23.75
N GLN D 562 -1.36 4.44 -23.39
CA GLN D 562 -2.69 4.79 -23.83
C GLN D 562 -2.69 5.89 -24.88
N GLY D 563 -1.66 5.94 -25.70
CA GLY D 563 -1.68 6.83 -26.85
C GLY D 563 -0.93 8.10 -26.61
N GLY D 564 -1.31 9.16 -27.30
CA GLY D 564 -0.55 10.38 -27.20
C GLY D 564 -1.12 11.46 -28.08
N PHE D 565 -0.43 12.58 -28.08
CA PHE D 565 -0.83 13.77 -28.82
C PHE D 565 0.26 14.11 -29.81
N VAL D 566 -0.06 14.05 -31.10
CA VAL D 566 0.89 14.39 -32.15
C VAL D 566 1.20 15.87 -32.10
N TRP D 567 2.47 16.23 -32.24
CA TRP D 567 2.87 17.61 -32.41
C TRP D 567 3.07 17.91 -33.90
N ASP D 568 2.26 18.80 -34.47
CA ASP D 568 1.02 19.33 -33.93
C ASP D 568 0.04 19.44 -35.09
N TRP D 569 -1.05 20.17 -34.91
CA TRP D 569 -2.12 20.13 -35.89
C TRP D 569 -1.83 20.98 -37.12
N VAL D 570 -1.55 22.26 -36.92
CA VAL D 570 -1.51 23.20 -38.03
C VAL D 570 -0.17 23.94 -38.03
N ASP D 571 0.37 24.19 -39.21
CA ASP D 571 1.55 25.04 -39.35
C ASP D 571 1.26 26.44 -38.86
N GLN D 572 2.21 27.01 -38.14
CA GLN D 572 2.13 28.41 -37.73
C GLN D 572 2.82 29.32 -38.72
N SER D 573 2.45 29.23 -39.99
CA SER D 573 3.00 30.14 -40.98
C SER D 573 2.08 31.34 -41.13
N LEU D 574 2.68 32.48 -41.42
CA LEU D 574 1.96 33.72 -41.64
C LEU D 574 2.02 34.08 -43.12
N ILE D 575 1.15 34.98 -43.53
CA ILE D 575 1.04 35.41 -44.92
C ILE D 575 1.74 36.75 -45.08
N LYS D 576 2.66 36.82 -46.03
CA LYS D 576 3.22 38.07 -46.50
C LYS D 576 2.90 38.24 -47.98
N TYR D 577 3.17 39.42 -48.52
CA TYR D 577 2.92 39.74 -49.92
C TYR D 577 4.22 40.25 -50.52
N ASP D 578 4.57 39.77 -51.71
CA ASP D 578 5.94 40.00 -52.16
C ASP D 578 6.14 41.36 -52.84
N GLU D 579 5.64 41.53 -54.06
CA GLU D 579 5.52 42.86 -54.66
C GLU D 579 4.29 43.03 -55.53
N ASN D 580 3.72 41.95 -56.06
CA ASN D 580 2.55 42.00 -56.91
C ASN D 580 1.27 41.77 -56.13
N GLY D 581 1.35 41.74 -54.81
CA GLY D 581 0.22 41.36 -54.00
C GLY D 581 -0.02 39.88 -53.92
N ASN D 582 0.91 39.06 -54.40
CA ASN D 582 0.77 37.62 -54.32
C ASN D 582 1.09 37.16 -52.91
N PRO D 583 0.21 36.45 -52.25
CA PRO D 583 0.50 35.98 -50.89
C PRO D 583 1.48 34.81 -50.90
N TRP D 584 2.31 34.76 -49.86
CA TRP D 584 3.20 33.62 -49.67
C TRP D 584 3.35 33.35 -48.19
N SER D 585 3.65 32.09 -47.86
CA SER D 585 3.71 31.64 -46.49
C SER D 585 5.06 31.97 -45.88
N ALA D 586 5.05 32.69 -44.77
CA ALA D 586 6.26 33.14 -44.11
C ALA D 586 6.47 32.38 -42.81
N TYR D 587 7.72 32.15 -42.47
CA TYR D 587 8.08 31.56 -41.21
C TYR D 587 9.02 32.50 -40.45
N GLY D 588 9.63 31.99 -39.39
CA GLY D 588 10.40 32.84 -38.50
C GLY D 588 11.63 33.41 -39.19
N GLY D 589 11.82 34.71 -39.05
CA GLY D 589 12.85 35.41 -39.77
C GLY D 589 12.35 36.30 -40.87
N ASP D 590 11.15 36.05 -41.37
CA ASP D 590 10.65 36.75 -42.53
C ASP D 590 10.04 38.10 -42.20
N PHE D 591 9.99 38.46 -40.92
CA PHE D 591 9.44 39.74 -40.51
C PHE D 591 10.51 40.65 -39.91
N GLY D 592 11.78 40.31 -40.08
CA GLY D 592 12.86 41.06 -39.46
C GLY D 592 13.13 40.71 -38.02
N ASP D 593 12.39 39.76 -37.48
CA ASP D 593 12.59 39.32 -36.11
C ASP D 593 13.90 38.59 -35.98
N THR D 594 14.59 38.83 -34.89
CA THR D 594 15.96 38.38 -34.73
C THR D 594 16.24 38.46 -33.25
N PRO D 595 16.79 37.39 -32.67
CA PRO D 595 16.94 36.07 -33.27
C PRO D 595 15.62 35.34 -33.30
N ASN D 596 15.54 34.34 -34.15
CA ASN D 596 14.31 33.65 -34.40
C ASN D 596 14.62 32.20 -34.64
N ASP D 597 13.61 31.37 -34.72
CA ASP D 597 13.88 29.97 -34.91
C ASP D 597 13.36 29.47 -36.23
N ARG D 598 13.40 30.33 -37.22
CA ARG D 598 13.18 29.92 -38.61
C ARG D 598 11.98 29.04 -38.79
N GLN D 599 12.16 27.86 -39.34
CA GLN D 599 11.00 27.09 -39.75
C GLN D 599 10.47 26.13 -38.71
N PHE D 600 10.95 26.19 -37.48
CA PHE D 600 10.37 25.36 -36.42
C PHE D 600 8.98 25.79 -36.01
N CYS D 601 8.45 26.87 -36.58
CA CYS D 601 7.07 27.21 -36.34
C CYS D 601 6.11 26.34 -37.14
N MET D 602 6.58 25.66 -38.17
CA MET D 602 5.69 24.90 -39.05
C MET D 602 5.87 23.41 -38.77
N ASN D 603 5.01 22.88 -37.91
CA ASN D 603 5.08 21.48 -37.53
C ASN D 603 3.75 20.77 -37.75
N GLY D 604 2.91 21.29 -38.59
CA GLY D 604 1.55 20.83 -38.63
C GLY D 604 1.33 19.62 -39.49
N LEU D 605 0.25 18.91 -39.19
CA LEU D 605 -0.28 17.91 -40.10
C LEU D 605 -1.08 18.51 -41.23
N VAL D 606 -1.54 19.74 -41.08
CA VAL D 606 -2.19 20.47 -42.15
C VAL D 606 -1.43 21.77 -42.36
N PHE D 607 -1.58 22.32 -43.55
CA PHE D 607 -1.07 23.66 -43.82
C PHE D 607 -1.91 24.69 -43.09
N ALA D 608 -1.43 25.93 -43.07
CA ALA D 608 -2.10 26.98 -42.32
C ALA D 608 -3.48 27.33 -42.88
N ASP D 609 -3.74 27.06 -44.15
CA ASP D 609 -5.09 27.17 -44.69
C ASP D 609 -5.87 25.87 -44.59
N ARG D 610 -5.41 24.94 -43.75
CA ARG D 610 -6.09 23.69 -43.40
C ARG D 610 -6.21 22.73 -44.59
N THR D 611 -5.29 22.77 -45.46
CA THR D 611 -5.22 21.67 -46.41
C THR D 611 -4.18 20.65 -45.94
N PRO D 612 -4.40 19.36 -46.15
CA PRO D 612 -3.57 18.35 -45.49
C PRO D 612 -2.17 18.19 -46.06
N HIS D 613 -1.24 17.89 -45.17
CA HIS D 613 0.01 17.28 -45.54
C HIS D 613 -0.23 15.80 -45.84
N PRO D 614 0.68 15.15 -46.57
CA PRO D 614 0.53 13.70 -46.77
C PRO D 614 0.69 12.87 -45.52
N ALA D 615 1.32 13.39 -44.47
CA ALA D 615 1.45 12.65 -43.23
C ALA D 615 0.13 12.50 -42.49
N LEU D 616 -0.89 13.28 -42.84
CA LEU D 616 -2.18 13.16 -42.18
C LEU D 616 -2.87 11.85 -42.52
N THR D 617 -2.65 11.34 -43.74
CA THR D 617 -3.21 10.05 -44.12
C THR D 617 -2.55 8.92 -43.35
N GLU D 618 -1.27 9.03 -43.06
CA GLU D 618 -0.59 8.05 -42.24
C GLU D 618 -1.15 8.05 -40.82
N ALA D 619 -1.46 9.24 -40.30
CA ALA D 619 -2.06 9.34 -38.99
C ALA D 619 -3.47 8.76 -38.98
N LYS D 620 -4.22 8.97 -40.06
CA LYS D 620 -5.57 8.44 -40.15
C LYS D 620 -5.58 6.92 -40.16
N HIS D 621 -4.64 6.32 -40.89
CA HIS D 621 -4.61 4.87 -41.00
C HIS D 621 -4.14 4.21 -39.73
N GLN D 622 -3.15 4.77 -39.05
CA GLN D 622 -2.66 4.15 -37.84
C GLN D 622 -3.62 4.34 -36.67
N GLN D 623 -4.47 5.35 -36.72
CA GLN D 623 -5.40 5.63 -35.64
C GLN D 623 -6.79 5.10 -35.92
N GLN D 624 -6.95 4.25 -36.93
CA GLN D 624 -8.29 3.85 -37.34
C GLN D 624 -8.91 2.91 -36.31
N PHE D 625 -10.21 2.98 -36.19
CA PHE D 625 -10.93 2.32 -35.11
C PHE D 625 -11.30 0.88 -35.43
N PHE D 626 -10.95 0.39 -36.60
CA PHE D 626 -11.16 -1.00 -36.95
C PHE D 626 -9.82 -1.60 -37.31
N GLN D 627 -9.50 -2.74 -36.71
CA GLN D 627 -8.31 -3.47 -37.04
C GLN D 627 -8.69 -4.73 -37.79
N PHE D 628 -7.84 -5.13 -38.71
CA PHE D 628 -8.17 -6.19 -39.64
C PHE D 628 -7.12 -7.27 -39.57
N ARG D 629 -7.55 -8.51 -39.68
CA ARG D 629 -6.62 -9.63 -39.77
C ARG D 629 -7.13 -10.60 -40.80
N LEU D 630 -6.24 -11.07 -41.66
CA LEU D 630 -6.58 -11.99 -42.72
C LEU D 630 -6.04 -13.37 -42.38
N SER D 631 -6.89 -14.38 -42.54
CA SER D 631 -6.47 -15.77 -42.38
C SER D 631 -7.18 -16.59 -43.45
N GLY D 632 -6.50 -16.83 -44.56
CA GLY D 632 -7.09 -17.55 -45.67
C GLY D 632 -8.15 -16.76 -46.40
N GLN D 633 -9.38 -17.23 -46.34
CA GLN D 633 -10.53 -16.55 -46.94
C GLN D 633 -11.26 -15.67 -45.95
N THR D 634 -10.83 -15.65 -44.70
CA THR D 634 -11.57 -15.05 -43.61
C THR D 634 -10.90 -13.76 -43.18
N ILE D 635 -11.69 -12.70 -43.06
CA ILE D 635 -11.25 -11.43 -42.51
C ILE D 635 -11.94 -11.26 -41.16
N GLU D 636 -11.17 -11.13 -40.09
CA GLU D 636 -11.77 -10.73 -38.84
C GLU D 636 -11.61 -9.22 -38.68
N VAL D 637 -12.67 -8.56 -38.24
CA VAL D 637 -12.68 -7.12 -38.05
C VAL D 637 -12.85 -6.88 -36.56
N THR D 638 -11.83 -6.32 -35.94
CA THR D 638 -11.87 -5.99 -34.52
C THR D 638 -12.22 -4.52 -34.38
N SER D 639 -13.27 -4.25 -33.61
CA SER D 639 -13.62 -2.88 -33.30
C SER D 639 -12.76 -2.35 -32.18
N GLU D 640 -12.30 -1.12 -32.32
CA GLU D 640 -11.64 -0.43 -31.21
C GLU D 640 -12.48 0.67 -30.63
N TYR D 641 -13.75 0.74 -30.99
CA TYR D 641 -14.65 1.61 -30.27
C TYR D 641 -14.93 1.05 -28.89
N LEU D 642 -15.07 1.94 -27.93
CA LEU D 642 -15.32 1.52 -26.57
C LEU D 642 -16.80 1.48 -26.25
N PHE D 643 -17.61 2.26 -26.95
CA PHE D 643 -18.96 2.49 -26.47
C PHE D 643 -20.02 2.24 -27.54
N ARG D 644 -19.70 2.49 -28.81
CA ARG D 644 -20.71 2.40 -29.86
C ARG D 644 -20.60 1.10 -30.63
N HIS D 645 -21.75 0.65 -31.10
CA HIS D 645 -21.84 -0.45 -32.04
C HIS D 645 -21.57 0.14 -33.41
N SER D 646 -21.15 -0.69 -34.35
CA SER D 646 -20.88 -0.23 -35.70
C SER D 646 -22.18 -0.20 -36.49
N ASP D 647 -22.98 0.83 -36.25
CA ASP D 647 -24.28 0.93 -36.87
C ASP D 647 -24.31 1.83 -38.10
N ASN D 648 -23.18 2.40 -38.49
CA ASN D 648 -23.07 3.24 -39.67
C ASN D 648 -21.85 2.82 -40.48
N GLU D 649 -21.68 1.52 -40.68
CA GLU D 649 -20.46 1.01 -41.28
C GLU D 649 -20.79 -0.18 -42.16
N LEU D 650 -20.20 -0.21 -43.35
CA LEU D 650 -20.19 -1.40 -44.17
C LEU D 650 -18.78 -1.65 -44.69
N LEU D 651 -18.41 -2.91 -44.78
CA LEU D 651 -17.09 -3.27 -45.28
C LEU D 651 -17.18 -3.52 -46.78
N HIS D 652 -16.41 -2.75 -47.53
CA HIS D 652 -16.27 -2.95 -48.95
C HIS D 652 -14.92 -3.60 -49.23
N TRP D 653 -14.93 -4.72 -49.93
CA TRP D 653 -13.69 -5.40 -50.27
C TRP D 653 -13.53 -5.47 -51.78
N MET D 654 -12.28 -5.53 -52.22
CA MET D 654 -11.93 -5.64 -53.63
C MET D 654 -10.74 -6.58 -53.77
N VAL D 655 -10.70 -7.31 -54.86
CA VAL D 655 -9.54 -8.09 -55.25
C VAL D 655 -9.09 -7.59 -56.62
N ALA D 656 -7.81 -7.27 -56.74
CA ALA D 656 -7.28 -6.76 -57.99
C ALA D 656 -5.98 -7.47 -58.33
N LEU D 657 -5.72 -7.60 -59.62
CA LEU D 657 -4.50 -8.21 -60.15
C LEU D 657 -3.74 -7.13 -60.90
N ASP D 658 -2.66 -6.64 -60.28
CA ASP D 658 -1.83 -5.56 -60.80
C ASP D 658 -2.66 -4.33 -61.18
N GLY D 659 -3.55 -3.95 -60.27
CA GLY D 659 -4.35 -2.77 -60.44
C GLY D 659 -5.68 -2.98 -61.12
N LYS D 660 -5.85 -4.06 -61.87
CA LYS D 660 -7.17 -4.16 -62.50
C LYS D 660 -8.08 -5.04 -61.68
N PRO D 661 -9.33 -4.62 -61.44
CA PRO D 661 -10.17 -5.31 -60.47
C PRO D 661 -10.76 -6.60 -61.02
N LEU D 662 -10.88 -7.57 -60.14
CA LEU D 662 -11.42 -8.88 -60.49
C LEU D 662 -12.70 -9.20 -59.76
N ALA D 663 -12.79 -8.89 -58.47
CA ALA D 663 -13.97 -9.19 -57.68
C ALA D 663 -14.13 -8.12 -56.63
N SER D 664 -15.37 -7.94 -56.18
CA SER D 664 -15.67 -6.96 -55.16
C SER D 664 -16.92 -7.39 -54.43
N GLY D 665 -17.24 -6.64 -53.38
CA GLY D 665 -18.41 -6.96 -52.58
C GLY D 665 -18.54 -5.99 -51.43
N GLU D 666 -19.73 -5.99 -50.82
CA GLU D 666 -20.01 -5.18 -49.65
C GLU D 666 -20.65 -6.04 -48.58
N VAL D 667 -20.16 -5.91 -47.36
CA VAL D 667 -20.70 -6.61 -46.20
C VAL D 667 -21.03 -5.57 -45.15
N PRO D 668 -22.22 -5.58 -44.56
CA PRO D 668 -22.48 -4.68 -43.44
C PRO D 668 -21.75 -5.14 -42.19
N LEU D 669 -21.17 -4.19 -41.48
CA LEU D 669 -20.50 -4.48 -40.23
C LEU D 669 -21.49 -4.42 -39.09
N ASP D 670 -21.53 -5.47 -38.29
CA ASP D 670 -22.28 -5.49 -37.05
C ASP D 670 -21.33 -6.02 -36.00
N VAL D 671 -20.53 -5.14 -35.43
CA VAL D 671 -19.51 -5.54 -34.48
C VAL D 671 -19.71 -4.74 -33.20
N ALA D 672 -19.63 -5.44 -32.07
CA ALA D 672 -19.82 -4.85 -30.75
C ALA D 672 -18.62 -3.97 -30.41
N PRO D 673 -18.76 -3.08 -29.42
CA PRO D 673 -17.59 -2.39 -28.88
C PRO D 673 -16.56 -3.38 -28.35
N GLN D 674 -15.33 -3.25 -28.85
CA GLN D 674 -14.21 -4.16 -28.61
C GLN D 674 -14.50 -5.60 -29.05
N GLY D 675 -15.44 -5.79 -29.97
CA GLY D 675 -15.80 -7.11 -30.43
C GLY D 675 -15.09 -7.48 -31.72
N LYS D 676 -15.49 -8.63 -32.25
CA LYS D 676 -14.94 -9.13 -33.51
C LYS D 676 -16.07 -9.54 -34.43
N GLN D 677 -15.77 -9.57 -35.72
CA GLN D 677 -16.69 -10.08 -36.71
C GLN D 677 -15.90 -10.77 -37.81
N LEU D 678 -16.21 -12.04 -38.04
CA LEU D 678 -15.57 -12.80 -39.11
C LEU D 678 -16.31 -12.54 -40.41
N ILE D 679 -15.57 -12.13 -41.44
CA ILE D 679 -16.12 -11.92 -42.76
C ILE D 679 -15.57 -13.03 -43.64
N GLU D 680 -16.42 -13.94 -44.06
CA GLU D 680 -16.01 -14.96 -45.00
C GLU D 680 -16.09 -14.39 -46.40
N LEU D 681 -14.97 -14.35 -47.10
CA LEU D 681 -15.01 -13.93 -48.47
C LEU D 681 -15.51 -15.06 -49.35
N PRO D 682 -16.06 -14.75 -50.52
CA PRO D 682 -16.38 -15.80 -51.48
C PRO D 682 -15.14 -16.47 -52.06
N GLU D 683 -15.36 -17.44 -52.95
CA GLU D 683 -14.24 -18.07 -53.62
C GLU D 683 -13.58 -17.06 -54.54
N LEU D 684 -12.42 -16.57 -54.11
CA LEU D 684 -11.74 -15.49 -54.79
C LEU D 684 -11.22 -15.99 -56.15
N PRO D 685 -11.16 -15.11 -57.16
CA PRO D 685 -10.71 -15.56 -58.48
C PRO D 685 -9.24 -15.93 -58.47
N GLN D 686 -8.90 -16.94 -59.25
CA GLN D 686 -7.54 -17.48 -59.32
C GLN D 686 -7.06 -17.34 -60.76
N PRO D 687 -6.62 -16.16 -61.16
CA PRO D 687 -6.20 -15.98 -62.55
C PRO D 687 -4.83 -16.58 -62.79
N GLU D 688 -4.71 -17.28 -63.92
CA GLU D 688 -3.43 -17.83 -64.32
C GLU D 688 -2.51 -16.81 -64.97
N SER D 689 -3.01 -15.59 -65.19
CA SER D 689 -2.16 -14.49 -65.61
C SER D 689 -1.15 -14.16 -64.53
N ALA D 690 0.00 -13.68 -64.96
CA ALA D 690 1.07 -13.38 -64.02
C ALA D 690 0.77 -12.09 -63.26
N GLY D 691 1.27 -12.01 -62.04
CA GLY D 691 1.13 -10.80 -61.26
C GLY D 691 0.71 -11.05 -59.84
N GLN D 692 0.88 -10.05 -58.99
CA GLN D 692 0.49 -10.15 -57.60
C GLN D 692 -0.98 -9.82 -57.45
N LEU D 693 -1.69 -10.63 -56.68
CA LEU D 693 -3.09 -10.42 -56.41
C LEU D 693 -3.23 -9.72 -55.06
N TRP D 694 -4.01 -8.66 -55.01
CA TRP D 694 -4.12 -7.82 -53.83
C TRP D 694 -5.57 -7.77 -53.33
N LEU D 695 -5.75 -7.93 -52.03
CA LEU D 695 -7.03 -7.78 -51.39
C LEU D 695 -7.06 -6.45 -50.63
N THR D 696 -8.04 -5.62 -50.91
CA THR D 696 -8.20 -4.33 -50.25
C THR D 696 -9.57 -4.30 -49.58
N VAL D 697 -9.61 -3.95 -48.30
CA VAL D 697 -10.89 -3.74 -47.63
C VAL D 697 -10.99 -2.29 -47.21
N ARG D 698 -12.21 -1.78 -47.16
CA ARG D 698 -12.49 -0.43 -46.70
C ARG D 698 -13.72 -0.45 -45.83
N VAL D 699 -13.70 0.37 -44.79
CA VAL D 699 -14.89 0.61 -43.99
C VAL D 699 -15.48 1.94 -44.42
N VAL D 700 -16.69 1.90 -44.95
CA VAL D 700 -17.37 3.06 -45.49
C VAL D 700 -18.52 3.40 -44.56
N GLN D 701 -18.70 4.67 -44.27
CA GLN D 701 -19.86 5.13 -43.53
C GLN D 701 -20.94 5.56 -44.52
N PRO D 702 -22.03 4.81 -44.66
CA PRO D 702 -23.03 5.15 -45.67
C PRO D 702 -23.79 6.42 -45.37
N ASN D 703 -24.05 6.70 -44.11
CA ASN D 703 -24.84 7.86 -43.72
C ASN D 703 -23.94 8.98 -43.27
N ALA D 704 -24.38 10.21 -43.53
CA ALA D 704 -23.68 11.37 -43.02
C ALA D 704 -23.82 11.44 -41.51
N THR D 705 -22.81 11.99 -40.86
CA THR D 705 -22.84 12.26 -39.44
C THR D 705 -22.78 13.77 -39.24
N ALA D 706 -22.64 14.18 -37.99
CA ALA D 706 -22.41 15.59 -37.72
C ALA D 706 -21.05 16.06 -38.23
N TRP D 707 -20.10 15.15 -38.39
CA TRP D 707 -18.74 15.50 -38.72
C TRP D 707 -18.23 14.89 -40.02
N SER D 708 -19.05 14.12 -40.73
CA SER D 708 -18.57 13.48 -41.94
C SER D 708 -19.69 13.41 -42.97
N GLU D 709 -19.29 13.33 -44.23
CA GLU D 709 -20.24 13.20 -45.31
C GLU D 709 -20.64 11.74 -45.47
N ALA D 710 -21.61 11.51 -46.34
CA ALA D 710 -21.96 10.16 -46.72
C ALA D 710 -20.86 9.54 -47.56
N GLY D 711 -20.59 8.26 -47.34
CA GLY D 711 -19.52 7.62 -48.06
C GLY D 711 -18.13 7.89 -47.52
N HIS D 712 -18.04 8.36 -46.28
CA HIS D 712 -16.75 8.61 -45.66
C HIS D 712 -16.03 7.30 -45.38
N ILE D 713 -14.77 7.23 -45.78
CA ILE D 713 -13.94 6.06 -45.54
C ILE D 713 -13.24 6.26 -44.21
N SER D 714 -13.46 5.36 -43.27
CA SER D 714 -12.89 5.53 -41.94
C SER D 714 -11.75 4.58 -41.64
N ALA D 715 -11.62 3.47 -42.36
CA ALA D 715 -10.57 2.50 -42.12
C ALA D 715 -10.34 1.71 -43.39
N TRP D 716 -9.11 1.24 -43.56
CA TRP D 716 -8.78 0.39 -44.70
C TRP D 716 -7.59 -0.48 -44.34
N GLN D 717 -7.34 -1.48 -45.18
CA GLN D 717 -6.22 -2.38 -45.03
C GLN D 717 -6.06 -3.13 -46.34
N GLN D 718 -4.82 -3.44 -46.69
CA GLN D 718 -4.54 -4.16 -47.91
C GLN D 718 -3.65 -5.35 -47.59
N TRP D 719 -3.84 -6.45 -48.33
CA TRP D 719 -3.01 -7.63 -48.18
C TRP D 719 -2.63 -8.17 -49.55
N ARG D 720 -1.51 -8.88 -49.60
CA ARG D 720 -1.16 -9.68 -50.76
C ARG D 720 -1.79 -11.05 -50.68
N LEU D 721 -2.49 -11.43 -51.72
CA LEU D 721 -2.95 -12.80 -51.93
C LEU D 721 -1.90 -13.53 -52.77
N ALA D 722 -2.30 -14.64 -53.39
CA ALA D 722 -1.40 -15.48 -54.18
C ALA D 722 -0.75 -14.72 -55.34
N GLU D 723 0.48 -15.08 -55.65
CA GLU D 723 1.23 -14.50 -56.75
C GLU D 723 1.54 -15.56 -57.79
N ASN D 724 1.46 -15.19 -59.06
CA ASN D 724 1.92 -16.04 -60.15
C ASN D 724 3.15 -15.38 -60.75
N LEU D 725 4.30 -16.02 -60.61
CA LEU D 725 5.52 -15.50 -61.22
C LEU D 725 5.48 -15.70 -62.72
N SER D 726 6.02 -14.74 -63.44
CA SER D 726 5.97 -14.75 -64.90
C SER D 726 7.10 -15.61 -65.44
N VAL D 727 6.76 -16.75 -66.04
CA VAL D 727 7.74 -17.62 -66.66
C VAL D 727 7.70 -17.51 -68.18
N THR D 728 7.06 -16.47 -68.71
CA THR D 728 6.94 -16.33 -70.15
C THR D 728 8.22 -15.75 -70.74
N LEU D 729 8.72 -16.39 -71.78
CA LEU D 729 9.88 -15.89 -72.50
C LEU D 729 9.52 -14.60 -73.22
N PRO D 730 10.47 -13.69 -73.40
CA PRO D 730 10.20 -12.50 -74.22
C PRO D 730 10.06 -12.88 -75.68
N ALA D 731 9.24 -12.10 -76.38
CA ALA D 731 9.01 -12.33 -77.81
C ALA D 731 10.27 -12.04 -78.60
N ALA D 732 10.80 -13.08 -79.24
CA ALA D 732 12.06 -12.95 -79.97
C ALA D 732 11.87 -12.15 -81.24
N SER D 733 12.11 -10.84 -81.17
CA SER D 733 12.06 -10.02 -82.36
C SER D 733 13.25 -10.33 -83.26
N HIS D 734 13.11 -9.99 -84.53
CA HIS D 734 14.13 -10.29 -85.50
C HIS D 734 15.09 -9.14 -85.75
N ALA D 735 14.73 -7.93 -85.32
CA ALA D 735 15.63 -6.80 -85.45
C ALA D 735 16.75 -6.88 -84.42
N ILE D 736 17.83 -6.18 -84.71
CA ILE D 736 19.01 -6.15 -83.86
C ILE D 736 19.45 -4.70 -83.74
N PRO D 737 19.70 -4.20 -82.54
CA PRO D 737 20.23 -2.84 -82.42
C PRO D 737 21.67 -2.79 -82.90
N HIS D 738 22.02 -1.68 -83.54
CA HIS D 738 23.31 -1.54 -84.19
C HIS D 738 24.19 -0.63 -83.35
N LEU D 739 25.35 -1.14 -82.97
CA LEU D 739 26.31 -0.38 -82.18
C LEU D 739 27.30 0.34 -83.09
N THR D 740 27.46 1.64 -82.85
CA THR D 740 28.43 2.46 -83.56
C THR D 740 29.33 3.12 -82.53
N THR D 741 30.63 2.95 -82.68
CA THR D 741 31.58 3.42 -81.69
C THR D 741 32.46 4.51 -82.32
N SER D 742 32.29 5.73 -81.86
CA SER D 742 33.28 6.76 -82.12
C SER D 742 34.15 6.90 -80.89
N GLU D 743 35.03 7.88 -80.89
CA GLU D 743 35.85 8.12 -79.72
C GLU D 743 35.17 9.04 -78.70
N MET D 744 34.11 9.74 -79.11
CA MET D 744 33.29 10.52 -78.19
C MET D 744 32.20 9.68 -77.54
N ASP D 745 31.57 8.79 -78.30
CA ASP D 745 30.37 8.15 -77.78
C ASP D 745 30.20 6.74 -78.30
N PHE D 746 29.33 5.98 -77.64
CA PHE D 746 28.72 4.81 -78.22
C PHE D 746 27.34 5.21 -78.68
N CYS D 747 26.99 4.85 -79.90
CA CYS D 747 25.68 5.16 -80.46
C CYS D 747 25.00 3.86 -80.83
N ILE D 748 23.80 3.66 -80.30
CA ILE D 748 23.02 2.45 -80.54
C ILE D 748 21.72 2.89 -81.16
N GLU D 749 21.43 2.40 -82.35
CA GLU D 749 20.16 2.72 -83.00
C GLU D 749 19.37 1.46 -83.29
N LEU D 750 18.06 1.58 -83.19
CA LEU D 750 17.15 0.47 -83.43
C LEU D 750 15.82 1.08 -83.88
N GLY D 751 15.54 1.01 -85.17
CA GLY D 751 14.35 1.67 -85.68
C GLY D 751 14.55 3.17 -85.62
N ASN D 752 13.53 3.87 -85.13
CA ASN D 752 13.66 5.30 -84.92
C ASN D 752 14.33 5.64 -83.59
N LYS D 753 14.47 4.68 -82.69
CA LYS D 753 15.05 4.96 -81.39
C LYS D 753 16.57 4.98 -81.49
N ARG D 754 17.18 5.79 -80.64
CA ARG D 754 18.63 5.92 -80.65
C ARG D 754 19.11 6.28 -79.26
N TRP D 755 20.18 5.63 -78.81
CA TRP D 755 20.76 5.86 -77.50
C TRP D 755 22.20 6.30 -77.66
N GLN D 756 22.62 7.27 -76.86
CA GLN D 756 23.99 7.76 -76.92
C GLN D 756 24.61 7.72 -75.53
N PHE D 757 25.78 7.12 -75.43
CA PHE D 757 26.53 7.00 -74.18
C PHE D 757 27.82 7.79 -74.34
N ASN D 758 27.98 8.85 -73.56
CA ASN D 758 29.21 9.62 -73.58
C ASN D 758 30.35 8.79 -73.01
N ARG D 759 31.40 8.58 -73.80
CA ARG D 759 32.50 7.73 -73.37
C ARG D 759 33.45 8.42 -72.40
N GLN D 760 33.35 9.73 -72.22
CA GLN D 760 34.18 10.39 -71.23
C GLN D 760 33.52 10.49 -69.88
N SER D 761 32.20 10.65 -69.84
CA SER D 761 31.50 10.64 -68.56
C SER D 761 31.03 9.25 -68.19
N GLY D 762 30.74 8.41 -69.18
CA GLY D 762 30.28 7.07 -68.91
C GLY D 762 28.79 6.93 -68.76
N PHE D 763 28.03 8.01 -68.91
CA PHE D 763 26.60 7.94 -68.69
C PHE D 763 25.86 8.00 -70.01
N LEU D 764 24.64 7.48 -70.01
CA LEU D 764 23.74 7.68 -71.13
C LEU D 764 23.38 9.15 -71.22
N SER D 765 23.85 9.80 -72.27
CA SER D 765 23.76 11.25 -72.36
C SER D 765 22.55 11.72 -73.13
N GLN D 766 22.07 10.95 -74.10
CA GLN D 766 20.94 11.40 -74.90
C GLN D 766 20.22 10.19 -75.46
N MET D 767 18.91 10.29 -75.57
CA MET D 767 18.08 9.28 -76.18
C MET D 767 17.17 9.98 -77.19
N TRP D 768 16.96 9.34 -78.33
CA TRP D 768 16.14 9.90 -79.40
C TRP D 768 14.94 9.01 -79.68
N ILE D 769 13.81 9.64 -79.96
CA ILE D 769 12.66 8.99 -80.55
C ILE D 769 12.35 9.76 -81.82
N GLY D 770 12.68 9.17 -82.97
CA GLY D 770 12.67 9.92 -84.20
C GLY D 770 13.80 10.91 -84.20
N ASP D 771 13.49 12.20 -84.15
CA ASP D 771 14.50 13.23 -84.03
C ASP D 771 14.32 14.09 -82.79
N LYS D 772 13.45 13.69 -81.88
CA LYS D 772 13.24 14.41 -80.63
C LYS D 772 14.21 13.90 -79.57
N LYS D 773 15.07 14.79 -79.09
CA LYS D 773 15.87 14.48 -77.92
C LYS D 773 14.98 14.29 -76.71
N GLN D 774 15.24 13.26 -75.92
CA GLN D 774 14.38 12.94 -74.79
C GLN D 774 14.95 13.41 -73.47
N LEU D 775 16.21 13.81 -73.43
CA LEU D 775 16.88 14.16 -72.20
C LEU D 775 17.44 15.57 -72.28
N LEU D 776 17.48 16.23 -71.12
CA LEU D 776 18.19 17.50 -70.99
C LEU D 776 19.46 17.37 -70.16
N THR D 777 19.56 16.32 -69.35
CA THR D 777 20.65 16.05 -68.44
C THR D 777 20.85 14.54 -68.53
N PRO D 778 22.09 14.06 -68.52
CA PRO D 778 22.32 12.62 -68.62
C PRO D 778 21.78 11.84 -67.43
N LEU D 779 21.53 10.57 -67.66
CA LEU D 779 21.07 9.65 -66.63
C LEU D 779 22.25 9.29 -65.73
N ARG D 780 22.28 9.87 -64.54
CA ARG D 780 23.41 9.74 -63.64
C ARG D 780 22.95 9.15 -62.31
N ASP D 781 23.90 8.54 -61.60
CA ASP D 781 23.65 8.07 -60.24
C ASP D 781 23.45 9.25 -59.30
N GLN D 782 22.57 9.06 -58.33
CA GLN D 782 22.32 10.07 -57.32
C GLN D 782 22.35 9.40 -55.96
N PHE D 783 23.12 9.96 -55.05
CA PHE D 783 23.24 9.40 -53.71
C PHE D 783 22.75 10.34 -52.64
N THR D 784 22.21 11.50 -53.00
CA THR D 784 21.80 12.51 -52.06
C THR D 784 20.34 12.86 -52.28
N ARG D 785 19.78 13.55 -51.30
CA ARG D 785 18.47 14.17 -51.45
C ARG D 785 18.57 15.58 -50.92
N ALA D 786 17.66 16.42 -51.37
CA ALA D 786 17.49 17.73 -50.77
C ALA D 786 17.03 17.52 -49.33
N PRO D 787 17.76 18.02 -48.34
CA PRO D 787 17.57 17.55 -46.97
C PRO D 787 16.25 18.00 -46.37
N LEU D 788 15.63 17.07 -45.65
CA LEU D 788 14.39 17.33 -44.96
C LEU D 788 14.66 18.18 -43.73
N ASP D 789 13.58 18.61 -43.07
CA ASP D 789 13.74 19.26 -41.78
C ASP D 789 14.28 18.31 -40.73
N ASN D 790 13.95 17.02 -40.84
CA ASN D 790 14.52 16.05 -39.91
C ASN D 790 16.00 15.79 -40.22
N ASP D 791 16.41 15.95 -41.47
CA ASP D 791 17.83 15.82 -41.80
C ASP D 791 18.63 16.99 -41.27
N ILE D 792 18.02 18.18 -41.20
CA ILE D 792 18.75 19.38 -40.82
C ILE D 792 18.82 19.50 -39.30
N GLY D 793 17.70 19.32 -38.62
CA GLY D 793 17.72 19.46 -37.18
C GLY D 793 17.80 20.92 -36.77
N VAL D 794 18.58 21.17 -35.72
CA VAL D 794 18.81 22.51 -35.25
C VAL D 794 20.12 23.10 -35.79
N SER D 795 20.65 22.51 -36.86
CA SER D 795 21.90 22.99 -37.42
C SER D 795 21.64 24.18 -38.34
N GLU D 796 22.46 25.21 -38.20
CA GLU D 796 22.49 26.29 -39.18
C GLU D 796 23.95 26.64 -39.46
N ALA D 797 24.16 27.71 -40.22
CA ALA D 797 25.50 28.08 -40.66
C ALA D 797 26.34 28.61 -39.51
N THR D 798 25.71 29.19 -38.49
CA THR D 798 26.47 29.68 -37.34
C THR D 798 26.78 28.57 -36.36
N ARG D 799 25.79 27.77 -35.99
CA ARG D 799 25.98 26.64 -35.10
C ARG D 799 25.78 25.36 -35.90
N ILE D 800 26.87 24.69 -36.22
CA ILE D 800 26.81 23.38 -36.83
C ILE D 800 26.46 22.36 -35.76
N ASP D 801 25.41 21.58 -36.00
CA ASP D 801 25.15 20.40 -35.20
C ASP D 801 25.79 19.22 -35.92
N PRO D 802 26.93 18.70 -35.44
CA PRO D 802 27.65 17.69 -36.21
C PRO D 802 27.00 16.32 -36.21
N ASN D 803 25.97 16.09 -35.39
CA ASN D 803 25.29 14.81 -35.41
C ASN D 803 24.16 14.75 -36.42
N ALA D 804 23.70 15.89 -36.91
CA ALA D 804 22.61 15.93 -37.89
C ALA D 804 23.04 15.28 -39.19
N TRP D 805 22.08 14.68 -39.88
CA TRP D 805 22.37 13.93 -41.09
C TRP D 805 22.89 14.82 -42.21
N VAL D 806 22.42 16.07 -42.29
CA VAL D 806 22.89 16.92 -43.37
C VAL D 806 24.32 17.36 -43.11
N GLU D 807 24.73 17.45 -41.85
CA GLU D 807 26.09 17.86 -41.57
C GLU D 807 27.06 16.71 -41.71
N ARG D 808 26.59 15.49 -41.50
CA ARG D 808 27.44 14.34 -41.77
C ARG D 808 27.59 14.11 -43.25
N TRP D 809 26.52 14.34 -44.02
CA TRP D 809 26.59 14.20 -45.47
C TRP D 809 27.45 15.27 -46.10
N LYS D 810 27.41 16.50 -45.57
CA LYS D 810 28.24 17.56 -46.11
C LYS D 810 29.70 17.37 -45.74
N ALA D 811 29.98 16.94 -44.51
CA ALA D 811 31.35 16.73 -44.09
C ALA D 811 31.98 15.55 -44.81
N ALA D 812 31.19 14.53 -45.13
CA ALA D 812 31.69 13.43 -45.92
C ALA D 812 31.77 13.75 -47.39
N GLY D 813 31.20 14.87 -47.82
CA GLY D 813 31.29 15.26 -49.21
C GLY D 813 30.34 14.54 -50.12
N HIS D 814 29.17 14.12 -49.64
CA HIS D 814 28.22 13.46 -50.52
C HIS D 814 27.62 14.43 -51.53
N TYR D 815 27.43 15.68 -51.15
CA TYR D 815 26.85 16.64 -52.06
C TYR D 815 27.83 17.17 -53.09
N GLN D 816 29.12 16.93 -52.90
CA GLN D 816 30.12 17.43 -53.84
C GLN D 816 31.10 16.35 -54.27
N ALA D 817 30.74 15.09 -54.15
CA ALA D 817 31.56 14.01 -54.69
C ALA D 817 31.38 13.95 -56.19
N GLU D 818 32.48 13.82 -56.90
CA GLU D 818 32.46 13.81 -58.35
C GLU D 818 32.63 12.38 -58.85
N ALA D 819 31.87 12.03 -59.88
CA ALA D 819 31.99 10.72 -60.49
C ALA D 819 33.23 10.66 -61.36
N ALA D 820 33.95 9.56 -61.26
CA ALA D 820 35.11 9.30 -62.10
C ALA D 820 34.88 7.98 -62.81
N LEU D 821 34.93 8.02 -64.14
CA LEU D 821 34.72 6.81 -64.93
C LEU D 821 35.89 5.85 -64.75
N LEU D 822 35.61 4.65 -64.28
CA LEU D 822 36.64 3.64 -64.12
C LEU D 822 36.84 2.84 -65.39
N GLN D 823 35.75 2.35 -65.97
CA GLN D 823 35.82 1.66 -67.25
C GLN D 823 34.49 1.76 -67.96
N CYS D 824 34.54 1.60 -69.28
CA CYS D 824 33.34 1.60 -70.11
C CYS D 824 33.59 0.68 -71.28
N THR D 825 32.74 -0.32 -71.44
CA THR D 825 32.84 -1.26 -72.54
C THR D 825 31.49 -1.35 -73.24
N ALA D 826 31.54 -1.63 -74.54
CA ALA D 826 30.33 -1.85 -75.32
C ALA D 826 30.53 -3.07 -76.19
N ASP D 827 29.55 -3.95 -76.20
CA ASP D 827 29.66 -5.22 -76.89
C ASP D 827 28.34 -5.56 -77.54
N THR D 828 28.41 -6.19 -78.70
CA THR D 828 27.24 -6.65 -79.42
C THR D 828 27.04 -8.13 -79.14
N LEU D 829 25.85 -8.49 -78.69
CA LEU D 829 25.51 -9.88 -78.42
C LEU D 829 24.80 -10.45 -79.63
N ALA D 830 24.24 -11.66 -79.45
CA ALA D 830 23.48 -12.26 -80.54
C ALA D 830 22.14 -11.56 -80.73
N ASP D 831 21.59 -10.97 -79.68
CA ASP D 831 20.29 -10.32 -79.79
C ASP D 831 20.23 -8.98 -79.09
N ALA D 832 21.34 -8.45 -78.59
CA ALA D 832 21.29 -7.22 -77.81
C ALA D 832 22.64 -6.52 -77.90
N VAL D 833 22.67 -5.29 -77.43
CA VAL D 833 23.89 -4.54 -77.24
C VAL D 833 24.10 -4.37 -75.75
N LEU D 834 25.31 -4.66 -75.28
CA LEU D 834 25.62 -4.65 -73.87
C LEU D 834 26.62 -3.55 -73.58
N ILE D 835 26.22 -2.56 -72.80
CA ILE D 835 27.11 -1.48 -72.37
C ILE D 835 27.35 -1.65 -70.88
N THR D 836 28.61 -1.65 -70.48
CA THR D 836 29.01 -1.90 -69.10
C THR D 836 29.89 -0.75 -68.65
N THR D 837 29.52 -0.09 -67.55
CA THR D 837 30.27 1.03 -67.04
C THR D 837 30.60 0.82 -65.57
N ALA D 838 31.54 1.61 -65.08
CA ALA D 838 31.89 1.60 -63.67
C ALA D 838 32.36 2.99 -63.29
N HIS D 839 31.79 3.54 -62.22
CA HIS D 839 32.14 4.86 -61.75
C HIS D 839 32.54 4.79 -60.28
N ALA D 840 33.35 5.75 -59.88
CA ALA D 840 33.70 5.92 -58.47
C ALA D 840 33.41 7.34 -58.06
N TRP D 841 32.85 7.51 -56.88
CA TRP D 841 32.61 8.82 -56.30
C TRP D 841 33.64 9.05 -55.22
N GLN D 842 34.50 10.04 -55.45
CA GLN D 842 35.63 10.28 -54.57
C GLN D 842 35.53 11.69 -54.01
N HIS D 843 35.91 11.82 -52.75
CA HIS D 843 35.99 13.12 -52.10
C HIS D 843 37.28 13.15 -51.31
N GLN D 844 38.23 13.97 -51.77
CA GLN D 844 39.54 14.18 -51.15
C GLN D 844 40.31 12.87 -51.04
N GLY D 845 40.33 12.11 -52.14
CA GLY D 845 41.06 10.87 -52.20
C GLY D 845 40.36 9.67 -51.61
N LYS D 846 39.22 9.86 -50.96
CA LYS D 846 38.50 8.77 -50.33
C LYS D 846 37.33 8.40 -51.22
N THR D 847 37.27 7.14 -51.64
CA THR D 847 36.20 6.68 -52.50
C THR D 847 34.95 6.43 -51.66
N LEU D 848 33.89 7.19 -51.94
CA LEU D 848 32.66 7.05 -51.18
C LEU D 848 31.80 5.93 -51.72
N PHE D 849 31.57 5.92 -53.02
CA PHE D 849 30.66 4.98 -53.65
C PHE D 849 31.33 4.44 -54.90
N ILE D 850 31.01 3.20 -55.24
CA ILE D 850 31.35 2.64 -56.53
C ILE D 850 30.08 2.08 -57.13
N SER D 851 29.77 2.52 -58.34
CA SER D 851 28.58 2.05 -59.05
C SER D 851 29.02 1.34 -60.32
N ARG D 852 28.52 0.13 -60.52
CA ARG D 852 28.80 -0.66 -61.71
C ARG D 852 27.48 -0.92 -62.41
N LYS D 853 27.37 -0.48 -63.65
CA LYS D 853 26.11 -0.60 -64.35
C LYS D 853 26.25 -1.48 -65.57
N THR D 854 25.09 -1.93 -66.04
CA THR D 854 24.98 -2.76 -67.22
C THR D 854 23.76 -2.30 -67.98
N TYR D 855 23.94 -1.88 -69.21
CA TYR D 855 22.86 -1.44 -70.07
C TYR D 855 22.68 -2.49 -71.16
N ARG D 856 21.48 -3.01 -71.28
CA ARG D 856 21.21 -4.06 -72.27
C ARG D 856 20.04 -3.60 -73.13
N ILE D 857 20.33 -3.14 -74.34
CA ILE D 857 19.30 -2.76 -75.31
C ILE D 857 19.07 -3.95 -76.21
N ASP D 858 17.87 -4.50 -76.17
CA ASP D 858 17.56 -5.66 -76.99
C ASP D 858 16.80 -5.23 -78.25
N GLY D 859 16.33 -6.22 -79.02
CA GLY D 859 15.68 -5.94 -80.28
C GLY D 859 14.29 -5.38 -80.16
N SER D 860 13.67 -5.47 -78.97
CA SER D 860 12.35 -4.91 -78.75
C SER D 860 12.38 -3.45 -78.38
N GLY D 861 13.55 -2.83 -78.31
CA GLY D 861 13.68 -1.45 -77.93
C GLY D 861 13.78 -1.21 -76.44
N GLN D 862 13.65 -2.24 -75.62
CA GLN D 862 13.75 -2.07 -74.19
C GLN D 862 15.20 -1.94 -73.77
N MET D 863 15.46 -1.09 -72.80
CA MET D 863 16.79 -0.95 -72.23
C MET D 863 16.73 -1.42 -70.78
N ALA D 864 17.35 -2.56 -70.50
CA ALA D 864 17.41 -3.08 -69.15
C ALA D 864 18.67 -2.56 -68.48
N ILE D 865 18.50 -1.87 -67.36
CA ILE D 865 19.61 -1.32 -66.60
C ILE D 865 19.70 -2.12 -65.31
N THR D 866 20.88 -2.66 -65.02
CA THR D 866 21.13 -3.24 -63.71
C THR D 866 22.25 -2.43 -63.07
N VAL D 867 22.06 -2.08 -61.81
CA VAL D 867 22.98 -1.21 -61.09
C VAL D 867 23.47 -1.95 -59.85
N ASP D 868 24.77 -2.00 -59.66
CA ASP D 868 25.37 -2.56 -58.45
C ASP D 868 26.20 -1.47 -57.79
N VAL D 869 25.84 -1.12 -56.56
CA VAL D 869 26.48 -0.03 -55.85
C VAL D 869 27.15 -0.58 -54.61
N VAL D 870 28.40 -0.20 -54.40
CA VAL D 870 29.12 -0.49 -53.17
C VAL D 870 29.33 0.82 -52.42
N VAL D 871 28.98 0.84 -51.15
CA VAL D 871 29.12 2.02 -50.31
C VAL D 871 30.21 1.74 -49.28
N ALA D 872 31.12 2.70 -49.10
CA ALA D 872 32.14 2.57 -48.07
C ALA D 872 31.51 2.55 -46.69
N SER D 873 31.96 1.64 -45.84
CA SER D 873 31.29 1.43 -44.56
C SER D 873 31.52 2.55 -43.57
N ASP D 874 32.59 3.32 -43.73
CA ASP D 874 32.89 4.40 -42.82
C ASP D 874 32.27 5.74 -43.21
N THR D 875 31.78 5.87 -44.42
CA THR D 875 31.06 7.08 -44.73
C THR D 875 29.67 6.98 -44.10
N PRO D 876 29.03 8.11 -43.76
CA PRO D 876 27.63 8.04 -43.33
C PRO D 876 26.74 7.48 -44.42
N HIS D 877 25.68 6.83 -44.01
CA HIS D 877 24.89 6.06 -44.95
C HIS D 877 24.14 7.01 -45.88
N PRO D 878 24.10 6.71 -47.18
CA PRO D 878 23.55 7.66 -48.14
C PRO D 878 22.05 7.78 -48.02
N ALA D 879 21.55 8.95 -48.41
CA ALA D 879 20.12 9.21 -48.33
C ALA D 879 19.34 8.41 -49.35
N ARG D 880 19.95 8.11 -50.49
CA ARG D 880 19.27 7.32 -51.49
C ARG D 880 20.34 6.66 -52.33
N ILE D 881 19.91 5.64 -53.08
CA ILE D 881 20.75 5.01 -54.09
C ILE D 881 19.88 4.85 -55.31
N GLY D 882 20.14 5.67 -56.32
CA GLY D 882 19.27 5.65 -57.47
C GLY D 882 19.82 6.48 -58.60
N LEU D 883 18.97 6.72 -59.58
CA LEU D 883 19.33 7.40 -60.80
C LEU D 883 18.55 8.70 -60.89
N ASN D 884 19.11 9.70 -61.54
CA ASN D 884 18.29 10.83 -61.93
C ASN D 884 18.61 11.26 -63.35
N CYS D 885 17.61 11.91 -63.97
CA CYS D 885 17.76 12.52 -65.26
C CYS D 885 16.72 13.63 -65.36
N GLN D 886 16.98 14.58 -66.24
CA GLN D 886 16.02 15.61 -66.56
C GLN D 886 15.46 15.26 -67.92
N LEU D 887 14.19 14.88 -67.95
CA LEU D 887 13.54 14.58 -69.21
C LEU D 887 13.23 15.88 -69.93
N ALA D 888 13.17 15.81 -71.26
CA ALA D 888 12.75 16.99 -72.02
C ALA D 888 11.25 17.13 -72.08
N GLN D 889 10.53 16.02 -71.93
CA GLN D 889 9.07 16.02 -71.93
C GLN D 889 8.52 16.73 -70.69
N VAL D 890 7.45 17.48 -70.88
CA VAL D 890 6.59 17.91 -69.78
C VAL D 890 5.20 17.38 -70.12
N ALA D 891 4.84 16.26 -69.53
CA ALA D 891 3.52 15.68 -69.72
C ALA D 891 2.62 16.15 -68.59
N GLU D 892 1.32 15.97 -68.77
CA GLU D 892 0.40 16.55 -67.82
C GLU D 892 0.02 15.57 -66.72
N ARG D 893 0.09 14.26 -66.98
CA ARG D 893 -0.34 13.28 -66.00
C ARG D 893 0.70 12.21 -65.80
N VAL D 894 0.82 11.74 -64.56
CA VAL D 894 1.74 10.68 -64.17
C VAL D 894 0.91 9.46 -63.80
N ASN D 895 1.26 8.32 -64.39
CA ASN D 895 0.53 7.08 -64.20
C ASN D 895 1.49 6.05 -63.63
N TRP D 896 1.13 5.43 -62.52
CA TRP D 896 2.05 4.43 -61.99
C TRP D 896 1.31 3.30 -61.30
N LEU D 897 1.92 2.14 -61.32
CA LEU D 897 1.44 0.97 -60.59
C LEU D 897 2.33 0.81 -59.37
N GLY D 898 1.81 1.17 -58.21
CA GLY D 898 2.62 1.15 -57.02
C GLY D 898 1.82 1.67 -55.86
N LEU D 899 2.52 2.03 -54.80
CA LEU D 899 1.86 2.53 -53.61
C LEU D 899 1.49 3.99 -53.80
N GLY D 900 0.28 4.34 -53.39
CA GLY D 900 -0.17 5.69 -53.53
C GLY D 900 -1.56 5.89 -52.95
N PRO D 901 -2.27 6.89 -53.46
CA PRO D 901 -1.92 7.98 -54.37
C PRO D 901 -0.91 8.97 -53.79
N GLN D 902 -1.00 9.25 -52.51
CA GLN D 902 -0.14 10.24 -51.85
C GLN D 902 1.31 9.83 -51.69
N GLU D 903 2.17 10.80 -51.48
CA GLU D 903 3.59 10.55 -51.31
C GLU D 903 3.83 9.69 -50.09
N ASN D 904 4.79 8.79 -50.22
CA ASN D 904 5.11 7.88 -49.13
C ASN D 904 6.58 7.50 -49.20
N TYR D 905 7.12 7.15 -48.05
CA TYR D 905 8.52 6.92 -47.79
C TYR D 905 8.64 5.56 -47.13
N PRO D 906 9.85 4.96 -47.12
CA PRO D 906 9.98 3.61 -46.55
C PRO D 906 9.56 3.45 -45.10
N ASP D 907 9.66 4.48 -44.28
CA ASP D 907 9.10 4.40 -42.94
C ASP D 907 7.79 5.17 -42.79
N ARG D 908 7.17 5.57 -43.89
CA ARG D 908 5.84 6.17 -43.84
C ARG D 908 4.99 5.67 -45.01
N LEU D 909 4.89 4.36 -45.19
CA LEU D 909 4.12 3.83 -46.30
C LEU D 909 2.97 2.92 -45.91
N THR D 910 2.61 2.83 -44.64
CA THR D 910 1.58 1.89 -44.26
C THR D 910 0.20 2.34 -44.71
N ALA D 911 0.00 3.65 -44.87
CA ALA D 911 -1.29 4.16 -45.30
C ALA D 911 -1.48 4.09 -46.81
N ALA D 912 -0.42 3.94 -47.57
CA ALA D 912 -0.54 3.90 -49.01
C ALA D 912 -1.04 2.53 -49.45
N CYS D 913 -1.78 2.52 -50.55
CA CYS D 913 -2.31 1.29 -51.11
C CYS D 913 -1.68 1.02 -52.46
N PHE D 914 -1.41 -0.25 -52.74
CA PHE D 914 -0.92 -0.65 -54.04
C PHE D 914 -2.08 -0.67 -55.02
N ASP D 915 -1.99 0.13 -56.07
CA ASP D 915 -3.03 0.17 -57.10
C ASP D 915 -2.44 0.86 -58.31
N ARG D 916 -3.23 0.98 -59.36
CA ARG D 916 -2.93 1.81 -60.50
C ARG D 916 -3.38 3.23 -60.19
N TRP D 917 -2.44 4.16 -60.11
CA TRP D 917 -2.75 5.53 -59.75
C TRP D 917 -2.46 6.46 -60.92
N ASP D 918 -3.27 7.50 -61.05
CA ASP D 918 -3.11 8.46 -62.13
C ASP D 918 -3.38 9.85 -61.57
N LEU D 919 -2.37 10.69 -61.55
CA LEU D 919 -2.48 12.02 -60.99
C LEU D 919 -1.90 13.03 -61.97
N PRO D 920 -2.31 14.28 -61.92
CA PRO D 920 -1.58 15.32 -62.62
C PRO D 920 -0.21 15.54 -61.99
N LEU D 921 0.68 16.13 -62.78
CA LEU D 921 2.07 16.30 -62.36
C LEU D 921 2.19 17.25 -61.17
N SER D 922 1.26 18.18 -61.02
CA SER D 922 1.27 19.06 -59.86
C SER D 922 0.92 18.34 -58.57
N ASP D 923 0.21 17.21 -58.63
CA ASP D 923 -0.04 16.42 -57.44
C ASP D 923 1.13 15.56 -57.03
N MET D 924 2.13 15.42 -57.88
CA MET D 924 3.32 14.65 -57.55
C MET D 924 4.34 15.48 -56.79
N TYR D 925 4.06 16.75 -56.56
CA TYR D 925 4.88 17.65 -55.80
C TYR D 925 4.13 18.08 -54.56
N THR D 926 4.75 17.90 -53.40
CA THR D 926 4.14 18.35 -52.16
C THR D 926 4.71 19.71 -51.81
N PRO D 927 3.92 20.76 -51.79
CA PRO D 927 4.46 22.10 -51.59
C PRO D 927 4.72 22.42 -50.12
N TYR D 928 5.75 21.80 -49.55
CA TYR D 928 6.19 22.19 -48.23
C TYR D 928 6.76 23.60 -48.28
N VAL D 929 6.47 24.38 -47.25
CA VAL D 929 6.85 25.79 -47.25
C VAL D 929 8.35 25.94 -47.21
N PHE D 930 9.03 25.13 -46.41
CA PHE D 930 10.47 24.97 -46.54
C PHE D 930 10.71 23.84 -47.54
N PRO D 931 11.28 24.11 -48.70
CA PRO D 931 11.39 23.08 -49.73
C PRO D 931 12.41 22.02 -49.37
N SER D 932 12.09 20.77 -49.72
CA SER D 932 12.94 19.64 -49.45
C SER D 932 12.58 18.53 -50.43
N GLU D 933 13.21 17.37 -50.24
CA GLU D 933 12.77 16.13 -50.87
C GLU D 933 11.30 15.86 -50.57
N ASN D 934 10.55 15.59 -51.61
CA ASN D 934 9.15 15.34 -51.46
C ASN D 934 8.61 14.59 -52.65
N GLY D 935 7.42 14.04 -52.54
CA GLY D 935 6.74 13.43 -53.65
C GLY D 935 7.16 12.03 -53.98
N LEU D 936 7.91 11.37 -53.11
CA LEU D 936 8.36 10.02 -53.39
C LEU D 936 7.19 9.05 -53.33
N ARG D 937 7.16 8.11 -54.26
CA ARG D 937 6.22 7.00 -54.22
C ARG D 937 7.01 5.70 -54.18
N CYS D 938 6.78 4.91 -53.15
CA CYS D 938 7.51 3.67 -52.97
C CYS D 938 6.76 2.50 -53.58
N GLY D 939 7.43 1.36 -53.63
CA GLY D 939 6.81 0.11 -54.04
C GLY D 939 6.30 0.08 -55.46
N THR D 940 6.91 0.86 -56.35
CA THR D 940 6.38 1.05 -57.68
C THR D 940 6.91 -0.02 -58.62
N ARG D 941 6.01 -0.65 -59.36
CA ARG D 941 6.41 -1.67 -60.30
C ARG D 941 6.40 -1.18 -61.74
N GLU D 942 5.70 -0.08 -62.02
CA GLU D 942 5.59 0.46 -63.36
C GLU D 942 5.30 1.94 -63.25
N LEU D 943 5.97 2.75 -64.08
CA LEU D 943 5.79 4.18 -64.10
C LEU D 943 5.62 4.64 -65.55
N ASN D 944 4.56 5.38 -65.82
CA ASN D 944 4.26 5.89 -67.15
C ASN D 944 4.26 7.41 -67.12
N TYR D 945 5.06 8.02 -67.97
CA TYR D 945 5.11 9.47 -68.06
C TYR D 945 5.41 9.86 -69.50
N GLY D 946 4.41 10.40 -70.17
CA GLY D 946 4.52 10.72 -71.57
C GLY D 946 4.66 9.47 -72.41
N PRO D 947 5.67 9.42 -73.27
CA PRO D 947 5.93 8.21 -74.04
C PRO D 947 6.69 7.15 -73.27
N HIS D 948 7.26 7.48 -72.13
CA HIS D 948 8.21 6.61 -71.46
C HIS D 948 7.50 5.65 -70.51
N GLN D 949 8.12 4.50 -70.30
CA GLN D 949 7.66 3.54 -69.32
C GLN D 949 8.87 2.94 -68.61
N TRP D 950 8.85 2.95 -67.28
CA TRP D 950 9.88 2.34 -66.48
C TRP D 950 9.27 1.19 -65.70
N ARG D 951 9.99 0.08 -65.61
CA ARG D 951 9.53 -1.07 -64.87
C ARG D 951 10.63 -1.61 -63.98
N GLY D 952 10.22 -2.25 -62.89
CA GLY D 952 11.14 -2.81 -61.93
C GLY D 952 10.49 -2.92 -60.57
N ASP D 953 11.23 -2.63 -59.51
CA ASP D 953 10.63 -2.37 -58.21
C ASP D 953 11.47 -1.26 -57.59
N PHE D 954 10.91 -0.06 -57.60
CA PHE D 954 11.70 1.13 -57.35
C PHE D 954 10.86 2.15 -56.61
N GLN D 955 11.52 3.19 -56.17
CA GLN D 955 10.88 4.38 -55.66
C GLN D 955 11.14 5.50 -56.65
N PHE D 956 10.19 6.39 -56.81
CA PHE D 956 10.40 7.49 -57.72
C PHE D 956 9.81 8.76 -57.14
N ASN D 957 10.35 9.90 -57.55
CA ASN D 957 9.58 11.12 -57.53
C ASN D 957 9.82 11.86 -58.84
N ILE D 958 8.87 12.70 -59.19
CA ILE D 958 8.87 13.32 -60.50
C ILE D 958 8.30 14.73 -60.35
N SER D 959 9.07 15.73 -60.76
CA SER D 959 8.68 17.10 -60.51
C SER D 959 9.40 18.01 -61.48
N ARG D 960 9.08 19.28 -61.40
CA ARG D 960 9.72 20.31 -62.20
C ARG D 960 10.91 20.93 -61.50
N TYR D 961 11.26 20.48 -60.30
CA TYR D 961 12.29 21.09 -59.51
C TYR D 961 13.40 20.08 -59.28
N SER D 962 14.64 20.50 -59.52
CA SER D 962 15.76 19.62 -59.25
C SER D 962 15.99 19.53 -57.75
N GLN D 963 16.73 18.50 -57.34
CA GLN D 963 17.12 18.36 -55.95
C GLN D 963 18.08 19.47 -55.54
N GLN D 964 18.87 19.98 -56.49
CA GLN D 964 19.75 21.10 -56.21
C GLN D 964 18.97 22.36 -55.93
N GLN D 965 17.90 22.61 -56.68
CA GLN D 965 17.09 23.80 -56.46
C GLN D 965 16.33 23.71 -55.15
N LEU D 966 15.79 22.53 -54.83
CA LEU D 966 15.08 22.34 -53.57
C LEU D 966 16.00 22.50 -52.38
N MET D 967 17.28 22.19 -52.54
CA MET D 967 18.22 22.33 -51.44
C MET D 967 18.59 23.78 -51.18
N GLU D 968 18.70 24.59 -52.22
CA GLU D 968 19.22 25.93 -52.09
C GLU D 968 18.15 27.01 -51.94
N THR D 969 16.88 26.64 -51.94
CA THR D 969 15.78 27.60 -51.90
C THR D 969 15.12 27.53 -50.53
N SER D 970 14.90 28.69 -49.92
CA SER D 970 14.41 28.73 -48.56
C SER D 970 12.89 28.73 -48.44
N HIS D 971 12.17 29.16 -49.47
CA HIS D 971 10.72 29.24 -49.42
C HIS D 971 10.16 28.64 -50.69
N ARG D 972 8.94 28.09 -50.58
CA ARG D 972 8.35 27.43 -51.74
C ARG D 972 7.91 28.42 -52.81
N HIS D 973 7.67 29.69 -52.46
CA HIS D 973 7.24 30.64 -53.47
C HIS D 973 8.40 31.12 -54.33
N LEU D 974 9.63 30.85 -53.92
CA LEU D 974 10.81 31.20 -54.69
C LEU D 974 11.25 30.09 -55.63
N LEU D 975 10.53 28.98 -55.67
CA LEU D 975 10.84 27.90 -56.60
C LEU D 975 10.29 28.26 -57.97
N HIS D 976 11.11 28.07 -58.99
CA HIS D 976 10.68 28.22 -60.37
C HIS D 976 10.78 26.86 -61.06
N ALA D 977 9.78 26.55 -61.88
CA ALA D 977 9.77 25.29 -62.60
C ALA D 977 10.87 25.29 -63.65
N GLU D 978 11.67 24.24 -63.65
CA GLU D 978 12.77 24.17 -64.58
C GLU D 978 12.26 23.65 -65.92
N GLU D 979 13.12 23.72 -66.93
CA GLU D 979 12.78 23.18 -68.23
C GLU D 979 12.68 21.67 -68.16
N GLY D 980 11.62 21.11 -68.70
CA GLY D 980 11.54 19.68 -68.66
C GLY D 980 11.11 19.17 -67.30
N THR D 981 11.38 17.89 -67.07
CA THR D 981 10.90 17.21 -65.88
C THR D 981 12.03 16.43 -65.23
N TRP D 982 12.25 16.67 -63.96
CA TRP D 982 13.24 15.93 -63.20
C TRP D 982 12.65 14.63 -62.69
N LEU D 983 13.28 13.53 -63.04
CA LEU D 983 12.90 12.21 -62.57
C LEU D 983 14.01 11.65 -61.70
N ASN D 984 13.68 11.23 -60.50
CA ASN D 984 14.56 10.43 -59.68
C ASN D 984 13.96 9.04 -59.60
N ILE D 985 14.74 8.02 -59.91
CA ILE D 985 14.30 6.64 -59.69
C ILE D 985 15.29 6.00 -58.75
N ASP D 986 14.81 5.59 -57.58
CA ASP D 986 15.66 5.03 -56.55
C ASP D 986 15.39 3.54 -56.43
N GLY D 987 16.46 2.76 -56.39
CA GLY D 987 16.30 1.41 -55.90
C GLY D 987 16.07 1.38 -54.40
N PHE D 988 16.68 2.32 -53.68
CA PHE D 988 16.71 2.32 -52.24
C PHE D 988 16.65 3.75 -51.73
N HIS D 989 15.91 3.97 -50.66
CA HIS D 989 15.75 5.31 -50.13
C HIS D 989 15.74 5.23 -48.62
N MET D 990 16.42 6.16 -47.97
CA MET D 990 16.47 6.22 -46.51
C MET D 990 15.11 6.66 -45.95
N GLY D 991 14.80 6.18 -44.76
CA GLY D 991 13.64 6.69 -44.04
C GLY D 991 13.78 8.16 -43.68
N ILE D 992 12.65 8.75 -43.31
CA ILE D 992 12.61 10.18 -43.07
C ILE D 992 12.67 10.54 -41.59
N GLY D 993 12.42 9.61 -40.70
CA GLY D 993 12.45 9.89 -39.29
C GLY D 993 11.28 10.76 -38.85
N GLY D 994 11.42 11.30 -37.65
CA GLY D 994 10.38 12.17 -37.16
C GLY D 994 9.90 11.85 -35.77
N ASP D 995 10.67 11.06 -35.02
CA ASP D 995 10.47 11.00 -33.57
C ASP D 995 10.67 12.37 -32.95
N ASP D 996 11.72 13.07 -33.38
CA ASP D 996 11.86 14.49 -33.15
C ASP D 996 12.63 15.08 -34.32
N SER D 997 12.72 16.40 -34.35
CA SER D 997 13.38 17.09 -35.44
C SER D 997 14.59 17.86 -34.97
N TRP D 998 15.25 17.39 -33.92
CA TRP D 998 16.45 18.05 -33.42
C TRP D 998 17.50 17.05 -33.00
N SER D 999 17.29 15.77 -33.27
CA SER D 999 18.28 14.73 -33.10
C SER D 999 18.04 13.73 -34.22
N PRO D 1000 19.03 12.92 -34.58
CA PRO D 1000 18.79 11.88 -35.60
C PRO D 1000 17.77 10.87 -35.14
N SER D 1001 16.71 10.73 -35.93
CA SER D 1001 15.57 9.91 -35.53
C SER D 1001 15.19 8.86 -36.56
N VAL D 1002 16.03 8.62 -37.55
CA VAL D 1002 15.79 7.52 -38.48
C VAL D 1002 16.32 6.25 -37.83
N SER D 1003 15.44 5.28 -37.63
CA SER D 1003 15.82 4.04 -36.99
C SER D 1003 16.69 3.21 -37.93
N ALA D 1004 17.39 2.24 -37.35
CA ALA D 1004 18.48 1.55 -38.04
C ALA D 1004 17.97 0.67 -39.17
N GLU D 1005 16.73 0.20 -39.11
CA GLU D 1005 16.21 -0.62 -40.19
C GLU D 1005 15.77 0.19 -41.40
N PHE D 1006 15.82 1.51 -41.33
CA PHE D 1006 15.51 2.34 -42.49
C PHE D 1006 16.71 3.14 -42.96
N GLN D 1007 17.89 2.88 -42.42
CA GLN D 1007 19.10 3.47 -42.92
C GLN D 1007 19.70 2.57 -43.98
N LEU D 1008 20.38 3.17 -44.94
CA LEU D 1008 20.96 2.39 -46.04
C LEU D 1008 22.36 1.95 -45.63
N SER D 1009 22.40 0.88 -44.84
CA SER D 1009 23.62 0.45 -44.17
C SER D 1009 24.15 -0.88 -44.66
N ALA D 1010 23.58 -1.45 -45.72
CA ALA D 1010 23.96 -2.80 -46.12
C ALA D 1010 25.31 -2.88 -46.81
N GLY D 1011 25.82 -1.77 -47.32
CA GLY D 1011 27.11 -1.76 -47.97
C GLY D 1011 27.13 -2.11 -49.44
N ARG D 1012 26.26 -3.02 -49.86
CA ARG D 1012 26.15 -3.40 -51.26
C ARG D 1012 24.69 -3.39 -51.65
N TYR D 1013 24.39 -2.82 -52.80
CA TYR D 1013 23.02 -2.64 -53.23
C TYR D 1013 22.89 -2.99 -54.70
N HIS D 1014 21.76 -3.58 -55.05
CA HIS D 1014 21.48 -3.99 -56.40
C HIS D 1014 20.05 -3.63 -56.74
N TYR D 1015 19.83 -3.08 -57.93
CA TYR D 1015 18.49 -2.89 -58.42
C TYR D 1015 18.49 -2.93 -59.94
N GLN D 1016 17.33 -3.15 -60.50
CA GLN D 1016 17.16 -3.34 -61.92
C GLN D 1016 16.03 -2.48 -62.43
N LEU D 1017 16.22 -1.88 -63.60
CA LEU D 1017 15.18 -1.12 -64.28
C LEU D 1017 15.07 -1.56 -65.71
N VAL D 1018 13.89 -1.37 -66.28
CA VAL D 1018 13.69 -1.49 -67.71
C VAL D 1018 13.08 -0.18 -68.19
N TRP D 1019 13.80 0.50 -69.07
CA TRP D 1019 13.32 1.70 -69.73
C TRP D 1019 12.76 1.26 -71.08
N CYS D 1020 11.55 1.69 -71.43
CA CYS D 1020 11.03 1.37 -72.75
C CYS D 1020 10.10 2.47 -73.21
N GLN D 1021 9.55 2.27 -74.40
CA GLN D 1021 8.48 3.12 -74.94
C GLN D 1021 7.38 2.25 -75.53
C1 PTQ E . -10.94 28.45 21.81
O1 PTQ E . -9.79 27.89 21.21
S1 PTQ E . -12.40 27.46 21.60
C2 PTQ E . -10.67 28.61 23.30
O2 PTQ E . -11.71 29.30 23.91
C3 PTQ E . -9.38 29.37 23.49
O3 PTQ E . -9.14 29.51 24.86
C4 PTQ E . -8.22 28.76 22.74
O4 PTQ E . -8.04 27.40 23.09
C5 PTQ E . -8.65 28.73 21.29
O5 PTQ E . -6.50 29.26 20.53
C6 PTQ E . -7.54 28.33 20.37
C7 PTQ E . -13.83 28.47 21.37
C8 PTQ E . -14.70 28.49 22.61
C9 PTQ E . -15.01 29.92 22.98
C10 PTQ E . -14.65 30.41 24.36
C11 PTQ E . -14.91 31.69 24.71
C12 PTQ E . -15.57 32.64 23.74
C13 PTQ E . -15.89 32.19 22.50
C14 PTQ E . -15.60 30.76 22.11
MG MG F . -9.23 31.08 17.72
MG MG G . -3.35 44.02 0.70
NA NA H . -7.96 32.21 25.28
NA NA I . 2.86 7.26 23.81
C1 PTQ J . 8.78 -28.58 -22.61
O1 PTQ J . 9.20 -27.93 -21.43
S1 PTQ J . 7.44 -27.75 -23.43
C2 PTQ J . 9.97 -28.65 -23.55
O2 PTQ J . 9.64 -29.43 -24.67
C3 PTQ J . 11.14 -29.27 -22.84
O3 PTQ J . 12.22 -29.33 -23.72
C4 PTQ J . 11.47 -28.56 -21.53
O4 PTQ J . 11.69 -27.19 -21.74
C5 PTQ J . 10.21 -28.64 -20.73
O5 PTQ J . 11.40 -28.98 -18.73
C6 PTQ J . 10.40 -28.17 -19.32
C7 PTQ J . 6.31 -28.91 -24.14
C8 PTQ J . 6.47 -28.97 -25.65
C9 PTQ J . 6.62 -30.41 -26.07
C10 PTQ J . 7.84 -30.82 -26.88
C11 PTQ J . 7.99 -32.10 -27.26
C12 PTQ J . 6.96 -33.14 -26.91
C13 PTQ J . 5.88 -32.78 -26.19
C14 PTQ J . 5.70 -31.34 -25.76
MG MG K . 7.69 -31.17 -18.28
MG MG L . 2.46 -44.08 -1.02
NA NA M . 13.67 -31.87 -23.18
NA NA N . 18.31 -6.01 -16.00
C1 PTQ O . -8.34 -21.65 29.43
O1 PTQ O . -8.78 -21.35 28.11
S1 PTQ O . -7.02 -20.62 29.99
C2 PTQ O . -9.53 -21.50 30.36
O2 PTQ O . -9.19 -21.94 31.64
C3 PTQ O . -10.69 -22.31 29.84
O3 PTQ O . -11.78 -22.15 30.72
C4 PTQ O . -11.03 -21.98 28.40
O4 PTQ O . -11.27 -20.61 28.23
C5 PTQ O . -9.76 -22.24 27.64
O5 PTQ O . -10.94 -23.12 25.80
C6 PTQ O . -9.96 -22.16 26.15
C7 PTQ O . -5.87 -21.53 30.99
C8 PTQ O . -6.04 -21.19 32.45
C9 PTQ O . -6.16 -22.47 33.26
C10 PTQ O . -7.37 -22.66 34.14
C11 PTQ O . -7.51 -23.80 34.85
C12 PTQ O . -6.46 -24.88 34.78
C13 PTQ O . -5.37 -24.70 34.00
C14 PTQ O . -5.22 -23.43 33.20
MG MG P . -7.20 -25.29 25.95
MG MG Q . -1.72 -42.25 12.74
NA NA R . -13.18 -24.77 30.87
NA NA S . -18.24 -1.84 17.07
C1 PTQ T . 10.51 21.79 -28.63
O1 PTQ T . 9.36 21.39 -27.90
S1 PTQ T . 11.98 20.91 -28.16
C2 PTQ T . 10.23 21.53 -30.10
O2 PTQ T . 11.27 22.06 -30.89
C3 PTQ T . 8.94 22.21 -30.48
O3 PTQ T . 8.70 21.96 -31.85
C4 PTQ T . 7.78 21.78 -29.59
O4 PTQ T . 7.63 20.39 -29.58
C5 PTQ T . 8.22 22.16 -28.21
O5 PTQ T . 6.05 22.84 -27.61
C6 PTQ T . 7.11 22.00 -27.20
C7 PTQ T . 13.40 21.98 -28.22
C8 PTQ T . 14.26 21.68 -29.43
C9 PTQ T . 14.55 22.96 -30.17
C10 PTQ T . 14.18 23.07 -31.62
C11 PTQ T . 14.42 24.21 -32.30
C12 PTQ T . 15.06 25.39 -31.61
C13 PTQ T . 15.39 25.30 -30.30
C14 PTQ T . 15.12 24.01 -29.54
MG MG U . 8.75 25.38 -25.38
MG MG V . 2.59 42.29 -12.42
NA NA W . 7.46 24.44 -32.98
NA NA X . -2.92 0.60 -24.87
#